data_7DQC
#
_entry.id   7DQC
#
_cell.length_a   122.080
_cell.length_b   121.830
_cell.length_c   129.110
_cell.angle_alpha   90.000
_cell.angle_beta   90.220
_cell.angle_gamma   90.000
#
_symmetry.space_group_name_H-M   'P 1 21 1'
#
loop_
_entity.id
_entity.type
_entity.pdbx_description
1 polymer 'V-type sodium ATPase catalytic subunit A'
2 polymer 'V-type sodium ATPase subunit B'
3 non-polymer GLYCEROL
4 water water
#
loop_
_entity_poly.entity_id
_entity_poly.type
_entity_poly.pdbx_seq_one_letter_code
_entity_poly.pdbx_strand_id
1 'polypeptide(L)'
;GSSGSSGMQIGKIIKVSGPLVMAENMSEACIQDMCLVGDLGVIGEIIEMRQDVASIQVYEETSGIGPGEPVRSTGEALSV
ELGPGIISQMFDGIQRPLDTFMEVTQSNFLGRGVQLPALDHEKQWWFEATIEEGTEVSAGDIIGYVDETKIIQHKIMVPN
GIKGTVQKIESGSFTIDDPICVIETEQGLKELTMMQKWPVRRGRPIKQKLNPDVPMITGQRVIDTFFPVTKGGAAAVPGP
FGAGKTVVQHQIAKWSDVDLVVYVGCGERGNEMTDVVNEFPELIDPNTGESLMERTVLIANTSNMPVAAREASIYTGITI
AEYFRDMGYDVAIMADSTSRWAEALREMSGRLEEMPGDEGYPAYLGSRLAEYYERSGRVIALGSDQREGSITAISAVSPS
GGDISEPVTQNTLRVVKVFWGLDSSLAQKRHFPSINWIQSYSLYSTEVGRYMDQILQQDWSDMVTEGMRILQEEEQLNEI
VRLVGIDSLSDNDRLTLEVAKSIREDYLQQNAFDDVDTFTSREKQFNMLKVILTFGKEARKALSLGAYFNEIMEGTVAVR
ERISRSKYIPEEELAKISSINEEIKETIQLIVSEGGMTDD
;
A,B,C
2 'polypeptide(L)'
;GSSGSSGMIKEYRTIKEVVGPLMAVEKVSGVKYEELIEVRMQNGEIRRGQVLEVQEDKAMVQIFEGTSGICLKNSSVRFL
GHPLQLGVSEDMIGRVFDGLGRPKDNGPEILPEKYLDINGEVINPIARDYPDEFIQTGISAIDHLNTLVRGQKLPVFSGS
GLPHKELAAQIARQATVLDSSDDFAVVFAAIGITFEEAEFFMEDFRQTGAIDRSVMFMNLANDPAIERIATPRMALTAAE
YLAYEKGMHVLVIMTDMTNYAEALREISAARREVPGRRGYPGYLYTNLATLFERAGRIRGLKGSVTQIPILTMPEDDKTH
PIPDLTGYITEGQIILTRELYKSGIQPPIDVLPSLSRLKDKGTGAGKTREDHAATMNQLFAAYAQGKQAKELAVVLGESA
LSDIDKIYAKFAERFENEYVNQGFYTNRTITETLDLGWELLAMLPRTELKRIKDDLLDKYLPEGK
;
D,E,F
#
loop_
_chem_comp.id
_chem_comp.type
_chem_comp.name
_chem_comp.formula
GOL non-polymer GLYCEROL 'C3 H8 O3'
#
# COMPACT_ATOMS: atom_id res chain seq x y z
N MET A 8 48.84 -23.69 -0.62
CA MET A 8 47.61 -22.91 -0.60
C MET A 8 46.40 -23.76 -0.95
N GLN A 9 45.28 -23.48 -0.30
CA GLN A 9 44.05 -24.21 -0.55
C GLN A 9 43.21 -23.49 -1.61
N ILE A 10 42.99 -24.15 -2.74
CA ILE A 10 42.29 -23.54 -3.86
C ILE A 10 40.94 -24.21 -4.12
N GLY A 11 39.90 -23.38 -4.22
CA GLY A 11 38.56 -23.89 -4.44
C GLY A 11 38.21 -23.98 -5.92
N LYS A 12 37.05 -24.58 -6.20
CA LYS A 12 36.58 -24.74 -7.57
C LYS A 12 35.15 -24.24 -7.73
N ILE A 13 34.93 -23.37 -8.71
CA ILE A 13 33.60 -22.85 -8.99
C ILE A 13 32.65 -23.96 -9.41
N ILE A 14 31.51 -24.06 -8.73
CA ILE A 14 30.52 -25.08 -9.07
C ILE A 14 29.23 -24.45 -9.58
N LYS A 15 29.15 -23.12 -9.51
CA LYS A 15 27.97 -22.41 -9.99
C LYS A 15 28.26 -20.93 -10.23
N VAL A 16 27.66 -20.39 -11.29
CA VAL A 16 27.77 -18.98 -11.60
C VAL A 16 26.42 -18.42 -12.06
N SER A 17 25.80 -17.63 -11.20
CA SER A 17 24.51 -17.01 -11.51
C SER A 17 24.56 -15.52 -11.21
N GLY A 18 24.83 -14.71 -12.23
CA GLY A 18 24.98 -13.29 -12.05
C GLY A 18 26.19 -12.98 -11.18
N PRO A 19 25.99 -12.14 -10.16
CA PRO A 19 27.06 -11.76 -9.23
C PRO A 19 27.36 -12.85 -8.21
N LEU A 20 26.48 -13.85 -8.12
CA LEU A 20 26.67 -14.94 -7.16
C LEU A 20 27.52 -16.06 -7.73
N VAL A 21 28.58 -16.41 -7.01
CA VAL A 21 29.43 -17.53 -7.39
C VAL A 21 29.58 -18.50 -6.22
N MET A 22 29.32 -19.77 -6.48
CA MET A 22 29.52 -20.81 -5.48
C MET A 22 30.71 -21.68 -5.86
N ALA A 23 31.57 -21.95 -4.88
CA ALA A 23 32.76 -22.76 -5.11
C ALA A 23 32.94 -23.79 -4.01
N GLU A 24 33.31 -25.01 -4.39
CA GLU A 24 33.56 -26.06 -3.43
C GLU A 24 35.06 -26.13 -3.11
N ASN A 25 35.43 -27.04 -2.21
CA ASN A 25 36.80 -27.14 -1.73
C ASN A 25 37.27 -25.82 -1.14
N MET A 26 36.42 -25.23 -0.30
CA MET A 26 36.70 -23.96 0.33
C MET A 26 36.56 -24.07 1.84
N SER A 27 36.94 -25.24 2.37
CA SER A 27 36.70 -25.57 3.76
C SER A 27 37.42 -24.66 4.74
N GLU A 28 38.56 -24.12 4.34
CA GLU A 28 39.37 -23.30 5.23
C GLU A 28 39.12 -21.81 5.02
N ALA A 29 38.02 -21.49 4.35
CA ALA A 29 37.65 -20.10 4.10
C ALA A 29 36.95 -19.50 5.31
N CYS A 30 36.88 -18.17 5.34
CA CYS A 30 36.21 -17.47 6.43
C CYS A 30 35.19 -16.48 5.88
N ILE A 31 34.17 -16.20 6.68
CA ILE A 31 33.11 -15.28 6.26
C ILE A 31 33.66 -13.86 6.09
N GLN A 32 33.23 -13.19 5.02
CA GLN A 32 33.65 -11.83 4.70
C GLN A 32 35.08 -11.79 4.16
N ASP A 33 35.64 -12.95 3.87
CA ASP A 33 36.97 -13.02 3.26
C ASP A 33 36.92 -12.62 1.79
N MET A 34 37.93 -11.87 1.34
CA MET A 34 38.04 -11.49 -0.05
C MET A 34 38.64 -12.63 -0.86
N CYS A 35 38.15 -12.80 -2.08
CA CYS A 35 38.59 -13.90 -2.93
C CYS A 35 38.94 -13.42 -4.34
N LEU A 36 39.68 -14.24 -5.06
CA LEU A 36 39.96 -14.02 -6.47
C LEU A 36 39.26 -15.11 -7.27
N VAL A 37 38.18 -14.74 -7.95
CA VAL A 37 37.30 -15.72 -8.59
C VAL A 37 37.67 -15.98 -10.05
N GLY A 38 37.77 -17.25 -10.41
CA GLY A 38 37.99 -17.67 -11.78
C GLY A 38 39.41 -17.46 -12.27
N ASP A 39 39.60 -17.71 -13.57
CA ASP A 39 40.91 -17.51 -14.20
C ASP A 39 41.31 -16.05 -14.16
N LEU A 40 40.35 -15.17 -14.42
CA LEU A 40 40.60 -13.73 -14.41
C LEU A 40 40.95 -13.25 -13.01
N GLY A 41 40.51 -13.98 -12.00
CA GLY A 41 40.75 -13.61 -10.63
C GLY A 41 40.07 -12.30 -10.25
N VAL A 42 38.77 -12.22 -10.55
CA VAL A 42 38.00 -11.03 -10.22
C VAL A 42 37.72 -10.96 -8.72
N ILE A 43 37.66 -9.75 -8.19
CA ILE A 43 37.49 -9.55 -6.75
C ILE A 43 36.12 -10.01 -6.26
N GLY A 44 36.11 -10.79 -5.19
CA GLY A 44 34.88 -11.29 -4.60
C GLY A 44 34.95 -11.39 -3.10
N GLU A 45 33.79 -11.60 -2.47
CA GLU A 45 33.71 -11.69 -1.02
C GLU A 45 32.86 -12.89 -0.59
N ILE A 46 33.37 -13.66 0.36
CA ILE A 46 32.66 -14.83 0.86
C ILE A 46 31.46 -14.40 1.70
N ILE A 47 30.27 -14.80 1.26
CA ILE A 47 29.02 -14.40 1.90
C ILE A 47 28.44 -15.50 2.78
N GLU A 48 28.63 -16.75 2.36
CA GLU A 48 28.08 -17.89 3.10
C GLU A 48 29.03 -19.09 3.05
N MET A 49 29.01 -19.88 4.12
CA MET A 49 29.82 -21.09 4.21
C MET A 49 28.92 -22.29 4.45
N ARG A 50 29.29 -23.46 3.92
CA ARG A 50 28.37 -24.58 3.94
C ARG A 50 28.65 -25.68 4.97
N GLN A 51 29.90 -26.10 5.15
CA GLN A 51 30.96 -25.97 4.18
C GLN A 51 30.98 -27.33 3.49
N ASP A 52 31.88 -27.59 2.54
CA ASP A 52 32.99 -26.72 2.17
C ASP A 52 32.65 -25.77 1.04
N VAL A 53 31.38 -25.66 0.69
CA VAL A 53 30.99 -24.80 -0.40
C VAL A 53 30.71 -23.37 0.08
N ALA A 54 31.40 -22.42 -0.52
CA ALA A 54 31.28 -21.02 -0.14
C ALA A 54 30.46 -20.24 -1.16
N SER A 55 29.56 -19.40 -0.67
CA SER A 55 28.81 -18.48 -1.51
C SER A 55 29.57 -17.16 -1.61
N ILE A 56 29.82 -16.72 -2.83
CA ILE A 56 30.64 -15.53 -3.04
C ILE A 56 29.91 -14.47 -3.85
N GLN A 57 29.83 -13.26 -3.29
CA GLN A 57 29.33 -12.11 -4.02
C GLN A 57 30.49 -11.44 -4.77
N VAL A 58 30.42 -11.45 -6.09
CA VAL A 58 31.47 -10.88 -6.91
C VAL A 58 31.23 -9.39 -7.14
N TYR A 59 32.27 -8.59 -6.97
CA TYR A 59 32.16 -7.15 -7.12
C TYR A 59 32.17 -6.74 -8.58
N GLU A 60 32.90 -7.50 -9.39
CA GLU A 60 33.07 -7.18 -10.81
C GLU A 60 32.18 -8.07 -11.68
N GLU A 61 32.20 -7.80 -12.99
CA GLU A 61 31.43 -8.58 -13.94
C GLU A 61 31.86 -10.04 -13.96
N THR A 62 30.89 -10.95 -13.93
CA THR A 62 31.16 -12.38 -13.90
C THR A 62 31.02 -12.99 -15.29
N SER A 63 30.80 -12.15 -16.29
CA SER A 63 30.66 -12.60 -17.67
C SER A 63 31.87 -13.38 -18.13
N GLY A 64 31.64 -14.56 -18.71
CA GLY A 64 32.73 -15.37 -19.23
C GLY A 64 33.34 -16.30 -18.20
N ILE A 65 32.71 -16.40 -17.03
CA ILE A 65 33.18 -17.29 -15.98
C ILE A 65 32.21 -18.46 -15.79
N GLY A 66 32.76 -19.66 -15.59
CA GLY A 66 31.95 -20.84 -15.41
C GLY A 66 32.54 -21.81 -14.40
N PRO A 67 31.81 -22.90 -14.12
CA PRO A 67 32.27 -23.93 -13.18
C PRO A 67 33.58 -24.57 -13.63
N GLY A 68 34.35 -25.09 -12.68
CA GLY A 68 35.62 -25.71 -12.99
C GLY A 68 36.80 -24.78 -12.76
N GLU A 69 36.57 -23.49 -12.90
CA GLU A 69 37.62 -22.49 -12.68
C GLU A 69 38.00 -22.38 -11.21
N PRO A 70 39.22 -21.91 -10.94
CA PRO A 70 39.76 -21.81 -9.58
C PRO A 70 39.23 -20.63 -8.78
N VAL A 71 39.29 -20.74 -7.47
CA VAL A 71 38.98 -19.63 -6.56
C VAL A 71 40.02 -19.57 -5.47
N ARG A 72 40.48 -18.37 -5.15
CA ARG A 72 41.51 -18.20 -4.12
C ARG A 72 41.05 -17.22 -3.05
N SER A 73 41.15 -17.65 -1.79
CA SER A 73 40.88 -16.76 -0.67
C SER A 73 42.15 -15.99 -0.32
N THR A 74 42.00 -14.69 -0.09
CA THR A 74 43.14 -13.86 0.28
C THR A 74 43.49 -14.07 1.74
N GLY A 75 42.60 -14.74 2.46
CA GLY A 75 42.84 -15.08 3.86
C GLY A 75 42.45 -13.98 4.84
N GLU A 76 41.96 -12.87 4.31
CA GLU A 76 41.55 -11.75 5.16
C GLU A 76 40.35 -11.00 4.58
N ALA A 77 39.65 -10.28 5.45
CA ALA A 77 38.52 -9.45 5.03
C ALA A 77 39.03 -8.20 4.33
N LEU A 78 38.11 -7.40 3.79
CA LEU A 78 38.47 -6.15 3.14
C LEU A 78 39.26 -5.27 4.10
N SER A 79 40.53 -5.03 3.76
CA SER A 79 41.41 -4.28 4.64
C SER A 79 42.15 -3.19 3.87
N VAL A 80 42.70 -2.22 4.61
CA VAL A 80 43.49 -1.17 3.99
C VAL A 80 44.95 -1.28 4.41
N GLU A 81 45.84 -0.91 3.50
CA GLU A 81 47.27 -0.85 3.81
C GLU A 81 47.56 0.49 4.47
N LEU A 82 48.14 0.45 5.66
CA LEU A 82 48.41 1.66 6.42
C LEU A 82 49.91 1.86 6.64
N GLY A 83 50.48 2.82 5.91
CA GLY A 83 51.89 3.12 6.01
C GLY A 83 52.28 4.23 5.05
N PRO A 84 53.57 4.61 5.04
CA PRO A 84 54.09 5.61 4.11
C PRO A 84 53.69 5.35 2.67
N GLY A 85 53.21 6.39 1.99
CA GLY A 85 52.79 6.26 0.60
C GLY A 85 51.28 6.34 0.43
N ILE A 86 50.56 6.45 1.55
CA ILE A 86 49.11 6.53 1.51
C ILE A 86 48.63 7.96 1.31
N ILE A 87 49.37 8.91 1.87
CA ILE A 87 49.01 10.32 1.76
C ILE A 87 49.26 10.83 0.34
N SER A 88 48.37 11.71 -0.13
CA SER A 88 48.42 12.30 -1.47
C SER A 88 47.82 11.40 -2.54
N GLN A 89 47.48 10.17 -2.17
CA GLN A 89 46.96 9.21 -3.14
C GLN A 89 45.45 9.30 -3.31
N MET A 90 44.97 8.89 -4.48
CA MET A 90 43.55 8.81 -4.76
C MET A 90 43.12 7.36 -4.98
N PHE A 91 42.25 6.85 -4.11
CA PHE A 91 41.82 5.46 -4.20
C PHE A 91 40.38 5.32 -4.65
N ASP A 92 39.97 4.08 -4.90
CA ASP A 92 38.55 3.77 -5.08
C ASP A 92 38.02 3.26 -3.74
N GLY A 93 36.79 2.75 -3.74
CA GLY A 93 36.13 2.33 -2.52
C GLY A 93 36.86 1.27 -1.72
N ILE A 94 37.68 0.47 -2.39
CA ILE A 94 38.41 -0.61 -1.74
C ILE A 94 39.92 -0.32 -1.74
N GLN A 95 40.26 0.95 -1.85
CA GLN A 95 41.64 1.44 -1.75
C GLN A 95 42.57 0.91 -2.85
N ARG A 96 42.07 0.88 -4.09
CA ARG A 96 42.93 0.59 -5.22
C ARG A 96 43.45 1.91 -5.81
N PRO A 97 44.77 2.03 -5.96
CA PRO A 97 45.39 3.25 -6.49
C PRO A 97 45.00 3.51 -7.94
N LEU A 98 44.22 4.57 -8.18
CA LEU A 98 43.69 4.86 -9.50
C LEU A 98 44.79 5.20 -10.52
N ASP A 99 45.82 5.91 -10.07
CA ASP A 99 46.90 6.30 -10.97
C ASP A 99 47.77 5.09 -11.32
N THR A 100 48.10 4.28 -10.32
CA THR A 100 48.88 3.08 -10.54
C THR A 100 48.11 2.10 -11.41
N PHE A 101 46.79 2.11 -11.25
CA PHE A 101 45.92 1.27 -12.05
C PHE A 101 46.04 1.62 -13.52
N MET A 102 46.23 2.91 -13.80
CA MET A 102 46.34 3.38 -15.17
C MET A 102 47.72 3.04 -15.75
N GLU A 103 48.74 3.06 -14.91
CA GLU A 103 50.11 2.77 -15.34
C GLU A 103 50.28 1.29 -15.65
N VAL A 104 49.84 0.43 -14.73
CA VAL A 104 50.01 -1.01 -14.87
C VAL A 104 49.20 -1.59 -16.02
N THR A 105 47.99 -1.09 -16.21
CA THR A 105 47.10 -1.60 -17.23
C THR A 105 47.29 -0.88 -18.57
N GLN A 106 47.91 0.30 -18.51
CA GLN A 106 48.06 1.14 -19.70
C GLN A 106 46.70 1.43 -20.31
N SER A 107 45.71 1.67 -19.46
CA SER A 107 44.34 1.85 -19.90
C SER A 107 43.67 3.02 -19.18
N ASN A 108 42.65 3.58 -19.82
CA ASN A 108 41.85 4.64 -19.21
C ASN A 108 40.65 4.07 -18.47
N PHE A 109 40.57 2.75 -18.41
CA PHE A 109 39.43 2.07 -17.82
C PHE A 109 39.82 1.15 -16.67
N LEU A 110 38.85 0.81 -15.82
CA LEU A 110 39.07 -0.14 -14.75
C LEU A 110 38.71 -1.54 -15.22
N GLY A 111 39.70 -2.26 -15.73
CA GLY A 111 39.50 -3.63 -16.16
C GLY A 111 39.34 -4.55 -14.95
N ARG A 112 38.64 -5.65 -15.16
CA ARG A 112 38.41 -6.61 -14.08
C ARG A 112 39.60 -7.56 -13.92
N GLY A 113 39.71 -8.17 -12.76
CA GLY A 113 40.77 -9.13 -12.49
C GLY A 113 42.14 -8.50 -12.35
N VAL A 114 42.18 -7.21 -12.06
CA VAL A 114 43.44 -6.50 -11.88
C VAL A 114 43.73 -6.30 -10.39
N GLN A 115 44.82 -6.89 -9.92
CA GLN A 115 45.17 -6.82 -8.51
C GLN A 115 46.36 -5.89 -8.28
N LEU A 116 46.17 -4.91 -7.40
CA LEU A 116 47.20 -3.93 -7.09
C LEU A 116 47.26 -3.63 -5.60
N PRO A 117 48.48 -3.63 -5.03
CA PRO A 117 48.66 -3.15 -3.66
C PRO A 117 48.25 -1.69 -3.55
N ALA A 118 47.73 -1.29 -2.39
CA ALA A 118 47.30 0.09 -2.20
C ALA A 118 48.49 1.05 -2.25
N LEU A 119 49.62 0.61 -1.71
CA LEU A 119 50.78 1.47 -1.56
C LEU A 119 51.96 1.00 -2.41
N ASP A 120 52.96 1.86 -2.55
CA ASP A 120 54.18 1.52 -3.28
C ASP A 120 55.11 0.69 -2.39
N HIS A 121 55.32 -0.56 -2.77
CA HIS A 121 56.15 -1.47 -1.98
C HIS A 121 57.61 -1.47 -2.41
N GLU A 122 57.92 -0.75 -3.48
CA GLU A 122 59.29 -0.65 -3.96
C GLU A 122 59.95 0.65 -3.51
N LYS A 123 59.13 1.65 -3.20
CA LYS A 123 59.63 2.96 -2.84
C LYS A 123 60.45 2.94 -1.57
N GLN A 124 61.62 3.56 -1.62
CA GLN A 124 62.50 3.66 -0.46
C GLN A 124 62.16 4.86 0.41
N TRP A 125 61.84 4.60 1.68
CA TRP A 125 61.60 5.67 2.65
C TRP A 125 62.71 5.69 3.68
N TRP A 126 63.01 6.87 4.21
CA TRP A 126 63.93 6.94 5.34
C TRP A 126 63.18 6.81 6.64
N PHE A 127 63.48 5.75 7.39
CA PHE A 127 62.86 5.55 8.69
C PHE A 127 63.75 6.11 9.79
N GLU A 128 63.20 7.03 10.57
CA GLU A 128 63.92 7.61 11.70
C GLU A 128 63.47 6.97 13.01
N ALA A 129 64.31 6.11 13.55
CA ALA A 129 64.02 5.44 14.81
C ALA A 129 64.15 6.42 15.97
N THR A 130 63.08 6.52 16.77
CA THR A 130 63.07 7.45 17.89
C THR A 130 62.98 6.71 19.23
N ILE A 131 62.77 5.40 19.16
CA ILE A 131 62.70 4.58 20.36
C ILE A 131 63.97 3.74 20.50
N GLU A 132 64.42 3.53 21.74
CA GLU A 132 65.66 2.82 21.98
C GLU A 132 65.42 1.35 22.31
N GLU A 133 66.38 0.50 21.96
CA GLU A 133 66.27 -0.93 22.22
C GLU A 133 66.19 -1.21 23.71
N GLY A 134 65.47 -2.27 24.07
CA GLY A 134 65.30 -2.64 25.46
C GLY A 134 64.05 -2.01 26.07
N THR A 135 63.35 -1.23 25.27
CA THR A 135 62.12 -0.56 25.72
C THR A 135 60.92 -1.47 25.57
N GLU A 136 60.05 -1.47 26.58
CA GLU A 136 58.81 -2.24 26.53
C GLU A 136 57.75 -1.47 25.74
N VAL A 137 57.11 -2.15 24.80
CA VAL A 137 56.13 -1.49 23.94
C VAL A 137 54.85 -2.30 23.79
N SER A 138 53.78 -1.62 23.35
CA SER A 138 52.52 -2.26 23.03
C SER A 138 51.82 -1.47 21.92
N ALA A 139 50.62 -1.92 21.55
CA ALA A 139 49.89 -1.32 20.43
C ALA A 139 49.72 0.19 20.57
N GLY A 140 50.16 0.92 19.56
CA GLY A 140 50.03 2.37 19.55
C GLY A 140 51.31 3.11 19.85
N ASP A 141 52.28 2.40 20.45
CA ASP A 141 53.56 3.02 20.78
C ASP A 141 54.33 3.40 19.52
N ILE A 142 54.89 4.60 19.53
CA ILE A 142 55.64 5.11 18.38
C ILE A 142 57.11 4.71 18.46
N ILE A 143 57.57 3.93 17.49
CA ILE A 143 58.95 3.46 17.47
C ILE A 143 59.83 4.36 16.62
N GLY A 144 59.21 5.11 15.72
CA GLY A 144 59.93 6.00 14.83
C GLY A 144 58.98 6.74 13.92
N TYR A 145 59.52 7.55 13.01
CA TYR A 145 58.68 8.32 12.09
C TYR A 145 59.28 8.38 10.69
N VAL A 146 58.46 8.82 9.74
CA VAL A 146 58.91 9.07 8.38
C VAL A 146 58.35 10.40 7.88
N ASP A 147 59.23 11.23 7.33
CA ASP A 147 58.80 12.47 6.71
C ASP A 147 58.18 12.16 5.35
N GLU A 148 56.91 11.75 5.37
CA GLU A 148 56.25 11.22 4.19
C GLU A 148 55.97 12.29 3.13
N THR A 149 55.45 13.43 3.57
CA THR A 149 55.16 14.53 2.66
C THR A 149 55.83 15.81 3.13
N LYS A 150 55.62 16.88 2.39
CA LYS A 150 56.17 18.18 2.73
C LYS A 150 55.46 18.75 3.96
N ILE A 151 54.30 18.19 4.28
CA ILE A 151 53.50 18.65 5.40
C ILE A 151 53.46 17.64 6.54
N ILE A 152 53.02 16.43 6.23
CA ILE A 152 52.72 15.44 7.26
C ILE A 152 53.87 14.48 7.56
N GLN A 153 54.12 14.29 8.84
CA GLN A 153 55.15 13.37 9.31
C GLN A 153 54.51 12.04 9.71
N HIS A 154 54.86 10.97 8.99
CA HIS A 154 54.26 9.67 9.24
C HIS A 154 54.91 9.00 10.44
N LYS A 155 54.10 8.75 11.48
CA LYS A 155 54.59 8.09 12.69
C LYS A 155 54.29 6.61 12.64
N ILE A 156 55.33 5.79 12.85
CA ILE A 156 55.17 4.35 12.80
C ILE A 156 54.84 3.80 14.19
N MET A 157 53.67 3.18 14.30
CA MET A 157 53.19 2.68 15.58
C MET A 157 53.29 1.16 15.66
N VAL A 158 53.35 0.64 16.89
CA VAL A 158 53.28 -0.79 17.10
C VAL A 158 51.87 -1.28 16.79
N PRO A 159 51.75 -2.25 15.87
CA PRO A 159 50.45 -2.78 15.46
C PRO A 159 49.69 -3.39 16.64
N ASN A 160 48.36 -3.38 16.55
CA ASN A 160 47.55 -4.04 17.56
C ASN A 160 47.81 -5.55 17.57
N GLY A 161 48.00 -6.10 18.76
CA GLY A 161 48.28 -7.52 18.89
C GLY A 161 49.75 -7.77 19.19
N ILE A 162 50.55 -6.70 19.16
CA ILE A 162 51.98 -6.81 19.47
C ILE A 162 52.29 -6.23 20.83
N LYS A 163 53.13 -6.93 21.60
CA LYS A 163 53.47 -6.50 22.96
C LYS A 163 54.76 -7.16 23.43
N GLY A 164 55.68 -6.34 23.93
CA GLY A 164 56.94 -6.87 24.42
C GLY A 164 58.05 -5.83 24.50
N THR A 165 59.28 -6.29 24.31
CA THR A 165 60.45 -5.42 24.38
C THR A 165 61.12 -5.30 23.02
N VAL A 166 61.63 -4.11 22.71
CA VAL A 166 62.35 -3.89 21.47
C VAL A 166 63.74 -4.52 21.52
N GLN A 167 63.94 -5.56 20.73
CA GLN A 167 65.24 -6.24 20.68
C GLN A 167 66.18 -5.51 19.72
N LYS A 168 65.66 -5.12 18.57
CA LYS A 168 66.47 -4.48 17.54
C LYS A 168 65.69 -3.36 16.84
N ILE A 169 66.33 -2.21 16.70
CA ILE A 169 65.74 -1.07 16.02
C ILE A 169 66.84 -0.17 15.47
N GLU A 170 66.66 0.32 14.24
CA GLU A 170 67.68 1.14 13.61
C GLU A 170 67.09 2.01 12.50
N SER A 171 67.69 3.18 12.29
CA SER A 171 67.28 4.07 11.22
C SER A 171 67.90 3.63 9.90
N GLY A 172 67.39 4.16 8.79
CA GLY A 172 67.91 3.83 7.48
C GLY A 172 66.86 3.85 6.39
N SER A 173 67.28 3.50 5.18
CA SER A 173 66.38 3.47 4.03
C SER A 173 65.75 2.08 3.87
N PHE A 174 64.42 2.04 3.92
CA PHE A 174 63.69 0.78 3.79
C PHE A 174 62.48 0.91 2.88
N THR A 175 61.95 -0.23 2.45
CA THR A 175 60.64 -0.27 1.81
C THR A 175 59.63 -0.64 2.87
N ILE A 176 58.34 -0.49 2.57
CA ILE A 176 57.31 -0.79 3.54
C ILE A 176 57.20 -2.28 3.83
N ASP A 177 58.00 -3.08 3.12
CA ASP A 177 58.03 -4.52 3.32
C ASP A 177 59.22 -4.95 4.18
N ASP A 178 60.25 -4.10 4.25
CA ASP A 178 61.45 -4.39 5.01
C ASP A 178 61.19 -4.32 6.51
N PRO A 179 61.71 -5.29 7.27
CA PRO A 179 61.60 -5.26 8.74
C PRO A 179 62.46 -4.16 9.34
N ILE A 180 61.82 -3.16 9.94
CA ILE A 180 62.53 -2.02 10.51
C ILE A 180 62.78 -2.19 12.00
N CYS A 181 62.08 -3.15 12.61
CA CYS A 181 62.17 -3.35 14.03
C CYS A 181 61.86 -4.79 14.41
N VAL A 182 62.54 -5.30 15.43
CA VAL A 182 62.28 -6.63 15.96
C VAL A 182 61.79 -6.54 17.39
N ILE A 183 60.66 -7.20 17.67
CA ILE A 183 60.08 -7.16 19.01
C ILE A 183 60.14 -8.53 19.67
N GLU A 184 60.58 -8.54 20.93
CA GLU A 184 60.63 -9.77 21.72
C GLU A 184 59.30 -9.96 22.45
N THR A 185 58.61 -11.05 22.13
CA THR A 185 57.29 -11.32 22.70
C THR A 185 57.26 -12.66 23.42
N GLU A 186 56.14 -12.95 24.06
CA GLU A 186 55.93 -14.26 24.68
C GLU A 186 56.05 -15.34 23.62
N GLN A 187 55.63 -15.00 22.41
CA GLN A 187 55.57 -15.95 21.32
C GLN A 187 56.82 -15.90 20.45
N GLY A 188 57.89 -15.28 20.96
CA GLY A 188 59.15 -15.21 20.25
C GLY A 188 59.40 -13.88 19.59
N LEU A 189 60.42 -13.83 18.73
CA LEU A 189 60.75 -12.61 18.02
C LEU A 189 59.76 -12.34 16.90
N LYS A 190 59.38 -11.08 16.74
CA LYS A 190 58.46 -10.70 15.69
C LYS A 190 58.94 -9.44 14.98
N GLU A 191 59.09 -9.52 13.67
CA GLU A 191 59.52 -8.39 12.87
C GLU A 191 58.40 -7.41 12.62
N LEU A 192 58.74 -6.12 12.57
CA LEU A 192 57.76 -5.09 12.24
C LEU A 192 58.19 -4.33 11.00
N THR A 193 57.21 -3.98 10.17
CA THR A 193 57.47 -3.17 8.99
C THR A 193 56.86 -1.79 9.19
N MET A 194 56.95 -0.94 8.17
CA MET A 194 56.42 0.41 8.29
C MET A 194 54.92 0.46 8.02
N MET A 195 54.38 -0.62 7.47
CA MET A 195 52.95 -0.67 7.15
C MET A 195 52.22 -1.76 7.92
N GLN A 196 50.94 -1.52 8.19
CA GLN A 196 50.10 -2.47 8.90
C GLN A 196 48.73 -2.54 8.21
N LYS A 197 48.14 -3.73 8.19
CA LYS A 197 46.82 -3.89 7.58
C LYS A 197 45.72 -3.87 8.63
N TRP A 198 44.52 -3.47 8.22
CA TRP A 198 43.38 -3.42 9.11
C TRP A 198 42.06 -3.53 8.35
N PRO A 199 41.16 -4.40 8.84
CA PRO A 199 39.83 -4.59 8.26
C PRO A 199 38.96 -3.33 8.41
N VAL A 200 38.41 -2.85 7.31
CA VAL A 200 37.73 -1.55 7.29
C VAL A 200 36.39 -1.56 8.04
N ARG A 201 35.81 -2.73 8.21
CA ARG A 201 34.50 -2.83 8.87
C ARG A 201 34.64 -2.91 10.38
N ARG A 202 35.88 -2.90 10.86
CA ARG A 202 36.15 -2.96 12.30
C ARG A 202 36.84 -1.69 12.78
N GLY A 203 36.24 -1.05 13.78
CA GLY A 203 36.81 0.16 14.34
C GLY A 203 38.12 -0.09 15.04
N ARG A 204 39.14 0.67 14.70
CA ARG A 204 40.45 0.54 15.34
C ARG A 204 40.34 0.90 16.83
N PRO A 205 40.82 0.00 17.69
CA PRO A 205 40.69 0.10 19.15
C PRO A 205 41.33 1.36 19.74
N ILE A 206 40.85 1.77 20.91
CA ILE A 206 41.34 2.96 21.58
C ILE A 206 41.40 2.73 23.09
N LYS A 207 42.03 3.67 23.81
CA LYS A 207 42.12 3.59 25.25
C LYS A 207 40.81 4.03 25.90
N GLN A 208 40.25 5.12 25.38
CA GLN A 208 39.05 5.72 25.96
C GLN A 208 38.50 6.79 25.04
N LYS A 209 37.17 6.90 24.96
CA LYS A 209 36.55 7.93 24.15
C LYS A 209 36.23 9.16 25.00
N LEU A 210 36.48 10.34 24.45
CA LEU A 210 36.27 11.59 25.18
C LEU A 210 35.19 12.43 24.52
N ASN A 211 34.62 13.35 25.30
CA ASN A 211 33.64 14.29 24.75
C ASN A 211 34.33 15.34 23.89
N PRO A 212 33.79 15.58 22.69
CA PRO A 212 34.36 16.60 21.80
C PRO A 212 33.87 18.00 22.20
N ASP A 213 34.68 18.70 22.98
CA ASP A 213 34.30 20.00 23.51
C ASP A 213 35.19 21.13 22.98
N VAL A 214 36.30 20.76 22.35
CA VAL A 214 37.19 21.74 21.75
C VAL A 214 36.70 22.10 20.35
N PRO A 215 36.35 23.38 20.14
CA PRO A 215 35.77 23.85 18.88
C PRO A 215 36.76 23.82 17.72
N MET A 216 36.28 23.43 16.54
CA MET A 216 37.12 23.44 15.34
C MET A 216 37.00 24.78 14.63
N ILE A 217 38.14 25.45 14.46
CA ILE A 217 38.17 26.74 13.79
C ILE A 217 38.16 26.56 12.28
N THR A 218 36.99 26.73 11.67
CA THR A 218 36.87 26.60 10.22
C THR A 218 37.22 27.91 9.53
N GLY A 219 37.21 28.99 10.30
CA GLY A 219 37.49 30.31 9.77
C GLY A 219 36.30 30.90 9.04
N GLN A 220 35.22 30.13 8.98
CA GLN A 220 33.99 30.58 8.36
C GLN A 220 33.03 31.09 9.43
N ARG A 221 32.79 32.40 9.40
CA ARG A 221 32.11 33.11 10.50
C ARG A 221 30.77 32.50 10.91
N VAL A 222 29.93 32.17 9.93
CA VAL A 222 28.61 31.63 10.22
C VAL A 222 28.69 30.32 11.01
N ILE A 223 29.64 29.47 10.63
CA ILE A 223 29.81 28.17 11.28
C ILE A 223 30.46 28.29 12.66
N ASP A 224 31.64 28.89 12.70
CA ASP A 224 32.38 29.03 13.96
C ASP A 224 31.59 29.74 15.05
N THR A 225 30.64 30.56 14.64
CA THR A 225 29.93 31.42 15.58
C THR A 225 28.57 30.86 16.02
N PHE A 226 27.76 30.46 15.05
CA PHE A 226 26.37 30.08 15.35
C PHE A 226 26.11 28.58 15.28
N PHE A 227 26.89 27.87 14.47
CA PHE A 227 26.70 26.43 14.31
C PHE A 227 28.03 25.70 14.33
N PRO A 228 28.83 25.94 15.38
CA PRO A 228 30.19 25.41 15.44
C PRO A 228 30.23 23.90 15.63
N VAL A 229 31.28 23.27 15.11
CA VAL A 229 31.51 21.85 15.31
C VAL A 229 32.82 21.65 16.08
N THR A 230 32.82 20.74 17.04
CA THR A 230 34.01 20.46 17.83
C THR A 230 34.91 19.45 17.13
N LYS A 231 36.13 19.32 17.62
CA LYS A 231 37.04 18.28 17.12
C LYS A 231 36.59 16.94 17.66
N GLY A 232 36.04 16.11 16.77
CA GLY A 232 35.48 14.83 17.17
C GLY A 232 33.96 14.85 17.02
N GLY A 233 33.46 15.99 16.55
CA GLY A 233 32.03 16.14 16.31
C GLY A 233 31.66 15.73 14.90
N ALA A 234 30.36 15.69 14.63
CA ALA A 234 29.86 15.33 13.32
C ALA A 234 28.83 16.34 12.82
N ALA A 235 28.90 16.66 11.54
CA ALA A 235 27.98 17.63 10.94
C ALA A 235 27.41 17.08 9.63
N ALA A 236 26.21 17.54 9.28
CA ALA A 236 25.56 17.11 8.05
C ALA A 236 25.25 18.31 7.15
N VAL A 237 25.28 18.08 5.83
CA VAL A 237 25.00 19.13 4.87
C VAL A 237 24.10 18.64 3.75
N PRO A 238 23.00 19.37 3.49
CA PRO A 238 21.97 19.04 2.49
C PRO A 238 22.47 19.12 1.05
N GLY A 239 23.44 19.98 0.79
CA GLY A 239 24.04 20.13 -0.53
C GLY A 239 23.11 20.10 -1.73
N PRO A 240 22.12 21.00 -1.77
CA PRO A 240 21.29 21.14 -2.98
C PRO A 240 22.07 21.83 -4.09
N PHE A 241 21.62 21.68 -5.33
CA PHE A 241 22.37 22.23 -6.46
C PHE A 241 22.33 23.76 -6.49
N GLY A 242 23.50 24.36 -6.71
CA GLY A 242 23.60 25.80 -6.84
C GLY A 242 23.77 26.52 -5.52
N ALA A 243 23.76 25.78 -4.42
CA ALA A 243 23.88 26.37 -3.10
C ALA A 243 25.34 26.56 -2.70
N GLY A 244 26.26 26.18 -3.59
CA GLY A 244 27.68 26.35 -3.34
C GLY A 244 28.22 25.42 -2.28
N LYS A 245 27.72 24.19 -2.27
CA LYS A 245 28.13 23.20 -1.29
C LYS A 245 29.59 22.79 -1.46
N THR A 246 30.07 22.80 -2.71
CA THR A 246 31.44 22.42 -3.00
C THR A 246 32.44 23.43 -2.44
N VAL A 247 32.14 24.71 -2.62
CA VAL A 247 33.00 25.79 -2.15
C VAL A 247 33.12 25.78 -0.63
N VAL A 248 32.03 25.44 0.04
CA VAL A 248 32.02 25.33 1.50
C VAL A 248 32.90 24.17 1.95
N GLN A 249 32.82 23.06 1.23
CA GLN A 249 33.63 21.88 1.54
C GLN A 249 35.12 22.18 1.38
N HIS A 250 35.47 22.93 0.35
CA HIS A 250 36.86 23.34 0.14
C HIS A 250 37.34 24.24 1.27
N GLN A 251 36.49 25.18 1.67
CA GLN A 251 36.83 26.11 2.75
C GLN A 251 37.10 25.37 4.06
N ILE A 252 36.24 24.41 4.37
CA ILE A 252 36.42 23.61 5.57
C ILE A 252 37.67 22.76 5.48
N ALA A 253 37.88 22.17 4.31
CA ALA A 253 38.98 21.21 4.10
C ALA A 253 40.36 21.83 4.32
N LYS A 254 40.59 23.03 3.80
CA LYS A 254 41.93 23.59 3.82
C LYS A 254 42.15 24.65 4.91
N TRP A 255 41.07 25.11 5.54
CA TRP A 255 41.20 26.13 6.59
C TRP A 255 41.09 25.55 8.00
N SER A 256 40.48 24.38 8.12
CA SER A 256 40.16 23.82 9.43
C SER A 256 41.39 23.44 10.27
N ASP A 257 41.16 23.40 11.58
CA ASP A 257 42.18 23.12 12.59
C ASP A 257 42.86 21.76 12.46
N VAL A 258 42.28 20.87 11.66
CA VAL A 258 42.74 19.49 11.63
C VAL A 258 44.07 19.31 10.91
N ASP A 259 44.72 18.17 11.15
CA ASP A 259 46.01 17.88 10.56
C ASP A 259 45.89 17.22 9.18
N LEU A 260 45.04 16.20 9.09
CA LEU A 260 44.81 15.52 7.81
C LEU A 260 43.34 15.56 7.40
N VAL A 261 43.12 15.55 6.08
CA VAL A 261 41.78 15.47 5.54
C VAL A 261 41.57 14.14 4.83
N VAL A 262 40.41 13.53 5.03
CA VAL A 262 40.04 12.32 4.31
C VAL A 262 38.74 12.54 3.55
N TYR A 263 38.85 12.74 2.24
CA TYR A 263 37.67 12.96 1.41
C TYR A 263 37.18 11.64 0.82
N VAL A 264 35.88 11.40 0.94
CA VAL A 264 35.28 10.19 0.41
C VAL A 264 34.12 10.51 -0.54
N GLY A 265 34.29 10.18 -1.81
CA GLY A 265 33.22 10.28 -2.77
C GLY A 265 32.59 8.92 -2.99
N CYS A 266 31.38 8.75 -2.49
CA CYS A 266 30.70 7.46 -2.56
C CYS A 266 29.80 7.35 -3.79
N GLY A 267 30.33 6.74 -4.85
CA GLY A 267 29.56 6.50 -6.06
C GLY A 267 28.87 7.73 -6.63
N GLU A 268 29.66 8.74 -6.99
CA GLU A 268 29.13 9.97 -7.52
C GLU A 268 29.02 9.94 -9.04
N ARG A 269 28.35 10.94 -9.60
CA ARG A 269 28.29 11.10 -11.05
C ARG A 269 29.70 11.26 -11.60
N GLY A 270 29.94 10.67 -12.77
CA GLY A 270 31.26 10.70 -13.38
C GLY A 270 31.85 12.08 -13.50
N ASN A 271 31.09 13.01 -14.07
CA ASN A 271 31.56 14.36 -14.29
C ASN A 271 31.70 15.16 -12.99
N GLU A 272 30.84 14.86 -12.03
CA GLU A 272 30.91 15.53 -10.73
C GLU A 272 32.09 15.01 -9.91
N MET A 273 32.35 13.71 -9.98
CA MET A 273 33.49 13.12 -9.32
C MET A 273 34.78 13.60 -9.97
N THR A 274 34.68 13.97 -11.25
CA THR A 274 35.82 14.52 -11.99
C THR A 274 36.22 15.87 -11.44
N ASP A 275 35.23 16.68 -11.06
CA ASP A 275 35.48 17.98 -10.44
C ASP A 275 36.35 17.84 -9.20
N VAL A 276 35.98 16.90 -8.33
CA VAL A 276 36.71 16.66 -7.09
C VAL A 276 38.15 16.26 -7.37
N VAL A 277 38.33 15.27 -8.23
CA VAL A 277 39.64 14.72 -8.53
C VAL A 277 40.60 15.77 -9.11
N ASN A 278 40.06 16.75 -9.81
CA ASN A 278 40.88 17.78 -10.44
C ASN A 278 41.06 19.01 -9.55
N GLU A 279 39.98 19.45 -8.91
CA GLU A 279 40.00 20.69 -8.15
C GLU A 279 40.67 20.55 -6.78
N PHE A 280 40.62 19.35 -6.20
CA PHE A 280 41.17 19.14 -4.87
C PHE A 280 42.69 19.29 -4.83
N PRO A 281 43.39 18.69 -5.80
CA PRO A 281 44.84 18.89 -5.88
C PRO A 281 45.23 20.35 -6.12
N GLU A 282 44.31 21.13 -6.67
CA GLU A 282 44.58 22.53 -6.94
C GLU A 282 44.43 23.38 -5.68
N LEU A 283 43.84 22.80 -4.64
CA LEU A 283 43.71 23.50 -3.35
C LEU A 283 45.07 23.69 -2.71
N ILE A 284 45.33 24.90 -2.21
CA ILE A 284 46.61 25.19 -1.57
C ILE A 284 46.51 25.19 -0.05
N ASP A 285 47.50 24.60 0.60
CA ASP A 285 47.60 24.64 2.06
C ASP A 285 48.05 26.02 2.52
N PRO A 286 47.22 26.68 3.33
CA PRO A 286 47.46 28.05 3.80
C PRO A 286 48.80 28.22 4.51
N ASN A 287 49.14 27.29 5.40
CA ASN A 287 50.36 27.38 6.20
C ASN A 287 51.64 27.16 5.41
N THR A 288 51.63 26.21 4.48
CA THR A 288 52.84 25.82 3.78
C THR A 288 52.91 26.35 2.35
N GLY A 289 51.75 26.61 1.76
CA GLY A 289 51.70 27.03 0.37
C GLY A 289 51.74 25.83 -0.55
N GLU A 290 51.90 24.65 0.04
CA GLU A 290 51.92 23.40 -0.71
C GLU A 290 50.52 23.02 -1.16
N SER A 291 50.43 22.03 -2.04
CA SER A 291 49.14 21.47 -2.43
C SER A 291 48.46 20.86 -1.23
N LEU A 292 47.14 20.96 -1.17
CA LEU A 292 46.36 20.41 -0.07
C LEU A 292 46.54 18.90 0.02
N MET A 293 46.82 18.28 -1.13
CA MET A 293 46.95 16.83 -1.21
C MET A 293 48.15 16.30 -0.42
N GLU A 294 49.03 17.19 0.00
CA GLU A 294 50.14 16.83 0.88
C GLU A 294 49.64 16.54 2.28
N ARG A 295 48.32 16.66 2.45
CA ARG A 295 47.71 16.58 3.77
C ARG A 295 46.43 15.74 3.77
N THR A 296 46.07 15.20 2.61
CA THR A 296 44.80 14.48 2.50
C THR A 296 44.89 13.16 1.76
N VAL A 297 44.04 12.22 2.17
CA VAL A 297 43.83 10.98 1.44
C VAL A 297 42.44 11.02 0.82
N LEU A 298 42.33 10.74 -0.47
CA LEU A 298 41.07 10.87 -1.17
C LEU A 298 40.55 9.57 -1.76
N ILE A 299 39.28 9.29 -1.52
CA ILE A 299 38.59 8.16 -2.12
C ILE A 299 37.63 8.65 -3.19
N ALA A 300 37.58 7.96 -4.32
CA ALA A 300 36.73 8.38 -5.43
C ALA A 300 35.99 7.20 -6.03
N ASN A 301 34.66 7.33 -6.10
CA ASN A 301 33.82 6.30 -6.70
C ASN A 301 32.72 6.91 -7.57
N THR A 302 32.42 6.26 -8.68
CA THR A 302 31.30 6.67 -9.53
C THR A 302 30.19 5.64 -9.43
N SER A 303 28.97 6.06 -9.73
CA SER A 303 27.81 5.17 -9.65
C SER A 303 28.00 3.97 -10.58
N ASN A 304 28.83 4.16 -11.59
CA ASN A 304 29.13 3.12 -12.57
C ASN A 304 29.96 1.98 -11.97
N MET A 305 30.67 2.28 -10.88
CA MET A 305 31.60 1.33 -10.28
C MET A 305 30.89 0.30 -9.38
N PRO A 306 31.63 -0.75 -8.96
CA PRO A 306 31.11 -1.84 -8.14
C PRO A 306 30.45 -1.36 -6.86
N VAL A 307 29.20 -1.78 -6.65
CA VAL A 307 28.40 -1.33 -5.51
C VAL A 307 29.07 -1.61 -4.17
N ALA A 308 29.85 -2.69 -4.12
CA ALA A 308 30.57 -3.04 -2.90
C ALA A 308 31.64 -2.01 -2.57
N ALA A 309 32.31 -1.50 -3.60
CA ALA A 309 33.33 -0.47 -3.42
C ALA A 309 32.69 0.84 -3.00
N ARG A 310 31.53 1.12 -3.58
CA ARG A 310 30.78 2.32 -3.22
C ARG A 310 30.24 2.23 -1.79
N GLU A 311 29.93 1.01 -1.37
CA GLU A 311 29.37 0.76 -0.05
C GLU A 311 30.47 0.70 1.01
N ALA A 312 31.67 0.30 0.58
CA ALA A 312 32.81 0.19 1.49
C ALA A 312 33.63 1.47 1.51
N SER A 313 33.22 2.44 0.70
CA SER A 313 33.95 3.69 0.54
C SER A 313 34.16 4.43 1.86
N ILE A 314 33.07 4.65 2.59
CA ILE A 314 33.13 5.44 3.83
C ILE A 314 33.83 4.68 4.95
N TYR A 315 33.76 3.35 4.90
CA TYR A 315 34.41 2.52 5.91
C TYR A 315 35.91 2.43 5.63
N THR A 316 36.28 2.40 4.36
CA THR A 316 37.68 2.47 3.97
C THR A 316 38.28 3.81 4.44
N GLY A 317 37.52 4.88 4.24
CA GLY A 317 37.97 6.21 4.62
C GLY A 317 38.08 6.41 6.13
N ILE A 318 37.05 6.00 6.86
CA ILE A 318 37.04 6.15 8.31
C ILE A 318 38.15 5.33 8.96
N THR A 319 38.48 4.20 8.36
CA THR A 319 39.57 3.35 8.83
C THR A 319 40.90 4.09 8.73
N ILE A 320 41.14 4.68 7.56
CA ILE A 320 42.35 5.49 7.34
C ILE A 320 42.37 6.69 8.27
N ALA A 321 41.20 7.28 8.50
CA ALA A 321 41.08 8.41 9.42
C ALA A 321 41.47 7.99 10.83
N GLU A 322 40.96 6.85 11.27
CA GLU A 322 41.28 6.30 12.58
C GLU A 322 42.78 6.05 12.72
N TYR A 323 43.41 5.67 11.62
CA TYR A 323 44.82 5.33 11.60
C TYR A 323 45.70 6.54 11.96
N PHE A 324 45.41 7.69 11.36
CA PHE A 324 46.15 8.90 11.66
C PHE A 324 45.72 9.49 12.99
N ARG A 325 44.51 9.14 13.42
CA ARG A 325 44.01 9.55 14.72
C ARG A 325 44.82 8.87 15.83
N ASP A 326 45.16 7.60 15.61
CA ASP A 326 45.95 6.83 16.57
C ASP A 326 47.34 7.44 16.73
N MET A 327 47.78 8.19 15.74
CA MET A 327 49.10 8.82 15.77
C MET A 327 49.11 10.07 16.65
N GLY A 328 47.92 10.59 16.92
CA GLY A 328 47.78 11.79 17.73
C GLY A 328 47.39 13.00 16.91
N TYR A 329 46.89 12.75 15.71
CA TYR A 329 46.49 13.80 14.79
C TYR A 329 45.00 14.07 14.85
N ASP A 330 44.62 15.30 14.48
CA ASP A 330 43.21 15.64 14.29
C ASP A 330 42.85 15.48 12.82
N VAL A 331 41.87 14.63 12.54
CA VAL A 331 41.48 14.35 11.17
C VAL A 331 40.08 14.86 10.86
N ALA A 332 39.91 15.36 9.64
CA ALA A 332 38.58 15.70 9.14
C ALA A 332 38.23 14.75 8.00
N ILE A 333 37.10 14.05 8.12
CA ILE A 333 36.68 13.14 7.07
C ILE A 333 35.38 13.63 6.42
N MET A 334 35.45 13.96 5.13
CA MET A 334 34.30 14.39 4.38
C MET A 334 33.73 13.26 3.53
N ALA A 335 32.45 12.98 3.71
CA ALA A 335 31.76 11.98 2.90
C ALA A 335 30.70 12.65 2.04
N ASP A 336 30.80 12.44 0.73
CA ASP A 336 29.88 13.03 -0.23
C ASP A 336 29.74 12.08 -1.42
N SER A 337 28.54 11.52 -1.61
CA SER A 337 27.39 11.80 -0.77
C SER A 337 26.93 10.54 -0.02
N THR A 338 26.68 10.67 1.28
CA THR A 338 26.25 9.55 2.09
C THR A 338 24.90 9.01 1.63
N SER A 339 24.13 9.84 0.94
CA SER A 339 22.87 9.41 0.37
C SER A 339 23.10 8.43 -0.77
N ARG A 340 24.20 8.61 -1.48
CA ARG A 340 24.58 7.71 -2.57
C ARG A 340 25.23 6.44 -2.00
N TRP A 341 25.83 6.56 -0.84
CA TRP A 341 26.36 5.39 -0.13
C TRP A 341 25.21 4.48 0.28
N ALA A 342 24.14 5.10 0.79
CA ALA A 342 22.97 4.35 1.23
C ALA A 342 22.31 3.62 0.06
N GLU A 343 22.44 4.19 -1.13
CA GLU A 343 21.90 3.58 -2.33
C GLU A 343 22.64 2.29 -2.64
N ALA A 344 23.96 2.32 -2.46
CA ALA A 344 24.77 1.12 -2.64
C ALA A 344 24.40 0.06 -1.61
N LEU A 345 24.15 0.50 -0.38
CA LEU A 345 23.75 -0.41 0.69
C LEU A 345 22.40 -1.03 0.38
N ARG A 346 21.47 -0.21 -0.08
CA ARG A 346 20.14 -0.67 -0.45
C ARG A 346 20.21 -1.76 -1.52
N GLU A 347 21.07 -1.56 -2.52
CA GLU A 347 21.20 -2.52 -3.60
C GLU A 347 21.84 -3.81 -3.12
N MET A 348 22.86 -3.71 -2.27
CA MET A 348 23.52 -4.88 -1.70
C MET A 348 22.54 -5.68 -0.86
N SER A 349 21.50 -5.01 -0.36
CA SER A 349 20.47 -5.67 0.42
C SER A 349 19.63 -6.58 -0.47
N GLY A 350 19.36 -6.12 -1.69
CA GLY A 350 18.57 -6.88 -2.63
C GLY A 350 19.33 -8.05 -3.23
N ARG A 351 20.61 -7.83 -3.55
CA ARG A 351 21.45 -8.88 -4.10
C ARG A 351 21.65 -10.01 -3.10
N LEU A 352 21.51 -9.67 -1.82
CA LEU A 352 21.58 -10.67 -0.75
C LEU A 352 20.19 -11.24 -0.47
N GLU A 353 19.19 -10.67 -1.13
CA GLU A 353 17.81 -11.12 -0.99
C GLU A 353 17.34 -10.99 0.46
N GLU A 354 17.68 -9.88 1.09
CA GLU A 354 17.28 -9.61 2.46
C GLU A 354 15.88 -9.00 2.49
N MET A 355 15.23 -9.06 3.66
CA MET A 355 13.92 -8.44 3.84
C MET A 355 14.03 -6.94 3.59
N PRO A 356 13.13 -6.40 2.76
CA PRO A 356 13.13 -4.97 2.46
C PRO A 356 12.73 -4.12 3.67
N GLY A 357 13.60 -3.20 4.08
CA GLY A 357 13.27 -2.29 5.16
C GLY A 357 12.50 -1.10 4.64
N ASP A 358 12.60 0.02 5.34
CA ASP A 358 11.88 1.23 4.94
C ASP A 358 12.32 1.75 3.57
N GLU A 359 11.37 1.83 2.65
CA GLU A 359 11.60 2.40 1.34
C GLU A 359 12.64 1.63 0.54
N GLY A 360 12.87 0.37 0.91
CA GLY A 360 13.84 -0.45 0.22
C GLY A 360 15.16 -0.58 0.95
N TYR A 361 15.52 0.45 1.72
CA TYR A 361 16.74 0.42 2.52
C TYR A 361 16.69 -0.74 3.51
N PRO A 362 17.86 -1.34 3.78
CA PRO A 362 17.94 -2.45 4.75
C PRO A 362 17.42 -2.05 6.13
N ALA A 363 16.95 -3.02 6.89
CA ALA A 363 16.41 -2.75 8.22
C ALA A 363 17.51 -2.28 9.17
N TYR A 364 18.76 -2.45 8.76
CA TYR A 364 19.89 -2.06 9.58
C TYR A 364 20.55 -0.79 9.08
N LEU A 365 19.82 -0.03 8.27
CA LEU A 365 20.34 1.23 7.72
C LEU A 365 20.75 2.19 8.82
N GLY A 366 19.86 2.41 9.79
CA GLY A 366 20.15 3.29 10.92
C GLY A 366 21.35 2.80 11.71
N SER A 367 21.48 1.48 11.84
CA SER A 367 22.59 0.89 12.57
C SER A 367 23.92 1.14 11.88
N ARG A 368 23.96 0.91 10.57
CA ARG A 368 25.18 1.11 9.80
C ARG A 368 25.66 2.54 9.89
N LEU A 369 24.73 3.49 9.83
CA LEU A 369 25.04 4.90 9.98
C LEU A 369 25.58 5.20 11.38
N ALA A 370 24.96 4.61 12.39
CA ALA A 370 25.41 4.79 13.76
C ALA A 370 26.81 4.24 13.96
N GLU A 371 27.06 3.06 13.39
CA GLU A 371 28.38 2.43 13.47
C GLU A 371 29.45 3.32 12.86
N TYR A 372 29.07 4.06 11.82
CA TYR A 372 30.01 4.91 11.10
C TYR A 372 30.39 6.14 11.92
N TYR A 373 29.39 6.88 12.38
CA TYR A 373 29.64 8.14 13.10
C TYR A 373 30.20 7.90 14.49
N GLU A 374 29.86 6.77 15.11
CA GLU A 374 30.37 6.45 16.43
C GLU A 374 31.84 6.07 16.39
N ARG A 375 32.37 5.87 15.18
CA ARG A 375 33.79 5.57 15.02
C ARG A 375 34.60 6.88 14.93
N SER A 376 33.89 8.00 14.87
CA SER A 376 34.53 9.31 14.91
C SER A 376 34.41 9.91 16.30
N GLY A 377 35.17 10.97 16.54
CA GLY A 377 35.14 11.65 17.84
C GLY A 377 36.51 11.81 18.44
N ARG A 378 36.57 12.42 19.63
CA ARG A 378 37.83 12.58 20.34
C ARG A 378 38.12 11.33 21.16
N VAL A 379 39.38 10.92 21.20
CA VAL A 379 39.76 9.70 21.90
C VAL A 379 41.12 9.81 22.56
N ILE A 380 41.38 8.90 23.49
CA ILE A 380 42.73 8.67 23.97
C ILE A 380 43.28 7.45 23.22
N ALA A 381 44.23 7.68 22.34
CA ALA A 381 44.77 6.62 21.50
C ALA A 381 45.53 5.58 22.33
N LEU A 382 45.74 4.40 21.76
CA LEU A 382 46.53 3.37 22.41
C LEU A 382 47.99 3.79 22.46
N GLY A 383 48.66 3.45 23.55
CA GLY A 383 50.05 3.82 23.75
C GLY A 383 50.33 4.32 25.15
N SER A 384 51.57 4.16 25.59
CA SER A 384 51.96 4.52 26.95
C SER A 384 51.90 6.03 27.19
N ASP A 385 52.08 6.81 26.13
CA ASP A 385 52.07 8.27 26.26
C ASP A 385 50.65 8.81 26.37
N GLN A 386 49.67 7.98 26.03
CA GLN A 386 48.26 8.33 26.15
C GLN A 386 47.92 9.63 25.44
N ARG A 387 48.36 9.76 24.20
CA ARG A 387 48.12 10.96 23.41
C ARG A 387 46.67 11.02 22.93
N GLU A 388 46.21 12.21 22.59
CA GLU A 388 44.86 12.39 22.09
C GLU A 388 44.84 12.48 20.56
N GLY A 389 43.69 12.15 19.99
CA GLY A 389 43.44 12.30 18.57
C GLY A 389 41.96 12.49 18.37
N SER A 390 41.56 12.92 17.17
CA SER A 390 40.15 13.16 16.91
C SER A 390 39.80 12.92 15.45
N ILE A 391 38.55 12.54 15.22
CA ILE A 391 38.00 12.48 13.87
C ILE A 391 36.71 13.29 13.82
N THR A 392 36.76 14.41 13.09
CA THR A 392 35.58 15.22 12.88
C THR A 392 34.94 14.86 11.55
N ALA A 393 33.66 14.56 11.55
CA ALA A 393 32.97 14.11 10.35
C ALA A 393 32.09 15.18 9.73
N ILE A 394 32.30 15.44 8.45
CA ILE A 394 31.43 16.31 7.67
C ILE A 394 30.80 15.47 6.56
N SER A 395 29.52 15.18 6.69
CA SER A 395 28.85 14.32 5.72
C SER A 395 27.82 15.06 4.87
N ALA A 396 27.84 14.79 3.57
CA ALA A 396 26.88 15.36 2.66
C ALA A 396 25.69 14.42 2.49
N VAL A 397 24.50 14.95 2.66
CA VAL A 397 23.28 14.18 2.43
C VAL A 397 22.58 14.76 1.21
N SER A 398 22.05 13.90 0.35
CA SER A 398 21.46 14.37 -0.90
C SER A 398 20.18 13.63 -1.27
N PRO A 399 19.10 13.88 -0.52
CA PRO A 399 17.82 13.25 -0.83
C PRO A 399 17.21 13.83 -2.10
N SER A 400 16.70 12.97 -2.97
CA SER A 400 16.02 13.43 -4.17
C SER A 400 14.79 14.25 -3.78
N GLY A 401 14.57 15.35 -4.50
CA GLY A 401 13.46 16.23 -4.19
C GLY A 401 13.74 17.11 -2.99
N GLY A 402 14.93 16.95 -2.41
CA GLY A 402 15.35 17.75 -1.28
C GLY A 402 14.48 17.56 -0.05
N ASP A 403 14.04 16.32 0.17
CA ASP A 403 13.22 16.00 1.33
C ASP A 403 14.08 15.48 2.48
N ILE A 404 14.27 16.31 3.50
CA ILE A 404 15.06 15.92 4.66
C ILE A 404 14.28 14.96 5.55
N SER A 405 13.08 14.60 5.11
CA SER A 405 12.21 13.71 5.86
C SER A 405 12.55 12.24 5.63
N GLU A 406 13.39 11.97 4.64
CA GLU A 406 13.69 10.60 4.24
C GLU A 406 14.63 9.90 5.22
N PRO A 407 14.67 8.56 5.14
CA PRO A 407 15.41 7.66 6.04
C PRO A 407 16.89 8.00 6.23
N VAL A 408 17.61 8.21 5.14
CA VAL A 408 19.04 8.45 5.22
C VAL A 408 19.38 9.71 6.01
N THR A 409 18.72 10.82 5.67
CA THR A 409 18.94 12.08 6.37
C THR A 409 18.39 12.03 7.79
N GLN A 410 17.26 11.35 7.95
CA GLN A 410 16.60 11.24 9.24
C GLN A 410 17.47 10.53 10.28
N ASN A 411 18.00 9.37 9.90
CA ASN A 411 18.85 8.59 10.80
C ASN A 411 20.19 9.27 11.07
N THR A 412 20.67 10.03 10.08
CA THR A 412 21.92 10.77 10.25
C THR A 412 21.75 11.86 11.30
N LEU A 413 20.64 12.57 11.23
CA LEU A 413 20.34 13.65 12.17
C LEU A 413 20.06 13.10 13.56
N ARG A 414 19.89 11.78 13.64
CA ARG A 414 19.61 11.11 14.90
C ARG A 414 20.90 10.86 15.68
N VAL A 415 22.03 10.96 15.00
CA VAL A 415 23.32 10.65 15.62
C VAL A 415 24.33 11.80 15.54
N VAL A 416 24.10 12.75 14.62
CA VAL A 416 24.96 13.92 14.53
C VAL A 416 24.35 15.09 15.30
N LYS A 417 25.20 16.01 15.74
CA LYS A 417 24.75 17.11 16.59
C LYS A 417 24.85 18.46 15.89
N VAL A 418 25.22 18.46 14.61
CA VAL A 418 25.35 19.70 13.86
C VAL A 418 24.69 19.58 12.49
N PHE A 419 23.96 20.62 12.10
CA PHE A 419 23.29 20.64 10.80
C PHE A 419 23.43 22.00 10.12
N TRP A 420 24.16 22.02 9.01
CA TRP A 420 24.32 23.24 8.21
C TRP A 420 23.38 23.20 7.01
N GLY A 421 22.17 23.75 7.19
CA GLY A 421 21.17 23.71 6.14
C GLY A 421 21.46 24.63 4.97
N LEU A 422 22.14 24.10 3.96
CA LEU A 422 22.39 24.85 2.73
C LEU A 422 21.08 25.06 1.97
N ASP A 423 20.88 26.28 1.49
CA ASP A 423 19.61 26.66 0.87
C ASP A 423 19.81 27.27 -0.51
N SER A 424 19.08 26.74 -1.49
CA SER A 424 19.11 27.29 -2.84
C SER A 424 18.47 28.67 -2.86
N SER A 425 17.56 28.91 -1.90
CA SER A 425 16.89 30.20 -1.78
C SER A 425 17.88 31.31 -1.45
N LEU A 426 18.72 31.07 -0.46
CA LEU A 426 19.75 32.03 -0.09
C LEU A 426 20.74 32.22 -1.24
N ALA A 427 21.05 31.12 -1.93
CA ALA A 427 21.97 31.16 -3.06
C ALA A 427 21.42 32.06 -4.17
N GLN A 428 20.12 31.96 -4.42
CA GLN A 428 19.46 32.77 -5.44
C GLN A 428 19.40 34.23 -5.02
N LYS A 429 19.63 34.48 -3.73
CA LYS A 429 19.61 35.84 -3.19
C LYS A 429 21.01 36.37 -2.96
N ARG A 430 22.00 35.66 -3.52
CA ARG A 430 23.40 36.09 -3.45
C ARG A 430 23.93 36.11 -2.02
N HIS A 431 23.42 35.20 -1.19
CA HIS A 431 23.86 35.10 0.19
C HIS A 431 24.79 33.90 0.37
N PHE A 432 26.06 34.17 0.67
CA PHE A 432 27.05 33.10 0.79
C PHE A 432 27.97 33.27 2.00
N PRO A 433 28.28 32.15 2.68
CA PRO A 433 27.74 30.83 2.32
C PRO A 433 26.25 30.74 2.57
N SER A 434 25.56 29.96 1.75
CA SER A 434 24.11 29.89 1.78
C SER A 434 23.57 28.96 2.86
N ILE A 435 23.98 29.21 4.10
CA ILE A 435 23.53 28.42 5.24
C ILE A 435 22.36 29.09 5.95
N ASN A 436 21.23 28.39 6.01
CA ASN A 436 20.03 28.91 6.66
C ASN A 436 20.23 29.04 8.17
N TRP A 437 20.26 30.27 8.66
CA TRP A 437 20.51 30.53 10.08
C TRP A 437 19.29 30.24 10.96
N ILE A 438 18.16 29.94 10.33
CA ILE A 438 16.95 29.62 11.08
C ILE A 438 16.79 28.13 11.26
N GLN A 439 17.07 27.37 10.20
CA GLN A 439 16.88 25.92 10.22
C GLN A 439 18.13 25.17 10.66
N SER A 440 19.29 25.82 10.57
CA SER A 440 20.54 25.20 11.00
C SER A 440 20.63 25.17 12.51
N TYR A 441 21.41 24.24 13.05
CA TYR A 441 21.61 24.15 14.50
C TYR A 441 22.92 23.47 14.84
N SER A 442 23.34 23.63 16.08
CA SER A 442 24.55 23.01 16.59
C SER A 442 24.41 22.73 18.09
N LEU A 443 24.36 21.46 18.44
CA LEU A 443 24.18 21.06 19.83
C LEU A 443 25.50 21.12 20.59
N TYR A 444 26.50 21.73 19.97
CA TYR A 444 27.78 21.98 20.63
C TYR A 444 27.88 23.44 21.06
N SER A 445 26.86 24.22 20.73
CA SER A 445 26.85 25.66 20.97
C SER A 445 27.14 26.03 22.42
N THR A 446 26.45 25.38 23.34
CA THR A 446 26.64 25.66 24.77
C THR A 446 28.06 25.35 25.22
N GLU A 447 28.55 24.17 24.84
CA GLU A 447 29.88 23.74 25.26
C GLU A 447 30.98 24.59 24.61
N VAL A 448 30.84 24.84 23.31
CA VAL A 448 31.79 25.69 22.59
C VAL A 448 31.77 27.11 23.14
N GLY A 449 30.60 27.57 23.56
CA GLY A 449 30.44 28.89 24.13
C GLY A 449 31.24 29.08 25.40
N ARG A 450 31.18 28.07 26.28
CA ARG A 450 31.94 28.12 27.53
C ARG A 450 33.44 28.12 27.24
N TYR A 451 33.84 27.33 26.26
CA TYR A 451 35.24 27.27 25.84
C TYR A 451 35.71 28.62 25.32
N MET A 452 34.91 29.23 24.46
CA MET A 452 35.25 30.51 23.85
C MET A 452 35.42 31.61 24.89
N ASP A 453 34.54 31.64 25.88
CA ASP A 453 34.60 32.64 26.94
C ASP A 453 35.88 32.51 27.75
N GLN A 454 36.33 31.28 27.95
CA GLN A 454 37.51 31.01 28.77
C GLN A 454 38.80 31.40 28.05
N ILE A 455 38.81 31.25 26.72
CA ILE A 455 40.00 31.51 25.94
C ILE A 455 40.07 32.96 25.46
N LEU A 456 38.90 33.60 25.35
CA LEU A 456 38.83 34.98 24.89
C LEU A 456 38.76 35.97 26.05
N GLN A 457 38.37 35.47 27.22
CA GLN A 457 38.15 36.32 28.39
C GLN A 457 37.04 37.32 28.12
N GLN A 458 36.04 36.89 27.36
CA GLN A 458 34.93 37.76 26.98
C GLN A 458 33.60 37.05 27.15
N ASP A 459 32.51 37.82 27.17
CA ASP A 459 31.17 37.26 27.24
C ASP A 459 30.70 36.90 25.83
N TRP A 460 31.46 36.02 25.18
CA TRP A 460 31.20 35.63 23.80
C TRP A 460 29.86 34.94 23.61
N SER A 461 29.54 34.01 24.53
CA SER A 461 28.30 33.24 24.43
C SER A 461 27.07 34.15 24.51
N ASP A 462 27.16 35.23 25.27
CA ASP A 462 26.08 36.21 25.31
C ASP A 462 25.94 36.91 23.96
N MET A 463 27.07 37.32 23.39
CA MET A 463 27.10 38.00 22.10
C MET A 463 26.45 37.14 21.02
N VAL A 464 26.72 35.84 21.06
CA VAL A 464 26.18 34.90 20.09
C VAL A 464 24.67 34.77 20.22
N THR A 465 24.20 34.57 21.46
CA THR A 465 22.78 34.39 21.71
C THR A 465 22.01 35.67 21.39
N GLU A 466 22.65 36.82 21.62
CA GLU A 466 22.05 38.10 21.29
C GLU A 466 21.90 38.25 19.78
N GLY A 467 22.95 37.91 19.05
CA GLY A 467 22.94 37.98 17.60
C GLY A 467 21.89 37.06 16.99
N MET A 468 21.76 35.86 17.55
CA MET A 468 20.77 34.90 17.07
C MET A 468 19.36 35.36 17.47
N ARG A 469 19.25 35.96 18.65
CA ARG A 469 17.98 36.52 19.10
C ARG A 469 17.50 37.58 18.12
N ILE A 470 18.44 38.36 17.61
CA ILE A 470 18.14 39.39 16.63
C ILE A 470 17.74 38.78 15.28
N LEU A 471 18.44 37.71 14.90
CA LEU A 471 18.15 37.02 13.65
C LEU A 471 16.74 36.46 13.63
N GLN A 472 16.36 35.82 14.73
CA GLN A 472 15.01 35.30 14.87
C GLN A 472 14.02 36.43 15.11
N GLU A 473 14.52 37.51 15.70
CA GLU A 473 13.71 38.71 15.90
C GLU A 473 13.32 39.29 14.55
N GLU A 474 14.24 39.22 13.59
CA GLU A 474 14.01 39.73 12.25
C GLU A 474 12.95 38.93 11.53
N GLU A 475 13.06 37.60 11.60
CA GLU A 475 12.14 36.71 10.91
C GLU A 475 10.69 36.98 11.30
N GLN A 476 10.47 37.36 12.56
CA GLN A 476 9.14 37.68 13.04
C GLN A 476 8.70 39.07 12.59
N LEU A 477 9.65 40.00 12.57
CA LEU A 477 9.36 41.36 12.10
C LEU A 477 9.15 41.37 10.60
N ASN A 478 9.89 40.50 9.90
CA ASN A 478 9.72 40.36 8.46
C ASN A 478 8.30 39.97 8.09
N GLU A 479 7.72 39.10 8.91
CA GLU A 479 6.33 38.66 8.70
C GLU A 479 5.36 39.82 8.89
N ILE A 480 5.76 40.80 9.68
CA ILE A 480 4.91 41.96 9.96
C ILE A 480 5.02 43.01 8.84
N VAL A 481 6.22 43.16 8.28
CA VAL A 481 6.44 44.12 7.20
C VAL A 481 5.47 43.88 6.06
N ARG A 482 5.43 42.65 5.56
CA ARG A 482 4.38 42.22 4.67
C ARG A 482 3.11 42.06 5.50
N LEU A 483 1.96 42.43 4.94
CA LEU A 483 0.70 42.37 5.65
C LEU A 483 0.72 43.10 7.00
N VAL A 484 1.19 44.35 7.03
CA VAL A 484 1.68 45.05 5.85
C VAL A 484 2.32 46.38 6.23
N GLY A 485 3.35 46.77 5.47
CA GLY A 485 3.98 48.06 5.65
C GLY A 485 5.23 48.04 6.52
N ILE A 486 6.35 48.44 5.93
CA ILE A 486 7.62 48.55 6.64
C ILE A 486 7.58 49.74 7.59
N ASP A 487 6.88 50.80 7.19
CA ASP A 487 6.83 52.04 7.95
C ASP A 487 6.02 51.91 9.24
N SER A 488 5.08 50.98 9.25
CA SER A 488 4.21 50.78 10.42
C SER A 488 5.01 50.42 11.66
N LEU A 489 6.21 49.89 11.46
CA LEU A 489 7.04 49.41 12.56
C LEU A 489 7.70 50.54 13.34
N SER A 490 7.95 50.28 14.62
CA SER A 490 8.53 51.27 15.52
C SER A 490 10.01 51.50 15.26
N ASP A 491 10.53 52.62 15.75
CA ASP A 491 11.94 52.96 15.58
C ASP A 491 12.84 51.94 16.26
N ASN A 492 12.31 51.24 17.25
CA ASN A 492 13.06 50.20 17.94
C ASN A 492 13.07 48.92 17.12
N ASP A 493 11.95 48.64 16.47
CA ASP A 493 11.84 47.47 15.60
C ASP A 493 12.60 47.71 14.30
N ARG A 494 12.51 48.93 13.78
CA ARG A 494 13.23 49.31 12.57
C ARG A 494 14.74 49.20 12.78
N LEU A 495 15.18 49.49 14.00
CA LEU A 495 16.58 49.39 14.35
C LEU A 495 17.03 47.93 14.39
N THR A 496 16.17 47.07 14.91
CA THR A 496 16.48 45.64 15.02
C THR A 496 16.66 45.02 13.64
N LEU A 497 15.88 45.49 12.68
CA LEU A 497 15.96 44.99 11.31
C LEU A 497 17.29 45.35 10.65
N GLU A 498 17.75 46.57 10.90
CA GLU A 498 19.01 47.04 10.36
C GLU A 498 20.19 46.32 10.99
N VAL A 499 20.08 46.04 12.29
CA VAL A 499 21.10 45.27 13.00
C VAL A 499 21.14 43.85 12.44
N ALA A 500 19.98 43.35 12.06
CA ALA A 500 19.86 42.03 11.44
C ALA A 500 20.45 42.07 10.03
N LYS A 501 20.24 43.18 9.33
CA LYS A 501 20.84 43.39 8.02
C LYS A 501 22.35 43.38 8.13
N SER A 502 22.86 44.00 9.18
CA SER A 502 24.29 44.03 9.44
C SER A 502 24.82 42.61 9.63
N ILE A 503 24.28 41.91 10.61
CA ILE A 503 24.68 40.53 10.90
C ILE A 503 24.64 39.65 9.66
N ARG A 504 23.62 39.83 8.83
CA ARG A 504 23.45 39.01 7.61
C ARG A 504 24.50 39.35 6.55
N GLU A 505 24.72 40.64 6.34
CA GLU A 505 25.61 41.10 5.26
C GLU A 505 27.03 41.37 5.73
N ASP A 506 27.17 41.85 6.96
CA ASP A 506 28.46 42.25 7.50
C ASP A 506 29.21 41.08 8.16
N TYR A 507 28.49 39.99 8.43
CA TYR A 507 29.04 38.88 9.18
C TYR A 507 28.79 37.53 8.51
N LEU A 508 27.53 37.20 8.28
CA LEU A 508 27.16 35.89 7.73
C LEU A 508 27.66 35.69 6.30
N GLN A 509 27.58 36.75 5.49
CA GLN A 509 28.06 36.68 4.11
C GLN A 509 29.59 36.75 4.07
N GLN A 510 30.19 35.74 3.45
CA GLN A 510 31.64 35.61 3.43
C GLN A 510 32.10 35.13 2.07
N ASN A 511 32.99 35.90 1.44
CA ASN A 511 33.53 35.52 0.14
C ASN A 511 34.76 34.66 0.30
N ALA A 512 34.62 33.39 -0.05
CA ALA A 512 35.71 32.42 0.09
C ALA A 512 36.88 32.76 -0.83
N PHE A 513 36.61 33.51 -1.89
CA PHE A 513 37.62 33.79 -2.90
C PHE A 513 38.40 35.07 -2.61
N ASP A 514 37.99 35.81 -1.59
CA ASP A 514 38.70 37.01 -1.19
C ASP A 514 39.91 36.67 -0.31
N ASP A 515 40.99 37.42 -0.47
CA ASP A 515 42.23 37.14 0.25
C ASP A 515 42.07 37.17 1.76
N VAL A 516 41.36 38.17 2.26
CA VAL A 516 41.20 38.36 3.69
C VAL A 516 39.88 37.80 4.22
N ASP A 517 38.84 37.89 3.39
CA ASP A 517 37.52 37.46 3.80
C ASP A 517 37.35 35.94 3.73
N THR A 518 38.34 35.28 3.13
CA THR A 518 38.28 33.83 2.96
C THR A 518 38.40 33.10 4.30
N PHE A 519 39.13 33.70 5.23
CA PHE A 519 39.31 33.13 6.55
C PHE A 519 39.24 34.19 7.63
N THR A 520 38.44 33.93 8.66
CA THR A 520 38.34 34.85 9.78
C THR A 520 38.80 34.17 11.06
N SER A 521 39.80 34.76 11.71
CA SER A 521 40.34 34.20 12.94
C SER A 521 39.33 34.27 14.08
N ARG A 522 39.61 33.55 15.15
CA ARG A 522 38.74 33.52 16.32
C ARG A 522 38.66 34.90 16.98
N GLU A 523 39.80 35.58 17.04
CA GLU A 523 39.86 36.91 17.65
C GLU A 523 39.19 37.97 16.78
N LYS A 524 39.23 37.77 15.47
CA LYS A 524 38.63 38.72 14.55
C LYS A 524 37.11 38.62 14.52
N GLN A 525 36.60 37.40 14.66
CA GLN A 525 35.16 37.19 14.70
C GLN A 525 34.56 37.88 15.93
N PHE A 526 35.31 37.87 17.03
CA PHE A 526 34.87 38.54 18.25
C PHE A 526 34.72 40.04 18.04
N ASN A 527 35.76 40.65 17.47
CA ASN A 527 35.76 42.09 17.23
C ASN A 527 34.69 42.51 16.24
N MET A 528 34.51 41.72 15.19
CA MET A 528 33.51 42.03 14.16
C MET A 528 32.10 42.02 14.74
N LEU A 529 31.79 41.02 15.54
CA LEU A 529 30.46 40.90 16.14
C LEU A 529 30.31 41.88 17.30
N LYS A 530 31.44 42.31 17.86
CA LYS A 530 31.42 43.23 19.00
C LYS A 530 31.21 44.67 18.54
N VAL A 531 31.46 44.93 17.26
CA VAL A 531 31.23 46.26 16.71
C VAL A 531 29.83 46.34 16.10
N ILE A 532 29.32 45.21 15.64
CA ILE A 532 27.98 45.14 15.08
C ILE A 532 26.93 45.24 16.19
N LEU A 533 27.18 44.55 17.29
CA LEU A 533 26.25 44.54 18.42
C LEU A 533 26.32 45.85 19.20
N THR A 534 27.52 46.42 19.31
CA THR A 534 27.68 47.68 20.04
C THR A 534 27.10 48.84 19.25
N PHE A 535 26.86 48.64 17.96
CA PHE A 535 26.16 49.63 17.16
C PHE A 535 24.68 49.63 17.51
N GLY A 536 24.16 48.43 17.77
CA GLY A 536 22.76 48.28 18.14
C GLY A 536 22.52 48.70 19.57
N LYS A 537 23.52 48.50 20.42
CA LYS A 537 23.41 48.86 21.84
C LYS A 537 23.37 50.37 22.00
N GLU A 538 24.23 51.08 21.28
CA GLU A 538 24.29 52.53 21.35
C GLU A 538 23.07 53.15 20.68
N ALA A 539 22.66 52.57 19.55
CA ALA A 539 21.48 53.04 18.83
C ALA A 539 20.24 52.86 19.70
N ARG A 540 20.17 51.75 20.42
CA ARG A 540 19.07 51.49 21.34
C ARG A 540 19.08 52.48 22.50
N LYS A 541 20.26 52.73 23.04
CA LYS A 541 20.42 53.70 24.12
C LYS A 541 20.09 55.10 23.63
N ALA A 542 20.39 55.36 22.37
CA ALA A 542 20.09 56.66 21.78
C ALA A 542 18.59 56.86 21.64
N LEU A 543 17.89 55.83 21.17
CA LEU A 543 16.45 55.87 20.99
C LEU A 543 15.75 56.19 22.31
N SER A 544 16.30 55.69 23.40
CA SER A 544 15.73 55.95 24.73
C SER A 544 16.11 57.34 25.21
N LEU A 545 17.01 57.99 24.48
CA LEU A 545 17.46 59.33 24.83
C LEU A 545 16.86 60.37 23.88
N GLY A 546 15.70 60.08 23.34
CA GLY A 546 15.00 61.01 22.47
C GLY A 546 15.44 60.97 21.03
N ALA A 547 16.45 60.15 20.74
CA ALA A 547 16.95 60.02 19.38
C ALA A 547 15.95 59.26 18.50
N TYR A 548 16.01 59.51 17.20
CA TYR A 548 15.09 58.89 16.26
C TYR A 548 15.84 58.02 15.25
N PHE A 549 15.15 57.01 14.74
CA PHE A 549 15.76 56.03 13.84
C PHE A 549 16.42 56.66 12.61
N ASN A 550 15.67 57.52 11.92
CA ASN A 550 16.18 58.18 10.72
C ASN A 550 17.39 59.06 11.01
N GLU A 551 17.32 59.84 12.09
CA GLU A 551 18.42 60.69 12.50
C GLU A 551 19.66 59.87 12.86
N ILE A 552 19.44 58.61 13.24
CA ILE A 552 20.54 57.72 13.56
C ILE A 552 21.15 57.12 12.30
N MET A 553 20.29 56.66 11.41
CA MET A 553 20.74 56.01 10.17
C MET A 553 21.46 56.98 9.24
N GLU A 554 20.86 58.14 9.00
CA GLU A 554 21.42 59.10 8.07
C GLU A 554 22.69 59.74 8.60
N GLY A 555 22.90 59.65 9.91
CA GLY A 555 24.07 60.22 10.54
C GLY A 555 25.12 59.18 10.90
N THR A 556 24.98 57.99 10.32
CA THR A 556 25.90 56.90 10.60
C THR A 556 26.29 56.13 9.35
N VAL A 557 26.14 56.77 8.19
CA VAL A 557 26.49 56.13 6.92
C VAL A 557 27.98 55.83 6.84
N ALA A 558 28.79 56.72 7.40
CA ALA A 558 30.24 56.58 7.37
C ALA A 558 30.73 55.43 8.25
N VAL A 559 30.28 55.41 9.50
CA VAL A 559 30.71 54.40 10.46
C VAL A 559 30.16 53.02 10.08
N ARG A 560 29.00 53.00 9.45
CA ARG A 560 28.42 51.74 8.97
C ARG A 560 29.19 51.24 7.76
N GLU A 561 29.87 52.16 7.08
CA GLU A 561 30.74 51.80 5.96
C GLU A 561 31.92 50.99 6.46
N ARG A 562 32.54 51.47 7.54
CA ARG A 562 33.67 50.78 8.15
C ARG A 562 33.30 49.38 8.60
N ILE A 563 32.11 49.26 9.20
CA ILE A 563 31.63 47.96 9.66
C ILE A 563 31.52 47.00 8.49
N SER A 564 31.06 47.51 7.35
CA SER A 564 30.90 46.70 6.14
C SER A 564 32.25 46.21 5.61
N ARG A 565 33.28 47.03 5.77
CA ARG A 565 34.61 46.70 5.30
C ARG A 565 35.44 45.99 6.37
N SER A 566 34.85 45.77 7.53
CA SER A 566 35.53 45.14 8.65
C SER A 566 35.99 43.73 8.30
N LYS A 567 35.20 43.05 7.48
CA LYS A 567 35.52 41.69 7.06
C LYS A 567 36.80 41.63 6.23
N TYR A 568 37.13 42.74 5.59
CA TYR A 568 38.30 42.80 4.72
C TYR A 568 39.53 43.34 5.43
N ILE A 569 39.44 43.50 6.74
CA ILE A 569 40.57 44.00 7.53
C ILE A 569 41.54 42.87 7.87
N PRO A 570 42.83 43.06 7.52
CA PRO A 570 43.91 42.12 7.82
C PRO A 570 44.02 41.77 9.30
N GLU A 571 44.32 40.51 9.58
CA GLU A 571 44.50 40.04 10.96
C GLU A 571 45.60 40.79 11.68
N GLU A 572 46.58 41.26 10.91
CA GLU A 572 47.75 41.95 11.46
C GLU A 572 47.38 43.29 12.07
N GLU A 573 46.26 43.85 11.62
CA GLU A 573 45.79 45.13 12.13
C GLU A 573 44.35 45.04 12.63
N LEU A 574 44.15 44.21 13.66
CA LEU A 574 42.84 44.04 14.28
C LEU A 574 42.36 45.30 14.98
N ALA A 575 43.32 46.14 15.38
CA ALA A 575 43.01 47.37 16.11
C ALA A 575 42.13 48.31 15.28
N LYS A 576 42.18 48.18 13.96
CA LYS A 576 41.37 49.00 13.08
C LYS A 576 39.89 48.59 13.14
N ILE A 577 39.63 47.45 13.77
CA ILE A 577 38.26 46.98 13.96
C ILE A 577 37.74 47.41 15.33
N SER A 578 38.56 47.22 16.35
CA SER A 578 38.17 47.56 17.71
C SER A 578 37.98 49.07 17.88
N SER A 579 38.64 49.84 17.02
CA SER A 579 38.55 51.30 17.07
C SER A 579 37.20 51.77 16.53
N ILE A 580 36.51 50.88 15.81
CA ILE A 580 35.19 51.18 15.27
C ILE A 580 34.20 51.45 16.39
N ASN A 581 34.37 50.74 17.51
CA ASN A 581 33.53 50.93 18.68
C ASN A 581 33.64 52.34 19.23
N GLU A 582 34.85 52.91 19.16
CA GLU A 582 35.09 54.27 19.60
C GLU A 582 34.30 55.25 18.74
N GLU A 583 34.37 55.04 17.42
CA GLU A 583 33.68 55.89 16.45
C GLU A 583 32.16 55.75 16.58
N ILE A 584 31.71 54.60 17.07
CA ILE A 584 30.29 54.36 17.27
C ILE A 584 29.79 55.10 18.50
N LYS A 585 30.54 55.00 19.60
CA LYS A 585 30.17 55.67 20.85
C LYS A 585 30.35 57.19 20.71
N GLU A 586 31.23 57.60 19.81
CA GLU A 586 31.52 59.02 19.62
C GLU A 586 30.53 59.67 18.67
N THR A 587 30.07 58.91 17.68
CA THR A 587 29.13 59.42 16.69
C THR A 587 27.71 59.46 17.22
N ILE A 588 27.33 58.42 17.96
CA ILE A 588 25.99 58.34 18.54
C ILE A 588 25.80 59.41 19.61
N GLN A 589 26.85 59.68 20.37
CA GLN A 589 26.82 60.73 21.38
C GLN A 589 26.64 62.10 20.72
N LEU A 590 27.12 62.21 19.49
CA LEU A 590 26.99 63.44 18.72
C LEU A 590 25.55 63.66 18.27
N ILE A 591 24.87 62.56 17.96
CA ILE A 591 23.48 62.62 17.52
C ILE A 591 22.56 63.00 18.68
N VAL A 592 22.98 62.67 19.90
CA VAL A 592 22.22 63.02 21.09
C VAL A 592 22.54 64.44 21.53
N SER A 593 21.72 65.39 21.10
CA SER A 593 21.94 66.80 21.43
C SER A 593 20.64 67.48 21.85
N MET B 8 0.07 -45.27 28.11
CA MET B 8 -0.23 -44.49 26.92
C MET B 8 1.05 -44.18 26.14
N GLN B 9 0.91 -43.82 24.88
CA GLN B 9 2.06 -43.58 24.01
C GLN B 9 2.84 -42.35 24.43
N ILE B 10 4.17 -42.44 24.37
CA ILE B 10 5.03 -41.33 24.75
C ILE B 10 5.87 -40.87 23.56
N GLY B 11 5.63 -39.65 23.10
CA GLY B 11 6.37 -39.10 21.98
C GLY B 11 7.70 -38.50 22.39
N LYS B 12 8.55 -38.27 21.40
CA LYS B 12 9.86 -37.65 21.65
C LYS B 12 10.02 -36.39 20.82
N ILE B 13 10.34 -35.28 21.47
CA ILE B 13 10.53 -34.02 20.77
C ILE B 13 11.73 -34.11 19.81
N ILE B 14 11.50 -33.74 18.56
CA ILE B 14 12.56 -33.76 17.56
C ILE B 14 12.87 -32.35 17.05
N LYS B 15 12.02 -31.40 17.42
CA LYS B 15 12.21 -30.02 17.00
C LYS B 15 11.39 -29.03 17.82
N VAL B 16 12.05 -27.96 18.26
CA VAL B 16 11.37 -26.85 18.91
C VAL B 16 11.83 -25.54 18.28
N SER B 17 10.94 -24.89 17.56
CA SER B 17 11.24 -23.62 16.92
C SER B 17 10.24 -22.56 17.38
N GLY B 18 10.67 -21.73 18.33
CA GLY B 18 9.78 -20.75 18.91
C GLY B 18 8.62 -21.42 19.64
N PRO B 19 7.39 -21.17 19.15
CA PRO B 19 6.18 -21.75 19.73
C PRO B 19 5.81 -23.10 19.13
N LEU B 20 6.51 -23.51 18.08
CA LEU B 20 6.20 -24.79 17.43
C LEU B 20 7.08 -25.92 17.96
N VAL B 21 6.47 -27.07 18.20
CA VAL B 21 7.21 -28.25 18.63
C VAL B 21 6.81 -29.46 17.81
N MET B 22 7.79 -30.11 17.20
CA MET B 22 7.55 -31.33 16.46
C MET B 22 8.06 -32.54 17.24
N ALA B 23 7.19 -33.53 17.41
CA ALA B 23 7.54 -34.73 18.17
C ALA B 23 7.18 -35.99 17.41
N GLU B 24 8.10 -36.95 17.38
CA GLU B 24 7.85 -38.23 16.73
C GLU B 24 7.24 -39.21 17.71
N ASN B 25 6.88 -40.39 17.21
CA ASN B 25 6.29 -41.44 18.04
C ASN B 25 4.93 -41.02 18.59
N MET B 26 4.08 -40.49 17.72
CA MET B 26 2.76 -40.00 18.11
C MET B 26 1.64 -40.59 17.27
N SER B 27 1.85 -41.80 16.76
CA SER B 27 0.89 -42.43 15.87
C SER B 27 -0.52 -42.47 16.44
N GLU B 28 -0.63 -42.58 17.76
CA GLU B 28 -1.93 -42.67 18.43
C GLU B 28 -2.60 -41.31 18.58
N ALA B 29 -1.84 -40.25 18.35
CA ALA B 29 -2.34 -38.89 18.57
C ALA B 29 -3.47 -38.51 17.63
N CYS B 30 -4.22 -37.48 18.02
CA CYS B 30 -5.32 -36.97 17.21
C CYS B 30 -5.21 -35.46 17.04
N ILE B 31 -5.87 -34.93 16.02
CA ILE B 31 -5.84 -33.49 15.77
C ILE B 31 -6.61 -32.72 16.84
N GLN B 32 -6.08 -31.55 17.21
CA GLN B 32 -6.70 -30.69 18.22
C GLN B 32 -6.61 -31.27 19.62
N ASP B 33 -5.87 -32.36 19.78
CA ASP B 33 -5.64 -32.95 21.10
C ASP B 33 -4.57 -32.18 21.86
N MET B 34 -4.81 -31.96 23.15
CA MET B 34 -3.86 -31.25 23.99
C MET B 34 -2.74 -32.18 24.45
N CYS B 35 -1.57 -31.61 24.73
CA CYS B 35 -0.42 -32.41 25.11
C CYS B 35 0.42 -31.75 26.19
N LEU B 36 1.14 -32.57 26.95
CA LEU B 36 2.17 -32.07 27.86
C LEU B 36 3.52 -32.16 27.16
N VAL B 37 4.17 -31.02 26.99
CA VAL B 37 5.39 -30.96 26.19
C VAL B 37 6.65 -30.83 27.04
N GLY B 38 7.64 -31.65 26.74
CA GLY B 38 8.93 -31.59 27.40
C GLY B 38 8.90 -32.05 28.84
N ASP B 39 10.03 -31.90 29.53
CA ASP B 39 10.14 -32.28 30.93
C ASP B 39 9.26 -31.42 31.82
N LEU B 40 9.21 -30.12 31.52
CA LEU B 40 8.37 -29.19 32.26
C LEU B 40 6.90 -29.59 32.18
N GLY B 41 6.52 -30.17 31.04
CA GLY B 41 5.15 -30.59 30.82
C GLY B 41 4.25 -29.41 30.49
N VAL B 42 4.73 -28.53 29.61
CA VAL B 42 3.95 -27.37 29.19
C VAL B 42 2.79 -27.80 28.31
N ILE B 43 1.70 -27.03 28.38
CA ILE B 43 0.49 -27.34 27.63
C ILE B 43 0.64 -26.97 26.16
N GLY B 44 0.27 -27.88 25.28
CA GLY B 44 0.35 -27.65 23.85
C GLY B 44 -0.80 -28.32 23.09
N GLU B 45 -0.96 -27.93 21.83
CA GLU B 45 -2.05 -28.46 21.01
C GLU B 45 -1.55 -29.03 19.69
N ILE B 46 -1.99 -30.24 19.37
CA ILE B 46 -1.61 -30.88 18.11
C ILE B 46 -2.33 -30.21 16.93
N ILE B 47 -1.57 -29.53 16.09
CA ILE B 47 -2.13 -28.79 14.97
C ILE B 47 -2.04 -29.55 13.66
N GLU B 48 -0.91 -30.22 13.45
CA GLU B 48 -0.68 -30.97 12.21
C GLU B 48 -0.21 -32.39 12.52
N MET B 49 -0.38 -33.28 11.56
CA MET B 49 0.02 -34.67 11.74
C MET B 49 0.59 -35.26 10.45
N ARG B 50 1.85 -35.68 10.50
CA ARG B 50 2.48 -36.35 9.37
C ARG B 50 3.08 -37.68 9.81
N GLN B 51 2.44 -38.78 9.42
CA GLN B 51 2.83 -40.10 9.88
C GLN B 51 2.76 -40.18 11.40
N ASP B 52 3.91 -40.42 12.04
CA ASP B 52 3.96 -40.52 13.48
C ASP B 52 4.42 -39.20 14.09
N VAL B 53 4.73 -38.23 13.24
CA VAL B 53 5.23 -36.94 13.70
C VAL B 53 4.08 -35.94 13.87
N ALA B 54 4.01 -35.35 15.06
CA ALA B 54 2.96 -34.39 15.35
C ALA B 54 3.51 -32.96 15.44
N SER B 55 2.80 -32.02 14.85
CA SER B 55 3.14 -30.61 14.97
C SER B 55 2.30 -29.98 16.07
N ILE B 56 2.98 -29.45 17.09
CA ILE B 56 2.30 -28.95 18.27
C ILE B 56 2.45 -27.45 18.46
N GLN B 57 1.33 -26.76 18.63
CA GLN B 57 1.34 -25.35 19.01
C GLN B 57 1.35 -25.26 20.53
N VAL B 58 2.50 -24.89 21.09
CA VAL B 58 2.63 -24.79 22.54
C VAL B 58 2.04 -23.50 23.06
N TYR B 59 1.23 -23.61 24.12
CA TYR B 59 0.57 -22.44 24.70
C TYR B 59 1.52 -21.61 25.55
N GLU B 60 2.43 -22.28 26.24
CA GLU B 60 3.37 -21.60 27.13
C GLU B 60 4.72 -21.41 26.47
N GLU B 61 5.59 -20.63 27.13
CA GLU B 61 6.93 -20.40 26.63
C GLU B 61 7.71 -21.70 26.50
N THR B 62 8.47 -21.84 25.42
CA THR B 62 9.17 -23.08 25.13
C THR B 62 10.67 -23.00 25.42
N SER B 63 11.08 -21.92 26.08
CA SER B 63 12.49 -21.74 26.42
C SER B 63 12.96 -22.84 27.38
N GLY B 64 14.11 -23.43 27.08
CA GLY B 64 14.68 -24.47 27.90
C GLY B 64 14.27 -25.86 27.44
N ILE B 65 13.44 -25.91 26.39
CA ILE B 65 12.99 -27.17 25.84
C ILE B 65 13.76 -27.51 24.57
N GLY B 66 14.11 -28.79 24.41
CA GLY B 66 14.84 -29.24 23.24
C GLY B 66 14.51 -30.67 22.88
N PRO B 67 15.04 -31.14 21.74
CA PRO B 67 14.82 -32.51 21.25
C PRO B 67 15.25 -33.57 22.26
N GLY B 68 14.66 -34.75 22.18
CA GLY B 68 14.98 -35.83 23.09
C GLY B 68 14.02 -35.91 24.27
N GLU B 69 13.36 -34.80 24.56
CA GLU B 69 12.41 -34.74 25.66
C GLU B 69 11.10 -35.42 25.29
N PRO B 70 10.35 -35.88 26.31
CA PRO B 70 9.10 -36.61 26.12
C PRO B 70 7.89 -35.71 25.86
N VAL B 71 6.87 -36.28 25.24
CA VAL B 71 5.60 -35.58 25.06
C VAL B 71 4.45 -36.55 25.28
N ARG B 72 3.39 -36.07 25.93
CA ARG B 72 2.25 -36.91 26.25
C ARG B 72 0.95 -36.26 25.80
N SER B 73 0.12 -37.03 25.10
CA SER B 73 -1.19 -36.55 24.69
C SER B 73 -2.22 -36.86 25.76
N THR B 74 -3.02 -35.85 26.11
CA THR B 74 -4.07 -36.04 27.10
C THR B 74 -5.19 -36.89 26.54
N GLY B 75 -5.21 -37.03 25.21
CA GLY B 75 -6.19 -37.87 24.54
C GLY B 75 -7.47 -37.13 24.22
N GLU B 76 -7.61 -35.92 24.74
CA GLU B 76 -8.81 -35.12 24.48
C GLU B 76 -8.44 -33.70 24.07
N ALA B 77 -9.36 -33.04 23.37
CA ALA B 77 -9.16 -31.66 22.94
C ALA B 77 -9.29 -30.71 24.12
N LEU B 78 -9.04 -29.43 23.87
CA LEU B 78 -9.22 -28.40 24.90
C LEU B 78 -10.65 -28.45 25.43
N SER B 79 -10.79 -28.71 26.72
CA SER B 79 -12.11 -28.90 27.31
C SER B 79 -12.26 -28.18 28.64
N VAL B 80 -13.50 -28.10 29.10
CA VAL B 80 -13.78 -27.52 30.41
C VAL B 80 -14.43 -28.56 31.31
N GLU B 81 -14.09 -28.52 32.60
CA GLU B 81 -14.74 -29.38 33.57
C GLU B 81 -16.06 -28.75 34.00
N LEU B 82 -17.17 -29.42 33.66
CA LEU B 82 -18.49 -28.90 33.97
C LEU B 82 -19.14 -29.68 35.10
N GLY B 83 -19.18 -29.06 36.28
CA GLY B 83 -19.78 -29.68 37.45
C GLY B 83 -19.70 -28.76 38.67
N PRO B 84 -20.13 -29.27 39.83
CA PRO B 84 -20.11 -28.52 41.10
C PRO B 84 -18.72 -27.97 41.42
N GLY B 85 -18.69 -26.74 41.94
CA GLY B 85 -17.44 -26.07 42.24
C GLY B 85 -17.05 -25.08 41.16
N ILE B 86 -17.84 -25.02 40.09
CA ILE B 86 -17.52 -24.13 38.97
C ILE B 86 -17.86 -22.68 39.33
N ILE B 87 -18.96 -22.50 40.07
CA ILE B 87 -19.26 -21.23 40.73
C ILE B 87 -18.64 -21.29 42.12
N SER B 88 -18.08 -20.18 42.61
CA SER B 88 -17.95 -18.95 41.84
C SER B 88 -16.48 -18.60 41.58
N GLN B 89 -15.79 -19.52 40.90
CA GLN B 89 -14.34 -19.44 40.74
C GLN B 89 -13.93 -18.37 39.74
N MET B 90 -12.67 -17.95 39.78
CA MET B 90 -12.14 -17.11 38.74
C MET B 90 -11.10 -17.90 37.97
N PHE B 91 -11.30 -18.00 36.66
CA PHE B 91 -10.46 -18.84 35.82
C PHE B 91 -9.61 -18.01 34.85
N ASP B 92 -8.54 -18.63 34.33
CA ASP B 92 -7.79 -18.04 33.23
C ASP B 92 -8.49 -18.40 31.93
N GLY B 93 -7.82 -18.17 30.80
CA GLY B 93 -8.42 -18.43 29.50
C GLY B 93 -8.80 -19.87 29.25
N ILE B 94 -8.04 -20.80 29.83
CA ILE B 94 -8.24 -22.22 29.60
C ILE B 94 -8.81 -22.92 30.83
N GLN B 95 -9.51 -22.16 31.66
CA GLN B 95 -10.19 -22.66 32.87
C GLN B 95 -9.22 -23.20 33.92
N ARG B 96 -8.10 -22.52 34.12
CA ARG B 96 -7.25 -22.84 35.26
C ARG B 96 -7.65 -21.93 36.42
N PRO B 97 -7.91 -22.53 37.59
CA PRO B 97 -8.34 -21.77 38.77
C PRO B 97 -7.19 -20.93 39.33
N LEU B 98 -7.36 -19.61 39.32
CA LEU B 98 -6.28 -18.70 39.66
C LEU B 98 -5.92 -18.71 41.15
N ASP B 99 -6.92 -18.90 42.01
CA ASP B 99 -6.66 -18.93 43.44
C ASP B 99 -5.95 -20.22 43.83
N THR B 100 -6.43 -21.34 43.29
CA THR B 100 -5.81 -22.63 43.53
C THR B 100 -4.38 -22.63 43.00
N PHE B 101 -4.21 -22.02 41.84
CA PHE B 101 -2.91 -21.85 41.22
C PHE B 101 -1.95 -21.16 42.18
N MET B 102 -2.43 -20.05 42.77
CA MET B 102 -1.64 -19.25 43.68
C MET B 102 -1.34 -20.00 44.98
N GLU B 103 -2.18 -20.96 45.31
CA GLU B 103 -2.02 -21.73 46.55
C GLU B 103 -1.06 -22.90 46.34
N VAL B 104 -1.29 -23.67 45.28
CA VAL B 104 -0.48 -24.85 45.00
C VAL B 104 0.97 -24.49 44.67
N THR B 105 1.16 -23.36 44.00
CA THR B 105 2.50 -22.92 43.62
C THR B 105 3.12 -22.01 44.68
N GLN B 106 2.28 -21.43 45.53
CA GLN B 106 2.74 -20.50 46.55
C GLN B 106 3.47 -19.33 45.93
N SER B 107 2.96 -18.84 44.81
CA SER B 107 3.59 -17.75 44.08
C SER B 107 2.56 -16.74 43.60
N ASN B 108 3.03 -15.54 43.26
CA ASN B 108 2.17 -14.50 42.72
C ASN B 108 2.19 -14.53 41.19
N PHE B 109 2.94 -15.47 40.63
CA PHE B 109 3.10 -15.56 39.19
C PHE B 109 2.66 -16.91 38.63
N LEU B 110 2.30 -16.94 37.36
CA LEU B 110 1.97 -18.18 36.68
C LEU B 110 3.24 -18.85 36.17
N GLY B 111 3.46 -20.10 36.58
CA GLY B 111 4.66 -20.82 36.21
C GLY B 111 4.45 -21.77 35.05
N ARG B 112 5.53 -22.12 34.36
CA ARG B 112 5.45 -23.06 33.25
C ARG B 112 5.09 -24.46 33.73
N GLY B 113 4.31 -25.17 32.93
CA GLY B 113 3.96 -26.55 33.19
C GLY B 113 3.30 -26.80 34.54
N VAL B 114 2.34 -25.96 34.88
CA VAL B 114 1.58 -26.12 36.11
C VAL B 114 0.23 -26.77 35.81
N GLN B 115 0.11 -28.04 36.15
CA GLN B 115 -1.11 -28.79 35.86
C GLN B 115 -2.09 -28.74 37.03
N LEU B 116 -3.29 -28.22 36.75
CA LEU B 116 -4.31 -28.09 37.79
C LEU B 116 -5.70 -28.38 37.24
N PRO B 117 -6.44 -29.27 37.91
CA PRO B 117 -7.85 -29.52 37.59
C PRO B 117 -8.66 -28.24 37.72
N ALA B 118 -9.61 -28.03 36.81
CA ALA B 118 -10.40 -26.81 36.80
C ALA B 118 -11.24 -26.68 38.08
N LEU B 119 -11.78 -27.81 38.53
CA LEU B 119 -12.65 -27.82 39.71
C LEU B 119 -11.99 -28.54 40.89
N ASP B 120 -12.60 -28.40 42.06
CA ASP B 120 -12.10 -29.05 43.26
C ASP B 120 -12.58 -30.49 43.33
N HIS B 121 -11.71 -31.43 42.95
CA HIS B 121 -12.06 -32.84 42.96
C HIS B 121 -11.98 -33.43 44.35
N GLU B 122 -11.50 -32.63 45.31
CA GLU B 122 -11.32 -33.09 46.68
C GLU B 122 -12.52 -32.76 47.56
N LYS B 123 -13.19 -31.64 47.25
CA LYS B 123 -14.28 -31.15 48.09
C LYS B 123 -15.47 -32.10 48.11
N GLN B 124 -16.18 -32.13 49.23
CA GLN B 124 -17.37 -32.97 49.39
C GLN B 124 -18.63 -32.18 49.09
N TRP B 125 -19.48 -32.74 48.23
CA TRP B 125 -20.76 -32.11 47.90
C TRP B 125 -21.92 -33.03 48.28
N TRP B 126 -23.07 -32.44 48.55
CA TRP B 126 -24.27 -33.22 48.83
C TRP B 126 -25.14 -33.35 47.59
N PHE B 127 -25.17 -34.55 47.02
CA PHE B 127 -25.99 -34.82 45.86
C PHE B 127 -27.34 -35.38 46.26
N GLU B 128 -28.40 -34.65 45.94
CA GLU B 128 -29.76 -35.08 46.25
C GLU B 128 -30.40 -35.78 45.06
N ALA B 129 -30.56 -37.09 45.15
CA ALA B 129 -31.17 -37.86 44.07
C ALA B 129 -32.66 -37.53 43.96
N THR B 130 -33.11 -37.25 42.74
CA THR B 130 -34.50 -36.87 42.52
C THR B 130 -35.14 -37.67 41.39
N ILE B 131 -34.51 -38.77 41.02
CA ILE B 131 -35.03 -39.63 39.97
C ILE B 131 -35.12 -41.09 40.43
N GLU B 132 -36.20 -41.76 40.04
CA GLU B 132 -36.43 -43.13 40.44
C GLU B 132 -35.58 -44.11 39.62
N GLU B 133 -35.26 -45.26 40.22
CA GLU B 133 -34.46 -46.27 39.55
C GLU B 133 -35.27 -46.99 38.47
N GLY B 134 -34.56 -47.62 37.53
CA GLY B 134 -35.21 -48.32 36.44
C GLY B 134 -35.82 -47.37 35.42
N THR B 135 -35.46 -46.10 35.53
CA THR B 135 -35.97 -45.08 34.62
C THR B 135 -35.08 -44.94 33.38
N GLU B 136 -35.71 -44.99 32.21
CA GLU B 136 -34.98 -44.80 30.96
C GLU B 136 -34.65 -43.32 30.79
N VAL B 137 -33.37 -43.01 30.60
CA VAL B 137 -32.92 -41.63 30.51
C VAL B 137 -32.12 -41.35 29.24
N SER B 138 -32.08 -40.08 28.87
CA SER B 138 -31.30 -39.63 27.71
C SER B 138 -30.41 -38.46 28.10
N ALA B 139 -29.72 -37.89 27.11
CA ALA B 139 -28.87 -36.74 27.35
C ALA B 139 -29.70 -35.53 27.75
N GLY B 140 -29.34 -34.91 28.88
CA GLY B 140 -30.05 -33.75 29.36
C GLY B 140 -30.99 -34.05 30.50
N ASP B 141 -31.24 -35.34 30.74
CA ASP B 141 -32.13 -35.76 31.82
C ASP B 141 -31.51 -35.44 33.18
N ILE B 142 -32.31 -34.85 34.07
CA ILE B 142 -31.84 -34.50 35.40
C ILE B 142 -32.01 -35.67 36.37
N ILE B 143 -30.90 -36.12 36.93
CA ILE B 143 -30.91 -37.25 37.86
C ILE B 143 -30.88 -36.78 39.31
N GLY B 144 -30.56 -35.50 39.51
CA GLY B 144 -30.47 -34.95 40.84
C GLY B 144 -29.90 -33.55 40.80
N TYR B 145 -29.59 -32.99 41.98
CA TYR B 145 -29.09 -31.63 42.04
C TYR B 145 -28.19 -31.39 43.25
N VAL B 146 -27.42 -30.32 43.18
CA VAL B 146 -26.54 -29.91 44.28
C VAL B 146 -26.79 -28.45 44.65
N ASP B 147 -27.00 -28.17 45.93
CA ASP B 147 -27.16 -26.80 46.39
C ASP B 147 -25.79 -26.15 46.47
N GLU B 148 -25.31 -25.67 45.32
CA GLU B 148 -23.92 -25.26 45.16
C GLU B 148 -23.65 -23.89 45.77
N THR B 149 -24.59 -22.96 45.58
CA THR B 149 -24.44 -21.62 46.11
C THR B 149 -25.69 -21.14 46.83
N LYS B 150 -25.59 -20.02 47.53
CA LYS B 150 -26.73 -19.39 48.19
C LYS B 150 -27.79 -18.98 47.17
N ILE B 151 -27.40 -18.96 45.90
CA ILE B 151 -28.28 -18.51 44.83
C ILE B 151 -28.62 -19.63 43.84
N ILE B 152 -27.60 -20.38 43.42
CA ILE B 152 -27.76 -21.32 42.32
C ILE B 152 -27.84 -22.78 42.75
N GLN B 153 -28.72 -23.52 42.09
CA GLN B 153 -28.87 -24.96 42.32
C GLN B 153 -28.30 -25.74 41.15
N HIS B 154 -27.19 -26.43 41.39
CA HIS B 154 -26.50 -27.16 40.32
C HIS B 154 -27.26 -28.43 39.95
N LYS B 155 -27.80 -28.46 38.74
CA LYS B 155 -28.58 -29.60 38.27
C LYS B 155 -27.69 -30.61 37.54
N ILE B 156 -27.68 -31.85 38.04
CA ILE B 156 -26.86 -32.90 37.44
C ILE B 156 -27.58 -33.52 36.23
N MET B 157 -26.99 -33.37 35.05
CA MET B 157 -27.60 -33.84 33.82
C MET B 157 -26.88 -35.06 33.26
N VAL B 158 -27.62 -35.91 32.55
CA VAL B 158 -27.04 -37.07 31.89
C VAL B 158 -26.22 -36.64 30.68
N PRO B 159 -24.91 -36.89 30.72
CA PRO B 159 -23.96 -36.50 29.67
C PRO B 159 -24.38 -36.95 28.28
N ASN B 160 -23.96 -36.21 27.25
CA ASN B 160 -24.24 -36.58 25.88
C ASN B 160 -23.55 -37.89 25.51
N GLY B 161 -24.23 -38.70 24.70
CA GLY B 161 -23.70 -40.00 24.30
C GLY B 161 -24.01 -41.06 25.33
N ILE B 162 -24.80 -40.71 26.34
CA ILE B 162 -25.21 -41.65 27.38
C ILE B 162 -26.71 -41.88 27.36
N LYS B 163 -27.10 -43.11 27.08
CA LYS B 163 -28.52 -43.49 27.04
C LYS B 163 -28.72 -44.90 27.55
N GLY B 164 -29.67 -45.06 28.48
CA GLY B 164 -29.96 -46.37 29.04
C GLY B 164 -30.94 -46.30 30.20
N THR B 165 -30.94 -47.34 31.01
CA THR B 165 -31.83 -47.42 32.17
C THR B 165 -31.07 -47.21 33.47
N VAL B 166 -31.63 -46.38 34.35
CA VAL B 166 -31.02 -46.11 35.65
C VAL B 166 -31.12 -47.34 36.55
N GLN B 167 -29.99 -47.95 36.85
CA GLN B 167 -29.96 -49.16 37.66
C GLN B 167 -29.79 -48.85 39.14
N LYS B 168 -28.74 -48.11 39.48
CA LYS B 168 -28.47 -47.77 40.87
C LYS B 168 -28.19 -46.28 41.05
N ILE B 169 -28.80 -45.69 42.06
CA ILE B 169 -28.60 -44.27 42.37
C ILE B 169 -29.11 -43.95 43.77
N GLU B 170 -28.46 -42.99 44.42
CA GLU B 170 -28.85 -42.59 45.77
C GLU B 170 -28.28 -41.23 46.13
N SER B 171 -28.80 -40.62 47.19
CA SER B 171 -28.31 -39.34 47.67
C SER B 171 -27.15 -39.53 48.64
N GLY B 172 -26.53 -38.43 49.02
CA GLY B 172 -25.42 -38.48 49.98
C GLY B 172 -24.32 -37.49 49.66
N SER B 173 -23.23 -37.57 50.42
CA SER B 173 -22.09 -36.69 50.22
C SER B 173 -21.02 -37.37 49.37
N PHE B 174 -20.72 -36.79 48.21
CA PHE B 174 -19.72 -37.33 47.31
C PHE B 174 -18.81 -36.23 46.79
N THR B 175 -17.80 -36.62 46.01
CA THR B 175 -16.97 -35.67 45.30
C THR B 175 -17.37 -35.69 43.82
N ILE B 176 -16.70 -34.89 43.01
CA ILE B 176 -17.01 -34.85 41.58
C ILE B 176 -16.37 -36.03 40.85
N ASP B 177 -15.65 -36.86 41.60
CA ASP B 177 -14.99 -38.03 41.03
C ASP B 177 -15.72 -39.31 41.43
N ASP B 178 -16.50 -39.24 42.51
CA ASP B 178 -17.24 -40.39 42.99
C ASP B 178 -18.47 -40.66 42.15
N PRO B 179 -18.68 -41.93 41.75
CA PRO B 179 -19.87 -42.33 41.00
C PRO B 179 -21.14 -42.21 41.84
N ILE B 180 -22.19 -41.64 41.26
CA ILE B 180 -23.44 -41.42 41.99
C ILE B 180 -24.63 -42.06 41.29
N CYS B 181 -24.41 -42.53 40.06
CA CYS B 181 -25.48 -43.14 39.29
C CYS B 181 -24.94 -44.17 38.30
N VAL B 182 -25.64 -45.29 38.19
CA VAL B 182 -25.26 -46.35 37.26
C VAL B 182 -26.36 -46.58 36.23
N ILE B 183 -26.03 -46.37 34.96
CA ILE B 183 -26.99 -46.57 33.88
C ILE B 183 -26.65 -47.79 33.03
N GLU B 184 -27.66 -48.61 32.77
CA GLU B 184 -27.48 -49.81 31.95
C GLU B 184 -27.61 -49.48 30.47
N THR B 185 -26.49 -49.44 29.77
CA THR B 185 -26.47 -49.15 28.35
C THR B 185 -26.21 -50.42 27.54
N GLU B 186 -26.22 -50.30 26.22
CA GLU B 186 -25.95 -51.44 25.36
C GLU B 186 -24.46 -51.80 25.39
N GLN B 187 -23.64 -50.87 25.86
CA GLN B 187 -22.22 -51.12 26.06
C GLN B 187 -21.94 -51.57 27.49
N GLY B 188 -22.95 -52.16 28.12
CA GLY B 188 -22.81 -52.63 29.48
C GLY B 188 -23.28 -51.60 30.50
N LEU B 189 -22.64 -51.59 31.66
CA LEU B 189 -22.99 -50.64 32.72
C LEU B 189 -22.08 -49.41 32.68
N LYS B 190 -22.69 -48.23 32.64
CA LYS B 190 -21.95 -46.98 32.60
C LYS B 190 -22.10 -46.21 33.91
N GLU B 191 -20.97 -45.91 34.54
CA GLU B 191 -20.97 -45.15 35.79
C GLU B 191 -20.96 -43.66 35.52
N LEU B 192 -21.84 -42.93 36.20
CA LEU B 192 -21.94 -41.48 36.02
C LEU B 192 -21.43 -40.74 37.25
N THR B 193 -20.89 -39.54 37.03
CA THR B 193 -20.38 -38.71 38.11
C THR B 193 -21.09 -37.37 38.15
N MET B 194 -20.63 -36.47 39.02
CA MET B 194 -21.27 -35.18 39.21
C MET B 194 -20.74 -34.12 38.24
N MET B 195 -19.59 -34.39 37.62
CA MET B 195 -18.98 -33.44 36.70
C MET B 195 -18.73 -34.07 35.34
N GLN B 196 -18.68 -33.23 34.31
CA GLN B 196 -18.44 -33.69 32.94
C GLN B 196 -17.51 -32.74 32.20
N LYS B 197 -16.82 -33.26 31.19
CA LYS B 197 -15.96 -32.42 30.37
C LYS B 197 -16.51 -32.29 28.96
N TRP B 198 -16.22 -31.17 28.31
CA TRP B 198 -16.73 -30.88 26.97
C TRP B 198 -15.80 -29.94 26.22
N PRO B 199 -15.57 -30.22 24.92
CA PRO B 199 -14.71 -29.42 24.06
C PRO B 199 -15.19 -27.97 23.95
N VAL B 200 -14.31 -27.02 24.26
CA VAL B 200 -14.68 -25.61 24.28
C VAL B 200 -15.02 -25.07 22.88
N ARG B 201 -14.36 -25.60 21.86
CA ARG B 201 -14.61 -25.16 20.49
C ARG B 201 -15.71 -25.96 19.82
N ARG B 202 -16.46 -26.71 20.63
CA ARG B 202 -17.59 -27.49 20.13
C ARG B 202 -18.87 -27.12 20.88
N GLY B 203 -19.85 -26.60 20.14
CA GLY B 203 -21.10 -26.19 20.74
C GLY B 203 -21.93 -27.36 21.25
N ARG B 204 -22.42 -27.24 22.48
CA ARG B 204 -23.24 -28.29 23.08
C ARG B 204 -24.57 -28.43 22.34
N PRO B 205 -24.91 -29.68 21.98
CA PRO B 205 -26.10 -29.99 21.16
C PRO B 205 -27.41 -29.69 21.87
N ILE B 206 -28.44 -29.36 21.10
CA ILE B 206 -29.76 -29.02 21.63
C ILE B 206 -30.87 -29.65 20.80
N LYS B 207 -32.08 -29.64 21.34
CA LYS B 207 -33.23 -30.18 20.63
C LYS B 207 -33.63 -29.25 19.49
N GLN B 208 -33.74 -27.96 19.78
CA GLN B 208 -34.12 -26.98 18.77
C GLN B 208 -33.75 -25.57 19.20
N LYS B 209 -33.41 -24.72 18.22
CA LYS B 209 -33.12 -23.33 18.49
C LYS B 209 -34.33 -22.46 18.17
N LEU B 210 -34.60 -21.48 19.04
CA LEU B 210 -35.77 -20.64 18.90
C LEU B 210 -35.36 -19.17 18.86
N ASN B 211 -36.12 -18.36 18.12
CA ASN B 211 -35.87 -16.93 18.10
C ASN B 211 -36.08 -16.32 19.47
N PRO B 212 -35.20 -15.40 19.88
CA PRO B 212 -35.35 -14.73 21.16
C PRO B 212 -36.38 -13.60 21.07
N ASP B 213 -37.64 -13.94 21.31
CA ASP B 213 -38.73 -12.97 21.17
C ASP B 213 -39.09 -12.32 22.49
N VAL B 214 -38.46 -12.77 23.57
CA VAL B 214 -38.76 -12.24 24.90
C VAL B 214 -37.70 -11.26 25.37
N PRO B 215 -38.13 -10.02 25.69
CA PRO B 215 -37.24 -8.96 26.18
C PRO B 215 -36.58 -9.31 27.50
N MET B 216 -35.33 -8.92 27.68
CA MET B 216 -34.62 -9.17 28.93
C MET B 216 -34.56 -7.89 29.76
N ILE B 217 -35.34 -7.87 30.85
CA ILE B 217 -35.41 -6.69 31.71
C ILE B 217 -34.04 -6.35 32.31
N THR B 218 -33.63 -5.11 32.13
CA THR B 218 -32.35 -4.65 32.67
C THR B 218 -32.55 -3.56 33.71
N GLY B 219 -33.72 -2.91 33.66
CA GLY B 219 -34.02 -1.82 34.57
C GLY B 219 -33.46 -0.51 34.06
N GLN B 220 -32.57 -0.59 33.08
CA GLN B 220 -31.98 0.59 32.46
C GLN B 220 -32.92 1.12 31.39
N ARG B 221 -33.47 2.30 31.62
CA ARG B 221 -34.54 2.84 30.79
C ARG B 221 -34.17 2.95 29.31
N VAL B 222 -33.02 3.56 29.01
CA VAL B 222 -32.62 3.74 27.60
C VAL B 222 -32.53 2.40 26.87
N ILE B 223 -31.99 1.39 27.54
CA ILE B 223 -31.87 0.07 26.93
C ILE B 223 -33.22 -0.60 26.77
N ASP B 224 -33.89 -0.87 27.89
CA ASP B 224 -35.18 -1.56 27.87
C ASP B 224 -36.25 -0.82 27.08
N THR B 225 -36.20 0.52 27.09
CA THR B 225 -37.22 1.32 26.41
C THR B 225 -37.00 1.46 24.91
N PHE B 226 -35.76 1.75 24.51
CA PHE B 226 -35.48 2.10 23.12
C PHE B 226 -34.62 1.09 22.37
N PHE B 227 -33.62 0.52 23.05
CA PHE B 227 -32.70 -0.39 22.39
C PHE B 227 -32.68 -1.74 23.12
N PRO B 228 -33.85 -2.38 23.25
CA PRO B 228 -33.97 -3.58 24.08
C PRO B 228 -33.26 -4.79 23.46
N VAL B 229 -32.81 -5.70 24.31
CA VAL B 229 -32.23 -6.95 23.86
C VAL B 229 -33.09 -8.08 24.43
N THR B 230 -33.42 -9.06 23.60
CA THR B 230 -34.26 -10.15 24.05
C THR B 230 -33.40 -11.22 24.72
N LYS B 231 -34.05 -12.10 25.48
CA LYS B 231 -33.35 -13.22 26.09
C LYS B 231 -32.82 -14.16 25.01
N GLY B 232 -31.50 -14.22 24.87
CA GLY B 232 -30.90 -15.06 23.86
C GLY B 232 -30.31 -14.24 22.71
N GLY B 233 -30.65 -12.96 22.68
CA GLY B 233 -30.10 -12.05 21.68
C GLY B 233 -28.68 -11.64 22.03
N ALA B 234 -28.12 -10.76 21.21
CA ALA B 234 -26.75 -10.30 21.44
C ALA B 234 -26.63 -8.80 21.23
N ALA B 235 -25.77 -8.16 22.04
CA ALA B 235 -25.54 -6.72 21.93
C ALA B 235 -24.05 -6.40 21.99
N ALA B 236 -23.65 -5.33 21.31
CA ALA B 236 -22.25 -4.92 21.29
C ALA B 236 -22.08 -3.53 21.87
N VAL B 237 -20.92 -3.30 22.51
CA VAL B 237 -20.65 -2.02 23.16
C VAL B 237 -19.25 -1.50 22.81
N PRO B 238 -19.15 -0.19 22.51
CA PRO B 238 -17.96 0.50 22.00
C PRO B 238 -16.83 0.72 23.02
N GLY B 239 -17.16 0.73 24.31
CA GLY B 239 -16.17 0.88 25.36
C GLY B 239 -15.08 1.93 25.18
N PRO B 240 -15.47 3.18 24.84
CA PRO B 240 -14.47 4.25 24.86
C PRO B 240 -14.13 4.63 26.30
N PHE B 241 -12.94 5.19 26.53
CA PHE B 241 -12.52 5.50 27.89
C PHE B 241 -13.22 6.75 28.43
N GLY B 242 -13.55 6.69 29.72
CA GLY B 242 -14.18 7.82 30.39
C GLY B 242 -15.67 7.93 30.11
N ALA B 243 -16.25 6.87 29.57
CA ALA B 243 -17.67 6.87 29.23
C ALA B 243 -18.49 6.09 30.26
N GLY B 244 -17.83 5.62 31.31
CA GLY B 244 -18.50 4.87 32.35
C GLY B 244 -19.04 3.54 31.87
N LYS B 245 -18.25 2.84 31.05
CA LYS B 245 -18.64 1.53 30.52
C LYS B 245 -18.78 0.50 31.63
N THR B 246 -17.86 0.53 32.58
CA THR B 246 -17.83 -0.45 33.66
C THR B 246 -19.11 -0.39 34.49
N VAL B 247 -19.62 0.83 34.70
CA VAL B 247 -20.85 1.02 35.46
C VAL B 247 -22.03 0.37 34.75
N VAL B 248 -22.11 0.57 33.44
CA VAL B 248 -23.17 -0.04 32.63
C VAL B 248 -23.06 -1.56 32.67
N GLN B 249 -21.83 -2.05 32.71
CA GLN B 249 -21.58 -3.49 32.80
C GLN B 249 -22.07 -4.05 34.12
N HIS B 250 -21.81 -3.32 35.20
CA HIS B 250 -22.25 -3.73 36.54
C HIS B 250 -23.76 -3.76 36.65
N GLN B 251 -24.41 -2.73 36.11
CA GLN B 251 -25.88 -2.65 36.14
C GLN B 251 -26.52 -3.82 35.41
N ILE B 252 -26.01 -4.11 34.21
CA ILE B 252 -26.52 -5.21 33.41
C ILE B 252 -26.31 -6.56 34.10
N ALA B 253 -25.18 -6.69 34.78
CA ALA B 253 -24.79 -7.96 35.39
C ALA B 253 -25.69 -8.36 36.55
N LYS B 254 -26.11 -7.38 37.35
CA LYS B 254 -26.83 -7.69 38.59
C LYS B 254 -28.32 -7.34 38.53
N TRP B 255 -28.72 -6.56 37.52
CA TRP B 255 -30.12 -6.15 37.42
C TRP B 255 -30.88 -6.93 36.36
N SER B 256 -30.16 -7.55 35.43
CA SER B 256 -30.78 -8.34 34.38
C SER B 256 -31.50 -9.54 34.95
N ASP B 257 -32.67 -9.86 34.40
CA ASP B 257 -33.46 -10.99 34.88
C ASP B 257 -32.93 -12.31 34.31
N VAL B 258 -31.66 -12.58 34.54
CA VAL B 258 -31.05 -13.84 34.13
C VAL B 258 -30.61 -14.63 35.36
N ASP B 259 -30.55 -15.95 35.23
CA ASP B 259 -30.23 -16.82 36.35
C ASP B 259 -28.73 -16.85 36.66
N LEU B 260 -27.91 -16.73 35.62
CA LEU B 260 -26.46 -16.82 35.79
C LEU B 260 -25.72 -15.82 34.89
N VAL B 261 -24.49 -15.51 35.26
CA VAL B 261 -23.67 -14.59 34.49
C VAL B 261 -22.27 -15.14 34.27
N VAL B 262 -21.82 -15.08 33.02
CA VAL B 262 -20.47 -15.51 32.68
C VAL B 262 -19.66 -14.34 32.11
N TYR B 263 -18.75 -13.82 32.92
CA TYR B 263 -17.90 -12.71 32.49
C TYR B 263 -16.58 -13.25 31.92
N VAL B 264 -16.05 -12.57 30.92
CA VAL B 264 -14.82 -13.02 30.28
C VAL B 264 -13.87 -11.87 29.95
N GLY B 265 -12.79 -11.76 30.70
CA GLY B 265 -11.69 -10.87 30.36
C GLY B 265 -10.90 -11.55 29.26
N CYS B 266 -10.65 -10.83 28.17
CA CYS B 266 -10.28 -11.51 26.93
C CYS B 266 -8.83 -11.96 26.79
N GLY B 267 -7.83 -11.09 26.99
CA GLY B 267 -7.92 -9.71 27.43
C GLY B 267 -6.45 -9.45 27.68
N GLU B 268 -6.03 -8.37 28.34
CA GLU B 268 -6.80 -7.23 28.84
C GLU B 268 -5.74 -6.35 29.49
N ARG B 269 -6.04 -5.08 29.73
CA ARG B 269 -5.08 -4.23 30.44
C ARG B 269 -4.81 -4.79 31.82
N GLY B 270 -3.54 -4.75 32.24
CA GLY B 270 -3.15 -5.31 33.53
C GLY B 270 -3.93 -4.76 34.70
N ASN B 271 -4.17 -3.45 34.68
CA ASN B 271 -4.95 -2.80 35.74
C ASN B 271 -6.44 -2.91 35.48
N GLU B 272 -6.83 -3.08 34.22
CA GLU B 272 -8.23 -3.23 33.87
C GLU B 272 -8.81 -4.54 34.40
N MET B 273 -7.97 -5.57 34.43
CA MET B 273 -8.40 -6.87 34.96
C MET B 273 -8.46 -6.86 36.47
N THR B 274 -7.60 -6.05 37.09
CA THR B 274 -7.56 -5.94 38.54
C THR B 274 -8.86 -5.33 39.08
N ASP B 275 -9.40 -4.37 38.33
CA ASP B 275 -10.64 -3.72 38.74
C ASP B 275 -11.81 -4.68 38.72
N VAL B 276 -11.83 -5.57 37.73
CA VAL B 276 -12.90 -6.57 37.62
C VAL B 276 -12.82 -7.58 38.76
N VAL B 277 -11.60 -7.95 39.12
CA VAL B 277 -11.37 -8.92 40.19
C VAL B 277 -11.79 -8.36 41.55
N ASN B 278 -11.90 -7.03 41.62
CA ASN B 278 -12.26 -6.38 42.87
C ASN B 278 -13.70 -5.85 42.87
N GLU B 279 -14.09 -5.20 41.78
CA GLU B 279 -15.40 -4.58 41.69
C GLU B 279 -16.53 -5.61 41.55
N PHE B 280 -16.25 -6.69 40.83
CA PHE B 280 -17.28 -7.69 40.54
C PHE B 280 -17.71 -8.48 41.77
N PRO B 281 -16.73 -9.06 42.49
CA PRO B 281 -17.03 -9.85 43.70
C PRO B 281 -17.75 -9.03 44.77
N GLU B 282 -17.72 -7.70 44.63
CA GLU B 282 -18.36 -6.83 45.61
C GLU B 282 -19.67 -6.24 45.10
N LEU B 283 -20.21 -6.86 44.05
CA LEU B 283 -21.54 -6.49 43.57
C LEU B 283 -22.59 -7.32 44.30
N ILE B 284 -23.65 -6.64 44.77
CA ILE B 284 -24.66 -7.30 45.58
C ILE B 284 -25.85 -7.78 44.74
N ASP B 285 -26.20 -9.06 44.90
CA ASP B 285 -27.38 -9.62 44.25
C ASP B 285 -28.63 -9.05 44.90
N PRO B 286 -29.47 -8.35 44.11
CA PRO B 286 -30.67 -7.67 44.59
C PRO B 286 -31.69 -8.60 45.25
N ASN B 287 -31.87 -9.80 44.70
CA ASN B 287 -32.89 -10.72 45.20
C ASN B 287 -32.47 -11.46 46.47
N THR B 288 -31.17 -11.57 46.69
CA THR B 288 -30.66 -12.33 47.83
C THR B 288 -29.83 -11.48 48.78
N GLY B 289 -29.11 -10.50 48.23
CA GLY B 289 -28.22 -9.68 49.02
C GLY B 289 -26.84 -10.29 49.09
N GLU B 290 -26.69 -11.48 48.53
CA GLU B 290 -25.42 -12.17 48.47
C GLU B 290 -24.51 -11.51 47.44
N SER B 291 -23.26 -11.99 47.38
CA SER B 291 -22.33 -11.52 46.37
C SER B 291 -22.78 -12.01 45.00
N LEU B 292 -22.51 -11.24 43.96
CA LEU B 292 -22.88 -11.61 42.60
C LEU B 292 -22.14 -12.89 42.19
N MET B 293 -20.92 -13.06 42.72
CA MET B 293 -20.13 -14.24 42.42
C MET B 293 -20.94 -15.52 42.66
N GLU B 294 -21.63 -15.59 43.79
CA GLU B 294 -22.60 -16.66 44.05
C GLU B 294 -23.48 -16.98 42.84
N ARG B 295 -23.58 -16.03 41.91
CA ARG B 295 -24.40 -16.19 40.71
C ARG B 295 -23.61 -16.02 39.39
N THR B 296 -22.28 -16.05 39.46
CA THR B 296 -21.47 -15.85 38.26
C THR B 296 -20.24 -16.73 38.14
N VAL B 297 -19.85 -16.97 36.88
CA VAL B 297 -18.57 -17.59 36.55
C VAL B 297 -17.70 -16.54 35.84
N LEU B 298 -16.44 -16.40 36.26
CA LEU B 298 -15.58 -15.36 35.72
C LEU B 298 -14.30 -15.91 35.09
N ILE B 299 -14.01 -15.46 33.88
CA ILE B 299 -12.76 -15.77 33.21
C ILE B 299 -11.88 -14.54 33.20
N ALA B 300 -10.61 -14.71 33.55
CA ALA B 300 -9.69 -13.59 33.68
C ALA B 300 -8.40 -13.81 32.89
N ASN B 301 -8.13 -12.91 31.95
CA ASN B 301 -6.91 -12.97 31.16
C ASN B 301 -6.32 -11.60 30.89
N THR B 302 -4.99 -11.50 31.00
CA THR B 302 -4.28 -10.26 30.70
C THR B 302 -3.50 -10.43 29.38
N SER B 303 -3.17 -9.30 28.75
CA SER B 303 -2.44 -9.31 27.49
C SER B 303 -1.03 -9.86 27.69
N ASN B 304 -0.61 -9.94 28.94
CA ASN B 304 0.72 -10.46 29.29
C ASN B 304 0.73 -11.99 29.21
N MET B 305 -0.45 -12.59 29.30
CA MET B 305 -0.58 -14.05 29.33
C MET B 305 -0.53 -14.66 27.92
N PRO B 306 -0.42 -16.00 27.86
CA PRO B 306 -0.35 -16.76 26.61
C PRO B 306 -1.45 -16.41 25.62
N VAL B 307 -1.12 -16.43 24.33
CA VAL B 307 -2.06 -16.07 23.28
C VAL B 307 -3.20 -17.06 23.18
N ALA B 308 -2.88 -18.35 23.32
CA ALA B 308 -3.89 -19.41 23.22
C ALA B 308 -4.94 -19.28 24.30
N ALA B 309 -4.53 -18.84 25.49
CA ALA B 309 -5.45 -18.65 26.60
C ALA B 309 -6.35 -17.43 26.36
N ARG B 310 -5.80 -16.42 25.70
CA ARG B 310 -6.55 -15.21 25.40
C ARG B 310 -7.53 -15.45 24.26
N GLU B 311 -7.19 -16.36 23.36
CA GLU B 311 -8.02 -16.68 22.21
C GLU B 311 -9.10 -17.70 22.57
N ALA B 312 -8.79 -18.56 23.52
CA ALA B 312 -9.74 -19.60 23.95
C ALA B 312 -10.59 -19.11 25.12
N SER B 313 -10.52 -17.80 25.41
CA SER B 313 -11.24 -17.23 26.53
C SER B 313 -12.75 -17.24 26.32
N ILE B 314 -13.19 -16.70 25.18
CA ILE B 314 -14.61 -16.61 24.89
C ILE B 314 -15.24 -17.98 24.65
N TYR B 315 -14.43 -18.91 24.16
CA TYR B 315 -14.90 -20.26 23.86
C TYR B 315 -15.07 -21.07 25.14
N THR B 316 -14.19 -20.84 26.10
CA THR B 316 -14.30 -21.49 27.41
C THR B 316 -15.49 -20.93 28.17
N GLY B 317 -15.79 -19.66 27.94
CA GLY B 317 -16.88 -18.99 28.62
C GLY B 317 -18.25 -19.40 28.11
N ILE B 318 -18.43 -19.37 26.80
CA ILE B 318 -19.72 -19.69 26.20
C ILE B 318 -20.03 -21.18 26.34
N THR B 319 -18.98 -21.99 26.47
CA THR B 319 -19.16 -23.42 26.72
C THR B 319 -19.76 -23.63 28.10
N ILE B 320 -19.29 -22.84 29.06
CA ILE B 320 -19.82 -22.89 30.42
C ILE B 320 -21.23 -22.31 30.46
N ALA B 321 -21.48 -21.32 29.60
CA ALA B 321 -22.80 -20.70 29.50
C ALA B 321 -23.81 -21.71 28.96
N GLU B 322 -23.38 -22.50 27.99
CA GLU B 322 -24.22 -23.53 27.40
C GLU B 322 -24.54 -24.62 28.42
N TYR B 323 -23.63 -24.83 29.36
CA TYR B 323 -23.79 -25.86 30.38
C TYR B 323 -24.97 -25.55 31.29
N PHE B 324 -25.02 -24.34 31.81
CA PHE B 324 -26.13 -23.93 32.66
C PHE B 324 -27.39 -23.69 31.84
N ARG B 325 -27.20 -23.36 30.57
CA ARG B 325 -28.32 -23.18 29.65
C ARG B 325 -29.09 -24.49 29.49
N ASP B 326 -28.36 -25.59 29.43
CA ASP B 326 -28.96 -26.91 29.31
C ASP B 326 -29.77 -27.27 30.55
N MET B 327 -29.44 -26.64 31.67
CA MET B 327 -30.13 -26.89 32.93
C MET B 327 -31.50 -26.23 32.95
N GLY B 328 -31.70 -25.26 32.05
CA GLY B 328 -32.96 -24.54 31.98
C GLY B 328 -32.83 -23.08 32.36
N TYR B 329 -31.68 -22.72 32.91
CA TYR B 329 -31.43 -21.36 33.35
C TYR B 329 -31.17 -20.41 32.19
N ASP B 330 -31.45 -19.13 32.42
CA ASP B 330 -31.11 -18.09 31.44
C ASP B 330 -29.78 -17.46 31.80
N VAL B 331 -28.78 -17.67 30.94
CA VAL B 331 -27.43 -17.17 31.21
C VAL B 331 -27.12 -15.96 30.35
N ALA B 332 -26.33 -15.03 30.90
CA ALA B 332 -25.88 -13.86 30.16
C ALA B 332 -24.37 -13.81 30.14
N ILE B 333 -23.78 -13.97 28.96
CA ILE B 333 -22.33 -13.96 28.82
C ILE B 333 -21.81 -12.58 28.45
N MET B 334 -20.83 -12.11 29.20
CA MET B 334 -20.29 -10.77 29.01
C MET B 334 -18.81 -10.82 28.65
N ALA B 335 -18.49 -10.48 27.40
CA ALA B 335 -17.12 -10.54 26.91
C ALA B 335 -16.52 -9.14 26.77
N ASP B 336 -15.35 -8.94 27.36
CA ASP B 336 -14.67 -7.65 27.33
C ASP B 336 -13.17 -7.87 27.50
N SER B 337 -12.39 -7.53 26.48
CA SER B 337 -12.92 -6.95 25.24
C SER B 337 -12.68 -7.88 24.04
N THR B 338 -13.73 -8.08 23.25
CA THR B 338 -13.64 -8.96 22.07
C THR B 338 -12.61 -8.46 21.07
N SER B 339 -12.28 -7.17 21.14
CA SER B 339 -11.23 -6.60 20.30
C SER B 339 -9.88 -7.18 20.69
N ARG B 340 -9.65 -7.30 21.99
CA ARG B 340 -8.43 -7.90 22.51
C ARG B 340 -8.35 -9.37 22.12
N TRP B 341 -9.50 -10.01 21.99
CA TRP B 341 -9.57 -11.41 21.60
C TRP B 341 -9.12 -11.61 20.15
N ALA B 342 -9.64 -10.78 19.26
CA ALA B 342 -9.30 -10.85 17.84
C ALA B 342 -7.80 -10.64 17.63
N GLU B 343 -7.23 -9.73 18.41
CA GLU B 343 -5.80 -9.47 18.38
C GLU B 343 -5.04 -10.75 18.71
N ALA B 344 -5.56 -11.48 19.69
CA ALA B 344 -5.00 -12.78 20.05
C ALA B 344 -5.19 -13.76 18.89
N LEU B 345 -6.35 -13.69 18.27
CA LEU B 345 -6.64 -14.51 17.09
C LEU B 345 -5.67 -14.19 15.97
N ARG B 346 -5.42 -12.90 15.78
CA ARG B 346 -4.49 -12.43 14.75
C ARG B 346 -3.07 -12.93 15.00
N GLU B 347 -2.62 -12.85 16.24
CA GLU B 347 -1.26 -13.27 16.58
C GLU B 347 -1.07 -14.77 16.38
N MET B 348 -2.08 -15.54 16.78
CA MET B 348 -2.06 -16.99 16.58
C MET B 348 -1.93 -17.33 15.10
N SER B 349 -2.63 -16.56 14.27
CA SER B 349 -2.59 -16.76 12.82
C SER B 349 -1.20 -16.50 12.26
N GLY B 350 -0.52 -15.51 12.82
CA GLY B 350 0.84 -15.17 12.40
C GLY B 350 1.85 -16.22 12.79
N ARG B 351 1.65 -16.82 13.97
CA ARG B 351 2.53 -17.87 14.46
C ARG B 351 2.36 -19.13 13.62
N LEU B 352 1.23 -19.24 12.93
CA LEU B 352 0.97 -20.36 12.05
C LEU B 352 1.27 -19.99 10.59
N GLU B 353 1.62 -18.73 10.38
CA GLU B 353 1.98 -18.23 9.05
C GLU B 353 0.85 -18.38 8.03
N GLU B 354 -0.36 -18.02 8.45
CA GLU B 354 -1.52 -18.10 7.56
C GLU B 354 -1.63 -16.87 6.68
N MET B 355 -2.32 -17.01 5.55
CA MET B 355 -2.57 -15.89 4.66
C MET B 355 -3.42 -14.84 5.37
N PRO B 356 -2.94 -13.58 5.39
CA PRO B 356 -3.62 -12.50 6.10
C PRO B 356 -4.95 -12.11 5.45
N GLY B 357 -5.87 -11.59 6.25
CA GLY B 357 -7.11 -11.03 5.75
C GLY B 357 -7.05 -9.51 5.80
N ASP B 358 -8.16 -8.89 6.17
CA ASP B 358 -8.22 -7.44 6.27
C ASP B 358 -7.53 -6.94 7.54
N GLU B 359 -6.61 -6.01 7.38
CA GLU B 359 -5.88 -5.40 8.49
C GLU B 359 -5.15 -6.44 9.33
N GLY B 360 -4.62 -7.47 8.68
CA GLY B 360 -3.81 -8.47 9.36
C GLY B 360 -4.60 -9.62 9.95
N TYR B 361 -5.87 -9.38 10.25
CA TYR B 361 -6.73 -10.42 10.81
C TYR B 361 -6.85 -11.60 9.86
N PRO B 362 -7.06 -12.81 10.41
CA PRO B 362 -7.23 -14.00 9.59
C PRO B 362 -8.45 -13.91 8.68
N ALA B 363 -8.44 -14.63 7.56
CA ALA B 363 -9.56 -14.61 6.64
C ALA B 363 -10.81 -15.18 7.29
N TYR B 364 -10.62 -16.01 8.30
CA TYR B 364 -11.74 -16.66 8.98
C TYR B 364 -12.19 -15.89 10.23
N LEU B 365 -11.82 -14.62 10.31
CA LEU B 365 -12.24 -13.77 11.43
C LEU B 365 -13.75 -13.66 11.51
N GLY B 366 -14.38 -13.45 10.35
CA GLY B 366 -15.82 -13.33 10.29
C GLY B 366 -16.52 -14.61 10.71
N SER B 367 -15.98 -15.74 10.27
CA SER B 367 -16.56 -17.05 10.60
C SER B 367 -16.50 -17.32 12.10
N ARG B 368 -15.34 -17.06 12.69
CA ARG B 368 -15.14 -17.31 14.12
C ARG B 368 -16.13 -16.51 14.97
N LEU B 369 -16.27 -15.23 14.67
CA LEU B 369 -17.23 -14.38 15.37
C LEU B 369 -18.64 -14.90 15.17
N ALA B 370 -18.96 -15.30 13.94
CA ALA B 370 -20.27 -15.85 13.62
C ALA B 370 -20.53 -17.13 14.41
N GLU B 371 -19.52 -17.99 14.49
CA GLU B 371 -19.64 -19.25 15.22
C GLU B 371 -19.90 -19.00 16.70
N TYR B 372 -19.31 -17.95 17.25
CA TYR B 372 -19.45 -17.63 18.67
C TYR B 372 -20.86 -17.14 19.01
N TYR B 373 -21.34 -16.16 18.26
CA TYR B 373 -22.63 -15.54 18.55
C TYR B 373 -23.81 -16.46 18.20
N GLU B 374 -23.54 -17.50 17.41
CA GLU B 374 -24.58 -18.44 17.03
C GLU B 374 -24.72 -19.57 18.04
N ARG B 375 -23.74 -19.67 18.94
CA ARG B 375 -23.79 -20.67 20.01
C ARG B 375 -24.68 -20.19 21.15
N SER B 376 -25.04 -18.92 21.12
CA SER B 376 -25.93 -18.34 22.11
C SER B 376 -27.34 -18.23 21.56
N GLY B 377 -28.29 -17.90 22.43
CA GLY B 377 -29.68 -17.75 22.03
C GLY B 377 -30.63 -18.62 22.82
N ARG B 378 -31.92 -18.48 22.54
CA ARG B 378 -32.94 -19.29 23.21
C ARG B 378 -33.06 -20.64 22.54
N VAL B 379 -33.02 -21.71 23.34
CA VAL B 379 -33.06 -23.06 22.80
C VAL B 379 -33.87 -24.01 23.67
N ILE B 380 -34.23 -25.16 23.10
CA ILE B 380 -34.86 -26.22 23.86
C ILE B 380 -33.81 -27.26 24.22
N ALA B 381 -33.40 -27.26 25.49
CA ALA B 381 -32.34 -28.15 25.96
C ALA B 381 -32.71 -29.62 25.78
N LEU B 382 -31.69 -30.46 25.69
CA LEU B 382 -31.90 -31.90 25.56
C LEU B 382 -32.52 -32.46 26.83
N GLY B 383 -33.35 -33.49 26.69
CA GLY B 383 -34.02 -34.09 27.82
C GLY B 383 -35.50 -34.31 27.56
N SER B 384 -36.11 -35.17 28.36
CA SER B 384 -37.53 -35.49 28.20
C SER B 384 -38.41 -34.30 28.57
N ASP B 385 -37.91 -33.44 29.45
CA ASP B 385 -38.66 -32.29 29.91
C ASP B 385 -38.87 -31.27 28.79
N GLN B 386 -37.90 -31.21 27.88
CA GLN B 386 -37.93 -30.24 26.78
C GLN B 386 -38.00 -28.81 27.32
N ARG B 387 -37.18 -28.55 28.34
CA ARG B 387 -37.16 -27.23 28.98
C ARG B 387 -36.56 -26.18 28.05
N GLU B 388 -36.61 -24.93 28.49
CA GLU B 388 -36.12 -23.81 27.70
C GLU B 388 -35.05 -23.03 28.43
N GLY B 389 -33.94 -22.77 27.73
CA GLY B 389 -32.87 -21.96 28.28
C GLY B 389 -32.45 -20.91 27.28
N SER B 390 -31.60 -19.98 27.71
CA SER B 390 -31.14 -18.93 26.81
C SER B 390 -29.79 -18.37 27.22
N ILE B 391 -29.00 -17.97 26.23
CA ILE B 391 -27.73 -17.30 26.48
C ILE B 391 -27.74 -15.94 25.78
N THR B 392 -27.88 -14.88 26.57
CA THR B 392 -27.83 -13.53 26.03
C THR B 392 -26.39 -13.03 26.05
N ALA B 393 -25.90 -12.62 24.89
CA ALA B 393 -24.51 -12.20 24.76
C ALA B 393 -24.38 -10.69 24.67
N ILE B 394 -23.62 -10.12 25.59
CA ILE B 394 -23.31 -8.70 25.58
C ILE B 394 -21.79 -8.53 25.52
N SER B 395 -21.29 -8.18 24.34
CA SER B 395 -19.85 -8.11 24.11
C SER B 395 -19.34 -6.68 23.98
N ALA B 396 -18.12 -6.46 24.47
CA ALA B 396 -17.47 -5.16 24.34
C ALA B 396 -16.56 -5.13 23.11
N VAL B 397 -16.39 -3.93 22.55
CA VAL B 397 -15.55 -3.70 21.38
C VAL B 397 -14.65 -2.50 21.68
N SER B 398 -13.47 -2.44 21.09
CA SER B 398 -12.55 -1.34 21.38
C SER B 398 -11.45 -1.18 20.33
N PRO B 399 -11.71 -0.38 19.31
CA PRO B 399 -10.69 0.00 18.33
C PRO B 399 -9.61 0.88 18.94
N SER B 400 -8.56 1.12 18.16
CA SER B 400 -7.30 1.64 18.69
C SER B 400 -7.26 3.12 19.12
N GLY B 401 -7.98 4.02 18.45
CA GLY B 401 -8.90 3.71 17.37
C GLY B 401 -10.31 4.12 17.74
N GLY B 402 -10.68 5.35 17.36
CA GLY B 402 -12.02 5.83 17.60
C GLY B 402 -12.96 5.33 16.52
N ASP B 403 -12.37 4.78 15.47
CA ASP B 403 -13.12 4.30 14.31
C ASP B 403 -13.72 2.92 14.57
N ILE B 404 -14.90 2.69 14.03
CA ILE B 404 -15.58 1.40 14.18
C ILE B 404 -15.65 0.69 12.84
N SER B 405 -14.82 1.12 11.89
CA SER B 405 -14.78 0.51 10.57
C SER B 405 -13.82 -0.67 10.54
N GLU B 406 -13.14 -0.89 11.66
CA GLU B 406 -12.21 -2.01 11.77
C GLU B 406 -12.97 -3.32 11.63
N PRO B 407 -12.30 -4.36 11.12
CA PRO B 407 -12.89 -5.66 10.77
C PRO B 407 -13.67 -6.33 11.91
N VAL B 408 -13.19 -6.20 13.14
CA VAL B 408 -13.81 -6.89 14.28
C VAL B 408 -15.23 -6.40 14.54
N THR B 409 -15.39 -5.09 14.67
CA THR B 409 -16.70 -4.52 14.98
C THR B 409 -17.65 -4.64 13.80
N GLN B 410 -17.10 -4.55 12.60
CA GLN B 410 -17.90 -4.67 11.38
C GLN B 410 -18.47 -6.07 11.22
N ASN B 411 -17.65 -7.07 11.54
CA ASN B 411 -18.10 -8.46 11.50
C ASN B 411 -19.06 -8.78 12.63
N THR B 412 -18.85 -8.16 13.78
CA THR B 412 -19.72 -8.35 14.93
C THR B 412 -21.11 -7.81 14.66
N LEU B 413 -21.17 -6.64 14.04
CA LEU B 413 -22.45 -6.00 13.72
C LEU B 413 -23.15 -6.71 12.57
N ARG B 414 -22.45 -7.64 11.92
CA ARG B 414 -23.04 -8.43 10.85
C ARG B 414 -23.88 -9.57 11.41
N VAL B 415 -23.67 -9.88 12.68
CA VAL B 415 -24.40 -10.98 13.33
C VAL B 415 -25.29 -10.48 14.45
N VAL B 416 -24.74 -9.67 15.35
CA VAL B 416 -25.51 -9.14 16.47
C VAL B 416 -26.55 -8.14 15.97
N LYS B 417 -27.68 -8.07 16.67
CA LYS B 417 -28.78 -7.23 16.23
C LYS B 417 -28.96 -6.02 17.14
N VAL B 418 -28.08 -5.88 18.13
CA VAL B 418 -28.16 -4.77 19.07
C VAL B 418 -26.81 -4.09 19.26
N PHE B 419 -26.75 -2.82 18.90
CA PHE B 419 -25.58 -1.98 19.19
C PHE B 419 -26.02 -0.78 20.01
N TRP B 420 -25.60 -0.73 21.26
CA TRP B 420 -25.94 0.37 22.13
C TRP B 420 -25.06 1.57 21.85
N GLY B 421 -23.77 1.33 21.68
CA GLY B 421 -22.84 2.43 21.51
C GLY B 421 -22.65 3.17 22.81
N LEU B 422 -21.54 3.89 22.90
CA LEU B 422 -21.27 4.72 24.06
C LEU B 422 -20.47 5.94 23.62
N ASP B 423 -20.89 7.12 24.07
CA ASP B 423 -20.26 8.34 23.60
C ASP B 423 -19.44 9.02 24.69
N SER B 424 -18.25 9.47 24.31
CA SER B 424 -17.35 10.16 25.23
C SER B 424 -17.88 11.56 25.54
N SER B 425 -18.51 12.20 24.56
CA SER B 425 -19.00 13.56 24.72
C SER B 425 -20.28 13.60 25.56
N LEU B 426 -21.04 12.51 25.56
CA LEU B 426 -22.21 12.42 26.43
C LEU B 426 -21.76 12.30 27.87
N ALA B 427 -20.69 11.53 28.10
CA ALA B 427 -20.09 11.41 29.42
C ALA B 427 -19.47 12.74 29.82
N GLN B 428 -18.93 13.46 28.84
CA GLN B 428 -18.37 14.78 29.07
C GLN B 428 -19.47 15.77 29.43
N LYS B 429 -20.64 15.58 28.85
CA LYS B 429 -21.79 16.43 29.16
C LYS B 429 -22.52 15.88 30.38
N ARG B 430 -21.94 14.87 31.01
CA ARG B 430 -22.49 14.28 32.23
C ARG B 430 -23.89 13.71 31.97
N HIS B 431 -24.00 12.93 30.89
CA HIS B 431 -25.26 12.31 30.53
C HIS B 431 -25.14 10.78 30.57
N PHE B 432 -25.52 10.19 31.70
CA PHE B 432 -25.38 8.74 31.89
C PHE B 432 -26.73 8.05 31.97
N PRO B 433 -26.81 6.83 31.41
CA PRO B 433 -25.69 6.18 30.74
C PRO B 433 -25.36 6.85 29.40
N SER B 434 -24.08 6.85 29.04
CA SER B 434 -23.63 7.53 27.83
C SER B 434 -23.89 6.72 26.58
N ILE B 435 -25.14 6.32 26.37
CA ILE B 435 -25.55 5.63 25.17
C ILE B 435 -26.18 6.61 24.19
N ASN B 436 -25.46 6.91 23.11
CA ASN B 436 -25.96 7.81 22.08
C ASN B 436 -27.27 7.29 21.48
N TRP B 437 -28.35 8.04 21.64
CA TRP B 437 -29.65 7.56 21.20
C TRP B 437 -29.80 7.55 19.68
N ILE B 438 -29.01 8.38 18.99
CA ILE B 438 -29.06 8.41 17.53
C ILE B 438 -28.29 7.24 16.91
N GLN B 439 -27.05 7.06 17.36
CA GLN B 439 -26.18 6.02 16.83
C GLN B 439 -26.65 4.62 17.23
N SER B 440 -27.16 4.50 18.45
CA SER B 440 -27.61 3.21 18.98
C SER B 440 -28.76 2.64 18.16
N TYR B 441 -28.90 1.32 18.17
CA TYR B 441 -30.00 0.67 17.49
C TYR B 441 -30.29 -0.71 18.06
N SER B 442 -31.51 -1.19 17.81
CA SER B 442 -31.92 -2.52 18.24
C SER B 442 -32.89 -3.11 17.23
N LEU B 443 -32.56 -4.32 16.75
CA LEU B 443 -33.41 -4.98 15.77
C LEU B 443 -34.44 -5.87 16.46
N TYR B 444 -34.68 -5.58 17.74
CA TYR B 444 -35.69 -6.31 18.51
C TYR B 444 -36.86 -5.40 18.90
N SER B 445 -36.79 -4.14 18.49
CA SER B 445 -37.79 -3.14 18.86
C SER B 445 -39.21 -3.54 18.46
N THR B 446 -39.35 -4.05 17.23
CA THR B 446 -40.66 -4.42 16.71
C THR B 446 -41.24 -5.62 17.46
N GLU B 447 -40.43 -6.65 17.68
CA GLU B 447 -40.89 -7.84 18.37
C GLU B 447 -41.10 -7.58 19.86
N VAL B 448 -40.23 -6.76 20.43
CA VAL B 448 -40.35 -6.37 21.84
C VAL B 448 -41.59 -5.50 22.05
N GLY B 449 -41.90 -4.68 21.05
CA GLY B 449 -43.06 -3.81 21.10
C GLY B 449 -44.35 -4.60 21.16
N ARG B 450 -44.49 -5.59 20.28
CA ARG B 450 -45.67 -6.44 20.26
C ARG B 450 -45.80 -7.23 21.55
N TYR B 451 -44.67 -7.61 22.14
CA TYR B 451 -44.67 -8.35 23.39
C TYR B 451 -45.01 -7.43 24.56
N MET B 452 -44.59 -6.17 24.46
CA MET B 452 -44.80 -5.20 25.54
C MET B 452 -46.24 -4.72 25.57
N ASP B 453 -46.85 -4.57 24.40
CA ASP B 453 -48.22 -4.10 24.29
C ASP B 453 -49.21 -5.14 24.81
N GLN B 454 -48.99 -6.39 24.43
CA GLN B 454 -49.89 -7.48 24.81
C GLN B 454 -49.69 -7.92 26.26
N ILE B 455 -48.66 -7.36 26.91
CA ILE B 455 -48.35 -7.72 28.28
C ILE B 455 -48.73 -6.58 29.24
N LEU B 456 -49.02 -5.41 28.68
CA LEU B 456 -49.40 -4.25 29.48
C LEU B 456 -50.77 -3.72 29.10
N GLN B 457 -51.32 -4.24 28.00
CA GLN B 457 -52.60 -3.78 27.48
C GLN B 457 -52.57 -2.30 27.14
N GLN B 458 -51.45 -1.86 26.57
CA GLN B 458 -51.26 -0.47 26.18
C GLN B 458 -50.54 -0.38 24.84
N ASP B 459 -50.69 0.76 24.16
CA ASP B 459 -50.00 0.99 22.91
C ASP B 459 -48.59 1.52 23.18
N TRP B 460 -47.82 0.73 23.94
CA TRP B 460 -46.49 1.15 24.37
C TRP B 460 -45.50 1.25 23.22
N SER B 461 -45.67 0.40 22.21
CA SER B 461 -44.80 0.41 21.05
C SER B 461 -44.85 1.74 20.31
N ASP B 462 -46.04 2.31 20.23
CA ASP B 462 -46.24 3.60 19.57
C ASP B 462 -45.64 4.72 20.41
N MET B 463 -45.56 4.49 21.72
CA MET B 463 -44.99 5.47 22.64
C MET B 463 -43.48 5.57 22.47
N VAL B 464 -42.83 4.43 22.32
CA VAL B 464 -41.39 4.37 22.14
C VAL B 464 -40.99 5.05 20.83
N THR B 465 -41.69 4.72 19.75
CA THR B 465 -41.43 5.33 18.45
C THR B 465 -41.73 6.82 18.48
N GLU B 466 -42.65 7.21 19.37
CA GLU B 466 -43.00 8.62 19.54
C GLU B 466 -41.85 9.38 20.20
N GLY B 467 -41.28 8.78 21.24
CA GLY B 467 -40.16 9.38 21.94
C GLY B 467 -38.93 9.44 21.04
N MET B 468 -38.79 8.44 20.18
CA MET B 468 -37.68 8.40 19.23
C MET B 468 -37.85 9.45 18.15
N ARG B 469 -39.10 9.68 17.74
CA ARG B 469 -39.39 10.71 16.75
C ARG B 469 -39.05 12.10 17.28
N ILE B 470 -39.35 12.32 18.55
CA ILE B 470 -39.07 13.59 19.19
C ILE B 470 -37.57 13.77 19.40
N LEU B 471 -36.89 12.67 19.72
CA LEU B 471 -35.43 12.69 19.89
C LEU B 471 -34.75 12.94 18.55
N GLN B 472 -35.22 12.28 17.51
CA GLN B 472 -34.68 12.47 16.16
C GLN B 472 -34.96 13.88 15.66
N GLU B 473 -36.09 14.44 16.09
CA GLU B 473 -36.49 15.77 15.65
C GLU B 473 -35.73 16.84 16.43
N GLU B 474 -35.18 16.45 17.58
CA GLU B 474 -34.39 17.38 18.39
C GLU B 474 -33.09 17.74 17.68
N GLU B 475 -32.46 16.73 17.07
CA GLU B 475 -31.22 16.93 16.34
C GLU B 475 -31.45 17.81 15.12
N GLN B 476 -32.63 17.72 14.55
CA GLN B 476 -32.99 18.52 13.37
C GLN B 476 -33.08 20.00 13.73
N LEU B 477 -33.81 20.31 14.79
CA LEU B 477 -33.97 21.68 15.24
C LEU B 477 -32.67 22.21 15.83
N ASN B 478 -31.85 21.30 16.35
CA ASN B 478 -30.56 21.67 16.94
C ASN B 478 -29.63 22.30 15.91
N GLU B 479 -29.68 21.78 14.69
CA GLU B 479 -28.87 22.33 13.60
C GLU B 479 -29.34 23.73 13.25
N ILE B 480 -30.65 23.91 13.17
CA ILE B 480 -31.23 25.22 12.88
C ILE B 480 -31.06 26.16 14.06
N VAL B 481 -31.32 25.65 15.26
CA VAL B 481 -31.17 26.44 16.48
C VAL B 481 -29.74 26.93 16.63
N ARG B 482 -28.79 26.13 16.16
CA ARG B 482 -27.38 26.51 16.20
C ARG B 482 -27.06 27.54 15.12
N LEU B 483 -27.99 27.71 14.18
CA LEU B 483 -27.77 28.59 13.03
C LEU B 483 -28.59 29.87 13.09
N VAL B 484 -29.87 29.74 13.41
CA VAL B 484 -30.79 30.87 13.34
C VAL B 484 -31.23 31.39 14.71
N GLY B 485 -30.72 30.79 15.77
CA GLY B 485 -31.08 31.20 17.13
C GLY B 485 -32.24 30.41 17.68
N ILE B 486 -32.39 30.42 19.00
CA ILE B 486 -33.43 29.66 19.67
C ILE B 486 -34.83 30.22 19.44
N ASP B 487 -34.92 31.55 19.43
CA ASP B 487 -36.21 32.22 19.28
C ASP B 487 -36.76 32.10 17.86
N SER B 488 -35.87 31.78 16.92
CA SER B 488 -36.24 31.68 15.51
C SER B 488 -37.29 30.61 15.27
N LEU B 489 -37.14 29.46 15.92
CA LEU B 489 -38.09 28.37 15.77
C LEU B 489 -39.42 28.71 16.45
N SER B 490 -40.51 28.20 15.88
CA SER B 490 -41.84 28.48 16.40
C SER B 490 -42.05 27.90 17.79
N ASP B 491 -43.17 28.25 18.42
CA ASP B 491 -43.51 27.74 19.74
C ASP B 491 -43.70 26.23 19.71
N ASN B 492 -44.16 25.72 18.58
CA ASN B 492 -44.33 24.28 18.40
C ASN B 492 -43.00 23.59 18.16
N ASP B 493 -41.94 24.39 18.05
CA ASP B 493 -40.59 23.86 17.91
C ASP B 493 -39.85 23.92 19.23
N ARG B 494 -40.05 25.01 19.97
CA ARG B 494 -39.45 25.14 21.30
C ARG B 494 -40.08 24.15 22.27
N LEU B 495 -41.34 23.80 22.02
CA LEU B 495 -42.04 22.81 22.84
C LEU B 495 -41.39 21.44 22.68
N THR B 496 -41.15 21.05 21.43
CA THR B 496 -40.51 19.77 21.13
C THR B 496 -39.12 19.69 21.76
N LEU B 497 -38.44 20.83 21.82
CA LEU B 497 -37.12 20.89 22.46
C LEU B 497 -37.23 20.65 23.95
N GLU B 498 -38.23 21.26 24.57
CA GLU B 498 -38.48 21.08 26.00
C GLU B 498 -39.05 19.69 26.28
N VAL B 499 -39.72 19.12 25.28
CA VAL B 499 -40.25 17.76 25.41
C VAL B 499 -39.14 16.74 25.23
N ALA B 500 -38.24 17.01 24.29
CA ALA B 500 -37.08 16.15 24.07
C ALA B 500 -36.08 16.32 25.21
N LYS B 501 -35.98 17.55 25.71
CA LYS B 501 -35.14 17.85 26.86
C LYS B 501 -35.57 17.02 28.06
N SER B 502 -36.87 16.88 28.23
CA SER B 502 -37.40 16.07 29.32
C SER B 502 -36.97 14.62 29.19
N ILE B 503 -37.13 14.04 28.00
CA ILE B 503 -36.75 12.64 27.76
C ILE B 503 -35.27 12.42 28.06
N ARG B 504 -34.44 13.35 27.60
CA ARG B 504 -32.99 13.24 27.80
C ARG B 504 -32.62 13.33 29.29
N GLU B 505 -33.12 14.35 29.98
CA GLU B 505 -32.83 14.53 31.40
C GLU B 505 -33.74 13.69 32.31
N ASP B 506 -35.05 13.72 32.05
CA ASP B 506 -36.00 13.05 32.95
C ASP B 506 -36.12 11.54 32.71
N TYR B 507 -35.89 11.09 31.48
CA TYR B 507 -36.07 9.66 31.17
C TYR B 507 -34.74 8.94 30.89
N LEU B 508 -33.98 9.41 29.91
CA LEU B 508 -32.77 8.73 29.49
C LEU B 508 -31.69 8.70 30.58
N GLN B 509 -31.43 9.85 31.20
CA GLN B 509 -30.46 9.94 32.28
C GLN B 509 -30.91 9.13 33.48
N GLN B 510 -30.09 8.16 33.87
CA GLN B 510 -30.43 7.25 34.95
C GLN B 510 -29.21 6.96 35.82
N ASN B 511 -29.28 7.35 37.09
CA ASN B 511 -28.18 7.14 38.03
C ASN B 511 -28.22 5.74 38.61
N ALA B 512 -27.09 5.05 38.55
CA ALA B 512 -26.98 3.68 39.03
C ALA B 512 -26.64 3.65 40.52
N PHE B 513 -26.32 4.81 41.08
CA PHE B 513 -25.95 4.89 42.49
C PHE B 513 -27.16 5.20 43.37
N ASP B 514 -28.19 5.76 42.78
CA ASP B 514 -29.42 6.08 43.51
C ASP B 514 -30.20 4.79 43.82
N ASP B 515 -30.67 4.69 45.06
CA ASP B 515 -31.35 3.48 45.52
C ASP B 515 -32.58 3.13 44.69
N VAL B 516 -33.24 4.15 44.14
CA VAL B 516 -34.46 3.95 43.38
C VAL B 516 -34.23 4.12 41.88
N ASP B 517 -33.40 5.08 41.52
CA ASP B 517 -33.16 5.40 40.12
C ASP B 517 -32.25 4.36 39.45
N THR B 518 -31.57 3.55 40.25
CA THR B 518 -30.66 2.55 39.73
C THR B 518 -31.39 1.48 38.92
N PHE B 519 -32.68 1.31 39.19
CA PHE B 519 -33.48 0.32 38.49
C PHE B 519 -34.91 0.80 38.28
N THR B 520 -35.40 0.69 37.05
CA THR B 520 -36.77 1.06 36.74
C THR B 520 -37.53 -0.15 36.19
N SER B 521 -38.67 -0.45 36.79
CA SER B 521 -39.44 -1.63 36.40
C SER B 521 -40.10 -1.45 35.04
N ARG B 522 -40.56 -2.55 34.47
CA ARG B 522 -41.25 -2.54 33.19
C ARG B 522 -42.54 -1.71 33.25
N GLU B 523 -43.17 -1.71 34.42
CA GLU B 523 -44.41 -0.96 34.61
C GLU B 523 -44.12 0.51 34.88
N LYS B 524 -43.06 0.78 35.64
CA LYS B 524 -42.70 2.14 36.00
C LYS B 524 -42.27 2.95 34.78
N GLN B 525 -41.65 2.28 33.80
CA GLN B 525 -41.18 2.95 32.60
C GLN B 525 -42.35 3.41 31.73
N PHE B 526 -43.46 2.69 31.79
CA PHE B 526 -44.64 3.03 31.00
C PHE B 526 -45.27 4.33 31.51
N ASN B 527 -45.64 4.35 32.78
CA ASN B 527 -46.26 5.53 33.38
C ASN B 527 -45.31 6.72 33.40
N MET B 528 -44.01 6.43 33.35
CA MET B 528 -42.99 7.47 33.40
C MET B 528 -42.84 8.16 32.05
N LEU B 529 -42.99 7.40 30.97
CA LEU B 529 -42.92 7.94 29.63
C LEU B 529 -44.27 8.51 29.21
N LYS B 530 -45.31 8.08 29.90
CA LYS B 530 -46.68 8.54 29.61
C LYS B 530 -46.86 10.00 30.02
N VAL B 531 -46.33 10.35 31.18
CA VAL B 531 -46.44 11.72 31.69
C VAL B 531 -45.61 12.68 30.84
N ILE B 532 -44.57 12.17 30.21
CA ILE B 532 -43.73 12.98 29.33
C ILE B 532 -44.46 13.33 28.05
N LEU B 533 -44.99 12.31 27.37
CA LEU B 533 -45.73 12.51 26.14
C LEU B 533 -47.07 13.19 26.39
N THR B 534 -47.58 13.03 27.61
CA THR B 534 -48.84 13.66 28.00
C THR B 534 -48.66 15.18 28.06
N PHE B 535 -47.56 15.62 28.64
CA PHE B 535 -47.22 17.04 28.68
C PHE B 535 -46.90 17.53 27.27
N GLY B 536 -46.46 16.59 26.42
CA GLY B 536 -46.13 16.91 25.05
C GLY B 536 -47.36 17.01 24.16
N LYS B 537 -48.34 16.14 24.40
CA LYS B 537 -49.57 16.15 23.61
C LYS B 537 -50.55 17.19 24.11
N GLU B 538 -50.47 17.52 25.40
CA GLU B 538 -51.36 18.52 25.99
C GLU B 538 -50.88 19.93 25.69
N ALA B 539 -49.59 20.18 25.89
CA ALA B 539 -49.02 21.50 25.63
C ALA B 539 -49.03 21.80 24.14
N ARG B 540 -48.99 20.75 23.32
CA ARG B 540 -49.01 20.91 21.87
C ARG B 540 -50.41 21.24 21.38
N LYS B 541 -51.41 20.60 21.98
CA LYS B 541 -52.81 20.87 21.65
C LYS B 541 -53.21 22.22 22.21
N ALA B 542 -52.52 22.67 23.25
CA ALA B 542 -52.76 23.97 23.84
C ALA B 542 -52.28 25.07 22.89
N LEU B 543 -51.07 24.90 22.36
CA LEU B 543 -50.52 25.84 21.40
C LEU B 543 -51.41 25.92 20.16
N SER B 544 -52.09 24.83 19.86
CA SER B 544 -53.02 24.79 18.75
C SER B 544 -54.26 25.64 19.07
N LEU B 545 -54.45 25.93 20.35
CA LEU B 545 -55.57 26.75 20.80
C LEU B 545 -55.13 28.19 21.01
N GLY B 546 -53.98 28.55 20.44
CA GLY B 546 -53.48 29.92 20.54
C GLY B 546 -52.63 30.16 21.77
N ALA B 547 -52.33 29.11 22.51
CA ALA B 547 -51.48 29.22 23.69
C ALA B 547 -50.06 29.61 23.30
N TYR B 548 -49.31 30.14 24.25
CA TYR B 548 -47.94 30.59 23.98
C TYR B 548 -46.92 29.82 24.81
N PHE B 549 -45.92 29.25 24.13
CA PHE B 549 -44.87 28.47 24.78
C PHE B 549 -44.28 29.16 26.00
N ASN B 550 -44.05 30.46 25.89
CA ASN B 550 -43.58 31.25 27.01
C ASN B 550 -44.57 31.19 28.17
N GLU B 551 -45.85 31.33 27.83
CA GLU B 551 -46.93 31.24 28.81
C GLU B 551 -47.04 29.83 29.39
N ILE B 552 -46.90 28.83 28.53
CA ILE B 552 -47.12 27.44 28.91
C ILE B 552 -46.14 26.94 29.97
N MET B 553 -44.86 27.16 29.73
CA MET B 553 -43.82 26.63 30.62
C MET B 553 -43.83 27.29 32.00
N GLU B 554 -44.00 28.61 32.03
CA GLU B 554 -43.93 29.35 33.27
C GLU B 554 -45.14 29.10 34.16
N GLY B 555 -46.16 28.45 33.60
CA GLY B 555 -47.33 28.09 34.36
C GLY B 555 -47.31 26.61 34.72
N THR B 556 -46.33 25.90 34.16
CA THR B 556 -46.21 24.46 34.39
C THR B 556 -44.89 24.11 35.08
N VAL B 557 -44.33 25.07 35.80
CA VAL B 557 -43.07 24.87 36.51
C VAL B 557 -43.24 23.82 37.61
N ALA B 558 -44.42 23.78 38.21
CA ALA B 558 -44.70 22.85 39.29
C ALA B 558 -44.89 21.43 38.76
N VAL B 559 -45.59 21.29 37.65
CA VAL B 559 -45.86 19.99 37.07
C VAL B 559 -44.60 19.39 36.43
N ARG B 560 -43.70 20.25 35.99
CA ARG B 560 -42.44 19.80 35.40
C ARG B 560 -41.52 19.21 36.46
N GLU B 561 -41.48 19.84 37.62
CA GLU B 561 -40.62 19.40 38.71
C GLU B 561 -41.00 18.02 39.21
N ARG B 562 -42.29 17.71 39.17
CA ARG B 562 -42.78 16.43 39.67
C ARG B 562 -42.56 15.33 38.64
N ILE B 563 -42.37 15.72 37.38
CA ILE B 563 -42.07 14.77 36.31
C ILE B 563 -40.58 14.45 36.28
N SER B 564 -39.76 15.43 36.67
CA SER B 564 -38.32 15.26 36.72
C SER B 564 -37.92 14.32 37.85
N ARG B 565 -38.54 14.51 39.01
CA ARG B 565 -38.28 13.67 40.18
C ARG B 565 -39.00 12.33 40.09
N SER B 566 -39.73 12.12 38.99
CA SER B 566 -40.51 10.91 38.79
C SER B 566 -39.66 9.64 38.80
N LYS B 567 -38.38 9.79 38.50
CA LYS B 567 -37.47 8.65 38.43
C LYS B 567 -37.03 8.19 39.82
N TYR B 568 -37.51 8.86 40.85
CA TYR B 568 -37.14 8.53 42.22
C TYR B 568 -38.32 7.95 43.00
N ILE B 569 -39.47 7.84 42.35
CA ILE B 569 -40.66 7.30 42.98
C ILE B 569 -40.56 5.79 43.18
N PRO B 570 -40.60 5.33 44.44
CA PRO B 570 -40.48 3.93 44.85
C PRO B 570 -41.41 2.98 44.09
N GLU B 571 -41.02 1.71 44.04
CA GLU B 571 -41.72 0.71 43.23
C GLU B 571 -43.01 0.19 43.85
N GLU B 572 -43.53 0.89 44.86
CA GLU B 572 -44.79 0.50 45.48
C GLU B 572 -45.77 1.66 45.39
N GLU B 573 -45.23 2.87 45.47
CA GLU B 573 -46.02 4.08 45.33
C GLU B 573 -46.22 4.34 43.84
N LEU B 574 -46.80 3.36 43.16
CA LEU B 574 -46.94 3.36 41.71
C LEU B 574 -47.80 4.48 41.16
N ALA B 575 -48.99 4.63 41.73
CA ALA B 575 -50.00 5.54 41.18
C ALA B 575 -49.67 7.01 41.38
N LYS B 576 -48.71 7.29 42.25
CA LYS B 576 -48.29 8.66 42.50
C LYS B 576 -47.77 9.29 41.21
N ILE B 577 -47.02 8.52 40.45
CA ILE B 577 -46.49 8.98 39.18
C ILE B 577 -47.58 9.07 38.12
N SER B 578 -48.44 8.06 38.09
CA SER B 578 -49.55 8.02 37.14
C SER B 578 -50.47 9.21 37.35
N SER B 579 -50.63 9.61 38.59
CA SER B 579 -51.48 10.75 38.96
C SER B 579 -50.95 12.05 38.37
N ILE B 580 -49.71 12.02 37.88
CA ILE B 580 -49.12 13.18 37.24
C ILE B 580 -49.85 13.54 35.95
N ASN B 581 -50.43 12.52 35.32
CA ASN B 581 -51.23 12.73 34.11
C ASN B 581 -52.43 13.62 34.38
N GLU B 582 -52.91 13.60 35.62
CA GLU B 582 -54.06 14.40 36.02
C GLU B 582 -53.66 15.86 36.24
N GLU B 583 -52.54 16.06 36.91
CA GLU B 583 -52.05 17.41 37.21
C GLU B 583 -51.57 18.12 35.94
N ILE B 584 -51.28 17.33 34.90
CA ILE B 584 -50.86 17.89 33.63
C ILE B 584 -52.05 18.42 32.84
N LYS B 585 -53.13 17.64 32.79
CA LYS B 585 -54.34 18.05 32.10
C LYS B 585 -55.03 19.20 32.82
N GLU B 586 -54.80 19.30 34.12
CA GLU B 586 -55.46 20.33 34.92
C GLU B 586 -54.83 21.71 34.68
N THR B 587 -53.50 21.79 34.80
CA THR B 587 -52.78 23.04 34.57
C THR B 587 -53.03 23.54 33.15
N ILE B 588 -53.01 22.62 32.19
CA ILE B 588 -53.16 22.97 30.77
C ILE B 588 -54.56 23.51 30.45
N GLN B 589 -55.60 22.78 30.86
CA GLN B 589 -56.96 23.23 30.67
C GLN B 589 -57.25 24.44 31.56
N LEU B 590 -56.47 24.57 32.63
CA LEU B 590 -56.62 25.70 33.55
C LEU B 590 -56.23 27.03 32.89
N ILE B 591 -55.59 26.95 31.73
CA ILE B 591 -55.18 28.15 31.02
C ILE B 591 -56.35 28.66 30.16
N VAL B 592 -57.14 29.55 30.74
CA VAL B 592 -58.28 30.14 30.06
C VAL B 592 -58.09 31.64 29.92
N SER B 593 -57.34 32.23 30.85
CA SER B 593 -57.09 33.66 30.87
C SER B 593 -56.02 34.05 29.85
N TYR C 12 25.71 -30.08 -28.66
CA TYR C 12 24.99 -30.75 -27.58
C TYR C 12 23.54 -31.03 -27.94
N ARG C 13 23.10 -32.25 -27.69
CA ARG C 13 21.71 -32.64 -27.89
C ARG C 13 21.12 -33.07 -26.55
N THR C 14 21.58 -32.44 -25.48
CA THR C 14 21.23 -32.85 -24.13
C THR C 14 20.28 -31.89 -23.41
N ILE C 15 19.40 -31.24 -24.18
CA ILE C 15 18.36 -30.42 -23.57
C ILE C 15 17.43 -31.32 -22.75
N LYS C 16 17.24 -30.98 -21.48
CA LYS C 16 16.49 -31.85 -20.58
C LYS C 16 15.28 -31.14 -19.96
N GLU C 17 15.24 -29.82 -20.10
CA GLU C 17 14.11 -29.04 -19.62
C GLU C 17 13.87 -27.79 -20.46
N VAL C 18 12.61 -27.42 -20.59
CA VAL C 18 12.23 -26.15 -21.20
C VAL C 18 11.01 -25.58 -20.48
N VAL C 19 11.25 -24.60 -19.63
CA VAL C 19 10.20 -23.98 -18.82
C VAL C 19 10.15 -22.48 -19.14
N GLY C 20 9.04 -22.04 -19.72
CA GLY C 20 8.93 -20.67 -20.19
C GLY C 20 9.99 -20.42 -21.25
N PRO C 21 10.57 -19.21 -21.25
CA PRO C 21 11.63 -18.89 -22.21
C PRO C 21 12.98 -19.47 -21.81
N LEU C 22 12.99 -20.29 -20.75
CA LEU C 22 14.22 -20.85 -20.23
C LEU C 22 14.40 -22.32 -20.62
N MET C 23 15.67 -22.73 -20.77
CA MET C 23 16.00 -24.10 -21.12
C MET C 23 17.16 -24.62 -20.29
N ALA C 24 17.18 -25.93 -20.07
CA ALA C 24 18.25 -26.57 -19.31
C ALA C 24 19.03 -27.55 -20.18
N VAL C 25 20.36 -27.44 -20.15
CA VAL C 25 21.22 -28.31 -20.94
C VAL C 25 22.21 -29.05 -20.04
N GLU C 26 22.32 -30.36 -20.22
CA GLU C 26 23.18 -31.17 -19.36
C GLU C 26 24.45 -31.65 -20.04
N LYS C 27 25.29 -32.33 -19.25
CA LYS C 27 26.53 -32.93 -19.74
C LYS C 27 27.46 -31.91 -20.41
N VAL C 28 27.32 -30.64 -20.04
CA VAL C 28 28.13 -29.59 -20.62
C VAL C 28 29.37 -29.32 -19.77
N SER C 29 30.42 -28.80 -20.40
CA SER C 29 31.65 -28.45 -19.69
C SER C 29 32.37 -27.32 -20.42
N GLY C 30 32.78 -26.31 -19.67
CA GLY C 30 33.47 -25.18 -20.25
C GLY C 30 32.53 -24.04 -20.60
N VAL C 31 31.24 -24.23 -20.34
CA VAL C 31 30.25 -23.20 -20.60
C VAL C 31 30.40 -22.06 -19.60
N LYS C 32 30.29 -20.83 -20.08
CA LYS C 32 30.48 -19.66 -19.24
C LYS C 32 29.19 -18.84 -19.10
N TYR C 33 29.15 -18.01 -18.06
CA TYR C 33 27.99 -17.14 -17.81
C TYR C 33 27.86 -16.08 -18.89
N GLU C 34 26.61 -15.85 -19.31
CA GLU C 34 26.31 -14.88 -20.36
C GLU C 34 26.90 -15.26 -21.72
N GLU C 35 27.22 -16.54 -21.89
CA GLU C 35 27.71 -17.03 -23.16
C GLU C 35 26.56 -17.23 -24.15
N LEU C 36 26.75 -16.78 -25.38
CA LEU C 36 25.73 -16.94 -26.41
C LEU C 36 25.64 -18.39 -26.88
N ILE C 37 24.43 -18.82 -27.23
CA ILE C 37 24.22 -20.17 -27.71
C ILE C 37 23.24 -20.19 -28.88
N GLU C 38 23.29 -21.25 -29.67
CA GLU C 38 22.33 -21.43 -30.76
C GLU C 38 21.53 -22.71 -30.56
N VAL C 39 20.23 -22.62 -30.79
CA VAL C 39 19.36 -23.79 -30.67
C VAL C 39 18.97 -24.34 -32.04
N ARG C 40 19.49 -25.51 -32.36
CA ARG C 40 19.11 -26.21 -33.58
C ARG C 40 17.85 -27.03 -33.34
N MET C 41 16.74 -26.58 -33.91
CA MET C 41 15.46 -27.26 -33.71
C MET C 41 15.28 -28.42 -34.68
N GLN C 42 14.31 -29.28 -34.38
CA GLN C 42 14.06 -30.49 -35.17
C GLN C 42 13.68 -30.14 -36.61
N ASN C 43 13.06 -28.98 -36.79
CA ASN C 43 12.62 -28.55 -38.12
C ASN C 43 13.74 -27.87 -38.91
N GLY C 44 14.85 -27.60 -38.24
CA GLY C 44 16.00 -27.00 -38.87
C GLY C 44 16.14 -25.52 -38.57
N GLU C 45 15.18 -24.97 -37.85
CA GLU C 45 15.18 -23.55 -37.50
C GLU C 45 16.25 -23.25 -36.44
N ILE C 46 16.85 -22.08 -36.53
CA ILE C 46 17.89 -21.67 -35.57
C ILE C 46 17.44 -20.50 -34.72
N ARG C 47 17.70 -20.59 -33.41
CA ARG C 47 17.36 -19.51 -32.49
C ARG C 47 18.53 -19.24 -31.54
N ARG C 48 18.84 -17.96 -31.37
CA ARG C 48 19.93 -17.55 -30.49
C ARG C 48 19.45 -17.50 -29.04
N GLY C 49 20.38 -17.72 -28.11
CA GLY C 49 20.06 -17.69 -26.70
C GLY C 49 21.22 -17.19 -25.86
N GLN C 50 20.94 -16.94 -24.58
CA GLN C 50 21.97 -16.44 -23.67
C GLN C 50 22.01 -17.28 -22.40
N VAL C 51 23.22 -17.54 -21.91
CA VAL C 51 23.38 -18.34 -20.69
C VAL C 51 23.10 -17.48 -19.46
N LEU C 52 22.12 -17.91 -18.67
CA LEU C 52 21.71 -17.17 -17.48
C LEU C 52 22.43 -17.65 -16.23
N GLU C 53 22.66 -18.96 -16.19
CA GLU C 53 23.25 -19.60 -15.03
C GLU C 53 23.92 -20.89 -15.43
N VAL C 54 25.09 -21.15 -14.86
CA VAL C 54 25.79 -22.40 -15.14
C VAL C 54 26.03 -23.16 -13.85
N GLN C 55 25.62 -24.42 -13.85
CA GLN C 55 25.86 -25.28 -12.70
C GLN C 55 26.93 -26.30 -13.06
N GLU C 56 27.13 -27.27 -12.18
CA GLU C 56 28.19 -28.26 -12.34
C GLU C 56 28.14 -28.96 -13.69
N ASP C 57 26.97 -29.47 -14.06
CA ASP C 57 26.82 -30.24 -15.28
C ASP C 57 25.83 -29.59 -16.25
N LYS C 58 25.04 -28.66 -15.76
CA LYS C 58 23.98 -28.06 -16.56
C LYS C 58 24.08 -26.55 -16.68
N ALA C 59 23.36 -26.00 -17.66
CA ALA C 59 23.32 -24.56 -17.87
C ALA C 59 21.89 -24.11 -18.15
N MET C 60 21.55 -22.92 -17.65
CA MET C 60 20.26 -22.31 -17.94
C MET C 60 20.41 -21.25 -19.02
N VAL C 61 19.60 -21.35 -20.06
CA VAL C 61 19.66 -20.38 -21.14
C VAL C 61 18.27 -19.85 -21.47
N GLN C 62 18.20 -18.62 -21.94
CA GLN C 62 16.95 -18.02 -22.36
C GLN C 62 16.98 -17.75 -23.86
N ILE C 63 16.02 -18.33 -24.57
CA ILE C 63 15.94 -18.16 -26.02
C ILE C 63 15.32 -16.81 -26.36
N PHE C 64 15.96 -16.09 -27.26
CA PHE C 64 15.53 -14.75 -27.63
C PHE C 64 14.15 -14.75 -28.30
N GLU C 65 13.99 -15.57 -29.33
CA GLU C 65 12.75 -15.60 -30.10
C GLU C 65 11.68 -16.47 -29.45
N GLY C 66 11.86 -16.79 -28.17
CA GLY C 66 10.90 -17.60 -27.45
C GLY C 66 11.27 -19.08 -27.43
N THR C 67 10.32 -19.90 -27.00
CA THR C 67 10.59 -21.34 -26.84
C THR C 67 9.52 -22.20 -27.49
N SER C 68 8.56 -21.56 -28.14
CA SER C 68 7.43 -22.28 -28.73
C SER C 68 7.83 -23.16 -29.92
N GLY C 69 7.23 -24.35 -29.99
CA GLY C 69 7.43 -25.24 -31.11
C GLY C 69 8.73 -26.03 -31.08
N ILE C 70 9.33 -26.13 -29.90
CA ILE C 70 10.61 -26.81 -29.76
C ILE C 70 10.44 -28.25 -29.27
N CYS C 71 11.13 -29.17 -29.93
CA CYS C 71 11.17 -30.57 -29.51
C CYS C 71 12.48 -30.85 -28.78
N LEU C 72 12.38 -31.11 -27.48
CA LEU C 72 13.55 -31.29 -26.64
C LEU C 72 14.49 -32.38 -27.16
N LYS C 73 13.93 -33.55 -27.43
CA LYS C 73 14.73 -34.70 -27.85
C LYS C 73 15.34 -34.50 -29.23
N ASN C 74 14.60 -33.84 -30.12
CA ASN C 74 15.04 -33.67 -31.50
C ASN C 74 15.76 -32.35 -31.76
N SER C 75 15.86 -31.52 -30.73
CA SER C 75 16.60 -30.26 -30.85
C SER C 75 17.96 -30.36 -30.17
N SER C 76 18.85 -29.46 -30.53
CA SER C 76 20.20 -29.46 -29.97
C SER C 76 20.66 -28.05 -29.61
N VAL C 77 21.65 -27.97 -28.71
CA VAL C 77 22.22 -26.70 -28.31
C VAL C 77 23.72 -26.68 -28.56
N ARG C 78 24.20 -25.54 -29.07
CA ARG C 78 25.62 -25.36 -29.33
C ARG C 78 26.10 -24.05 -28.72
N PHE C 79 27.22 -24.11 -28.02
CA PHE C 79 27.74 -22.94 -27.31
C PHE C 79 28.79 -22.21 -28.14
N LEU C 80 28.48 -20.97 -28.51
CA LEU C 80 29.30 -20.19 -29.42
C LEU C 80 30.68 -19.86 -28.85
N GLY C 81 30.78 -19.77 -27.53
CA GLY C 81 32.05 -19.49 -26.89
C GLY C 81 32.32 -18.00 -26.74
N HIS C 82 31.26 -17.21 -26.73
CA HIS C 82 31.38 -15.77 -26.56
C HIS C 82 30.02 -15.16 -26.24
N PRO C 83 30.01 -13.95 -25.66
CA PRO C 83 28.78 -13.26 -25.30
C PRO C 83 28.24 -12.41 -26.45
N LEU C 84 27.30 -11.53 -26.14
CA LEU C 84 26.82 -10.56 -27.11
C LEU C 84 27.95 -9.61 -27.49
N GLN C 85 28.26 -9.56 -28.78
CA GLN C 85 29.31 -8.69 -29.29
C GLN C 85 28.78 -7.83 -30.42
N LEU C 86 29.39 -6.67 -30.62
CA LEU C 86 29.00 -5.78 -31.72
C LEU C 86 30.12 -5.66 -32.74
N GLY C 87 29.81 -5.96 -34.00
CA GLY C 87 30.76 -5.78 -35.08
C GLY C 87 30.90 -4.31 -35.40
N VAL C 88 32.00 -3.72 -34.96
CA VAL C 88 32.20 -2.28 -35.10
C VAL C 88 33.02 -1.93 -36.34
N SER C 89 32.62 -0.84 -37.00
CA SER C 89 33.31 -0.34 -38.17
C SER C 89 32.82 1.06 -38.48
N GLU C 90 33.66 1.88 -39.11
CA GLU C 90 33.27 3.23 -39.47
C GLU C 90 32.18 3.20 -40.53
N ASP C 91 31.99 2.04 -41.14
CA ASP C 91 30.96 1.85 -42.16
C ASP C 91 29.57 1.80 -41.56
N MET C 92 29.50 1.82 -40.23
CA MET C 92 28.23 1.81 -39.52
C MET C 92 27.51 3.15 -39.68
N ILE C 93 28.25 4.15 -40.15
CA ILE C 93 27.68 5.48 -40.38
C ILE C 93 26.71 5.46 -41.57
N GLY C 94 25.45 5.78 -41.30
CA GLY C 94 24.44 5.79 -42.34
C GLY C 94 23.71 4.47 -42.45
N ARG C 95 24.00 3.56 -41.52
CA ARG C 95 23.39 2.24 -41.54
C ARG C 95 22.38 2.08 -40.41
N VAL C 96 21.36 1.26 -40.64
CA VAL C 96 20.31 1.04 -39.65
C VAL C 96 20.30 -0.41 -39.19
N PHE C 97 20.18 -0.62 -37.88
CA PHE C 97 20.24 -1.96 -37.32
C PHE C 97 19.06 -2.27 -36.39
N ASP C 98 18.99 -3.53 -35.98
CA ASP C 98 18.00 -3.97 -34.99
C ASP C 98 18.58 -3.78 -33.58
N GLY C 99 17.92 -4.38 -32.59
CA GLY C 99 18.39 -4.30 -31.23
C GLY C 99 19.68 -5.07 -31.01
N LEU C 100 19.95 -6.02 -31.90
CA LEU C 100 21.15 -6.84 -31.81
C LEU C 100 22.23 -6.35 -32.77
N GLY C 101 21.97 -5.24 -33.44
CA GLY C 101 22.96 -4.64 -34.33
C GLY C 101 23.09 -5.35 -35.67
N ARG C 102 21.97 -5.81 -36.21
CA ARG C 102 21.96 -6.46 -37.51
C ARG C 102 21.27 -5.55 -38.53
N PRO C 103 21.78 -5.54 -39.78
CA PRO C 103 21.30 -4.63 -40.83
C PRO C 103 19.81 -4.73 -41.09
N LYS C 104 19.13 -3.59 -41.07
CA LYS C 104 17.71 -3.52 -41.39
C LYS C 104 17.46 -2.56 -42.55
N ASP C 105 18.46 -2.44 -43.41
CA ASP C 105 18.38 -1.53 -44.55
C ASP C 105 18.70 -2.23 -45.86
N ASN C 106 18.88 -3.55 -45.78
CA ASN C 106 19.19 -4.37 -46.94
C ASN C 106 20.49 -3.97 -47.62
N GLY C 107 21.34 -3.25 -46.88
CA GLY C 107 22.63 -2.83 -47.40
C GLY C 107 23.68 -3.92 -47.23
N PRO C 108 24.88 -3.69 -47.78
CA PRO C 108 25.99 -4.64 -47.69
C PRO C 108 26.37 -4.97 -46.25
N GLU C 109 26.57 -6.25 -45.95
CA GLU C 109 26.98 -6.66 -44.62
C GLU C 109 28.35 -6.09 -44.28
N ILE C 110 28.37 -5.21 -43.28
CA ILE C 110 29.60 -4.53 -42.88
C ILE C 110 30.65 -5.51 -42.39
N LEU C 111 31.88 -5.35 -42.88
CA LEU C 111 33.00 -6.15 -42.41
C LEU C 111 33.61 -5.52 -41.17
N PRO C 112 33.31 -6.10 -39.98
CA PRO C 112 33.77 -5.54 -38.71
C PRO C 112 35.29 -5.51 -38.59
N GLU C 113 35.84 -4.43 -38.06
CA GLU C 113 37.25 -4.33 -37.79
C GLU C 113 37.62 -5.28 -36.64
N LYS C 114 36.72 -5.37 -35.68
CA LYS C 114 36.86 -6.26 -34.54
C LYS C 114 35.53 -6.41 -33.82
N TYR C 115 35.40 -7.43 -32.99
CA TYR C 115 34.17 -7.65 -32.23
C TYR C 115 34.34 -7.21 -30.78
N LEU C 116 33.41 -6.40 -30.30
CA LEU C 116 33.48 -5.88 -28.94
C LEU C 116 32.29 -6.31 -28.08
N ASP C 117 32.56 -6.57 -26.81
CA ASP C 117 31.50 -6.86 -25.85
C ASP C 117 30.69 -5.59 -25.60
N ILE C 118 29.37 -5.73 -25.57
CA ILE C 118 28.49 -4.57 -25.49
C ILE C 118 28.36 -4.03 -24.07
N ASN C 119 29.04 -4.65 -23.12
CA ASN C 119 28.99 -4.21 -21.73
C ASN C 119 29.90 -3.02 -21.47
N GLY C 120 31.06 -3.00 -22.13
CA GLY C 120 32.02 -1.93 -21.97
C GLY C 120 32.73 -1.99 -20.63
N GLU C 121 33.54 -0.98 -20.34
CA GLU C 121 34.27 -0.93 -19.09
C GLU C 121 34.13 0.44 -18.42
N VAL C 122 34.26 0.46 -17.11
CA VAL C 122 34.18 1.71 -16.35
C VAL C 122 35.39 2.58 -16.63
N ILE C 123 35.16 3.87 -16.83
CA ILE C 123 36.24 4.83 -17.03
C ILE C 123 36.91 5.16 -15.71
N ASN C 124 38.24 5.09 -15.67
CA ASN C 124 38.99 5.49 -14.49
C ASN C 124 38.72 6.97 -14.18
N PRO C 125 38.22 7.24 -12.97
CA PRO C 125 37.84 8.59 -12.54
C PRO C 125 38.94 9.63 -12.74
N ILE C 126 40.20 9.22 -12.62
CA ILE C 126 41.32 10.14 -12.82
C ILE C 126 41.72 10.20 -14.29
N ALA C 127 41.05 9.39 -15.11
CA ALA C 127 41.30 9.40 -16.55
C ALA C 127 40.24 10.24 -17.25
N ARG C 128 39.12 10.44 -16.57
CA ARG C 128 38.01 11.21 -17.12
C ARG C 128 38.40 12.68 -17.24
N ASP C 129 37.78 13.37 -18.20
CA ASP C 129 38.04 14.79 -18.42
C ASP C 129 36.75 15.57 -18.23
N TYR C 130 36.86 16.81 -17.76
CA TYR C 130 35.68 17.63 -17.51
C TYR C 130 35.06 18.12 -18.81
N PRO C 131 33.71 18.12 -18.88
CA PRO C 131 32.98 18.66 -20.02
C PRO C 131 33.23 20.16 -20.16
N ASP C 132 33.73 20.59 -21.32
CA ASP C 132 34.13 21.98 -21.50
C ASP C 132 33.50 22.60 -22.75
N GLU C 133 33.04 21.77 -23.66
CA GLU C 133 32.54 22.24 -24.95
C GLU C 133 31.02 22.35 -24.98
N PHE C 134 30.53 23.43 -25.59
CA PHE C 134 29.11 23.68 -25.73
C PHE C 134 28.54 22.99 -26.97
N ILE C 135 27.38 22.35 -26.81
CA ILE C 135 26.71 21.69 -27.92
C ILE C 135 25.44 22.44 -28.31
N GLN C 136 25.44 23.00 -29.52
CA GLN C 136 24.28 23.72 -30.03
C GLN C 136 23.23 22.77 -30.56
N THR C 137 22.14 22.60 -29.79
CA THR C 137 21.05 21.73 -30.20
C THR C 137 20.09 22.45 -31.13
N GLY C 138 20.21 23.77 -31.19
CA GLY C 138 19.34 24.58 -32.02
C GLY C 138 18.05 24.94 -31.32
N ILE C 139 17.91 24.47 -30.08
CA ILE C 139 16.73 24.75 -29.28
C ILE C 139 17.05 25.76 -28.18
N SER C 140 16.45 26.94 -28.29
CA SER C 140 16.73 28.04 -27.36
C SER C 140 16.48 27.65 -25.91
N ALA C 141 15.40 26.92 -25.67
CA ALA C 141 15.04 26.50 -24.32
C ALA C 141 16.18 25.71 -23.67
N ILE C 142 16.81 24.84 -24.45
CA ILE C 142 17.93 24.05 -23.95
C ILE C 142 19.23 24.85 -24.03
N ASP C 143 19.64 25.23 -25.24
CA ASP C 143 20.93 25.86 -25.47
C ASP C 143 21.26 27.04 -24.55
N HIS C 144 20.25 27.86 -24.24
CA HIS C 144 20.46 29.01 -23.36
C HIS C 144 20.10 28.71 -21.91
N LEU C 145 18.88 28.26 -21.66
CA LEU C 145 18.40 28.08 -20.29
C LEU C 145 19.04 26.86 -19.61
N ASN C 146 19.16 25.74 -20.33
CA ASN C 146 19.72 24.53 -19.74
C ASN C 146 20.73 23.87 -20.69
N THR C 147 21.92 24.46 -20.77
CA THR C 147 22.89 24.15 -21.81
C THR C 147 23.39 22.71 -21.77
N LEU C 148 23.50 22.09 -22.95
CA LEU C 148 24.05 20.74 -23.08
C LEU C 148 25.54 20.80 -23.39
N VAL C 149 26.34 20.13 -22.56
CA VAL C 149 27.79 20.16 -22.71
C VAL C 149 28.35 18.84 -23.22
N ARG C 150 29.40 18.91 -24.03
CA ARG C 150 30.05 17.73 -24.59
C ARG C 150 30.60 16.82 -23.49
N GLY C 151 30.07 15.59 -23.43
CA GLY C 151 30.49 14.63 -22.43
C GLY C 151 29.47 14.49 -21.31
N GLN C 152 28.41 15.27 -21.39
CA GLN C 152 27.37 15.27 -20.37
C GLN C 152 26.24 14.30 -20.70
N LYS C 153 25.52 13.87 -19.67
CA LYS C 153 24.31 13.09 -19.86
C LYS C 153 23.11 13.91 -19.39
N LEU C 154 22.34 14.41 -20.35
CA LEU C 154 21.19 15.26 -20.05
C LEU C 154 19.92 14.69 -20.66
N PRO C 155 19.11 14.02 -19.81
CA PRO C 155 17.90 13.30 -20.25
C PRO C 155 16.70 14.23 -20.47
N VAL C 156 15.70 13.71 -21.17
CA VAL C 156 14.43 14.43 -21.38
C VAL C 156 13.29 13.66 -20.74
N PHE C 157 12.55 14.31 -19.85
CA PHE C 157 11.41 13.69 -19.20
C PHE C 157 10.12 14.11 -19.88
N SER C 158 9.33 13.13 -20.30
CA SER C 158 8.10 13.40 -21.03
C SER C 158 6.96 12.46 -20.63
N GLY C 159 5.78 12.69 -21.20
CA GLY C 159 4.64 11.84 -20.98
C GLY C 159 4.21 11.19 -22.29
N SER C 160 3.43 10.12 -22.19
CA SER C 160 2.96 9.41 -23.38
C SER C 160 2.09 10.30 -24.26
N GLY C 161 2.25 10.16 -25.57
CA GLY C 161 1.49 10.94 -26.52
C GLY C 161 2.12 12.28 -26.80
N LEU C 162 3.14 12.63 -26.01
CA LEU C 162 3.82 13.90 -26.18
C LEU C 162 4.82 13.84 -27.33
N PRO C 163 5.26 15.03 -27.81
CA PRO C 163 6.07 15.14 -29.01
C PRO C 163 7.55 14.92 -28.78
N HIS C 164 7.91 14.24 -27.69
CA HIS C 164 9.32 13.98 -27.40
C HIS C 164 9.98 13.26 -28.56
N LYS C 165 9.21 12.40 -29.23
CA LYS C 165 9.69 11.74 -30.44
C LYS C 165 10.05 12.79 -31.47
N GLU C 166 9.23 13.83 -31.56
CA GLU C 166 9.50 14.94 -32.46
C GLU C 166 10.72 15.71 -31.98
N LEU C 167 10.83 15.89 -30.67
CA LEU C 167 11.94 16.62 -30.08
C LEU C 167 13.27 15.90 -30.32
N ALA C 168 13.25 14.57 -30.18
CA ALA C 168 14.45 13.77 -30.37
C ALA C 168 15.02 13.93 -31.77
N ALA C 169 14.15 13.85 -32.77
CA ALA C 169 14.56 13.97 -34.17
C ALA C 169 15.11 15.36 -34.45
N GLN C 170 14.49 16.37 -33.85
CA GLN C 170 14.92 17.75 -34.02
C GLN C 170 16.35 17.94 -33.54
N ILE C 171 16.62 17.46 -32.33
CA ILE C 171 17.96 17.53 -31.76
C ILE C 171 18.93 16.68 -32.59
N ALA C 172 18.42 15.58 -33.13
CA ALA C 172 19.24 14.67 -33.93
C ALA C 172 19.69 15.33 -35.24
N ARG C 173 18.93 16.32 -35.68
CA ARG C 173 19.25 17.01 -36.93
C ARG C 173 20.05 18.28 -36.71
N GLN C 174 19.64 19.06 -35.70
CA GLN C 174 20.20 20.38 -35.48
C GLN C 174 21.47 20.36 -34.63
N ALA C 175 21.72 19.24 -33.96
CA ALA C 175 22.88 19.11 -33.09
C ALA C 175 24.18 19.36 -33.84
N THR C 176 25.00 20.26 -33.33
CA THR C 176 26.27 20.61 -33.95
C THR C 176 27.26 21.17 -32.94
N VAL C 177 28.53 21.11 -33.30
CA VAL C 177 29.58 21.69 -32.47
C VAL C 177 30.14 22.93 -33.17
N LEU C 178 30.17 24.05 -32.45
CA LEU C 178 30.65 25.31 -33.00
C LEU C 178 32.12 25.20 -33.42
N ASP C 179 32.86 24.36 -32.71
CA ASP C 179 34.26 24.09 -33.06
C ASP C 179 34.33 23.58 -34.49
N SER C 180 33.39 22.72 -34.85
CA SER C 180 33.26 22.23 -36.22
C SER C 180 34.17 21.04 -36.52
N SER C 181 34.82 20.50 -35.50
CA SER C 181 35.73 19.38 -35.68
C SER C 181 35.82 18.52 -34.43
N ASP C 182 36.27 17.28 -34.59
CA ASP C 182 36.65 16.75 -35.90
C ASP C 182 35.42 16.49 -36.77
N ASP C 183 34.41 15.86 -36.17
CA ASP C 183 33.17 15.57 -36.88
C ASP C 183 32.10 15.09 -35.90
N PHE C 184 30.89 15.62 -36.06
CA PHE C 184 29.79 15.27 -35.17
C PHE C 184 29.05 14.04 -35.67
N ALA C 185 28.76 13.11 -34.76
CA ALA C 185 28.07 11.88 -35.12
C ALA C 185 26.91 11.62 -34.17
N VAL C 186 25.88 10.93 -34.67
CA VAL C 186 24.70 10.63 -33.87
C VAL C 186 24.39 9.14 -33.84
N VAL C 187 24.52 8.54 -32.66
CA VAL C 187 24.11 7.16 -32.48
C VAL C 187 22.70 7.12 -31.90
N PHE C 188 21.73 6.77 -32.74
CA PHE C 188 20.33 6.76 -32.33
C PHE C 188 19.88 5.36 -31.95
N ALA C 189 19.41 5.20 -30.72
CA ALA C 189 18.92 3.92 -30.24
C ALA C 189 17.42 3.97 -29.96
N ALA C 190 16.66 3.19 -30.72
CA ALA C 190 15.22 3.08 -30.50
C ALA C 190 14.93 1.86 -29.63
N ILE C 191 14.18 2.06 -28.56
CA ILE C 191 13.92 0.99 -27.60
C ILE C 191 12.42 0.75 -27.39
N GLY C 192 11.95 -0.40 -27.87
CA GLY C 192 10.58 -0.83 -27.66
C GLY C 192 9.51 0.12 -28.16
N ILE C 193 9.80 0.84 -29.24
CA ILE C 193 8.84 1.77 -29.80
C ILE C 193 8.04 1.11 -30.92
N THR C 194 6.86 1.66 -31.21
CA THR C 194 6.00 1.12 -32.25
C THR C 194 6.61 1.30 -33.63
N PHE C 195 6.01 0.64 -34.63
CA PHE C 195 6.48 0.72 -36.01
C PHE C 195 6.39 2.14 -36.54
N GLU C 196 5.29 2.82 -36.24
CA GLU C 196 5.06 4.17 -36.74
C GLU C 196 6.08 5.17 -36.19
N GLU C 197 6.44 4.99 -34.92
CA GLU C 197 7.49 5.82 -34.32
C GLU C 197 8.81 5.55 -35.01
N ALA C 198 9.16 4.27 -35.13
CA ALA C 198 10.40 3.86 -35.77
C ALA C 198 10.43 4.33 -37.22
N GLU C 199 9.30 4.21 -37.90
CA GLU C 199 9.20 4.63 -39.29
C GLU C 199 9.30 6.14 -39.42
N PHE C 200 8.77 6.85 -38.42
CA PHE C 200 8.87 8.30 -38.38
C PHE C 200 10.33 8.74 -38.33
N PHE C 201 11.13 8.02 -37.56
CA PHE C 201 12.55 8.31 -37.43
C PHE C 201 13.30 7.96 -38.71
N MET C 202 12.96 6.82 -39.31
CA MET C 202 13.64 6.37 -40.52
C MET C 202 13.50 7.37 -41.67
N GLU C 203 12.27 7.81 -41.92
CA GLU C 203 12.00 8.74 -43.00
C GLU C 203 12.58 10.12 -42.71
N ASP C 204 12.45 10.56 -41.46
CA ASP C 204 12.92 11.88 -41.05
C ASP C 204 14.44 11.99 -41.17
N PHE C 205 15.14 10.94 -40.76
CA PHE C 205 16.59 10.90 -40.85
C PHE C 205 17.05 10.88 -42.31
N ARG C 206 16.41 10.04 -43.12
CA ARG C 206 16.77 9.92 -44.53
C ARG C 206 16.35 11.15 -45.32
N GLN C 207 15.26 11.79 -44.89
CA GLN C 207 14.78 13.00 -45.55
C GLN C 207 15.75 14.16 -45.37
N THR C 208 16.00 14.52 -44.11
CA THR C 208 16.89 15.64 -43.80
C THR C 208 18.35 15.31 -44.09
N GLY C 209 18.62 14.04 -44.38
CA GLY C 209 19.97 13.60 -44.65
C GLY C 209 20.78 13.38 -43.39
N ALA C 210 20.11 13.45 -42.24
CA ALA C 210 20.76 13.26 -40.96
C ALA C 210 21.26 11.82 -40.80
N ILE C 211 20.76 10.93 -41.64
CA ILE C 211 21.14 9.52 -41.58
C ILE C 211 22.60 9.32 -41.99
N ASP C 212 23.07 10.15 -42.91
CA ASP C 212 24.45 10.07 -43.38
C ASP C 212 25.44 10.51 -42.31
N ARG C 213 24.92 10.89 -41.15
CA ARG C 213 25.75 11.32 -40.04
C ARG C 213 25.41 10.51 -38.79
N SER C 214 24.54 9.53 -38.95
CA SER C 214 23.98 8.80 -37.81
C SER C 214 24.18 7.29 -37.89
N VAL C 215 24.08 6.64 -36.73
CA VAL C 215 24.10 5.19 -36.64
C VAL C 215 22.89 4.74 -35.83
N MET C 216 21.90 4.17 -36.51
CA MET C 216 20.62 3.88 -35.85
C MET C 216 20.46 2.43 -35.45
N PHE C 217 20.07 2.22 -34.19
CA PHE C 217 19.72 0.91 -33.67
C PHE C 217 18.22 0.88 -33.36
N MET C 218 17.48 0.11 -34.14
CA MET C 218 16.02 0.12 -34.03
C MET C 218 15.46 -1.13 -33.37
N ASN C 219 14.89 -0.96 -32.18
CA ASN C 219 14.23 -2.04 -31.47
C ASN C 219 12.75 -1.74 -31.29
N LEU C 220 11.90 -2.57 -31.89
CA LEU C 220 10.45 -2.32 -31.89
C LEU C 220 9.77 -2.83 -30.63
N ALA C 221 8.51 -2.43 -30.46
CA ALA C 221 7.75 -2.78 -29.26
C ALA C 221 7.33 -4.24 -29.24
N ASN C 222 7.31 -4.87 -30.40
CA ASN C 222 6.94 -6.28 -30.49
C ASN C 222 8.17 -7.19 -30.57
N ASP C 223 9.34 -6.61 -30.35
CA ASP C 223 10.58 -7.38 -30.33
C ASP C 223 10.76 -8.03 -28.95
N PRO C 224 11.63 -9.04 -28.88
CA PRO C 224 11.90 -9.77 -27.64
C PRO C 224 12.39 -8.83 -26.53
N ALA C 225 12.02 -9.13 -25.29
CA ALA C 225 12.39 -8.29 -24.15
C ALA C 225 13.90 -8.24 -23.97
N ILE C 226 14.56 -9.38 -24.10
CA ILE C 226 16.00 -9.47 -23.95
C ILE C 226 16.73 -8.55 -24.94
N GLU C 227 16.33 -8.62 -26.20
CA GLU C 227 16.91 -7.77 -27.23
C GLU C 227 16.65 -6.30 -26.93
N ARG C 228 15.55 -6.03 -26.25
CA ARG C 228 15.18 -4.68 -25.86
C ARG C 228 16.16 -4.15 -24.82
N ILE C 229 16.76 -5.08 -24.07
CA ILE C 229 17.72 -4.72 -23.03
C ILE C 229 19.12 -4.52 -23.59
N ALA C 230 19.46 -5.30 -24.62
CA ALA C 230 20.79 -5.24 -25.23
C ALA C 230 20.93 -4.04 -26.16
N THR C 231 19.79 -3.49 -26.59
CA THR C 231 19.77 -2.40 -27.56
C THR C 231 20.62 -1.20 -27.15
N PRO C 232 20.38 -0.65 -25.95
CA PRO C 232 21.15 0.51 -25.47
C PRO C 232 22.64 0.23 -25.39
N ARG C 233 23.00 -0.99 -25.00
CA ARG C 233 24.40 -1.35 -24.86
C ARG C 233 25.05 -1.54 -26.23
N MET C 234 24.26 -1.96 -27.21
CA MET C 234 24.73 -2.03 -28.58
C MET C 234 25.10 -0.64 -29.09
N ALA C 235 24.20 0.31 -28.85
CA ALA C 235 24.38 1.69 -29.31
C ALA C 235 25.60 2.34 -28.65
N LEU C 236 25.72 2.15 -27.34
CA LEU C 236 26.82 2.75 -26.59
C LEU C 236 28.18 2.18 -27.00
N THR C 237 28.22 0.87 -27.25
CA THR C 237 29.44 0.22 -27.69
C THR C 237 29.93 0.80 -29.02
N ALA C 238 28.99 1.07 -29.92
CA ALA C 238 29.32 1.69 -31.19
C ALA C 238 29.77 3.14 -30.98
N ALA C 239 29.05 3.84 -30.10
CA ALA C 239 29.34 5.24 -29.82
C ALA C 239 30.74 5.43 -29.26
N GLU C 240 31.11 4.58 -28.30
CA GLU C 240 32.42 4.66 -27.67
C GLU C 240 33.52 4.34 -28.68
N TYR C 241 33.21 3.45 -29.62
CA TYR C 241 34.14 3.07 -30.67
C TYR C 241 34.42 4.25 -31.60
N LEU C 242 33.36 4.90 -32.07
CA LEU C 242 33.50 6.05 -32.96
C LEU C 242 34.17 7.23 -32.27
N ALA C 243 34.03 7.31 -30.95
CA ALA C 243 34.57 8.43 -30.19
C ALA C 243 36.01 8.16 -29.72
N TYR C 244 36.19 7.05 -29.01
CA TYR C 244 37.47 6.77 -28.36
C TYR C 244 38.47 6.04 -29.26
N GLU C 245 38.03 5.65 -30.45
CA GLU C 245 38.93 4.98 -31.39
C GLU C 245 39.00 5.71 -32.73
N LYS C 246 38.02 6.56 -32.99
CA LYS C 246 37.97 7.30 -34.25
C LYS C 246 38.04 8.80 -34.02
N GLY C 247 37.95 9.21 -32.75
CA GLY C 247 38.08 10.60 -32.38
C GLY C 247 36.89 11.45 -32.79
N MET C 248 35.71 10.84 -32.81
CA MET C 248 34.49 11.55 -33.18
C MET C 248 33.75 12.03 -31.93
N HIS C 249 32.95 13.07 -32.10
CA HIS C 249 32.09 13.55 -31.02
C HIS C 249 30.69 12.99 -31.19
N VAL C 250 30.41 11.89 -30.49
CA VAL C 250 29.16 11.16 -30.67
C VAL C 250 28.06 11.62 -29.73
N LEU C 251 26.93 12.03 -30.30
CA LEU C 251 25.75 12.37 -29.51
C LEU C 251 24.78 11.19 -29.50
N VAL C 252 24.59 10.61 -28.33
CA VAL C 252 23.73 9.44 -28.19
C VAL C 252 22.33 9.80 -27.74
N ILE C 253 21.33 9.40 -28.53
CA ILE C 253 19.93 9.60 -28.18
C ILE C 253 19.23 8.26 -28.03
N MET C 254 18.50 8.09 -26.93
CA MET C 254 17.83 6.82 -26.67
C MET C 254 16.37 7.00 -26.24
N THR C 255 15.49 6.24 -26.88
CA THR C 255 14.07 6.22 -26.54
C THR C 255 13.50 4.85 -26.90
N ASP C 256 12.64 4.31 -26.05
CA ASP C 256 12.22 4.96 -24.82
C ASP C 256 12.74 4.21 -23.60
N MET C 257 13.44 4.92 -22.71
CA MET C 257 14.06 4.31 -21.55
C MET C 257 13.04 3.69 -20.60
N THR C 258 11.81 4.19 -20.63
CA THR C 258 10.74 3.62 -19.83
C THR C 258 10.43 2.20 -20.33
N ASN C 259 10.58 1.99 -21.63
CA ASN C 259 10.42 0.67 -22.22
C ASN C 259 11.53 -0.27 -21.76
N TYR C 260 12.73 0.28 -21.62
CA TYR C 260 13.88 -0.48 -21.15
C TYR C 260 13.66 -0.99 -19.73
N ALA C 261 13.04 -0.15 -18.90
CA ALA C 261 12.76 -0.50 -17.52
C ALA C 261 11.74 -1.62 -17.43
N GLU C 262 10.70 -1.54 -18.26
CA GLU C 262 9.67 -2.56 -18.29
C GLU C 262 10.23 -3.89 -18.83
N ALA C 263 11.25 -3.78 -19.67
CA ALA C 263 11.91 -4.96 -20.20
C ALA C 263 12.69 -5.67 -19.10
N LEU C 264 13.22 -4.89 -18.15
CA LEU C 264 13.93 -5.46 -17.01
C LEU C 264 12.99 -6.21 -16.10
N ARG C 265 11.77 -5.70 -15.95
CA ARG C 265 10.76 -6.35 -15.12
C ARG C 265 10.36 -7.69 -15.70
N GLU C 266 10.15 -7.72 -17.02
CA GLU C 266 9.73 -8.94 -17.70
C GLU C 266 10.80 -10.03 -17.58
N ILE C 267 12.06 -9.63 -17.72
CA ILE C 267 13.16 -10.57 -17.54
C ILE C 267 13.30 -10.92 -16.06
N SER C 268 13.33 -9.91 -15.21
CA SER C 268 13.48 -10.10 -13.76
C SER C 268 12.44 -11.08 -13.22
N ALA C 269 11.23 -10.99 -13.75
CA ALA C 269 10.14 -11.88 -13.34
C ALA C 269 10.33 -13.28 -13.95
N ALA C 270 10.71 -13.32 -15.21
CA ALA C 270 10.94 -14.58 -15.91
C ALA C 270 12.03 -15.40 -15.23
N ARG C 271 12.98 -14.70 -14.63
CA ARG C 271 14.07 -15.35 -13.90
C ARG C 271 13.69 -15.46 -12.42
N ARG C 272 12.42 -15.17 -12.14
CA ARG C 272 11.84 -15.28 -10.80
C ARG C 272 12.68 -14.63 -9.71
N GLU C 273 13.09 -13.39 -9.94
CA GLU C 273 13.87 -12.65 -8.95
C GLU C 273 12.96 -11.88 -8.01
N VAL C 274 13.47 -11.55 -6.82
CA VAL C 274 12.70 -10.83 -5.83
C VAL C 274 12.46 -9.39 -6.26
N PRO C 275 11.18 -8.98 -6.34
CA PRO C 275 10.85 -7.61 -6.73
C PRO C 275 11.42 -6.57 -5.77
N GLY C 276 11.97 -5.49 -6.32
CA GLY C 276 12.46 -4.41 -5.50
C GLY C 276 11.38 -3.36 -5.31
N ARG C 277 11.78 -2.19 -4.84
CA ARG C 277 10.87 -1.10 -4.53
C ARG C 277 10.05 -0.64 -5.72
N ARG C 278 8.76 -0.38 -5.49
CA ARG C 278 7.85 0.16 -6.49
C ARG C 278 7.57 -0.83 -7.63
N GLY C 279 7.99 -2.07 -7.46
CA GLY C 279 7.72 -3.11 -8.43
C GLY C 279 8.82 -3.33 -9.44
N TYR C 280 9.93 -2.63 -9.28
CA TYR C 280 11.07 -2.79 -10.18
C TYR C 280 12.21 -3.52 -9.47
N PRO C 281 13.17 -4.05 -10.26
CA PRO C 281 14.32 -4.77 -9.70
C PRO C 281 15.14 -3.93 -8.74
N GLY C 282 15.82 -4.58 -7.79
CA GLY C 282 16.64 -3.88 -6.83
C GLY C 282 17.99 -3.48 -7.40
N TYR C 283 18.19 -3.75 -8.68
CA TYR C 283 19.44 -3.42 -9.34
C TYR C 283 19.22 -2.46 -10.52
N LEU C 284 18.10 -1.72 -10.46
CA LEU C 284 17.74 -0.80 -11.53
C LEU C 284 18.68 0.41 -11.56
N TYR C 285 19.08 0.87 -10.39
CA TYR C 285 19.97 2.03 -10.29
C TYR C 285 21.31 1.78 -10.94
N THR C 286 21.96 0.68 -10.57
CA THR C 286 23.26 0.33 -11.12
C THR C 286 23.15 -0.07 -12.58
N ASN C 287 22.04 -0.71 -12.94
CA ASN C 287 21.79 -1.12 -14.31
C ASN C 287 21.63 0.09 -15.23
N LEU C 288 21.01 1.14 -14.69
CA LEU C 288 20.84 2.38 -15.44
C LEU C 288 22.12 3.21 -15.45
N ALA C 289 22.84 3.18 -14.33
CA ALA C 289 24.10 3.92 -14.21
C ALA C 289 25.17 3.34 -15.12
N THR C 290 25.15 2.02 -15.28
CA THR C 290 26.14 1.33 -16.12
C THR C 290 25.97 1.74 -17.57
N LEU C 291 24.81 2.29 -17.90
CA LEU C 291 24.53 2.77 -19.26
C LEU C 291 24.87 4.25 -19.39
N PHE C 292 24.38 5.05 -18.45
CA PHE C 292 24.50 6.50 -18.51
C PHE C 292 25.90 7.01 -18.19
N GLU C 293 26.64 6.26 -17.38
CA GLU C 293 28.00 6.66 -17.02
C GLU C 293 29.00 6.34 -18.13
N ARG C 294 28.50 5.82 -19.25
CA ARG C 294 29.36 5.51 -20.38
C ARG C 294 29.51 6.72 -21.31
N ALA C 295 29.33 7.91 -20.76
CA ALA C 295 29.49 9.14 -21.53
C ALA C 295 30.56 10.03 -20.90
N GLY C 296 31.00 11.04 -21.63
CA GLY C 296 32.00 11.96 -21.13
C GLY C 296 33.25 12.02 -21.99
N ARG C 297 34.21 12.82 -21.56
CA ARG C 297 35.47 12.97 -22.27
C ARG C 297 36.61 12.29 -21.52
N ILE C 298 37.54 11.71 -22.28
CA ILE C 298 38.71 11.08 -21.69
C ILE C 298 39.94 11.95 -21.93
N ARG C 299 40.69 12.21 -20.86
CA ARG C 299 41.92 12.97 -20.98
C ARG C 299 42.90 12.26 -21.91
N GLY C 300 43.39 12.99 -22.92
CA GLY C 300 44.32 12.43 -23.88
C GLY C 300 43.65 11.94 -25.15
N LEU C 301 42.32 11.85 -25.12
CA LEU C 301 41.57 11.38 -26.28
C LEU C 301 40.79 12.50 -26.96
N LYS C 302 40.72 12.45 -28.28
CA LYS C 302 40.09 13.50 -29.08
C LYS C 302 38.57 13.42 -29.05
N GLY C 303 38.04 12.21 -29.15
CA GLY C 303 36.60 12.01 -29.22
C GLY C 303 35.88 12.25 -27.90
N SER C 304 34.56 12.11 -27.93
CA SER C 304 33.74 12.29 -26.74
C SER C 304 32.36 11.67 -26.94
N VAL C 305 31.74 11.24 -25.85
CA VAL C 305 30.40 10.68 -25.91
C VAL C 305 29.42 11.47 -25.05
N THR C 306 28.37 11.96 -25.67
CA THR C 306 27.34 12.72 -24.97
C THR C 306 26.00 11.98 -25.06
N GLN C 307 25.28 11.90 -23.95
CA GLN C 307 24.03 11.13 -23.92
C GLN C 307 22.81 12.01 -23.67
N ILE C 308 21.74 11.73 -24.40
CA ILE C 308 20.45 12.37 -24.15
C ILE C 308 19.35 11.32 -24.07
N PRO C 309 19.25 10.63 -22.93
CA PRO C 309 18.19 9.62 -22.73
C PRO C 309 16.80 10.25 -22.71
N ILE C 310 15.85 9.62 -23.37
CA ILE C 310 14.47 10.08 -23.37
C ILE C 310 13.56 9.05 -22.73
N LEU C 311 12.80 9.47 -21.73
CA LEU C 311 11.90 8.56 -21.03
C LEU C 311 10.54 9.17 -20.79
N THR C 312 9.51 8.32 -20.80
CA THR C 312 8.15 8.74 -20.49
C THR C 312 7.84 8.47 -19.03
N MET C 313 7.22 9.44 -18.36
CA MET C 313 6.95 9.33 -16.94
C MET C 313 5.56 8.77 -16.67
N PRO C 314 5.52 7.56 -16.06
CA PRO C 314 4.26 6.89 -15.70
C PRO C 314 3.39 7.78 -14.80
N GLU C 315 2.15 8.02 -15.20
CA GLU C 315 1.23 8.85 -14.45
C GLU C 315 1.73 10.29 -14.34
N ASP C 316 2.74 10.62 -15.14
CA ASP C 316 3.37 11.93 -15.10
C ASP C 316 4.01 12.20 -13.74
N ASP C 317 4.19 11.13 -12.95
CA ASP C 317 4.74 11.25 -11.62
C ASP C 317 6.27 11.31 -11.65
N LYS C 318 6.83 12.34 -11.04
CA LYS C 318 8.27 12.54 -11.02
C LYS C 318 8.94 11.66 -9.97
N THR C 319 8.19 11.30 -8.93
CA THR C 319 8.72 10.47 -7.86
C THR C 319 8.82 9.01 -8.29
N HIS C 320 8.35 8.72 -9.49
CA HIS C 320 8.40 7.37 -10.03
C HIS C 320 9.85 6.90 -10.15
N PRO C 321 10.09 5.61 -9.88
CA PRO C 321 11.44 5.01 -9.90
C PRO C 321 12.22 5.28 -11.18
N ILE C 322 11.54 5.25 -12.33
CA ILE C 322 12.22 5.43 -13.60
C ILE C 322 12.85 6.82 -13.72
N PRO C 323 12.02 7.89 -13.64
CA PRO C 323 12.55 9.24 -13.75
C PRO C 323 13.37 9.67 -12.55
N ASP C 324 13.09 9.08 -11.38
CA ASP C 324 13.79 9.45 -10.16
C ASP C 324 15.22 8.91 -10.15
N LEU C 325 15.37 7.63 -10.46
CA LEU C 325 16.70 7.02 -10.52
C LEU C 325 17.52 7.58 -11.66
N THR C 326 16.85 7.93 -12.75
CA THR C 326 17.52 8.48 -13.93
C THR C 326 18.13 9.84 -13.64
N GLY C 327 17.33 10.75 -13.10
CA GLY C 327 17.79 12.08 -12.76
C GLY C 327 18.83 12.03 -11.65
N TYR C 328 18.82 10.94 -10.88
CA TYR C 328 19.77 10.75 -9.80
C TYR C 328 21.11 10.29 -10.34
N ILE C 329 21.13 9.91 -11.62
CA ILE C 329 22.35 9.48 -12.27
C ILE C 329 22.81 10.50 -13.31
N THR C 330 21.86 11.11 -14.00
CA THR C 330 22.17 12.09 -15.03
C THR C 330 22.40 13.47 -14.42
N GLU C 331 23.07 14.34 -15.17
CA GLU C 331 23.38 15.68 -14.68
C GLU C 331 22.34 16.71 -15.14
N GLY C 332 21.15 16.61 -14.56
CA GLY C 332 20.06 17.52 -14.90
C GLY C 332 19.02 16.81 -15.75
N GLN C 333 18.01 17.55 -16.20
CA GLN C 333 16.98 16.96 -17.06
C GLN C 333 16.10 18.00 -17.75
N ILE C 334 15.62 17.65 -18.94
CA ILE C 334 14.68 18.49 -19.68
C ILE C 334 13.27 17.94 -19.52
N ILE C 335 12.34 18.78 -19.10
CA ILE C 335 10.99 18.31 -18.81
C ILE C 335 9.93 18.86 -19.78
N LEU C 336 9.12 17.97 -20.31
CA LEU C 336 8.00 18.34 -21.18
C LEU C 336 6.69 18.21 -20.41
N THR C 337 5.87 19.25 -20.46
CA THR C 337 4.60 19.26 -19.73
C THR C 337 3.41 19.06 -20.68
N ARG C 338 2.28 18.67 -20.13
CA ARG C 338 1.07 18.45 -20.91
C ARG C 338 0.28 19.74 -21.08
N GLU C 339 0.49 20.69 -20.18
CA GLU C 339 -0.19 21.98 -20.27
C GLU C 339 0.29 22.78 -21.47
N LEU C 340 1.60 22.75 -21.72
CA LEU C 340 2.19 23.51 -22.81
C LEU C 340 1.85 22.91 -24.17
N TYR C 341 1.82 21.59 -24.24
CA TYR C 341 1.57 20.89 -25.51
C TYR C 341 0.17 21.19 -26.02
N LYS C 342 -0.83 20.99 -25.18
CA LYS C 342 -2.20 21.34 -25.52
C LYS C 342 -2.32 22.84 -25.76
N SER C 343 -1.47 23.60 -25.07
CA SER C 343 -1.42 25.05 -25.24
C SER C 343 -0.81 25.39 -26.60
N GLY C 344 -0.16 24.40 -27.21
CA GLY C 344 0.35 24.55 -28.56
C GLY C 344 1.86 24.75 -28.66
N ILE C 345 2.54 24.78 -27.52
CA ILE C 345 3.98 25.02 -27.49
C ILE C 345 4.78 23.90 -28.13
N GLN C 346 5.84 24.26 -28.85
CA GLN C 346 6.70 23.29 -29.51
C GLN C 346 8.14 23.78 -29.59
N PRO C 347 9.05 23.13 -28.85
CA PRO C 347 8.70 22.02 -27.95
C PRO C 347 8.18 22.52 -26.61
N PRO C 348 7.27 21.77 -25.98
CA PRO C 348 6.79 22.18 -24.65
C PRO C 348 7.82 21.89 -23.58
N ILE C 349 8.44 22.92 -23.03
CA ILE C 349 9.49 22.74 -22.04
C ILE C 349 9.38 23.72 -20.89
N ASP C 350 8.92 23.24 -19.75
CA ASP C 350 8.92 24.04 -18.54
C ASP C 350 10.35 24.18 -18.04
N VAL C 351 10.95 25.34 -18.29
CA VAL C 351 12.34 25.57 -17.94
C VAL C 351 12.54 25.64 -16.43
N LEU C 352 11.44 25.71 -15.68
CA LEU C 352 11.50 25.79 -14.22
C LEU C 352 12.05 24.52 -13.60
N PRO C 353 11.38 23.38 -13.84
CA PRO C 353 11.86 22.10 -13.28
C PRO C 353 13.07 21.58 -14.02
N SER C 354 13.28 22.06 -15.25
CA SER C 354 14.44 21.65 -16.04
C SER C 354 15.73 22.13 -15.38
N LEU C 355 16.81 21.40 -15.62
CA LEU C 355 18.09 21.73 -15.01
C LEU C 355 19.27 21.11 -15.77
N SER C 356 20.41 21.80 -15.75
CA SER C 356 21.63 21.29 -16.34
C SER C 356 22.79 21.53 -15.39
N ARG C 357 23.41 20.44 -14.92
CA ARG C 357 24.43 20.53 -13.89
C ARG C 357 25.80 20.94 -14.44
N LEU C 358 25.92 21.06 -15.76
CA LEU C 358 27.19 21.39 -16.38
C LEU C 358 27.11 22.60 -17.29
N LYS C 359 25.99 23.33 -17.22
CA LYS C 359 25.75 24.47 -18.08
C LYS C 359 26.78 25.59 -17.88
N ASP C 360 27.49 25.55 -16.76
CA ASP C 360 28.49 26.57 -16.45
C ASP C 360 29.81 26.29 -17.17
N LYS C 361 30.12 25.02 -17.37
CA LYS C 361 31.40 24.62 -17.94
C LYS C 361 31.38 24.65 -19.47
N GLY C 362 30.22 24.98 -20.04
CA GLY C 362 30.08 25.00 -21.49
C GLY C 362 29.72 26.37 -22.04
N THR C 363 29.39 27.29 -21.15
CA THR C 363 28.99 28.63 -21.57
C THR C 363 30.02 29.69 -21.17
N GLY C 364 29.71 30.95 -21.46
CA GLY C 364 30.64 32.03 -21.21
C GLY C 364 31.42 32.39 -22.46
N ALA C 365 32.12 33.51 -22.42
CA ALA C 365 32.92 33.95 -23.56
C ALA C 365 33.98 32.93 -23.92
N GLY C 366 34.25 32.80 -25.22
CA GLY C 366 35.20 31.81 -25.70
C GLY C 366 34.49 30.60 -26.29
N LYS C 367 33.36 30.25 -25.70
CA LYS C 367 32.54 29.15 -26.19
C LYS C 367 31.12 29.63 -26.49
N THR C 368 30.76 30.76 -25.90
CA THR C 368 29.47 31.40 -26.18
C THR C 368 29.61 32.90 -25.92
N ARG C 369 28.53 33.65 -26.10
CA ARG C 369 28.59 35.10 -25.95
C ARG C 369 28.74 35.52 -24.49
N GLU C 370 28.98 36.80 -24.26
CA GLU C 370 29.34 37.30 -22.94
C GLU C 370 28.13 37.44 -21.99
N ASP C 371 26.94 37.58 -22.56
CA ASP C 371 25.75 37.80 -21.75
C ASP C 371 24.87 36.57 -21.66
N HIS C 372 25.48 35.38 -21.76
CA HIS C 372 24.74 34.13 -21.68
C HIS C 372 24.30 33.85 -20.25
N ALA C 373 25.24 34.01 -19.30
CA ALA C 373 24.95 33.74 -17.90
C ALA C 373 23.95 34.73 -17.33
N ALA C 374 24.02 35.98 -17.79
CA ALA C 374 23.16 37.03 -17.27
C ALA C 374 21.71 36.86 -17.70
N THR C 375 21.48 36.81 -19.01
CA THR C 375 20.13 36.70 -19.54
C THR C 375 19.44 35.39 -19.13
N MET C 376 20.25 34.37 -18.83
CA MET C 376 19.70 33.10 -18.37
C MET C 376 19.03 33.25 -17.02
N ASN C 377 19.72 33.92 -16.09
CA ASN C 377 19.19 34.13 -14.76
C ASN C 377 17.98 35.05 -14.75
N GLN C 378 17.99 36.03 -15.65
CA GLN C 378 16.93 37.02 -15.70
C GLN C 378 15.64 36.42 -16.27
N LEU C 379 15.77 35.68 -17.37
CA LEU C 379 14.62 35.03 -17.99
C LEU C 379 14.01 33.98 -17.07
N PHE C 380 14.87 33.38 -16.23
CA PHE C 380 14.42 32.32 -15.33
C PHE C 380 13.68 32.90 -14.13
N ALA C 381 14.19 34.00 -13.59
CA ALA C 381 13.59 34.64 -12.43
C ALA C 381 12.33 35.43 -12.83
N ALA C 382 12.45 36.20 -13.90
CA ALA C 382 11.35 37.02 -14.37
C ALA C 382 10.15 36.18 -14.78
N TYR C 383 10.41 35.04 -15.41
CA TYR C 383 9.35 34.13 -15.82
C TYR C 383 8.59 33.58 -14.62
N ALA C 384 9.34 33.09 -13.62
CA ALA C 384 8.76 32.47 -12.44
C ALA C 384 7.63 33.31 -11.84
N GLN C 385 7.77 34.63 -11.91
CA GLN C 385 6.74 35.54 -11.40
C GLN C 385 5.58 35.67 -12.38
N GLY C 386 5.85 35.42 -13.65
CA GLY C 386 4.82 35.44 -14.67
C GLY C 386 3.87 34.26 -14.53
N LYS C 387 4.44 33.09 -14.27
CA LYS C 387 3.64 31.88 -14.05
C LYS C 387 2.83 31.99 -12.76
N GLN C 388 3.42 32.63 -11.76
CA GLN C 388 2.76 32.81 -10.47
C GLN C 388 1.56 33.77 -10.58
N ALA C 389 1.71 34.78 -11.44
CA ALA C 389 0.66 35.77 -11.62
C ALA C 389 -0.61 35.15 -12.20
N LYS C 390 -0.47 34.49 -13.34
CA LYS C 390 -1.60 33.88 -14.04
C LYS C 390 -2.30 32.83 -13.19
N GLU C 391 -1.53 32.11 -12.38
CA GLU C 391 -2.09 31.12 -11.46
C GLU C 391 -2.78 31.81 -10.29
N LEU C 392 -2.15 32.87 -9.78
CA LEU C 392 -2.71 33.66 -8.69
C LEU C 392 -3.82 34.57 -9.19
N ALA C 393 -3.81 34.82 -10.50
CA ALA C 393 -4.80 35.71 -11.12
C ALA C 393 -6.20 35.09 -11.11
N VAL C 394 -6.25 33.76 -11.16
CA VAL C 394 -7.52 33.05 -11.22
C VAL C 394 -8.36 33.29 -9.97
N VAL C 395 -7.78 32.99 -8.80
CA VAL C 395 -8.48 33.17 -7.53
C VAL C 395 -8.82 34.63 -7.29
N LEU C 396 -7.94 35.52 -7.73
CA LEU C 396 -8.11 36.95 -7.51
C LEU C 396 -9.05 37.58 -8.56
N GLY C 397 -8.81 37.29 -9.83
CA GLY C 397 -9.60 37.87 -10.89
C GLY C 397 -8.92 38.60 -12.04
N GLU C 398 -7.76 39.23 -11.82
CA GLU C 398 -7.03 39.19 -10.55
C GLU C 398 -7.04 40.52 -9.82
N SER C 399 -6.75 40.47 -8.52
CA SER C 399 -6.69 41.66 -7.69
C SER C 399 -5.40 42.44 -7.95
N ALA C 400 -4.36 41.73 -8.37
CA ALA C 400 -3.09 42.37 -8.70
C ALA C 400 -3.28 43.38 -9.82
N LEU C 401 -2.83 44.61 -9.60
CA LEU C 401 -3.05 45.69 -10.54
C LEU C 401 -2.04 45.68 -11.69
N SER C 402 -2.53 45.39 -12.89
CA SER C 402 -1.69 45.34 -14.07
C SER C 402 -1.03 46.69 -14.37
N ASP C 403 -1.56 47.75 -13.76
CA ASP C 403 -0.99 49.08 -13.89
C ASP C 403 0.45 49.09 -13.35
N ILE C 404 0.63 48.53 -12.16
CA ILE C 404 1.95 48.32 -11.61
C ILE C 404 2.62 47.14 -12.32
N ASP C 405 2.00 45.97 -12.22
CA ASP C 405 2.52 44.76 -12.84
C ASP C 405 1.37 43.84 -13.28
N LYS C 406 1.49 43.25 -14.47
CA LYS C 406 2.64 43.45 -15.33
C LYS C 406 2.43 42.84 -16.72
N ILE C 407 3.27 43.28 -17.66
CA ILE C 407 3.45 42.58 -18.92
C ILE C 407 4.22 41.27 -18.72
N TYR C 408 4.62 41.00 -17.47
CA TYR C 408 5.26 39.73 -17.12
C TYR C 408 4.55 38.55 -17.79
N ALA C 409 3.24 38.46 -17.56
CA ALA C 409 2.40 37.46 -18.19
C ALA C 409 2.50 37.50 -19.71
N LYS C 410 2.30 38.67 -20.30
CA LYS C 410 2.49 38.85 -21.74
C LYS C 410 3.89 38.42 -22.16
N PHE C 411 4.91 38.94 -21.49
CA PHE C 411 6.28 38.43 -21.62
C PHE C 411 6.29 36.94 -21.28
N ALA C 412 5.72 36.56 -20.14
CA ALA C 412 5.59 35.14 -19.82
C ALA C 412 4.84 34.40 -20.91
N GLU C 413 3.65 34.90 -21.27
CA GLU C 413 2.85 34.27 -22.32
C GLU C 413 3.61 34.23 -23.63
N ARG C 414 4.12 35.38 -24.07
CA ARG C 414 4.85 35.45 -25.32
C ARG C 414 6.14 34.65 -25.26
N PHE C 415 6.84 34.70 -24.11
CA PHE C 415 8.02 33.88 -23.92
C PHE C 415 7.66 32.42 -24.14
N GLU C 416 6.65 31.94 -23.43
CA GLU C 416 6.16 30.59 -23.64
C GLU C 416 5.69 30.48 -25.08
N ASN C 417 5.04 31.53 -25.57
CA ASN C 417 4.49 31.54 -26.92
C ASN C 417 5.53 31.72 -28.02
N GLU C 418 6.52 32.57 -27.77
CA GLU C 418 7.47 32.96 -28.82
C GLU C 418 8.90 32.50 -28.56
N TYR C 419 9.28 32.36 -27.29
CA TYR C 419 10.63 31.91 -26.97
C TYR C 419 10.72 30.39 -27.03
N VAL C 420 9.99 29.73 -26.14
CA VAL C 420 10.04 28.28 -26.03
C VAL C 420 9.45 27.58 -27.26
N ASN C 421 8.34 28.12 -27.75
CA ASN C 421 7.71 27.60 -28.96
C ASN C 421 8.42 28.09 -30.22
N GLN C 422 9.23 27.21 -30.82
CA GLN C 422 9.97 27.57 -32.01
C GLN C 422 9.70 26.60 -33.16
N GLY C 423 9.02 25.50 -32.86
CA GLY C 423 8.74 24.48 -33.85
C GLY C 423 9.80 23.40 -33.83
N PHE C 424 9.42 22.21 -34.28
CA PHE C 424 10.33 21.07 -34.28
C PHE C 424 11.19 21.01 -35.53
N TYR C 425 11.10 22.06 -36.35
CA TYR C 425 11.90 22.15 -37.57
C TYR C 425 12.54 23.53 -37.70
N THR C 426 12.81 24.16 -36.56
CA THR C 426 13.48 25.45 -36.52
C THR C 426 14.81 25.35 -35.80
N ASN C 427 15.89 25.70 -36.51
CA ASN C 427 17.22 25.64 -35.93
C ASN C 427 17.72 27.02 -35.51
N ARG C 428 17.70 27.28 -34.21
CA ARG C 428 18.14 28.57 -33.69
C ARG C 428 19.57 28.51 -33.15
N THR C 429 20.48 29.20 -33.83
CA THR C 429 21.85 29.31 -33.37
C THR C 429 21.89 30.07 -32.04
N ILE C 430 22.92 29.82 -31.24
CA ILE C 430 23.04 30.43 -29.92
C ILE C 430 23.05 31.95 -30.02
N THR C 431 23.47 32.46 -31.18
CA THR C 431 23.46 33.89 -31.42
C THR C 431 22.03 34.41 -31.53
N GLU C 432 21.18 33.66 -32.22
CA GLU C 432 19.78 34.02 -32.37
C GLU C 432 19.04 33.88 -31.05
N THR C 433 19.35 32.83 -30.31
CA THR C 433 18.71 32.56 -29.03
C THR C 433 18.95 33.69 -28.03
N LEU C 434 20.19 34.14 -27.94
CA LEU C 434 20.55 35.22 -27.02
C LEU C 434 19.92 36.54 -27.45
N ASP C 435 19.82 36.75 -28.77
CA ASP C 435 19.17 37.95 -29.30
C ASP C 435 17.69 37.96 -28.94
N LEU C 436 17.03 36.81 -29.09
CA LEU C 436 15.63 36.68 -28.76
C LEU C 436 15.40 36.88 -27.27
N GLY C 437 16.46 36.71 -26.48
CA GLY C 437 16.40 36.91 -25.06
C GLY C 437 16.21 38.37 -24.68
N TRP C 438 17.03 39.23 -25.28
CA TRP C 438 16.95 40.67 -25.00
C TRP C 438 15.63 41.26 -25.50
N GLU C 439 15.24 40.87 -26.72
CA GLU C 439 14.02 41.40 -27.32
C GLU C 439 12.79 41.01 -26.52
N LEU C 440 12.85 39.87 -25.84
CA LEU C 440 11.80 39.48 -24.92
C LEU C 440 12.07 40.09 -23.54
N LEU C 441 13.33 40.35 -23.26
CA LEU C 441 13.74 41.01 -22.03
C LEU C 441 13.50 42.51 -22.15
N ALA C 442 13.28 42.97 -23.39
CA ALA C 442 13.04 44.37 -23.67
C ALA C 442 11.78 44.88 -23.00
N MET C 443 10.82 43.98 -22.80
CA MET C 443 9.57 44.32 -22.13
C MET C 443 9.86 44.76 -20.69
N LEU C 444 10.85 44.12 -20.07
CA LEU C 444 11.27 44.48 -18.72
C LEU C 444 11.97 45.82 -18.73
N PRO C 445 11.86 46.57 -17.62
CA PRO C 445 12.46 47.89 -17.48
C PRO C 445 13.81 47.83 -16.76
N ARG C 446 14.50 48.97 -16.72
CA ARG C 446 15.77 49.07 -16.01
C ARG C 446 15.58 48.81 -14.52
N THR C 447 14.34 49.01 -14.05
CA THR C 447 13.99 48.76 -12.66
C THR C 447 14.24 47.30 -12.29
N GLU C 448 14.17 46.43 -13.29
CA GLU C 448 14.48 45.02 -13.12
C GLU C 448 15.90 44.73 -13.59
N LEU C 449 16.82 44.67 -12.64
CA LEU C 449 18.24 44.51 -12.96
C LEU C 449 18.57 43.12 -13.49
N LYS C 450 19.38 43.08 -14.55
CA LYS C 450 19.85 41.81 -15.11
C LYS C 450 20.79 41.07 -14.15
N ARG C 451 21.83 41.73 -13.67
CA ARG C 451 22.11 43.13 -13.98
C ARG C 451 23.55 43.34 -14.43
N ILE C 452 23.74 44.23 -15.40
CA ILE C 452 25.08 44.51 -15.92
C ILE C 452 25.09 45.78 -16.75
N LYS C 453 26.25 46.42 -16.83
CA LYS C 453 26.42 47.61 -17.66
C LYS C 453 26.35 47.21 -19.14
N ASP C 454 26.51 45.92 -19.39
CA ASP C 454 26.41 45.39 -20.75
C ASP C 454 24.96 45.36 -21.22
N ASP C 455 24.04 45.70 -20.32
CA ASP C 455 22.62 45.79 -20.66
C ASP C 455 22.42 46.84 -21.74
N LEU C 456 23.12 47.97 -21.60
CA LEU C 456 23.10 49.00 -22.63
C LEU C 456 23.94 48.55 -23.82
N LEU C 457 24.83 47.60 -23.56
CA LEU C 457 25.70 47.05 -24.60
C LEU C 457 24.89 46.28 -25.63
N ASP C 458 23.83 45.61 -25.18
CA ASP C 458 22.95 44.87 -26.07
C ASP C 458 21.54 45.45 -26.07
N LYS C 459 21.33 46.48 -25.27
CA LYS C 459 20.03 47.16 -25.20
C LYS C 459 18.92 46.20 -24.75
N ILE D 9 28.58 -26.88 30.86
CA ILE D 9 28.74 -26.17 29.59
C ILE D 9 29.35 -27.07 28.52
N LYS D 10 28.61 -27.23 27.42
CA LYS D 10 29.07 -28.05 26.31
C LYS D 10 29.84 -27.21 25.30
N GLU D 11 30.85 -27.80 24.66
CA GLU D 11 31.59 -27.12 23.61
C GLU D 11 31.79 -28.01 22.39
N TYR D 12 31.28 -27.55 21.25
CA TYR D 12 31.39 -28.27 19.99
C TYR D 12 32.24 -27.50 18.99
N ARG D 13 32.98 -28.21 18.15
CA ARG D 13 33.68 -27.60 17.04
C ARG D 13 33.05 -28.06 15.73
N THR D 14 31.80 -28.50 15.82
CA THR D 14 31.03 -29.01 14.68
C THR D 14 30.07 -27.99 14.10
N ILE D 15 30.55 -26.79 13.84
CA ILE D 15 29.69 -25.78 13.22
C ILE D 15 29.65 -26.05 11.72
N LYS D 16 28.47 -26.45 11.24
CA LYS D 16 28.31 -26.95 9.89
C LYS D 16 28.29 -25.83 8.85
N GLU D 17 27.46 -24.83 9.09
CA GLU D 17 27.28 -23.74 8.12
C GLU D 17 27.02 -22.36 8.74
N VAL D 18 27.28 -21.32 7.95
CA VAL D 18 27.07 -19.94 8.36
C VAL D 18 26.40 -19.13 7.27
N VAL D 19 25.17 -18.68 7.54
CA VAL D 19 24.41 -17.89 6.57
C VAL D 19 23.90 -16.61 7.25
N GLY D 20 24.42 -15.48 6.84
CA GLY D 20 24.09 -14.22 7.48
C GLY D 20 24.55 -14.23 8.93
N PRO D 21 23.73 -13.71 9.83
CA PRO D 21 24.05 -13.68 11.26
C PRO D 21 23.80 -15.02 11.95
N LEU D 22 23.45 -16.04 11.17
CA LEU D 22 23.07 -17.33 11.73
C LEU D 22 24.11 -18.42 11.50
N MET D 23 24.23 -19.33 12.47
CA MET D 23 25.11 -20.48 12.33
C MET D 23 24.35 -21.77 12.53
N ALA D 24 24.82 -22.83 11.89
CA ALA D 24 24.27 -24.17 12.10
C ALA D 24 25.32 -25.06 12.75
N VAL D 25 24.99 -25.61 13.91
CA VAL D 25 25.89 -26.53 14.60
C VAL D 25 25.26 -27.91 14.66
N GLU D 26 25.96 -28.91 14.14
CA GLU D 26 25.42 -30.27 14.07
C GLU D 26 26.15 -31.21 15.02
N LYS D 27 25.66 -32.46 15.08
CA LYS D 27 26.22 -33.46 15.98
C LYS D 27 26.17 -32.97 17.42
N VAL D 28 25.15 -32.17 17.72
CA VAL D 28 24.99 -31.59 19.04
C VAL D 28 23.90 -32.32 19.82
N SER D 29 23.94 -32.23 21.14
CA SER D 29 22.97 -32.93 21.97
C SER D 29 22.70 -32.20 23.29
N GLY D 30 21.45 -32.25 23.74
CA GLY D 30 21.07 -31.63 25.01
C GLY D 30 20.87 -30.13 24.94
N VAL D 31 20.89 -29.58 23.73
CA VAL D 31 20.74 -28.14 23.54
C VAL D 31 19.28 -27.73 23.58
N LYS D 32 18.99 -26.57 24.18
CA LYS D 32 17.62 -26.11 24.36
C LYS D 32 17.34 -24.82 23.60
N TYR D 33 16.05 -24.54 23.40
CA TYR D 33 15.63 -23.31 22.72
C TYR D 33 15.95 -22.07 23.55
N GLU D 34 16.42 -21.03 22.88
CA GLU D 34 16.74 -19.75 23.53
C GLU D 34 17.90 -19.86 24.51
N GLU D 35 18.70 -20.90 24.37
CA GLU D 35 19.89 -21.06 25.21
C GLU D 35 21.00 -20.13 24.74
N LEU D 36 21.73 -19.55 25.69
CA LEU D 36 22.86 -18.71 25.36
C LEU D 36 24.05 -19.56 24.91
N ILE D 37 24.77 -19.07 23.91
CA ILE D 37 25.97 -19.75 23.46
C ILE D 37 27.13 -18.77 23.36
N GLU D 38 28.35 -19.32 23.28
CA GLU D 38 29.54 -18.50 23.04
C GLU D 38 30.30 -19.04 21.84
N VAL D 39 30.65 -18.16 20.91
CA VAL D 39 31.47 -18.54 19.78
C VAL D 39 32.92 -18.18 20.05
N ARG D 40 33.76 -19.18 20.24
CA ARG D 40 35.19 -18.97 20.38
C ARG D 40 35.86 -19.10 19.03
N MET D 41 36.21 -17.97 18.44
CA MET D 41 36.75 -17.94 17.08
C MET D 41 38.23 -18.30 17.06
N GLN D 42 38.71 -18.67 15.88
CA GLN D 42 40.10 -19.08 15.70
C GLN D 42 41.09 -18.00 16.14
N ASN D 43 40.65 -16.76 16.11
CA ASN D 43 41.50 -15.63 16.49
C ASN D 43 41.48 -15.38 17.99
N GLY D 44 40.68 -16.16 18.71
CA GLY D 44 40.56 -16.01 20.16
C GLY D 44 39.51 -15.00 20.55
N GLU D 45 38.68 -14.60 19.59
CA GLU D 45 37.61 -13.64 19.83
C GLU D 45 36.35 -14.36 20.32
N ILE D 46 35.64 -13.71 21.24
CA ILE D 46 34.42 -14.30 21.81
C ILE D 46 33.18 -13.49 21.43
N ARG D 47 32.12 -14.20 21.06
CA ARG D 47 30.86 -13.56 20.71
C ARG D 47 29.67 -14.33 21.29
N ARG D 48 28.71 -13.59 21.84
CA ARG D 48 27.54 -14.21 22.44
C ARG D 48 26.53 -14.60 21.36
N GLY D 49 25.70 -15.59 21.66
CA GLY D 49 24.72 -16.08 20.71
C GLY D 49 23.48 -16.64 21.38
N GLN D 50 22.48 -16.96 20.56
CA GLN D 50 21.20 -17.43 21.08
C GLN D 50 20.63 -18.52 20.18
N VAL D 51 20.13 -19.59 20.79
CA VAL D 51 19.56 -20.70 20.02
C VAL D 51 18.16 -20.35 19.53
N LEU D 52 18.04 -20.11 18.22
CA LEU D 52 16.76 -19.76 17.62
C LEU D 52 15.92 -21.00 17.36
N GLU D 53 16.60 -22.11 17.11
CA GLU D 53 15.93 -23.35 16.73
C GLU D 53 16.83 -24.55 16.97
N VAL D 54 16.24 -25.61 17.53
CA VAL D 54 16.93 -26.87 17.70
C VAL D 54 16.12 -27.99 17.03
N GLN D 55 16.78 -28.78 16.20
CA GLN D 55 16.10 -29.86 15.50
C GLN D 55 16.98 -31.08 15.28
N GLU D 56 16.67 -32.13 16.03
CA GLU D 56 17.25 -33.45 15.86
C GLU D 56 18.74 -33.42 15.59
N ASP D 57 19.51 -33.08 16.63
CA ASP D 57 20.96 -33.13 16.61
C ASP D 57 21.59 -31.89 15.94
N LYS D 58 20.75 -30.94 15.50
CA LYS D 58 21.24 -29.66 14.97
C LYS D 58 20.71 -28.46 15.75
N ALA D 59 21.50 -27.40 15.80
CA ALA D 59 21.14 -26.16 16.48
C ALA D 59 21.43 -24.93 15.62
N MET D 60 20.39 -24.14 15.35
CA MET D 60 20.55 -22.87 14.66
C MET D 60 20.70 -21.75 15.69
N VAL D 61 21.83 -21.07 15.65
CA VAL D 61 22.08 -19.98 16.59
C VAL D 61 22.30 -18.66 15.86
N GLN D 62 21.98 -17.56 16.52
CA GLN D 62 22.25 -16.23 15.97
C GLN D 62 23.31 -15.53 16.80
N ILE D 63 24.29 -14.95 16.12
CA ILE D 63 25.39 -14.26 16.81
C ILE D 63 25.07 -12.78 16.96
N PHE D 64 25.25 -12.26 18.17
CA PHE D 64 24.93 -10.87 18.46
C PHE D 64 25.86 -9.93 17.71
N GLU D 65 27.16 -10.19 17.82
CA GLU D 65 28.18 -9.33 17.23
C GLU D 65 28.38 -9.65 15.75
N GLY D 66 27.51 -10.49 15.20
CA GLY D 66 27.59 -10.83 13.80
C GLY D 66 28.46 -12.04 13.53
N THR D 67 28.58 -12.42 12.26
CA THR D 67 29.30 -13.63 11.90
C THR D 67 30.55 -13.35 11.06
N SER D 68 30.83 -12.07 10.84
CA SER D 68 31.97 -11.66 10.01
C SER D 68 33.30 -12.11 10.59
N GLY D 69 34.10 -12.79 9.78
CA GLY D 69 35.44 -13.20 10.17
C GLY D 69 35.50 -14.61 10.74
N ILE D 70 34.34 -15.24 10.89
CA ILE D 70 34.28 -16.58 11.48
C ILE D 70 34.74 -17.67 10.52
N CYS D 71 35.66 -18.49 10.99
CA CYS D 71 36.09 -19.68 10.27
C CYS D 71 35.41 -20.91 10.85
N LEU D 72 34.58 -21.56 10.04
CA LEU D 72 33.77 -22.70 10.49
C LEU D 72 34.62 -23.83 11.05
N LYS D 73 35.68 -24.20 10.33
CA LYS D 73 36.49 -25.36 10.69
C LYS D 73 37.26 -25.16 12.00
N ASN D 74 37.74 -23.94 12.23
CA ASN D 74 38.58 -23.67 13.39
C ASN D 74 37.87 -22.85 14.46
N SER D 75 36.54 -22.90 14.47
CA SER D 75 35.76 -22.22 15.50
C SER D 75 35.00 -23.23 16.35
N SER D 76 34.76 -22.87 17.61
CA SER D 76 34.01 -23.71 18.52
C SER D 76 32.84 -22.94 19.13
N VAL D 77 31.83 -23.67 19.60
CA VAL D 77 30.67 -23.05 20.21
C VAL D 77 30.38 -23.66 21.58
N ARG D 78 30.31 -22.80 22.60
CA ARG D 78 29.97 -23.25 23.95
C ARG D 78 28.50 -22.99 24.24
N PHE D 79 27.79 -24.05 24.62
CA PHE D 79 26.40 -23.91 25.05
C PHE D 79 26.35 -23.75 26.56
N LEU D 80 25.96 -22.56 27.01
CA LEU D 80 26.07 -22.18 28.41
C LEU D 80 25.10 -22.91 29.34
N GLY D 81 24.03 -23.47 28.77
CA GLY D 81 23.07 -24.21 29.55
C GLY D 81 22.03 -23.33 30.24
N HIS D 82 21.85 -22.14 29.70
CA HIS D 82 20.86 -21.20 30.24
C HIS D 82 20.62 -20.07 29.25
N PRO D 83 19.50 -19.34 29.42
CA PRO D 83 19.18 -18.18 28.59
C PRO D 83 19.80 -16.90 29.15
N LEU D 84 19.41 -15.76 28.58
CA LEU D 84 19.84 -14.47 29.10
C LEU D 84 19.30 -14.24 30.50
N GLN D 85 20.20 -14.10 31.48
CA GLN D 85 19.80 -13.84 32.84
C GLN D 85 20.51 -12.62 33.41
N LEU D 86 19.96 -12.07 34.49
CA LEU D 86 20.57 -10.94 35.17
C LEU D 86 20.99 -11.37 36.57
N GLY D 87 22.24 -11.10 36.92
CA GLY D 87 22.73 -11.38 38.26
C GLY D 87 22.26 -10.29 39.20
N VAL D 88 21.01 -10.39 39.64
CA VAL D 88 20.41 -9.36 40.47
C VAL D 88 21.03 -9.29 41.86
N SER D 89 21.30 -8.08 42.32
CA SER D 89 21.88 -7.84 43.64
C SER D 89 21.55 -6.44 44.12
N GLU D 90 21.67 -6.21 45.42
CA GLU D 90 21.45 -4.88 45.98
C GLU D 90 22.58 -3.94 45.58
N ASP D 91 23.77 -4.51 45.36
CA ASP D 91 24.95 -3.73 45.03
C ASP D 91 24.85 -3.08 43.65
N MET D 92 23.74 -3.32 42.95
CA MET D 92 23.52 -2.75 41.63
C MET D 92 23.25 -1.26 41.71
N ILE D 93 22.80 -0.80 42.88
CA ILE D 93 22.52 0.62 43.09
C ILE D 93 23.81 1.43 43.04
N GLY D 94 23.84 2.44 42.18
CA GLY D 94 25.01 3.28 42.02
C GLY D 94 25.98 2.74 40.99
N ARG D 95 25.56 1.70 40.28
CA ARG D 95 26.41 1.06 39.27
C ARG D 95 25.87 1.28 37.86
N VAL D 96 26.76 1.18 36.88
CA VAL D 96 26.41 1.39 35.48
C VAL D 96 26.66 0.11 34.67
N PHE D 97 25.67 -0.31 33.90
CA PHE D 97 25.72 -1.61 33.25
C PHE D 97 25.53 -1.60 31.74
N ASP D 98 25.89 -2.73 31.12
CA ASP D 98 25.61 -3.01 29.73
C ASP D 98 24.12 -3.16 29.47
N GLY D 99 23.76 -3.35 28.21
CA GLY D 99 22.43 -3.80 27.87
C GLY D 99 22.34 -5.27 28.22
N LEU D 100 23.50 -5.88 28.46
CA LEU D 100 23.59 -7.29 28.83
C LEU D 100 23.86 -7.45 30.32
N GLY D 101 23.98 -6.33 31.04
CA GLY D 101 24.15 -6.37 32.47
C GLY D 101 25.57 -6.44 32.96
N ARG D 102 26.52 -6.12 32.08
CA ARG D 102 27.94 -6.16 32.44
C ARG D 102 28.43 -4.78 32.88
N PRO D 103 29.24 -4.75 33.95
CA PRO D 103 29.80 -3.51 34.53
C PRO D 103 30.41 -2.60 33.47
N LYS D 104 30.02 -1.32 33.50
CA LYS D 104 30.45 -0.36 32.50
C LYS D 104 31.15 0.83 33.14
N ASP D 105 31.35 0.75 34.46
CA ASP D 105 31.95 1.85 35.20
C ASP D 105 33.32 1.49 35.78
N ASN D 106 33.88 0.39 35.30
CA ASN D 106 35.21 -0.06 35.73
C ASN D 106 35.29 -0.38 37.22
N GLY D 107 34.12 -0.48 37.86
CA GLY D 107 34.07 -0.84 39.26
C GLY D 107 34.12 -2.35 39.45
N PRO D 108 34.15 -2.81 40.71
CA PRO D 108 34.21 -4.24 41.01
C PRO D 108 32.94 -4.97 40.59
N GLU D 109 33.07 -6.14 40.01
CA GLU D 109 31.91 -6.93 39.60
C GLU D 109 31.05 -7.28 40.81
N ILE D 110 29.76 -7.45 40.58
CA ILE D 110 28.82 -7.72 41.67
C ILE D 110 28.63 -9.23 41.86
N LEU D 111 28.72 -9.68 43.11
CA LEU D 111 28.43 -11.06 43.45
C LEU D 111 26.93 -11.22 43.59
N PRO D 112 26.26 -11.75 42.55
CA PRO D 112 24.80 -11.78 42.49
C PRO D 112 24.18 -12.68 43.55
N GLU D 113 23.04 -12.25 44.09
CA GLU D 113 22.26 -13.06 45.02
C GLU D 113 21.66 -14.25 44.29
N LYS D 114 21.29 -14.03 43.04
CA LYS D 114 20.74 -15.10 42.19
C LYS D 114 20.58 -14.60 40.76
N TYR D 115 20.36 -15.52 39.83
CA TYR D 115 20.18 -15.17 38.44
C TYR D 115 18.72 -15.34 38.01
N LEU D 116 18.18 -14.31 37.36
CA LEU D 116 16.79 -14.33 36.93
C LEU D 116 16.66 -14.20 35.42
N ASP D 117 15.75 -14.96 34.84
CA ASP D 117 15.42 -14.85 33.42
C ASP D 117 14.92 -13.44 33.16
N ILE D 118 15.52 -12.76 32.17
CA ILE D 118 15.19 -11.36 31.92
C ILE D 118 13.82 -11.21 31.29
N ASN D 119 13.21 -12.32 30.91
CA ASN D 119 11.84 -12.30 30.40
C ASN D 119 10.83 -12.07 31.53
N GLY D 120 11.26 -12.38 32.75
CA GLY D 120 10.42 -12.21 33.92
C GLY D 120 9.32 -13.24 33.98
N GLU D 121 8.34 -13.01 34.86
CA GLU D 121 7.21 -13.91 35.02
C GLU D 121 5.91 -13.17 34.71
N VAL D 122 4.82 -13.92 34.58
CA VAL D 122 3.50 -13.30 34.39
C VAL D 122 2.74 -13.31 35.71
N ILE D 123 2.38 -12.12 36.18
CA ILE D 123 1.69 -11.98 37.46
C ILE D 123 0.28 -12.56 37.41
N ASN D 124 -0.10 -13.28 38.46
CA ASN D 124 -1.46 -13.79 38.60
C ASN D 124 -2.44 -12.62 38.75
N PRO D 125 -3.48 -12.59 37.91
CA PRO D 125 -4.49 -11.54 37.90
C PRO D 125 -5.08 -11.26 39.29
N ILE D 126 -5.28 -12.30 40.10
CA ILE D 126 -5.83 -12.12 41.43
C ILE D 126 -4.74 -11.67 42.41
N ALA D 127 -3.49 -11.86 42.01
CA ALA D 127 -2.35 -11.49 42.84
C ALA D 127 -1.97 -10.03 42.63
N ARG D 128 -2.38 -9.47 41.49
CA ARG D 128 -2.06 -8.10 41.15
C ARG D 128 -2.90 -7.12 41.97
N ASP D 129 -2.29 -6.00 42.34
CA ASP D 129 -2.97 -4.98 43.15
C ASP D 129 -3.01 -3.64 42.42
N TYR D 130 -4.17 -2.98 42.48
CA TYR D 130 -4.38 -1.68 41.86
C TYR D 130 -3.34 -0.68 42.33
N PRO D 131 -3.01 0.32 41.50
CA PRO D 131 -1.91 1.21 41.87
C PRO D 131 -2.30 2.52 42.55
N ASP D 132 -1.61 2.76 43.67
CA ASP D 132 -1.43 4.09 44.24
C ASP D 132 -0.07 3.98 44.92
N GLU D 133 0.44 5.05 45.51
CA GLU D 133 -0.22 6.34 45.58
C GLU D 133 0.42 7.33 44.60
N PHE D 134 0.40 8.61 44.96
CA PHE D 134 0.94 9.67 44.12
C PHE D 134 2.47 9.62 44.08
N ILE D 135 3.03 9.95 42.92
CA ILE D 135 4.48 10.11 42.78
C ILE D 135 4.82 11.52 42.32
N GLN D 136 5.69 12.20 43.08
CA GLN D 136 6.06 13.56 42.75
C GLN D 136 7.26 13.57 41.81
N THR D 137 7.05 14.11 40.61
CA THR D 137 8.12 14.20 39.61
C THR D 137 8.74 15.58 39.65
N GLY D 138 8.18 16.46 40.47
CA GLY D 138 8.68 17.81 40.60
C GLY D 138 8.32 18.68 39.41
N ILE D 139 7.72 18.08 38.41
CA ILE D 139 7.28 18.80 37.23
C ILE D 139 5.78 19.00 37.29
N SER D 140 5.38 20.27 37.37
CA SER D 140 3.98 20.62 37.64
C SER D 140 3.02 20.11 36.57
N ALA D 141 3.40 20.26 35.31
CA ALA D 141 2.54 19.84 34.21
C ALA D 141 2.23 18.34 34.30
N ILE D 142 2.97 17.64 35.14
CA ILE D 142 2.79 16.20 35.27
C ILE D 142 2.03 15.75 36.52
N ASP D 143 2.15 16.49 37.62
CA ASP D 143 1.54 16.05 38.88
C ASP D 143 0.03 16.35 38.87
N HIS D 144 -0.33 17.40 38.15
CA HIS D 144 -1.69 17.67 37.67
C HIS D 144 -1.43 18.54 36.45
N LEU D 145 -2.01 18.24 35.29
CA LEU D 145 -3.18 17.39 35.16
C LEU D 145 -2.96 15.99 34.59
N ASN D 146 -1.71 15.52 34.59
CA ASN D 146 -1.39 14.19 34.06
C ASN D 146 -0.65 13.33 35.11
N THR D 147 -1.19 13.32 36.33
CA THR D 147 -0.52 12.77 37.51
C THR D 147 0.05 11.36 37.32
N LEU D 148 1.17 11.09 37.98
CA LEU D 148 1.79 9.77 37.91
C LEU D 148 1.54 8.99 39.20
N VAL D 149 1.19 7.72 39.06
CA VAL D 149 0.88 6.88 40.21
C VAL D 149 1.83 5.68 40.28
N ARG D 150 2.11 5.22 41.50
CA ARG D 150 2.98 4.07 41.71
C ARG D 150 2.39 2.81 41.10
N GLY D 151 3.04 2.29 40.06
CA GLY D 151 2.58 1.07 39.42
C GLY D 151 1.94 1.35 38.07
N GLN D 152 1.95 2.62 37.68
CA GLN D 152 1.37 3.04 36.42
C GLN D 152 2.40 2.99 35.30
N LYS D 153 1.93 2.88 34.06
CA LYS D 153 2.78 3.04 32.89
C LYS D 153 2.42 4.33 32.17
N LEU D 154 3.22 5.37 32.39
CA LEU D 154 2.96 6.67 31.79
C LEU D 154 4.08 7.07 30.85
N PRO D 155 3.91 6.81 29.54
CA PRO D 155 4.92 7.08 28.52
C PRO D 155 4.98 8.53 28.08
N VAL D 156 6.14 8.95 27.61
CA VAL D 156 6.31 10.27 27.01
C VAL D 156 6.42 10.13 25.50
N PHE D 157 5.56 10.83 24.77
CA PHE D 157 5.65 10.90 23.31
C PHE D 157 6.41 12.15 22.89
N SER D 158 7.53 11.95 22.20
CA SER D 158 8.41 13.05 21.81
C SER D 158 8.69 13.07 20.31
N GLY D 159 9.66 13.88 19.92
CA GLY D 159 10.16 13.90 18.57
C GLY D 159 11.67 14.02 18.60
N SER D 160 12.33 13.69 17.49
CA SER D 160 13.78 13.71 17.40
C SER D 160 14.35 15.08 17.80
N GLY D 161 13.67 16.13 17.36
CA GLY D 161 14.10 17.49 17.68
C GLY D 161 13.93 17.83 19.16
N LEU D 162 12.91 17.25 19.80
CA LEU D 162 12.56 17.64 21.15
C LEU D 162 13.52 17.12 22.20
N PRO D 163 13.53 17.75 23.39
CA PRO D 163 14.47 17.49 24.48
C PRO D 163 13.93 16.51 25.53
N HIS D 164 13.54 15.31 25.12
CA HIS D 164 13.06 14.31 26.07
C HIS D 164 14.19 13.83 26.97
N LYS D 165 15.42 13.86 26.48
CA LYS D 165 16.57 13.43 27.26
C LYS D 165 16.75 14.32 28.49
N GLU D 166 16.48 15.60 28.32
CA GLU D 166 16.49 16.54 29.44
C GLU D 166 15.34 16.24 30.40
N LEU D 167 14.16 16.00 29.84
CA LEU D 167 12.99 15.68 30.65
C LEU D 167 13.18 14.36 31.40
N ALA D 168 13.85 13.42 30.74
CA ALA D 168 14.09 12.10 31.33
C ALA D 168 15.01 12.20 32.54
N ALA D 169 16.07 12.99 32.41
CA ALA D 169 17.05 13.16 33.49
C ALA D 169 16.46 13.94 34.66
N GLN D 170 15.59 14.90 34.36
CA GLN D 170 14.97 15.71 35.41
C GLN D 170 14.04 14.89 36.28
N ILE D 171 13.32 13.95 35.66
CA ILE D 171 12.40 13.09 36.38
C ILE D 171 13.17 12.12 37.27
N ALA D 172 14.30 11.62 36.76
CA ALA D 172 15.13 10.68 37.50
C ALA D 172 15.67 11.30 38.78
N ARG D 173 15.90 12.61 38.76
CA ARG D 173 16.42 13.32 39.92
C ARG D 173 15.30 13.70 40.89
N GLN D 174 14.21 14.21 40.33
CA GLN D 174 13.13 14.79 41.14
C GLN D 174 12.08 13.75 41.56
N ALA D 175 12.22 12.53 41.06
CA ALA D 175 11.27 11.47 41.41
C ALA D 175 11.42 11.08 42.87
N THR D 176 10.29 10.99 43.57
CA THR D 176 10.29 10.60 44.98
C THR D 176 8.87 10.39 45.48
N VAL D 177 8.75 9.79 46.66
CA VAL D 177 7.44 9.53 47.25
C VAL D 177 7.30 10.23 48.61
N LEU D 178 6.78 11.45 48.59
CA LEU D 178 6.59 12.22 49.82
C LEU D 178 5.17 12.08 50.33
N ASP D 179 5.04 11.51 51.54
CA ASP D 179 6.20 11.02 52.28
C ASP D 179 6.12 9.51 52.45
N SER D 180 7.29 8.87 52.58
CA SER D 180 7.34 7.43 52.75
C SER D 180 8.64 6.98 53.40
N SER D 181 8.53 5.99 54.28
CA SER D 181 9.70 5.42 54.95
C SER D 181 10.37 4.37 54.07
N ASP D 182 9.67 3.98 53.00
CA ASP D 182 10.20 2.99 52.07
C ASP D 182 11.20 3.62 51.11
N ASP D 183 12.14 2.80 50.62
CA ASP D 183 13.15 3.27 49.70
C ASP D 183 12.59 3.47 48.29
N PHE D 184 13.12 4.47 47.59
CA PHE D 184 12.69 4.76 46.23
C PHE D 184 13.87 4.66 45.26
N ALA D 185 13.92 3.58 44.51
CA ALA D 185 15.02 3.34 43.58
C ALA D 185 14.65 3.71 42.15
N VAL D 186 15.64 4.07 41.35
CA VAL D 186 15.42 4.42 39.96
C VAL D 186 16.24 3.54 39.02
N VAL D 187 15.54 2.85 38.12
CA VAL D 187 16.21 2.04 37.11
C VAL D 187 16.15 2.74 35.76
N PHE D 188 17.31 3.18 35.28
CA PHE D 188 17.37 3.93 34.03
C PHE D 188 17.89 3.07 32.88
N ALA D 189 17.12 3.00 31.81
CA ALA D 189 17.48 2.19 30.65
C ALA D 189 17.68 3.03 29.41
N ALA D 190 18.93 3.14 28.96
CA ALA D 190 19.25 3.82 27.71
C ALA D 190 19.28 2.82 26.56
N ILE D 191 18.45 3.07 25.54
CA ILE D 191 18.31 2.12 24.44
C ILE D 191 18.76 2.71 23.10
N GLY D 192 19.90 2.22 22.62
CA GLY D 192 20.42 2.61 21.32
C GLY D 192 20.73 4.09 21.16
N ILE D 193 21.35 4.67 22.19
CA ILE D 193 21.71 6.09 22.15
C ILE D 193 23.20 6.25 21.88
N THR D 194 23.59 7.43 21.39
CA THR D 194 24.98 7.69 21.07
C THR D 194 25.83 7.85 22.33
N PHE D 195 27.15 7.77 22.15
CA PHE D 195 28.11 7.93 23.24
C PHE D 195 27.91 9.24 23.99
N GLU D 196 27.65 10.32 23.24
CA GLU D 196 27.49 11.63 23.86
C GLU D 196 26.19 11.74 24.65
N GLU D 197 25.11 11.15 24.13
CA GLU D 197 23.85 11.11 24.86
C GLU D 197 23.99 10.32 26.16
N ALA D 198 24.64 9.16 26.07
CA ALA D 198 24.87 8.33 27.24
C ALA D 198 25.80 9.05 28.22
N GLU D 199 26.79 9.75 27.68
CA GLU D 199 27.73 10.50 28.50
C GLU D 199 27.00 11.64 29.20
N PHE D 200 25.93 12.13 28.58
CA PHE D 200 25.10 13.18 29.16
C PHE D 200 24.41 12.69 30.43
N PHE D 201 23.71 11.56 30.33
CA PHE D 201 23.02 10.99 31.47
C PHE D 201 24.01 10.64 32.59
N MET D 202 25.13 10.05 32.21
CA MET D 202 26.16 9.68 33.18
C MET D 202 26.69 10.90 33.91
N GLU D 203 26.88 11.99 33.17
CA GLU D 203 27.43 13.22 33.73
C GLU D 203 26.42 13.91 34.64
N ASP D 204 25.15 13.84 34.26
CA ASP D 204 24.08 14.46 35.03
C ASP D 204 23.77 13.67 36.30
N PHE D 205 23.73 12.35 36.17
CA PHE D 205 23.43 11.46 37.29
C PHE D 205 24.45 11.60 38.43
N ARG D 206 25.71 11.77 38.08
CA ARG D 206 26.78 11.85 39.08
C ARG D 206 26.96 13.28 39.59
N GLN D 207 26.62 14.26 38.76
CA GLN D 207 26.75 15.66 39.14
C GLN D 207 25.73 16.03 40.20
N THR D 208 24.56 15.42 40.10
CA THR D 208 23.46 15.71 41.03
C THR D 208 23.41 14.68 42.17
N GLY D 209 24.16 13.60 42.03
CA GLY D 209 24.18 12.55 43.04
C GLY D 209 22.98 11.63 42.93
N ALA D 210 22.32 11.66 41.78
CA ALA D 210 21.15 10.83 41.54
C ALA D 210 21.53 9.38 41.29
N ILE D 211 22.80 9.15 40.95
CA ILE D 211 23.29 7.81 40.68
C ILE D 211 23.36 6.98 41.95
N ASP D 212 23.39 7.65 43.09
CA ASP D 212 23.49 6.98 44.39
C ASP D 212 22.23 6.17 44.70
N ARG D 213 21.16 6.43 43.97
CA ARG D 213 19.91 5.71 44.16
C ARG D 213 19.37 5.16 42.85
N SER D 214 20.26 5.00 41.88
CA SER D 214 19.86 4.55 40.55
C SER D 214 20.68 3.36 40.06
N VAL D 215 20.07 2.55 39.19
CA VAL D 215 20.77 1.49 38.48
C VAL D 215 20.64 1.77 36.98
N MET D 216 21.76 2.01 36.32
CA MET D 216 21.75 2.41 34.92
C MET D 216 22.15 1.28 33.98
N PHE D 217 21.30 1.02 32.99
CA PHE D 217 21.63 0.07 31.93
C PHE D 217 21.84 0.83 30.62
N MET D 218 23.11 0.97 30.22
CA MET D 218 23.45 1.80 29.07
C MET D 218 23.69 0.99 27.80
N ASN D 219 22.78 1.14 26.84
CA ASN D 219 22.94 0.50 25.54
C ASN D 219 23.16 1.54 24.45
N LEU D 220 24.25 1.39 23.70
CA LEU D 220 24.64 2.40 22.71
C LEU D 220 24.10 2.08 21.32
N ALA D 221 24.09 3.09 20.46
CA ALA D 221 23.54 2.97 19.11
C ALA D 221 24.35 2.01 18.25
N ASN D 222 25.63 1.82 18.58
CA ASN D 222 26.48 0.92 17.80
C ASN D 222 26.68 -0.43 18.48
N ASP D 223 25.86 -0.70 19.49
CA ASP D 223 25.83 -2.01 20.12
C ASP D 223 24.95 -2.95 19.29
N PRO D 224 25.13 -4.27 19.46
CA PRO D 224 24.32 -5.26 18.76
C PRO D 224 22.82 -5.06 18.97
N ALA D 225 22.04 -5.26 17.92
CA ALA D 225 20.59 -5.06 18.00
C ALA D 225 19.96 -5.98 19.05
N ILE D 226 20.53 -7.17 19.21
CA ILE D 226 20.05 -8.11 20.22
C ILE D 226 20.15 -7.52 21.61
N GLU D 227 21.31 -6.94 21.92
CA GLU D 227 21.54 -6.30 23.21
C GLU D 227 20.60 -5.13 23.43
N ARG D 228 20.12 -4.55 22.33
CA ARG D 228 19.19 -3.45 22.37
C ARG D 228 17.83 -3.93 22.86
N ILE D 229 17.41 -5.09 22.36
CA ILE D 229 16.13 -5.68 22.75
C ILE D 229 16.19 -6.22 24.18
N ALA D 230 17.36 -6.67 24.60
CA ALA D 230 17.53 -7.26 25.92
C ALA D 230 17.67 -6.20 27.01
N THR D 231 17.98 -4.97 26.61
CA THR D 231 18.24 -3.90 27.56
C THR D 231 17.06 -3.58 28.48
N PRO D 232 15.88 -3.31 27.90
CA PRO D 232 14.71 -3.01 28.73
C PRO D 232 14.30 -4.19 29.61
N ARG D 233 14.58 -5.41 29.15
CA ARG D 233 14.26 -6.59 29.93
C ARG D 233 15.24 -6.79 31.07
N MET D 234 16.49 -6.40 30.85
CA MET D 234 17.50 -6.42 31.90
C MET D 234 17.13 -5.44 33.01
N ALA D 235 16.60 -4.28 32.61
CA ALA D 235 16.21 -3.24 33.56
C ALA D 235 15.01 -3.68 34.40
N LEU D 236 13.97 -4.16 33.72
CA LEU D 236 12.74 -4.57 34.40
C LEU D 236 12.97 -5.75 35.35
N THR D 237 13.83 -6.67 34.94
CA THR D 237 14.19 -7.80 35.79
C THR D 237 14.86 -7.31 37.07
N ALA D 238 15.64 -6.24 36.95
CA ALA D 238 16.29 -5.63 38.10
C ALA D 238 15.27 -4.87 38.94
N ALA D 239 14.41 -4.11 38.26
CA ALA D 239 13.39 -3.31 38.93
C ALA D 239 12.47 -4.16 39.78
N GLU D 240 12.00 -5.27 39.22
CA GLU D 240 11.09 -6.16 39.92
C GLU D 240 11.78 -6.86 41.10
N TYR D 241 13.08 -7.07 40.96
CA TYR D 241 13.87 -7.64 42.04
C TYR D 241 13.95 -6.70 43.23
N LEU D 242 14.22 -5.43 42.96
CA LEU D 242 14.30 -4.42 44.01
C LEU D 242 12.92 -4.11 44.58
N ALA D 243 11.90 -4.22 43.73
CA ALA D 243 10.53 -3.86 44.12
C ALA D 243 9.86 -4.95 44.95
N TYR D 244 9.87 -6.18 44.44
CA TYR D 244 9.08 -7.25 45.01
C TYR D 244 9.87 -8.17 45.95
N GLU D 245 11.18 -8.04 45.94
CA GLU D 245 12.02 -8.82 46.83
C GLU D 245 12.71 -7.95 47.88
N LYS D 246 12.89 -6.68 47.55
CA LYS D 246 13.54 -5.75 48.47
C LYS D 246 12.54 -4.73 49.00
N GLY D 247 11.32 -4.75 48.46
CA GLY D 247 10.26 -3.89 48.93
C GLY D 247 10.48 -2.43 48.60
N MET D 248 11.25 -2.16 47.56
CA MET D 248 11.53 -0.79 47.15
C MET D 248 10.50 -0.30 46.14
N HIS D 249 10.28 1.01 46.12
CA HIS D 249 9.46 1.63 45.08
C HIS D 249 10.35 2.02 43.92
N VAL D 250 10.26 1.29 42.82
CA VAL D 250 11.17 1.48 41.71
C VAL D 250 10.53 2.20 40.53
N LEU D 251 11.22 3.22 40.02
CA LEU D 251 10.77 3.94 38.83
C LEU D 251 11.68 3.60 37.66
N VAL D 252 11.11 2.97 36.64
CA VAL D 252 11.89 2.57 35.47
C VAL D 252 11.69 3.54 34.31
N ILE D 253 12.78 4.11 33.83
CA ILE D 253 12.74 5.03 32.70
C ILE D 253 13.51 4.46 31.52
N MET D 254 12.88 4.45 30.34
CA MET D 254 13.47 3.83 29.17
C MET D 254 13.45 4.75 27.94
N THR D 255 14.62 4.92 27.33
CA THR D 255 14.77 5.69 26.10
C THR D 255 15.94 5.15 25.28
N ASP D 256 15.78 5.07 23.97
CA ASP D 256 14.55 5.47 23.29
C ASP D 256 13.81 4.24 22.77
N MET D 257 12.53 4.13 23.09
CA MET D 257 11.73 2.96 22.71
C MET D 257 11.58 2.84 21.20
N THR D 258 11.73 3.95 20.50
CA THR D 258 11.70 3.93 19.04
C THR D 258 12.87 3.11 18.50
N ASN D 259 14.03 3.27 19.14
CA ASN D 259 15.20 2.49 18.78
C ASN D 259 14.99 1.01 19.08
N TYR D 260 14.19 0.73 20.10
CA TYR D 260 13.89 -0.65 20.48
C TYR D 260 13.07 -1.34 19.39
N ALA D 261 12.10 -0.63 18.85
CA ALA D 261 11.25 -1.17 17.78
C ALA D 261 12.05 -1.41 16.51
N GLU D 262 13.00 -0.52 16.24
CA GLU D 262 13.86 -0.64 15.07
C GLU D 262 14.75 -1.87 15.18
N ALA D 263 15.21 -2.17 16.38
CA ALA D 263 16.02 -3.36 16.62
C ALA D 263 15.19 -4.62 16.44
N LEU D 264 13.93 -4.56 16.86
CA LEU D 264 13.00 -5.66 16.66
C LEU D 264 12.79 -5.90 15.17
N ARG D 265 12.59 -4.82 14.43
CA ARG D 265 12.41 -4.88 12.99
C ARG D 265 13.68 -5.37 12.31
N GLU D 266 14.82 -4.88 12.79
CA GLU D 266 16.12 -5.25 12.26
C GLU D 266 16.41 -6.74 12.46
N ILE D 267 16.16 -7.21 13.69
CA ILE D 267 16.38 -8.61 14.03
C ILE D 267 15.37 -9.50 13.32
N SER D 268 14.15 -9.01 13.17
CA SER D 268 13.09 -9.76 12.50
C SER D 268 13.42 -10.00 11.04
N ALA D 269 14.06 -9.02 10.42
CA ALA D 269 14.45 -9.13 9.01
C ALA D 269 15.59 -10.12 8.84
N ALA D 270 16.53 -10.11 9.79
CA ALA D 270 17.65 -11.03 9.77
C ALA D 270 17.17 -12.48 9.85
N ARG D 271 16.15 -12.71 10.67
CA ARG D 271 15.58 -14.03 10.84
C ARG D 271 14.61 -14.36 9.69
N ARG D 272 14.53 -13.47 8.72
CA ARG D 272 13.74 -13.68 7.52
C ARG D 272 12.26 -13.89 7.83
N GLU D 273 11.69 -12.99 8.62
CA GLU D 273 10.28 -13.09 8.99
C GLU D 273 9.44 -12.03 8.27
N VAL D 274 8.23 -12.42 7.86
CA VAL D 274 7.33 -11.50 7.20
C VAL D 274 6.82 -10.43 8.16
N PRO D 275 6.85 -9.17 7.72
CA PRO D 275 6.44 -8.03 8.56
C PRO D 275 4.94 -7.77 8.49
N GLY D 276 4.33 -7.49 9.65
CA GLY D 276 2.90 -7.29 9.73
C GLY D 276 2.44 -5.92 9.24
N ARG D 277 3.02 -4.87 9.80
CA ARG D 277 2.63 -3.50 9.46
C ARG D 277 3.81 -2.53 9.51
N ARG D 278 3.93 -1.72 8.46
CA ARG D 278 5.00 -0.72 8.38
C ARG D 278 6.38 -1.36 8.39
N GLY D 279 6.46 -2.63 7.98
CA GLY D 279 7.71 -3.35 7.96
C GLY D 279 8.04 -3.95 9.31
N TYR D 280 7.34 -3.52 10.33
CA TYR D 280 7.54 -4.04 11.68
C TYR D 280 6.88 -5.40 11.84
N PRO D 281 7.44 -6.26 12.70
CA PRO D 281 6.90 -7.59 12.98
C PRO D 281 5.48 -7.52 13.52
N GLY D 282 4.65 -8.50 13.14
CA GLY D 282 3.27 -8.53 13.59
C GLY D 282 3.14 -8.61 15.09
N TYR D 283 4.14 -9.19 15.75
CA TYR D 283 4.11 -9.34 17.19
C TYR D 283 4.78 -8.16 17.91
N LEU D 284 4.81 -7.01 17.23
CA LEU D 284 5.36 -5.80 17.85
C LEU D 284 4.51 -5.38 19.04
N TYR D 285 3.19 -5.48 18.89
CA TYR D 285 2.27 -5.20 19.98
C TYR D 285 2.48 -6.17 21.13
N THR D 286 2.52 -7.45 20.82
CA THR D 286 2.72 -8.50 21.81
C THR D 286 4.06 -8.32 22.50
N ASN D 287 5.02 -7.77 21.77
CA ASN D 287 6.37 -7.57 22.30
C ASN D 287 6.47 -6.31 23.15
N LEU D 288 5.60 -5.34 22.89
CA LEU D 288 5.53 -4.15 23.73
C LEU D 288 4.73 -4.47 24.98
N ALA D 289 3.67 -5.25 24.79
CA ALA D 289 2.83 -5.67 25.90
C ALA D 289 3.60 -6.55 26.89
N THR D 290 4.49 -7.39 26.37
CA THR D 290 5.35 -8.21 27.23
C THR D 290 6.19 -7.31 28.14
N LEU D 291 6.54 -6.13 27.63
CA LEU D 291 7.37 -5.19 28.37
C LEU D 291 6.57 -4.33 29.34
N PHE D 292 5.47 -3.76 28.85
CA PHE D 292 4.74 -2.73 29.57
C PHE D 292 3.88 -3.28 30.70
N GLU D 293 3.52 -4.56 30.60
CA GLU D 293 2.73 -5.21 31.63
C GLU D 293 3.58 -5.51 32.88
N ARG D 294 4.90 -5.48 32.73
CA ARG D 294 5.82 -5.71 33.85
C ARG D 294 5.92 -4.48 34.75
N ALA D 295 4.77 -3.93 35.09
CA ALA D 295 4.67 -2.81 36.03
C ALA D 295 3.44 -2.98 36.91
N GLY D 296 3.50 -2.40 38.11
CA GLY D 296 2.38 -2.45 39.02
C GLY D 296 2.74 -2.88 40.42
N ARG D 297 1.73 -3.31 41.17
CA ARG D 297 1.90 -3.66 42.57
C ARG D 297 1.39 -5.07 42.85
N ILE D 298 1.95 -5.69 43.88
CA ILE D 298 1.54 -7.04 44.28
C ILE D 298 0.93 -7.00 45.67
N ARG D 299 -0.20 -7.69 45.84
CA ARG D 299 -0.88 -7.73 47.13
C ARG D 299 -0.02 -8.44 48.17
N GLY D 300 0.20 -7.77 49.30
CA GLY D 300 0.99 -8.34 50.37
C GLY D 300 2.43 -7.85 50.35
N LEU D 301 2.86 -7.33 49.21
CA LEU D 301 4.23 -6.83 49.06
C LEU D 301 4.28 -5.31 49.17
N LYS D 302 5.40 -4.79 49.63
CA LYS D 302 5.55 -3.36 49.88
C LYS D 302 5.93 -2.58 48.62
N GLY D 303 6.86 -3.13 47.85
CA GLY D 303 7.41 -2.43 46.69
C GLY D 303 6.44 -2.20 45.56
N SER D 304 6.93 -1.58 44.49
CA SER D 304 6.12 -1.30 43.31
C SER D 304 7.00 -0.99 42.11
N VAL D 305 6.44 -1.11 40.91
CA VAL D 305 7.16 -0.81 39.69
C VAL D 305 6.39 0.16 38.81
N THR D 306 6.97 1.34 38.59
CA THR D 306 6.36 2.34 37.72
C THR D 306 7.20 2.52 36.47
N GLN D 307 6.55 2.57 35.31
CA GLN D 307 7.25 2.69 34.04
C GLN D 307 7.03 4.02 33.35
N ILE D 308 8.12 4.64 32.92
CA ILE D 308 8.04 5.82 32.06
C ILE D 308 8.79 5.55 30.76
N PRO D 309 8.11 4.90 29.79
CA PRO D 309 8.70 4.65 28.48
C PRO D 309 8.72 5.91 27.62
N ILE D 310 9.92 6.32 27.18
CA ILE D 310 10.05 7.50 26.35
C ILE D 310 10.35 7.11 24.91
N LEU D 311 9.57 7.63 23.97
CA LEU D 311 9.77 7.30 22.56
C LEU D 311 9.59 8.50 21.65
N THR D 312 10.33 8.52 20.54
CA THR D 312 10.19 9.54 19.53
C THR D 312 9.26 9.06 18.43
N MET D 313 8.23 9.84 18.14
CA MET D 313 7.25 9.47 17.12
C MET D 313 7.76 9.78 15.72
N PRO D 314 7.99 8.75 14.91
CA PRO D 314 8.48 8.88 13.53
C PRO D 314 7.57 9.75 12.68
N GLU D 315 8.12 10.81 12.11
CA GLU D 315 7.35 11.72 11.24
C GLU D 315 6.25 12.44 12.02
N ASP D 316 6.40 12.47 13.34
CA ASP D 316 5.44 13.15 14.21
C ASP D 316 4.04 12.56 14.09
N ASP D 317 3.97 11.30 13.67
CA ASP D 317 2.68 10.63 13.48
C ASP D 317 2.33 9.76 14.67
N LYS D 318 1.16 10.02 15.26
CA LYS D 318 0.70 9.27 16.43
C LYS D 318 0.03 7.96 16.03
N THR D 319 -0.38 7.86 14.77
CA THR D 319 -1.03 6.66 14.27
C THR D 319 0.01 5.61 13.88
N HIS D 320 1.28 5.97 13.99
CA HIS D 320 2.38 5.04 13.70
C HIS D 320 2.29 3.83 14.62
N PRO D 321 2.60 2.64 14.08
CA PRO D 321 2.48 1.38 14.83
C PRO D 321 3.31 1.35 16.10
N ILE D 322 4.28 2.25 16.25
CA ILE D 322 5.10 2.26 17.45
C ILE D 322 4.36 2.91 18.63
N PRO D 323 3.99 4.20 18.49
CA PRO D 323 3.26 4.87 19.57
C PRO D 323 1.82 4.39 19.68
N ASP D 324 1.28 3.87 18.58
CA ASP D 324 -0.08 3.35 18.54
C ASP D 324 -0.23 2.16 19.48
N LEU D 325 0.65 1.19 19.34
CA LEU D 325 0.61 -0.01 20.16
C LEU D 325 0.95 0.31 21.61
N THR D 326 1.93 1.19 21.80
CA THR D 326 2.31 1.63 23.14
C THR D 326 1.10 2.28 23.83
N GLY D 327 0.37 3.08 23.08
CA GLY D 327 -0.82 3.73 23.61
C GLY D 327 -1.88 2.70 23.98
N TYR D 328 -1.83 1.55 23.33
CA TYR D 328 -2.79 0.49 23.56
C TYR D 328 -2.43 -0.34 24.80
N ILE D 329 -1.27 -0.04 25.37
CA ILE D 329 -0.78 -0.81 26.52
C ILE D 329 -0.48 0.09 27.71
N THR D 330 -0.16 1.36 27.44
CA THR D 330 0.11 2.34 28.48
C THR D 330 -1.13 3.16 28.79
N GLU D 331 -1.34 3.46 30.08
CA GLU D 331 -2.52 4.19 30.51
C GLU D 331 -2.30 5.70 30.48
N GLY D 332 -2.40 6.29 29.28
CA GLY D 332 -2.17 7.72 29.11
C GLY D 332 -0.85 7.98 28.43
N GLN D 333 -0.54 9.27 28.23
CA GLN D 333 0.72 9.64 27.60
C GLN D 333 1.02 11.14 27.77
N ILE D 334 2.30 11.47 27.90
CA ILE D 334 2.72 12.85 27.98
C ILE D 334 3.25 13.32 26.63
N ILE D 335 2.54 14.26 26.01
CA ILE D 335 2.88 14.73 24.68
C ILE D 335 3.80 15.94 24.68
N LEU D 336 4.86 15.87 23.88
CA LEU D 336 5.76 17.01 23.66
C LEU D 336 5.60 17.52 22.23
N THR D 337 5.45 18.83 22.08
CA THR D 337 5.24 19.43 20.76
C THR D 337 6.37 20.38 20.38
N ARG D 338 6.59 20.54 19.08
CA ARG D 338 7.65 21.41 18.57
C ARG D 338 7.26 22.88 18.68
N GLU D 339 5.95 23.14 18.60
CA GLU D 339 5.45 24.52 18.68
C GLU D 339 5.79 25.16 20.01
N LEU D 340 5.64 24.40 21.08
CA LEU D 340 6.00 24.87 22.42
C LEU D 340 7.51 24.97 22.56
N TYR D 341 8.21 23.88 22.28
CA TYR D 341 9.65 23.84 22.40
C TYR D 341 10.33 24.94 21.61
N LYS D 342 9.86 25.17 20.38
CA LYS D 342 10.40 26.23 19.54
C LYS D 342 10.17 27.60 20.16
N SER D 343 9.18 27.67 21.05
CA SER D 343 8.86 28.92 21.75
C SER D 343 9.64 29.03 23.05
N GLY D 344 10.61 28.14 23.24
CA GLY D 344 11.42 28.14 24.44
C GLY D 344 10.66 27.62 25.67
N ILE D 345 9.75 26.68 25.44
CA ILE D 345 8.98 26.10 26.53
C ILE D 345 9.67 24.85 27.08
N GLN D 346 10.02 24.88 28.35
CA GLN D 346 10.74 23.77 28.97
C GLN D 346 10.08 23.33 30.28
N PRO D 347 9.58 22.08 30.33
CA PRO D 347 9.54 21.16 29.19
C PRO D 347 8.35 21.50 28.31
N PRO D 348 8.49 21.30 27.00
CA PRO D 348 7.40 21.65 26.09
C PRO D 348 6.27 20.62 26.14
N ILE D 349 5.56 20.55 27.27
CA ILE D 349 4.45 19.61 27.40
C ILE D 349 3.14 20.29 27.04
N ASP D 350 2.43 19.76 26.05
CA ASP D 350 1.10 20.23 25.70
C ASP D 350 0.09 19.48 26.55
N VAL D 351 -0.35 20.10 27.65
CA VAL D 351 -1.20 19.45 28.63
C VAL D 351 -2.58 19.10 28.07
N LEU D 352 -2.93 19.69 26.93
CA LEU D 352 -4.22 19.43 26.30
C LEU D 352 -4.34 17.98 25.80
N PRO D 353 -3.48 17.61 24.83
CA PRO D 353 -3.53 16.25 24.27
C PRO D 353 -3.02 15.20 25.25
N SER D 354 -2.28 15.63 26.26
CA SER D 354 -1.72 14.71 27.26
C SER D 354 -2.84 14.13 28.11
N LEU D 355 -2.57 12.99 28.74
CA LEU D 355 -3.56 12.32 29.57
C LEU D 355 -2.93 11.38 30.59
N SER D 356 -3.61 11.21 31.72
CA SER D 356 -3.21 10.25 32.74
C SER D 356 -4.46 9.54 33.27
N ARG D 357 -4.69 8.33 32.79
CA ARG D 357 -5.91 7.59 33.13
C ARG D 357 -6.02 7.27 34.63
N LEU D 358 -4.87 7.07 35.27
CA LEU D 358 -4.86 6.66 36.67
C LEU D 358 -4.64 7.85 37.61
N LYS D 359 -4.77 9.06 37.09
CA LYS D 359 -4.49 10.26 37.87
C LYS D 359 -5.40 10.40 39.09
N ASP D 360 -6.64 9.95 38.96
CA ASP D 360 -7.62 10.09 40.03
C ASP D 360 -7.26 9.31 41.29
N LYS D 361 -6.35 8.34 41.14
CA LYS D 361 -5.93 7.51 42.26
C LYS D 361 -4.68 8.05 42.96
N GLY D 362 -4.08 9.08 42.37
CA GLY D 362 -2.86 9.65 42.93
C GLY D 362 -3.11 10.99 43.59
N THR D 363 -4.09 11.72 43.07
CA THR D 363 -4.46 13.02 43.62
C THR D 363 -5.38 12.85 44.82
N GLY D 364 -4.82 12.50 45.97
CA GLY D 364 -5.64 12.25 47.15
C GLY D 364 -5.39 13.21 48.29
N ALA D 365 -6.47 13.64 48.95
CA ALA D 365 -6.36 14.50 50.10
C ALA D 365 -5.34 13.93 51.09
N GLY D 366 -5.31 12.61 51.22
CA GLY D 366 -4.27 11.96 51.99
C GLY D 366 -2.91 12.01 51.32
N LYS D 367 -2.88 12.33 50.02
CA LYS D 367 -1.66 12.24 49.22
C LYS D 367 -1.30 13.56 48.51
N THR D 368 -2.33 14.33 48.18
CA THR D 368 -2.19 15.60 47.47
C THR D 368 -3.27 16.58 47.91
N ARG D 369 -2.92 17.86 48.01
CA ARG D 369 -3.88 18.88 48.43
C ARG D 369 -5.18 18.80 47.65
N GLU D 370 -6.29 18.86 48.37
CA GLU D 370 -7.62 18.70 47.81
C GLU D 370 -7.95 19.75 46.76
N ASP D 371 -7.22 20.87 46.79
CA ASP D 371 -7.33 21.88 45.75
C ASP D 371 -7.02 21.30 44.38
N HIS D 372 -6.30 20.19 44.37
CA HIS D 372 -5.71 19.64 43.15
C HIS D 372 -6.72 19.17 42.09
N ALA D 373 -7.67 18.30 42.49
CA ALA D 373 -8.68 17.81 41.58
C ALA D 373 -9.44 18.95 40.88
N ALA D 374 -9.89 19.92 41.67
CA ALA D 374 -10.58 21.11 41.15
C ALA D 374 -9.62 22.03 40.39
N THR D 375 -8.51 22.38 41.02
CA THR D 375 -7.51 23.26 40.42
C THR D 375 -7.09 22.80 39.03
N MET D 376 -6.87 21.49 38.91
CA MET D 376 -6.50 20.90 37.63
C MET D 376 -7.58 21.11 36.58
N ASN D 377 -8.82 20.83 36.96
CA ASN D 377 -9.95 21.02 36.05
C ASN D 377 -10.06 22.49 35.63
N GLN D 378 -9.89 23.38 36.61
CA GLN D 378 -9.97 24.81 36.35
C GLN D 378 -8.85 25.28 35.43
N LEU D 379 -7.63 24.83 35.72
CA LEU D 379 -6.46 25.21 34.94
C LEU D 379 -6.59 24.76 33.49
N PHE D 380 -7.04 23.52 33.30
CA PHE D 380 -7.26 22.99 31.97
C PHE D 380 -8.24 23.87 31.21
N ALA D 381 -9.44 24.03 31.79
CA ALA D 381 -10.50 24.80 31.17
C ALA D 381 -10.04 26.19 30.75
N ALA D 382 -9.34 26.88 31.64
CA ALA D 382 -8.86 28.24 31.38
C ALA D 382 -7.83 28.31 30.25
N TYR D 383 -6.89 27.38 30.26
CA TYR D 383 -5.88 27.36 29.21
C TYR D 383 -6.53 27.06 27.88
N ALA D 384 -7.34 26.01 27.85
CA ALA D 384 -7.99 25.54 26.64
C ALA D 384 -8.71 26.68 25.93
N GLN D 385 -9.59 27.37 26.63
CA GLN D 385 -10.33 28.46 26.03
C GLN D 385 -9.41 29.62 25.67
N GLY D 386 -8.36 29.79 26.45
CA GLY D 386 -7.38 30.82 26.20
C GLY D 386 -6.69 30.60 24.88
N LYS D 387 -6.18 29.39 24.69
CA LYS D 387 -5.49 29.05 23.46
C LYS D 387 -6.38 29.19 22.23
N GLN D 388 -7.62 28.75 22.35
CA GLN D 388 -8.55 28.73 21.21
C GLN D 388 -8.80 30.12 20.63
N ALA D 389 -9.13 31.08 21.48
CA ALA D 389 -9.35 32.46 21.04
C ALA D 389 -8.15 32.95 20.22
N LYS D 390 -6.96 32.59 20.69
CA LYS D 390 -5.73 32.93 20.00
C LYS D 390 -5.62 32.17 18.68
N GLU D 391 -6.18 30.96 18.67
CA GLU D 391 -6.04 30.05 17.54
C GLU D 391 -6.80 30.57 16.30
N LEU D 392 -7.93 31.21 16.52
CA LEU D 392 -8.74 31.70 15.41
C LEU D 392 -8.30 33.08 14.95
N ALA D 393 -7.87 33.91 15.90
CA ALA D 393 -7.47 35.27 15.57
C ALA D 393 -6.21 35.71 16.32
N VAL D 394 -5.02 35.41 15.79
CA VAL D 394 -4.80 34.58 14.59
C VAL D 394 -5.41 35.10 13.29
N VAL D 395 -6.24 34.28 12.65
CA VAL D 395 -6.80 34.58 11.33
C VAL D 395 -7.54 35.91 11.33
N LEU D 396 -8.60 36.00 12.12
CA LEU D 396 -9.21 37.29 12.40
C LEU D 396 -8.17 38.14 13.12
N GLY D 397 -8.28 39.46 12.99
CA GLY D 397 -7.43 40.33 13.77
C GLY D 397 -7.63 40.01 15.25
N GLU D 398 -6.56 39.59 15.90
CA GLU D 398 -6.58 39.39 17.35
C GLU D 398 -7.11 40.65 18.00
N SER D 399 -6.43 41.76 17.71
CA SER D 399 -6.80 43.08 18.22
C SER D 399 -7.03 43.01 19.73
N ALA D 400 -8.04 43.73 20.21
CA ALA D 400 -8.61 43.43 21.51
C ALA D 400 -9.81 42.51 21.31
N LEU D 401 -9.75 41.34 21.96
CA LEU D 401 -10.76 40.31 21.79
C LEU D 401 -12.13 40.73 22.30
N SER D 402 -13.17 40.16 21.70
CA SER D 402 -14.53 40.39 22.15
C SER D 402 -14.65 39.96 23.62
N ASP D 403 -15.10 40.89 24.46
CA ASP D 403 -15.27 40.62 25.89
C ASP D 403 -13.96 40.15 26.52
N ILE D 404 -14.06 39.07 27.30
CA ILE D 404 -12.90 38.51 27.97
C ILE D 404 -12.27 37.36 27.19
N ASP D 405 -12.72 37.16 25.94
CA ASP D 405 -12.09 36.19 25.06
C ASP D 405 -10.60 36.53 24.94
N LYS D 406 -10.31 37.83 24.93
CA LYS D 406 -8.94 38.33 25.05
C LYS D 406 -8.31 37.87 26.36
N ILE D 407 -9.10 37.83 27.41
CA ILE D 407 -8.64 37.40 28.73
C ILE D 407 -8.33 35.91 28.77
N TYR D 408 -9.19 35.12 28.12
CA TYR D 408 -8.89 33.71 27.92
C TYR D 408 -7.47 33.61 27.36
N ALA D 409 -7.33 34.13 26.14
CA ALA D 409 -6.08 34.13 25.39
C ALA D 409 -4.86 34.52 26.22
N LYS D 410 -5.00 35.56 27.03
CA LYS D 410 -3.85 36.16 27.67
C LYS D 410 -3.34 35.36 28.86
N PHE D 411 -4.24 34.69 29.57
CA PHE D 411 -3.81 33.89 30.72
C PHE D 411 -3.33 32.52 30.33
N ALA D 412 -3.80 32.06 29.18
CA ALA D 412 -3.19 30.94 28.51
C ALA D 412 -1.70 31.25 28.29
N GLU D 413 -1.41 32.46 27.82
CA GLU D 413 -0.04 32.91 27.58
C GLU D 413 0.83 32.84 28.83
N ARG D 414 0.34 33.45 29.91
CA ARG D 414 1.06 33.46 31.18
C ARG D 414 1.26 32.04 31.69
N PHE D 415 0.29 31.19 31.36
CA PHE D 415 0.23 29.78 31.76
C PHE D 415 1.43 28.98 31.25
N GLU D 416 1.80 29.21 29.99
CA GLU D 416 2.95 28.53 29.39
C GLU D 416 4.26 28.99 30.00
N ASN D 417 4.36 30.30 30.25
CA ASN D 417 5.63 30.92 30.58
C ASN D 417 6.06 30.78 32.04
N GLU D 418 5.10 30.59 32.95
CA GLU D 418 5.46 30.46 34.37
C GLU D 418 5.01 29.13 34.99
N TYR D 419 3.92 28.55 34.48
CA TYR D 419 3.47 27.27 35.03
C TYR D 419 4.21 26.10 34.39
N VAL D 420 4.11 25.97 33.07
CA VAL D 420 4.80 24.89 32.37
C VAL D 420 6.31 25.10 32.34
N ASN D 421 6.73 26.34 32.12
CA ASN D 421 8.16 26.66 32.01
C ASN D 421 8.87 26.74 33.35
N GLN D 422 8.81 25.65 34.11
CA GLN D 422 9.52 25.59 35.39
C GLN D 422 11.03 25.54 35.19
N GLY D 423 11.47 24.88 34.12
CA GLY D 423 12.88 24.71 33.86
C GLY D 423 13.33 23.30 34.17
N PHE D 424 14.26 22.78 33.37
CA PHE D 424 14.69 21.39 33.49
C PHE D 424 15.48 21.10 34.76
N TYR D 425 15.80 22.13 35.53
CA TYR D 425 16.56 21.94 36.76
C TYR D 425 15.88 22.55 37.97
N THR D 426 14.57 22.76 37.88
CA THR D 426 13.80 23.28 38.99
C THR D 426 12.80 22.23 39.48
N ASN D 427 12.90 21.87 40.75
CA ASN D 427 12.03 20.86 41.33
C ASN D 427 10.90 21.47 42.15
N ARG D 428 9.70 21.50 41.58
CA ARG D 428 8.54 22.05 42.25
C ARG D 428 7.83 20.98 43.09
N THR D 429 7.63 21.26 44.37
CA THR D 429 6.83 20.37 45.21
C THR D 429 5.36 20.51 44.82
N ILE D 430 4.58 19.46 45.08
CA ILE D 430 3.18 19.43 44.67
C ILE D 430 2.38 20.58 45.31
N THR D 431 2.82 21.02 46.48
CA THR D 431 2.17 22.13 47.16
C THR D 431 2.40 23.44 46.39
N GLU D 432 3.65 23.65 45.99
CA GLU D 432 4.01 24.84 45.21
C GLU D 432 3.30 24.85 43.87
N THR D 433 3.20 23.67 43.25
CA THR D 433 2.49 23.54 41.98
C THR D 433 1.04 24.00 42.10
N LEU D 434 0.40 23.59 43.19
CA LEU D 434 -1.01 23.92 43.42
C LEU D 434 -1.23 25.42 43.62
N ASP D 435 -0.35 26.05 44.40
CA ASP D 435 -0.44 27.48 44.68
C ASP D 435 -0.34 28.31 43.39
N LEU D 436 0.65 28.00 42.56
CA LEU D 436 0.88 28.72 41.30
C LEU D 436 -0.29 28.60 40.33
N GLY D 437 -0.75 27.38 40.10
CA GLY D 437 -1.93 27.14 39.29
C GLY D 437 -3.09 27.99 39.76
N TRP D 438 -3.23 28.11 41.08
CA TRP D 438 -4.22 28.98 41.69
C TRP D 438 -3.89 30.46 41.49
N GLU D 439 -2.59 30.78 41.52
CA GLU D 439 -2.13 32.15 41.33
C GLU D 439 -2.61 32.72 39.99
N LEU D 440 -2.57 31.89 38.95
CA LEU D 440 -3.24 32.21 37.70
C LEU D 440 -4.73 32.49 38.01
N LEU D 441 -5.33 31.58 38.77
CA LEU D 441 -6.76 31.67 39.08
C LEU D 441 -7.15 32.92 39.89
N ALA D 442 -6.34 33.27 40.89
CA ALA D 442 -6.58 34.47 41.69
C ALA D 442 -6.61 35.68 40.76
N MET D 443 -5.75 35.65 39.76
CA MET D 443 -5.73 36.66 38.73
C MET D 443 -6.99 36.55 37.85
N LEU D 444 -7.51 35.35 37.69
CA LEU D 444 -8.86 35.20 37.12
C LEU D 444 -9.87 35.67 38.15
N PRO D 445 -11.13 35.86 37.72
CA PRO D 445 -12.15 36.31 38.68
C PRO D 445 -12.83 35.14 39.37
N ARG D 446 -13.26 35.33 40.62
CA ARG D 446 -14.05 34.32 41.30
C ARG D 446 -15.33 34.05 40.52
N THR D 447 -15.71 35.03 39.70
CA THR D 447 -16.94 34.98 38.91
C THR D 447 -16.96 33.84 37.88
N GLU D 448 -15.87 33.68 37.15
CA GLU D 448 -15.73 32.62 36.15
C GLU D 448 -15.01 31.40 36.73
N LEU D 449 -15.68 30.26 36.78
CA LEU D 449 -15.07 29.15 37.51
C LEU D 449 -15.62 27.75 37.22
N LYS D 450 -14.79 26.75 37.51
CA LYS D 450 -15.21 25.37 37.61
C LYS D 450 -14.73 24.84 38.96
N ARG D 451 -14.32 25.76 39.82
CA ARG D 451 -13.56 25.43 41.02
C ARG D 451 -14.39 25.33 42.29
N ILE D 452 -13.71 25.00 43.40
CA ILE D 452 -14.39 24.68 44.65
C ILE D 452 -15.04 25.90 45.31
N LYS D 453 -16.18 25.68 45.96
CA LYS D 453 -16.92 26.74 46.64
C LYS D 453 -16.14 27.25 47.85
N ASP D 454 -15.49 26.32 48.56
CA ASP D 454 -14.69 26.70 49.72
C ASP D 454 -13.26 27.09 49.32
N ASP D 455 -13.13 28.25 48.69
CA ASP D 455 -11.81 28.80 48.34
C ASP D 455 -11.07 29.19 49.63
N LEU D 456 -10.90 28.21 50.51
CA LEU D 456 -10.15 28.37 51.75
C LEU D 456 -9.59 27.00 52.16
N LEU D 457 -8.67 26.99 53.12
CA LEU D 457 -8.21 28.21 53.79
C LEU D 457 -7.43 29.11 52.84
N ASP D 458 -6.69 28.51 51.92
CA ASP D 458 -5.89 29.27 50.97
C ASP D 458 -6.77 30.14 50.07
N MET E 8 2.21 -43.20 -33.10
CA MET E 8 2.12 -42.03 -32.23
C MET E 8 2.42 -42.39 -30.78
N GLN E 9 2.78 -41.38 -29.99
CA GLN E 9 3.14 -41.58 -28.60
C GLN E 9 1.98 -41.25 -27.66
N ILE E 10 1.74 -42.12 -26.69
CA ILE E 10 0.63 -41.94 -25.75
C ILE E 10 1.15 -41.62 -24.34
N GLY E 11 0.76 -40.46 -23.83
CA GLY E 11 1.19 -40.03 -22.51
C GLY E 11 0.31 -40.58 -21.40
N LYS E 12 0.84 -40.57 -20.19
CA LYS E 12 0.09 -41.04 -19.01
C LYS E 12 0.04 -39.95 -17.95
N ILE E 13 -1.16 -39.51 -17.61
CA ILE E 13 -1.34 -38.48 -16.60
C ILE E 13 -0.81 -38.92 -15.25
N ILE E 14 -0.01 -38.06 -14.62
CA ILE E 14 0.56 -38.37 -13.32
C ILE E 14 0.14 -37.34 -12.27
N LYS E 15 -0.37 -36.20 -12.72
CA LYS E 15 -0.82 -35.16 -11.81
C LYS E 15 -1.96 -34.34 -12.42
N VAL E 16 -2.94 -33.99 -11.58
CA VAL E 16 -4.05 -33.15 -11.99
C VAL E 16 -4.40 -32.15 -10.89
N SER E 17 -3.96 -30.91 -11.07
CA SER E 17 -4.22 -29.86 -10.09
C SER E 17 -4.84 -28.65 -10.76
N GLY E 18 -6.14 -28.48 -10.59
CA GLY E 18 -6.86 -27.39 -11.22
C GLY E 18 -6.79 -27.49 -12.74
N PRO E 19 -6.41 -26.38 -13.39
CA PRO E 19 -6.28 -26.33 -14.85
C PRO E 19 -4.95 -26.90 -15.33
N LEU E 20 -4.13 -27.35 -14.38
CA LEU E 20 -2.81 -27.89 -14.71
C LEU E 20 -2.81 -29.41 -14.70
N VAL E 21 -2.25 -30.00 -15.76
CA VAL E 21 -2.12 -31.44 -15.86
C VAL E 21 -0.71 -31.81 -16.29
N MET E 22 -0.17 -32.86 -15.68
CA MET E 22 1.17 -33.33 -16.02
C MET E 22 1.15 -34.76 -16.50
N ALA E 23 1.74 -35.00 -17.67
CA ALA E 23 1.77 -36.33 -18.26
C ALA E 23 3.20 -36.82 -18.38
N GLU E 24 3.40 -38.12 -18.14
CA GLU E 24 4.71 -38.73 -18.34
C GLU E 24 4.70 -39.47 -19.68
N ASN E 25 5.88 -39.89 -20.13
CA ASN E 25 6.02 -40.60 -21.40
C ASN E 25 5.55 -39.73 -22.59
N MET E 26 6.05 -38.50 -22.65
CA MET E 26 5.78 -37.64 -23.81
C MET E 26 7.06 -36.95 -24.26
N SER E 27 8.09 -37.75 -24.53
CA SER E 27 9.39 -37.26 -24.96
C SER E 27 9.34 -36.51 -26.28
N GLU E 28 8.51 -37.00 -27.21
CA GLU E 28 8.45 -36.45 -28.56
C GLU E 28 7.54 -35.23 -28.68
N ALA E 29 6.95 -34.82 -27.55
CA ALA E 29 6.04 -33.67 -27.54
C ALA E 29 6.78 -32.37 -27.81
N CYS E 30 6.05 -31.35 -28.26
CA CYS E 30 6.63 -30.03 -28.51
C CYS E 30 5.87 -28.95 -27.75
N ILE E 31 6.57 -27.87 -27.40
CA ILE E 31 5.98 -26.80 -26.58
C ILE E 31 4.92 -25.99 -27.33
N GLN E 32 3.86 -25.61 -26.62
CA GLN E 32 2.75 -24.85 -27.16
C GLN E 32 1.90 -25.69 -28.11
N ASP E 33 2.28 -26.97 -28.27
CA ASP E 33 1.48 -27.89 -29.06
C ASP E 33 0.17 -28.20 -28.35
N MET E 34 -0.83 -28.62 -29.11
CA MET E 34 -2.12 -29.01 -28.55
C MET E 34 -2.18 -30.51 -28.34
N CYS E 35 -2.93 -30.94 -27.33
CA CYS E 35 -3.06 -32.35 -26.99
C CYS E 35 -4.42 -32.66 -26.38
N LEU E 36 -4.81 -33.94 -26.43
CA LEU E 36 -6.05 -34.39 -25.83
C LEU E 36 -5.77 -35.05 -24.48
N VAL E 37 -6.44 -34.58 -23.44
CA VAL E 37 -6.16 -35.01 -22.08
C VAL E 37 -7.24 -35.92 -21.52
N GLY E 38 -6.82 -37.01 -20.88
CA GLY E 38 -7.73 -37.91 -20.21
C GLY E 38 -8.61 -38.73 -21.13
N ASP E 39 -9.48 -39.53 -20.55
CA ASP E 39 -10.41 -40.36 -21.32
C ASP E 39 -11.41 -39.48 -22.06
N LEU E 40 -11.78 -38.36 -21.44
CA LEU E 40 -12.71 -37.41 -22.04
C LEU E 40 -12.08 -36.77 -23.28
N GLY E 41 -10.75 -36.68 -23.27
CA GLY E 41 -10.03 -36.11 -24.40
C GLY E 41 -10.16 -34.60 -24.46
N VAL E 42 -10.22 -33.95 -23.30
CA VAL E 42 -10.31 -32.49 -23.25
C VAL E 42 -9.05 -31.88 -23.85
N ILE E 43 -9.23 -30.81 -24.62
CA ILE E 43 -8.11 -30.19 -25.31
C ILE E 43 -7.32 -29.32 -24.35
N GLY E 44 -6.00 -29.43 -24.45
CA GLY E 44 -5.13 -28.67 -23.58
C GLY E 44 -3.86 -28.27 -24.30
N GLU E 45 -3.04 -27.45 -23.66
CA GLU E 45 -1.82 -27.00 -24.28
C GLU E 45 -0.57 -27.30 -23.48
N ILE E 46 0.47 -27.72 -24.17
CA ILE E 46 1.74 -28.01 -23.54
C ILE E 46 2.54 -26.72 -23.34
N ILE E 47 2.70 -26.33 -22.08
CA ILE E 47 3.36 -25.07 -21.74
C ILE E 47 4.83 -25.24 -21.38
N GLU E 48 5.13 -26.25 -20.57
CA GLU E 48 6.51 -26.54 -20.20
C GLU E 48 6.78 -28.04 -20.26
N MET E 49 8.04 -28.44 -20.16
CA MET E 49 8.39 -29.84 -20.34
C MET E 49 9.69 -30.21 -19.64
N ARG E 50 9.64 -31.29 -18.87
CA ARG E 50 10.80 -31.79 -18.14
C ARG E 50 11.04 -33.26 -18.47
N GLN E 51 12.10 -33.54 -19.22
CA GLN E 51 12.38 -34.89 -19.68
C GLN E 51 11.22 -35.40 -20.53
N ASP E 52 10.59 -36.49 -20.07
CA ASP E 52 9.43 -37.04 -20.75
C ASP E 52 8.14 -36.51 -20.14
N VAL E 53 8.26 -35.87 -18.99
CA VAL E 53 7.10 -35.31 -18.29
C VAL E 53 6.73 -33.94 -18.86
N ALA E 54 5.47 -33.79 -19.27
CA ALA E 54 5.01 -32.54 -19.85
C ALA E 54 3.97 -31.88 -18.97
N SER E 55 4.07 -30.57 -18.80
CA SER E 55 3.07 -29.80 -18.07
C SER E 55 2.05 -29.24 -19.06
N ILE E 56 0.79 -29.63 -18.89
CA ILE E 56 -0.25 -29.25 -19.83
C ILE E 56 -1.24 -28.25 -19.22
N GLN E 57 -1.46 -27.15 -19.93
CA GLN E 57 -2.46 -26.17 -19.55
C GLN E 57 -3.78 -26.50 -20.23
N VAL E 58 -4.65 -27.21 -19.52
CA VAL E 58 -5.94 -27.60 -20.08
C VAL E 58 -6.87 -26.41 -20.21
N TYR E 59 -7.67 -26.40 -21.28
CA TYR E 59 -8.58 -25.29 -21.54
C TYR E 59 -9.92 -25.52 -20.85
N GLU E 60 -10.48 -26.71 -21.04
CA GLU E 60 -11.77 -27.06 -20.45
C GLU E 60 -11.63 -27.49 -18.99
N GLU E 61 -12.76 -27.72 -18.32
CA GLU E 61 -12.76 -28.18 -16.94
C GLU E 61 -12.07 -29.54 -16.81
N THR E 62 -11.44 -29.77 -15.66
CA THR E 62 -10.72 -31.01 -15.43
C THR E 62 -11.36 -31.88 -14.36
N SER E 63 -12.59 -31.53 -13.97
CA SER E 63 -13.33 -32.32 -12.99
C SER E 63 -13.57 -33.72 -13.52
N GLY E 64 -13.19 -34.73 -12.73
CA GLY E 64 -13.40 -36.11 -13.11
C GLY E 64 -12.19 -36.76 -13.75
N ILE E 65 -11.13 -35.99 -13.95
CA ILE E 65 -9.90 -36.52 -14.53
C ILE E 65 -8.86 -36.80 -13.45
N GLY E 66 -8.10 -37.87 -13.63
CA GLY E 66 -7.09 -38.24 -12.67
C GLY E 66 -5.93 -39.00 -13.29
N PRO E 67 -4.90 -39.30 -12.49
CA PRO E 67 -3.70 -40.04 -12.91
C PRO E 67 -4.02 -41.36 -13.57
N GLY E 68 -3.16 -41.81 -14.47
CA GLY E 68 -3.34 -43.08 -15.15
C GLY E 68 -4.04 -42.97 -16.49
N GLU E 69 -4.70 -41.84 -16.73
CA GLU E 69 -5.41 -41.62 -17.98
C GLU E 69 -4.45 -41.19 -19.09
N PRO E 70 -4.83 -41.45 -20.35
CA PRO E 70 -3.98 -41.19 -21.51
C PRO E 70 -3.94 -39.73 -21.94
N VAL E 71 -2.89 -39.35 -22.67
CA VAL E 71 -2.76 -38.02 -23.24
C VAL E 71 -2.13 -38.12 -24.62
N ARG E 72 -2.73 -37.44 -25.59
CA ARG E 72 -2.27 -37.52 -26.98
C ARG E 72 -1.97 -36.14 -27.56
N SER E 73 -0.76 -35.97 -28.08
CA SER E 73 -0.36 -34.71 -28.71
C SER E 73 -0.92 -34.62 -30.12
N THR E 74 -1.44 -33.45 -30.47
CA THR E 74 -2.04 -33.24 -31.78
C THR E 74 -0.97 -32.92 -32.83
N GLY E 75 0.27 -32.73 -32.36
CA GLY E 75 1.39 -32.50 -33.24
C GLY E 75 1.45 -31.11 -33.83
N GLU E 76 0.58 -30.22 -33.36
CA GLU E 76 0.54 -28.85 -33.85
C GLU E 76 0.03 -27.89 -32.78
N ALA E 77 0.47 -26.64 -32.84
CA ALA E 77 0.03 -25.62 -31.89
C ALA E 77 -1.39 -25.18 -32.19
N LEU E 78 -1.91 -24.24 -31.40
CA LEU E 78 -3.22 -23.68 -31.65
C LEU E 78 -3.24 -23.00 -33.01
N SER E 79 -4.11 -23.49 -33.89
CA SER E 79 -4.15 -22.98 -35.26
C SER E 79 -5.58 -22.80 -35.74
N VAL E 80 -5.74 -22.01 -36.79
CA VAL E 80 -7.05 -21.80 -37.39
C VAL E 80 -7.07 -22.28 -38.83
N GLU E 81 -8.23 -22.74 -39.28
CA GLU E 81 -8.41 -23.13 -40.67
C GLU E 81 -8.77 -21.91 -41.52
N LEU E 82 -7.96 -21.68 -42.55
CA LEU E 82 -8.18 -20.52 -43.42
C LEU E 82 -8.55 -20.97 -44.82
N GLY E 83 -9.81 -20.75 -45.19
CA GLY E 83 -10.30 -21.13 -46.50
C GLY E 83 -11.78 -20.83 -46.64
N PRO E 84 -12.39 -21.29 -47.74
CA PRO E 84 -13.82 -21.08 -47.97
C PRO E 84 -14.70 -21.74 -46.91
N GLY E 85 -15.61 -20.98 -46.34
CA GLY E 85 -16.51 -21.50 -45.32
C GLY E 85 -16.28 -20.85 -43.96
N ILE E 86 -15.44 -19.81 -43.94
CA ILE E 86 -15.09 -19.13 -42.70
C ILE E 86 -15.92 -17.88 -42.49
N ILE E 87 -16.29 -17.22 -43.59
CA ILE E 87 -17.07 -15.99 -43.51
C ILE E 87 -18.51 -16.27 -43.08
N SER E 88 -19.08 -15.34 -42.33
CA SER E 88 -20.46 -15.45 -41.84
C SER E 88 -20.62 -16.59 -40.83
N GLN E 89 -19.52 -17.02 -40.24
CA GLN E 89 -19.56 -18.06 -39.22
C GLN E 89 -19.40 -17.47 -37.82
N MET E 90 -19.88 -18.20 -36.83
CA MET E 90 -19.77 -17.80 -35.43
C MET E 90 -18.88 -18.79 -34.69
N PHE E 91 -17.69 -18.35 -34.30
CA PHE E 91 -16.74 -19.22 -33.63
C PHE E 91 -16.66 -18.93 -32.13
N ASP E 92 -15.82 -19.67 -31.41
CA ASP E 92 -15.80 -19.61 -29.96
C ASP E 92 -14.45 -19.23 -29.36
N GLY E 93 -13.61 -18.54 -30.13
CA GLY E 93 -12.31 -18.12 -29.64
C GLY E 93 -11.19 -19.05 -30.05
N ILE E 94 -11.51 -20.33 -30.18
CA ILE E 94 -10.57 -21.31 -30.72
C ILE E 94 -11.05 -21.77 -32.08
N GLN E 95 -11.89 -20.96 -32.70
CA GLN E 95 -12.44 -21.22 -34.03
C GLN E 95 -13.21 -22.54 -34.11
N ARG E 96 -14.18 -22.70 -33.22
CA ARG E 96 -15.10 -23.82 -33.30
C ARG E 96 -16.48 -23.32 -33.67
N PRO E 97 -17.02 -23.82 -34.80
CA PRO E 97 -18.33 -23.41 -35.29
C PRO E 97 -19.44 -23.68 -34.27
N LEU E 98 -20.06 -22.61 -33.79
CA LEU E 98 -21.07 -22.71 -32.74
C LEU E 98 -22.32 -23.46 -33.22
N ASP E 99 -22.78 -23.16 -34.43
CA ASP E 99 -23.98 -23.79 -34.97
C ASP E 99 -23.75 -25.28 -35.21
N THR E 100 -22.59 -25.61 -35.78
CA THR E 100 -22.24 -27.00 -36.04
C THR E 100 -22.12 -27.77 -34.73
N PHE E 101 -21.69 -27.06 -33.69
CA PHE E 101 -21.56 -27.65 -32.36
C PHE E 101 -22.92 -28.09 -31.83
N MET E 102 -23.96 -27.34 -32.21
CA MET E 102 -25.33 -27.69 -31.84
C MET E 102 -25.89 -28.78 -32.74
N GLU E 103 -25.11 -29.17 -33.74
CA GLU E 103 -25.54 -30.21 -34.69
C GLU E 103 -24.89 -31.55 -34.37
N VAL E 104 -23.56 -31.53 -34.29
CA VAL E 104 -22.81 -32.75 -33.94
C VAL E 104 -23.18 -33.21 -32.55
N THR E 105 -23.34 -32.26 -31.63
CA THR E 105 -23.91 -32.54 -30.31
C THR E 105 -25.38 -32.14 -30.34
N GLN E 106 -26.21 -32.83 -29.58
CA GLN E 106 -27.64 -32.57 -29.61
C GLN E 106 -28.09 -31.65 -28.47
N SER E 107 -27.16 -30.89 -27.92
CA SER E 107 -27.46 -30.03 -26.78
C SER E 107 -27.29 -28.55 -27.09
N ASN E 108 -27.85 -27.72 -26.21
CA ASN E 108 -27.69 -26.27 -26.30
C ASN E 108 -26.51 -25.81 -25.44
N PHE E 109 -25.69 -26.76 -25.01
CA PHE E 109 -24.56 -26.47 -24.17
C PHE E 109 -23.26 -26.97 -24.78
N LEU E 110 -22.16 -26.37 -24.37
CA LEU E 110 -20.85 -26.76 -24.86
C LEU E 110 -20.25 -27.84 -23.96
N GLY E 111 -20.43 -29.09 -24.34
CA GLY E 111 -19.85 -30.18 -23.60
C GLY E 111 -18.34 -30.20 -23.80
N ARG E 112 -17.62 -30.72 -22.82
CA ARG E 112 -16.17 -30.80 -22.93
C ARG E 112 -15.74 -32.11 -23.58
N GLY E 113 -14.58 -32.10 -24.21
CA GLY E 113 -14.09 -33.27 -24.91
C GLY E 113 -14.56 -33.35 -26.35
N VAL E 114 -15.26 -32.30 -26.79
CA VAL E 114 -15.78 -32.24 -28.14
C VAL E 114 -14.78 -31.58 -29.09
N GLN E 115 -14.38 -32.31 -30.13
CA GLN E 115 -13.46 -31.78 -31.12
C GLN E 115 -14.03 -31.90 -32.53
N LEU E 116 -14.05 -30.78 -33.24
CA LEU E 116 -14.56 -30.74 -34.61
C LEU E 116 -13.92 -29.62 -35.41
N PRO E 117 -13.74 -29.83 -36.71
CA PRO E 117 -13.10 -28.85 -37.61
C PRO E 117 -13.80 -27.49 -37.58
N ALA E 118 -13.10 -26.44 -37.99
CA ALA E 118 -13.64 -25.10 -37.97
C ALA E 118 -14.50 -24.81 -39.20
N LEU E 119 -14.10 -25.35 -40.35
CA LEU E 119 -14.79 -25.08 -41.60
C LEU E 119 -15.55 -26.30 -42.10
N ASP E 120 -16.49 -26.08 -43.01
CA ASP E 120 -17.26 -27.16 -43.61
C ASP E 120 -16.42 -27.88 -44.66
N HIS E 121 -15.93 -29.06 -44.32
CA HIS E 121 -15.12 -29.85 -45.23
C HIS E 121 -15.99 -30.66 -46.20
N GLU E 122 -17.30 -30.53 -46.04
CA GLU E 122 -18.24 -31.28 -46.88
C GLU E 122 -18.81 -30.41 -48.00
N LYS E 123 -18.89 -29.10 -47.75
CA LYS E 123 -19.50 -28.18 -48.70
C LYS E 123 -18.70 -28.09 -50.00
N GLN E 124 -19.41 -28.25 -51.12
CA GLN E 124 -18.79 -28.14 -52.43
C GLN E 124 -18.65 -26.69 -52.85
N TRP E 125 -17.42 -26.28 -53.15
CA TRP E 125 -17.16 -24.94 -53.64
C TRP E 125 -16.68 -24.97 -55.09
N TRP E 126 -16.93 -23.89 -55.81
CA TRP E 126 -16.45 -23.79 -57.18
C TRP E 126 -15.13 -23.02 -57.25
N PHE E 127 -14.04 -23.76 -57.39
CA PHE E 127 -12.72 -23.14 -57.50
C PHE E 127 -12.41 -22.76 -58.95
N GLU E 128 -12.28 -21.46 -59.18
CA GLU E 128 -11.92 -20.96 -60.50
C GLU E 128 -10.44 -20.63 -60.57
N ALA E 129 -9.69 -21.45 -61.30
CA ALA E 129 -8.25 -21.25 -61.45
C ALA E 129 -7.95 -19.99 -62.26
N THR E 130 -7.08 -19.14 -61.71
CA THR E 130 -6.70 -17.90 -62.38
C THR E 130 -5.24 -17.93 -62.80
N ILE E 131 -4.54 -18.98 -62.39
CA ILE E 131 -3.13 -19.14 -62.73
C ILE E 131 -2.97 -20.21 -63.80
N GLU E 132 -1.94 -20.06 -64.65
CA GLU E 132 -1.70 -21.00 -65.73
C GLU E 132 -0.66 -22.05 -65.35
N GLU E 133 -0.75 -23.21 -65.99
CA GLU E 133 0.18 -24.30 -65.74
C GLU E 133 1.57 -23.98 -66.29
N GLY E 134 2.58 -24.12 -65.44
CA GLY E 134 3.94 -23.81 -65.84
C GLY E 134 4.45 -22.54 -65.19
N THR E 135 3.54 -21.78 -64.60
CA THR E 135 3.89 -20.54 -63.93
C THR E 135 4.69 -20.80 -62.66
N GLU E 136 5.62 -19.90 -62.36
CA GLU E 136 6.45 -20.00 -61.17
C GLU E 136 5.87 -19.13 -60.05
N VAL E 137 5.64 -19.74 -58.89
CA VAL E 137 4.93 -19.07 -57.82
C VAL E 137 5.59 -19.24 -56.46
N SER E 138 5.33 -18.28 -55.56
CA SER E 138 5.79 -18.35 -54.18
C SER E 138 4.65 -17.97 -53.24
N ALA E 139 4.93 -18.01 -51.94
CA ALA E 139 3.92 -17.73 -50.92
C ALA E 139 3.23 -16.39 -51.13
N GLY E 140 1.89 -16.40 -51.08
CA GLY E 140 1.12 -15.19 -51.25
C GLY E 140 0.52 -15.05 -52.63
N ASP E 141 1.02 -15.85 -53.58
CA ASP E 141 0.53 -15.81 -54.95
C ASP E 141 -0.86 -16.43 -55.07
N ILE E 142 -1.73 -15.76 -55.83
CA ILE E 142 -3.10 -16.21 -56.01
C ILE E 142 -3.24 -17.13 -57.22
N ILE E 143 -3.58 -18.39 -56.97
CA ILE E 143 -3.72 -19.39 -58.03
C ILE E 143 -5.16 -19.50 -58.52
N GLY E 144 -6.08 -18.92 -57.76
CA GLY E 144 -7.49 -18.99 -58.11
C GLY E 144 -8.36 -18.24 -57.12
N TYR E 145 -9.67 -18.43 -57.23
CA TYR E 145 -10.61 -17.74 -56.36
C TYR E 145 -11.89 -18.54 -56.16
N VAL E 146 -12.72 -18.07 -55.25
CA VAL E 146 -14.03 -18.66 -55.00
C VAL E 146 -15.01 -17.60 -54.53
N ASP E 147 -16.17 -17.54 -55.17
CA ASP E 147 -17.23 -16.65 -54.71
C ASP E 147 -17.89 -17.25 -53.48
N GLU E 148 -17.23 -17.09 -52.35
CA GLU E 148 -17.68 -17.69 -51.09
C GLU E 148 -19.00 -17.12 -50.60
N THR E 149 -19.10 -15.80 -50.59
CA THR E 149 -20.30 -15.15 -50.07
C THR E 149 -20.92 -14.23 -51.11
N LYS E 150 -22.12 -13.74 -50.81
CA LYS E 150 -22.83 -12.84 -51.70
C LYS E 150 -22.05 -11.55 -51.94
N ILE E 151 -21.06 -11.29 -51.08
CA ILE E 151 -20.30 -10.04 -51.16
C ILE E 151 -18.81 -10.26 -51.37
N ILE E 152 -18.23 -11.21 -50.65
CA ILE E 152 -16.78 -11.37 -50.63
C ILE E 152 -16.26 -12.49 -51.52
N GLN E 153 -15.24 -12.17 -52.32
CA GLN E 153 -14.56 -13.14 -53.17
C GLN E 153 -13.36 -13.71 -52.44
N HIS E 154 -13.31 -15.03 -52.29
CA HIS E 154 -12.23 -15.68 -51.56
C HIS E 154 -11.06 -16.03 -52.46
N LYS E 155 -9.93 -15.37 -52.25
CA LYS E 155 -8.73 -15.62 -53.02
C LYS E 155 -7.95 -16.80 -52.44
N ILE E 156 -7.68 -17.81 -53.27
CA ILE E 156 -6.85 -18.93 -52.85
C ILE E 156 -5.39 -18.65 -53.21
N MET E 157 -4.56 -18.45 -52.18
CA MET E 157 -3.17 -18.09 -52.40
C MET E 157 -2.22 -19.15 -51.87
N VAL E 158 -1.02 -19.19 -52.45
CA VAL E 158 0.00 -20.17 -52.08
C VAL E 158 0.42 -19.99 -50.63
N PRO E 159 0.36 -21.08 -49.85
CA PRO E 159 0.76 -21.08 -48.43
C PRO E 159 2.23 -20.75 -48.25
N ASN E 160 2.59 -20.23 -47.07
CA ASN E 160 3.98 -19.94 -46.76
C ASN E 160 4.81 -21.22 -46.73
N GLY E 161 6.08 -21.11 -47.10
CA GLY E 161 6.95 -22.27 -47.14
C GLY E 161 6.75 -23.09 -48.39
N ILE E 162 6.08 -22.52 -49.37
CA ILE E 162 5.86 -23.18 -50.66
C ILE E 162 6.32 -22.31 -51.81
N LYS E 163 7.22 -22.85 -52.63
CA LYS E 163 7.71 -22.14 -53.80
C LYS E 163 7.97 -23.12 -54.95
N GLY E 164 7.91 -22.60 -56.18
CA GLY E 164 8.16 -23.43 -57.35
C GLY E 164 7.24 -23.11 -58.49
N THR E 165 7.10 -24.06 -59.42
CA THR E 165 6.24 -23.88 -60.58
C THR E 165 5.08 -24.88 -60.56
N VAL E 166 3.89 -24.39 -60.84
CA VAL E 166 2.69 -25.23 -60.83
C VAL E 166 2.67 -26.19 -62.02
N GLN E 167 2.55 -27.48 -61.73
CA GLN E 167 2.48 -28.50 -62.77
C GLN E 167 1.08 -28.62 -63.33
N LYS E 168 0.12 -28.98 -62.47
CA LYS E 168 -1.26 -29.14 -62.90
C LYS E 168 -2.23 -28.36 -62.02
N ILE E 169 -3.18 -27.70 -62.65
CA ILE E 169 -4.23 -26.96 -61.94
C ILE E 169 -5.42 -26.73 -62.86
N GLU E 170 -6.60 -27.10 -62.39
CA GLU E 170 -7.82 -26.91 -63.18
C GLU E 170 -8.97 -26.44 -62.30
N SER E 171 -9.91 -25.73 -62.91
CA SER E 171 -11.11 -25.29 -62.21
C SER E 171 -12.05 -26.47 -62.00
N GLY E 172 -13.05 -26.30 -61.15
CA GLY E 172 -14.02 -27.36 -60.90
C GLY E 172 -14.64 -27.27 -59.51
N SER E 173 -15.43 -28.28 -59.17
CA SER E 173 -16.09 -28.32 -57.87
C SER E 173 -15.37 -29.29 -56.94
N PHE E 174 -14.79 -28.75 -55.86
CA PHE E 174 -14.09 -29.57 -54.88
C PHE E 174 -14.52 -29.21 -53.47
N THR E 175 -14.00 -29.94 -52.50
CA THR E 175 -14.12 -29.56 -51.10
C THR E 175 -12.83 -28.86 -50.69
N ILE E 176 -12.73 -28.46 -49.43
CA ILE E 176 -11.53 -27.81 -48.94
C ILE E 176 -10.44 -28.84 -48.63
N ASP E 177 -10.74 -30.10 -48.91
CA ASP E 177 -9.79 -31.18 -48.68
C ASP E 177 -9.20 -31.70 -49.99
N ASP E 178 -9.90 -31.46 -51.10
CA ASP E 178 -9.46 -31.93 -52.40
C ASP E 178 -8.34 -31.07 -52.96
N PRO E 179 -7.26 -31.70 -53.45
CA PRO E 179 -6.12 -31.01 -54.05
C PRO E 179 -6.47 -30.41 -55.41
N ILE E 180 -6.59 -29.09 -55.48
CA ILE E 180 -6.98 -28.42 -56.72
C ILE E 180 -5.76 -27.89 -57.47
N CYS E 181 -4.57 -28.16 -56.93
CA CYS E 181 -3.35 -27.67 -57.55
C CYS E 181 -2.11 -28.42 -57.04
N VAL E 182 -1.17 -28.66 -57.95
CA VAL E 182 0.09 -29.32 -57.59
C VAL E 182 1.27 -28.48 -58.04
N ILE E 183 2.28 -28.40 -57.18
CA ILE E 183 3.46 -27.59 -57.47
C ILE E 183 4.74 -28.35 -57.17
N GLU E 184 5.77 -28.13 -58.00
CA GLU E 184 7.06 -28.76 -57.78
C GLU E 184 7.92 -27.91 -56.85
N THR E 185 8.59 -28.56 -55.91
CA THR E 185 9.43 -27.86 -54.94
C THR E 185 10.81 -28.52 -54.83
N GLU E 186 11.71 -27.83 -54.13
CA GLU E 186 13.06 -28.35 -53.90
C GLU E 186 13.00 -29.69 -53.17
N GLN E 187 12.10 -29.79 -52.21
CA GLN E 187 11.86 -31.04 -51.49
C GLN E 187 11.26 -32.08 -52.43
N GLY E 188 10.36 -31.63 -53.29
CA GLY E 188 9.69 -32.50 -54.24
C GLY E 188 8.34 -31.96 -54.68
N LEU E 189 7.39 -32.87 -54.86
CA LEU E 189 6.06 -32.49 -55.32
C LEU E 189 5.11 -32.28 -54.15
N LYS E 190 4.41 -31.16 -54.17
CA LYS E 190 3.46 -30.80 -53.11
C LYS E 190 2.08 -30.48 -53.69
N GLU E 191 1.04 -30.92 -53.00
CA GLU E 191 -0.33 -30.66 -53.44
C GLU E 191 -1.00 -29.62 -52.54
N LEU E 192 -1.74 -28.71 -53.16
CA LEU E 192 -2.41 -27.64 -52.44
C LEU E 192 -3.92 -27.81 -52.41
N THR E 193 -4.56 -27.24 -51.41
CA THR E 193 -6.02 -27.24 -51.31
C THR E 193 -6.53 -25.81 -51.20
N MET E 194 -7.83 -25.66 -50.96
CA MET E 194 -8.43 -24.35 -50.84
C MET E 194 -8.33 -23.82 -49.41
N MET E 195 -7.76 -24.63 -48.52
CA MET E 195 -7.66 -24.24 -47.12
C MET E 195 -6.23 -24.39 -46.59
N GLN E 196 -5.83 -23.47 -45.72
CA GLN E 196 -4.51 -23.51 -45.10
C GLN E 196 -4.61 -23.28 -43.60
N LYS E 197 -3.72 -23.90 -42.85
CA LYS E 197 -3.69 -23.73 -41.41
C LYS E 197 -2.54 -22.82 -40.98
N TRP E 198 -2.73 -22.10 -39.88
CA TRP E 198 -1.71 -21.18 -39.41
C TRP E 198 -1.75 -21.03 -37.89
N PRO E 199 -0.58 -21.09 -37.25
CA PRO E 199 -0.42 -20.89 -35.80
C PRO E 199 -0.98 -19.56 -35.33
N VAL E 200 -1.97 -19.60 -34.45
CA VAL E 200 -2.72 -18.41 -34.07
C VAL E 200 -1.86 -17.38 -33.31
N ARG E 201 -0.83 -17.85 -32.62
CA ARG E 201 0.04 -16.98 -31.85
C ARG E 201 1.11 -16.33 -32.72
N ARG E 202 1.22 -16.83 -33.94
CA ARG E 202 2.25 -16.37 -34.85
C ARG E 202 1.66 -15.45 -35.90
N GLY E 203 2.31 -14.29 -36.08
CA GLY E 203 1.86 -13.32 -37.05
C GLY E 203 2.10 -13.77 -38.48
N ARG E 204 1.16 -13.45 -39.35
CA ARG E 204 1.26 -13.80 -40.77
C ARG E 204 2.36 -12.99 -41.45
N PRO E 205 3.31 -13.68 -42.08
CA PRO E 205 4.45 -13.05 -42.78
C PRO E 205 4.01 -12.05 -43.85
N ILE E 206 4.73 -10.93 -43.95
CA ILE E 206 4.42 -9.91 -44.94
C ILE E 206 5.68 -9.47 -45.69
N LYS E 207 5.49 -8.71 -46.75
CA LYS E 207 6.61 -8.14 -47.50
C LYS E 207 7.27 -7.03 -46.67
N GLN E 208 6.47 -6.02 -46.33
CA GLN E 208 6.94 -4.91 -45.51
C GLN E 208 5.76 -4.13 -44.94
N LYS E 209 5.91 -3.68 -43.70
CA LYS E 209 4.87 -2.89 -43.06
C LYS E 209 4.87 -1.48 -43.64
N LEU E 210 3.71 -0.83 -43.61
CA LEU E 210 3.58 0.51 -44.19
C LEU E 210 3.01 1.51 -43.21
N ASN E 211 3.43 2.75 -43.36
CA ASN E 211 2.84 3.87 -42.63
C ASN E 211 1.42 4.11 -43.13
N PRO E 212 0.43 4.06 -42.22
CA PRO E 212 -0.97 4.24 -42.63
C PRO E 212 -1.32 5.71 -42.82
N ASP E 213 -1.33 6.17 -44.07
CA ASP E 213 -1.56 7.58 -44.34
C ASP E 213 -2.95 7.85 -44.95
N VAL E 214 -3.78 6.82 -45.03
CA VAL E 214 -5.12 6.96 -45.56
C VAL E 214 -6.18 6.88 -44.47
N PRO E 215 -6.97 7.94 -44.29
CA PRO E 215 -8.03 7.97 -43.27
C PRO E 215 -9.19 7.06 -43.63
N MET E 216 -9.68 6.29 -42.66
CA MET E 216 -10.83 5.43 -42.88
C MET E 216 -12.12 6.22 -42.71
N ILE E 217 -13.02 6.12 -43.68
CA ILE E 217 -14.29 6.84 -43.64
C ILE E 217 -15.35 6.05 -42.90
N THR E 218 -15.79 6.58 -41.75
CA THR E 218 -16.82 5.93 -40.96
C THR E 218 -18.18 6.56 -41.20
N GLY E 219 -18.17 7.76 -41.78
CA GLY E 219 -19.41 8.48 -42.06
C GLY E 219 -19.87 9.30 -40.87
N GLN E 220 -19.16 9.17 -39.75
CA GLN E 220 -19.48 9.92 -38.55
C GLN E 220 -18.64 11.19 -38.50
N ARG E 221 -19.30 12.34 -38.48
CA ARG E 221 -18.63 13.62 -38.57
C ARG E 221 -17.64 13.87 -37.43
N VAL E 222 -18.06 13.54 -36.21
CA VAL E 222 -17.20 13.75 -35.04
C VAL E 222 -15.93 12.91 -35.14
N ILE E 223 -16.05 11.69 -35.63
CA ILE E 223 -14.92 10.79 -35.75
C ILE E 223 -14.01 11.18 -36.91
N ASP E 224 -14.58 11.26 -38.11
CA ASP E 224 -13.78 11.52 -39.30
C ASP E 224 -13.10 12.89 -39.28
N THR E 225 -13.77 13.90 -38.71
CA THR E 225 -13.26 15.27 -38.78
C THR E 225 -12.21 15.56 -37.72
N PHE E 226 -12.42 15.08 -36.50
CA PHE E 226 -11.57 15.47 -35.37
C PHE E 226 -10.67 14.33 -34.86
N PHE E 227 -11.19 13.11 -34.91
CA PHE E 227 -10.47 11.97 -34.34
C PHE E 227 -10.45 10.78 -35.29
N PRO E 228 -10.08 11.01 -36.56
CA PRO E 228 -10.14 9.97 -37.59
C PRO E 228 -9.08 8.90 -37.36
N VAL E 229 -9.35 7.70 -37.85
CA VAL E 229 -8.39 6.62 -37.80
C VAL E 229 -8.04 6.27 -39.23
N THR E 230 -6.77 6.01 -39.49
CA THR E 230 -6.33 5.65 -40.83
C THR E 230 -6.54 4.16 -41.08
N LYS E 231 -6.59 3.77 -42.35
CA LYS E 231 -6.66 2.36 -42.70
C LYS E 231 -5.38 1.66 -42.28
N GLY E 232 -5.48 0.87 -41.21
CA GLY E 232 -4.31 0.22 -40.64
C GLY E 232 -3.94 0.85 -39.30
N GLY E 233 -4.84 1.67 -38.78
CA GLY E 233 -4.63 2.33 -37.51
C GLY E 233 -5.32 1.58 -36.38
N ALA E 234 -5.22 2.13 -35.17
CA ALA E 234 -5.84 1.51 -34.01
C ALA E 234 -6.46 2.56 -33.09
N ALA E 235 -7.64 2.26 -32.56
CA ALA E 235 -8.34 3.17 -31.67
C ALA E 235 -8.95 2.43 -30.48
N ALA E 236 -9.06 3.12 -29.35
CA ALA E 236 -9.62 2.53 -28.14
C ALA E 236 -10.86 3.30 -27.68
N VAL E 237 -11.79 2.60 -27.04
CA VAL E 237 -13.03 3.21 -26.60
C VAL E 237 -13.45 2.72 -25.22
N PRO E 238 -13.78 3.66 -24.32
CA PRO E 238 -14.26 3.35 -22.96
C PRO E 238 -15.54 2.52 -22.98
N GLY E 239 -16.55 2.99 -23.71
CA GLY E 239 -17.79 2.27 -23.86
C GLY E 239 -18.52 1.96 -22.56
N PRO E 240 -18.87 3.01 -21.79
CA PRO E 240 -19.69 2.81 -20.59
C PRO E 240 -21.15 2.56 -20.95
N PHE E 241 -21.95 2.12 -19.99
CA PHE E 241 -23.37 1.87 -20.24
C PHE E 241 -24.13 3.15 -20.53
N GLY E 242 -25.01 3.09 -21.52
CA GLY E 242 -25.82 4.24 -21.90
C GLY E 242 -25.12 5.16 -22.87
N ALA E 243 -23.84 4.90 -23.11
CA ALA E 243 -23.04 5.72 -24.02
C ALA E 243 -23.33 5.35 -25.47
N GLY E 244 -23.97 4.20 -25.67
CA GLY E 244 -24.33 3.75 -27.00
C GLY E 244 -23.12 3.34 -27.82
N LYS E 245 -22.17 2.64 -27.19
CA LYS E 245 -21.00 2.14 -27.91
C LYS E 245 -21.42 1.03 -28.86
N THR E 246 -22.48 0.32 -28.51
CA THR E 246 -23.01 -0.74 -29.35
C THR E 246 -23.51 -0.18 -30.68
N VAL E 247 -24.11 1.00 -30.63
CA VAL E 247 -24.60 1.68 -31.82
C VAL E 247 -23.43 2.24 -32.63
N VAL E 248 -22.40 2.70 -31.94
CA VAL E 248 -21.21 3.25 -32.59
C VAL E 248 -20.43 2.16 -33.32
N GLN E 249 -20.38 0.97 -32.72
CA GLN E 249 -19.73 -0.17 -33.35
C GLN E 249 -20.48 -0.60 -34.60
N HIS E 250 -21.81 -0.55 -34.52
CA HIS E 250 -22.66 -0.88 -35.67
C HIS E 250 -22.44 0.09 -36.83
N GLN E 251 -22.45 1.38 -36.52
CA GLN E 251 -22.23 2.42 -37.52
C GLN E 251 -20.88 2.26 -38.20
N ILE E 252 -19.86 1.96 -37.40
CA ILE E 252 -18.53 1.73 -37.92
C ILE E 252 -18.48 0.46 -38.77
N ALA E 253 -18.91 -0.65 -38.18
CA ALA E 253 -18.88 -1.94 -38.87
C ALA E 253 -19.74 -1.95 -40.13
N LYS E 254 -20.64 -0.97 -40.25
CA LYS E 254 -21.56 -0.92 -41.37
C LYS E 254 -21.09 0.04 -42.48
N TRP E 255 -20.63 1.23 -42.09
CA TRP E 255 -20.25 2.25 -43.06
C TRP E 255 -18.74 2.46 -43.18
N SER E 256 -17.96 1.56 -42.58
CA SER E 256 -16.50 1.67 -42.69
C SER E 256 -16.04 1.39 -44.11
N ASP E 257 -14.92 2.00 -44.48
CA ASP E 257 -14.36 1.84 -45.81
C ASP E 257 -13.75 0.44 -45.97
N VAL E 258 -13.80 -0.34 -44.90
CA VAL E 258 -13.24 -1.68 -44.88
C VAL E 258 -14.07 -2.66 -45.71
N ASP E 259 -13.46 -3.80 -46.05
CA ASP E 259 -14.16 -4.84 -46.80
C ASP E 259 -14.65 -5.94 -45.87
N LEU E 260 -13.75 -6.43 -45.02
CA LEU E 260 -14.07 -7.48 -44.05
C LEU E 260 -14.19 -6.91 -42.65
N VAL E 261 -15.07 -7.51 -41.85
CA VAL E 261 -15.23 -7.12 -40.46
C VAL E 261 -15.11 -8.33 -39.54
N VAL E 262 -14.09 -8.32 -38.69
CA VAL E 262 -13.89 -9.40 -37.74
C VAL E 262 -14.19 -8.92 -36.32
N TYR E 263 -15.37 -9.28 -35.82
CA TYR E 263 -15.78 -8.91 -34.48
C TYR E 263 -15.45 -10.01 -33.48
N VAL E 264 -14.50 -9.73 -32.58
CA VAL E 264 -14.10 -10.71 -31.59
C VAL E 264 -14.68 -10.39 -30.21
N GLY E 265 -15.58 -11.24 -29.75
CA GLY E 265 -16.15 -11.10 -28.42
C GLY E 265 -15.41 -11.96 -27.42
N CYS E 266 -14.75 -11.31 -26.47
CA CYS E 266 -13.92 -12.01 -25.50
C CYS E 266 -14.37 -11.76 -24.07
N GLY E 267 -14.75 -12.84 -23.38
CA GLY E 267 -15.16 -12.77 -21.99
C GLY E 267 -16.36 -11.86 -21.76
N GLU E 268 -17.21 -11.74 -22.77
CA GLU E 268 -18.39 -10.88 -22.67
C GLU E 268 -19.52 -11.58 -21.95
N ARG E 269 -20.55 -10.82 -21.58
CA ARG E 269 -21.71 -11.37 -20.89
C ARG E 269 -22.66 -12.02 -21.90
N GLY E 270 -23.30 -13.11 -21.48
CA GLY E 270 -24.19 -13.87 -22.34
C GLY E 270 -25.27 -13.05 -23.01
N ASN E 271 -25.94 -12.21 -22.22
CA ASN E 271 -27.00 -11.37 -22.75
C ASN E 271 -26.49 -10.29 -23.70
N GLU E 272 -25.29 -9.80 -23.45
CA GLU E 272 -24.67 -8.81 -24.33
C GLU E 272 -24.11 -9.49 -25.59
N MET E 273 -23.53 -10.66 -25.39
CA MET E 273 -22.93 -11.42 -26.49
C MET E 273 -24.00 -11.94 -27.44
N THR E 274 -25.10 -12.40 -26.88
CA THR E 274 -26.21 -12.91 -27.68
C THR E 274 -26.84 -11.76 -28.48
N ASP E 275 -26.77 -10.57 -27.91
CA ASP E 275 -27.29 -9.36 -28.54
C ASP E 275 -26.56 -9.10 -29.85
N VAL E 276 -25.23 -9.22 -29.80
CA VAL E 276 -24.38 -9.08 -30.97
C VAL E 276 -24.77 -10.12 -32.01
N VAL E 277 -25.06 -11.33 -31.54
CA VAL E 277 -25.43 -12.44 -32.42
C VAL E 277 -26.72 -12.14 -33.20
N ASN E 278 -27.64 -11.46 -32.55
CA ASN E 278 -28.96 -11.23 -33.14
C ASN E 278 -29.05 -9.98 -34.03
N GLU E 279 -28.44 -8.88 -33.60
CA GLU E 279 -28.62 -7.61 -34.31
C GLU E 279 -27.51 -7.33 -35.31
N PHE E 280 -26.50 -8.17 -35.35
CA PHE E 280 -25.40 -8.00 -36.31
C PHE E 280 -25.79 -8.49 -37.69
N PRO E 281 -26.35 -9.71 -37.78
CA PRO E 281 -26.85 -10.20 -39.06
C PRO E 281 -28.06 -9.39 -39.55
N GLU E 282 -28.58 -8.54 -38.67
CA GLU E 282 -29.67 -7.65 -39.03
C GLU E 282 -29.13 -6.40 -39.71
N LEU E 283 -27.86 -6.10 -39.47
CA LEU E 283 -27.21 -4.98 -40.12
C LEU E 283 -27.13 -5.21 -41.62
N ILE E 284 -27.55 -4.22 -42.40
CA ILE E 284 -27.57 -4.34 -43.84
C ILE E 284 -26.43 -3.54 -44.49
N ASP E 285 -25.68 -4.19 -45.37
CA ASP E 285 -24.62 -3.54 -46.12
C ASP E 285 -25.21 -2.52 -47.08
N PRO E 286 -24.81 -1.24 -46.93
CA PRO E 286 -25.33 -0.14 -47.75
C PRO E 286 -25.19 -0.38 -49.25
N ASN E 287 -24.04 -0.87 -49.67
CA ASN E 287 -23.75 -1.07 -51.09
C ASN E 287 -24.57 -2.21 -51.71
N THR E 288 -24.37 -3.41 -51.22
CA THR E 288 -25.02 -4.59 -51.77
C THR E 288 -26.45 -4.76 -51.28
N GLY E 289 -26.71 -4.30 -50.05
CA GLY E 289 -28.01 -4.48 -49.44
C GLY E 289 -28.11 -5.82 -48.76
N GLU E 290 -27.04 -6.61 -48.86
CA GLU E 290 -26.99 -7.93 -48.23
C GLU E 290 -26.71 -7.82 -46.74
N SER E 291 -26.80 -8.95 -46.04
CA SER E 291 -26.52 -9.00 -44.62
C SER E 291 -25.06 -8.67 -44.33
N LEU E 292 -24.81 -8.00 -43.22
CA LEU E 292 -23.45 -7.62 -42.85
C LEU E 292 -22.62 -8.85 -42.52
N MET E 293 -23.30 -9.95 -42.20
CA MET E 293 -22.61 -11.21 -41.89
C MET E 293 -21.96 -11.80 -43.15
N GLU E 294 -22.38 -11.30 -44.31
CA GLU E 294 -21.79 -11.73 -45.58
C GLU E 294 -20.35 -11.22 -45.69
N ARG E 295 -20.01 -10.23 -44.88
CA ARG E 295 -18.66 -9.67 -44.85
C ARG E 295 -18.04 -9.73 -43.46
N THR E 296 -18.54 -10.63 -42.63
CA THR E 296 -18.12 -10.67 -41.24
C THR E 296 -17.78 -12.06 -40.72
N VAL E 297 -16.66 -12.15 -40.01
CA VAL E 297 -16.30 -13.35 -39.25
C VAL E 297 -16.40 -13.02 -37.76
N LEU E 298 -17.34 -13.66 -37.08
CA LEU E 298 -17.62 -13.31 -35.69
C LEU E 298 -17.12 -14.38 -34.71
N ILE E 299 -16.39 -13.93 -33.70
CA ILE E 299 -15.92 -14.82 -32.64
C ILE E 299 -16.57 -14.43 -31.32
N ALA E 300 -17.27 -15.39 -30.71
CA ALA E 300 -18.04 -15.11 -29.50
C ALA E 300 -17.56 -15.92 -28.30
N ASN E 301 -17.26 -15.22 -27.21
CA ASN E 301 -16.87 -15.86 -25.96
C ASN E 301 -17.52 -15.21 -24.76
N THR E 302 -18.18 -16.01 -23.93
CA THR E 302 -18.87 -15.50 -22.76
C THR E 302 -17.99 -15.57 -21.51
N SER E 303 -18.50 -15.03 -20.41
CA SER E 303 -17.74 -14.93 -19.17
C SER E 303 -17.44 -16.29 -18.55
N ASN E 304 -18.43 -17.18 -18.56
CA ASN E 304 -18.30 -18.47 -17.88
C ASN E 304 -17.57 -19.52 -18.72
N MET E 305 -17.16 -19.14 -19.93
CA MET E 305 -16.40 -20.04 -20.78
C MET E 305 -14.95 -20.11 -20.31
N PRO E 306 -14.24 -21.19 -20.69
CA PRO E 306 -12.85 -21.44 -20.28
C PRO E 306 -11.94 -20.24 -20.50
N VAL E 307 -11.06 -19.97 -19.54
CA VAL E 307 -10.20 -18.79 -19.56
C VAL E 307 -9.31 -18.75 -20.79
N ALA E 308 -8.81 -19.91 -21.21
CA ALA E 308 -7.92 -20.00 -22.35
C ALA E 308 -8.57 -19.48 -23.62
N ALA E 309 -9.83 -19.83 -23.82
CA ALA E 309 -10.57 -19.40 -25.01
C ALA E 309 -10.76 -17.88 -25.02
N ARG E 310 -11.04 -17.32 -23.84
CA ARG E 310 -11.25 -15.88 -23.71
C ARG E 310 -9.94 -15.12 -23.92
N GLU E 311 -8.82 -15.83 -23.83
CA GLU E 311 -7.51 -15.24 -24.01
C GLU E 311 -7.01 -15.49 -25.43
N ALA E 312 -7.38 -16.65 -25.98
CA ALA E 312 -6.96 -17.03 -27.32
C ALA E 312 -7.89 -16.44 -28.38
N SER E 313 -8.98 -15.82 -27.92
CA SER E 313 -9.97 -15.25 -28.82
C SER E 313 -9.39 -14.11 -29.66
N ILE E 314 -8.66 -13.22 -29.01
CA ILE E 314 -8.09 -12.06 -29.66
C ILE E 314 -7.03 -12.47 -30.69
N TYR E 315 -6.40 -13.61 -30.44
CA TYR E 315 -5.37 -14.13 -31.34
C TYR E 315 -6.00 -14.75 -32.57
N THR E 316 -7.06 -15.54 -32.36
CA THR E 316 -7.76 -16.19 -33.45
C THR E 316 -8.33 -15.15 -34.43
N GLY E 317 -8.88 -14.08 -33.87
CA GLY E 317 -9.46 -13.02 -34.67
C GLY E 317 -8.44 -12.29 -35.53
N ILE E 318 -7.32 -11.91 -34.91
CA ILE E 318 -6.28 -11.16 -35.61
C ILE E 318 -5.62 -12.01 -36.69
N THR E 319 -5.49 -13.31 -36.43
CA THR E 319 -4.90 -14.24 -37.39
C THR E 319 -5.75 -14.33 -38.64
N ILE E 320 -7.07 -14.46 -38.45
CA ILE E 320 -7.99 -14.51 -39.56
C ILE E 320 -8.02 -13.17 -40.29
N ALA E 321 -7.91 -12.09 -39.53
CA ALA E 321 -7.86 -10.75 -40.10
C ALA E 321 -6.64 -10.58 -41.00
N GLU E 322 -5.51 -11.14 -40.56
CA GLU E 322 -4.28 -11.12 -41.35
C GLU E 322 -4.44 -11.92 -42.63
N TYR E 323 -5.19 -13.02 -42.54
CA TYR E 323 -5.44 -13.90 -43.68
C TYR E 323 -6.08 -13.14 -44.85
N PHE E 324 -7.20 -12.47 -44.56
CA PHE E 324 -7.89 -11.69 -45.58
C PHE E 324 -7.08 -10.46 -45.96
N ARG E 325 -6.24 -10.00 -45.04
CA ARG E 325 -5.33 -8.89 -45.33
C ARG E 325 -4.36 -9.28 -46.43
N ASP E 326 -3.86 -10.51 -46.36
CA ASP E 326 -2.94 -11.03 -47.36
C ASP E 326 -3.63 -11.17 -48.72
N MET E 327 -4.95 -11.29 -48.70
CA MET E 327 -5.72 -11.40 -49.93
C MET E 327 -5.88 -10.05 -50.61
N GLY E 328 -5.36 -9.00 -49.97
CA GLY E 328 -5.41 -7.67 -50.54
C GLY E 328 -6.56 -6.84 -50.02
N TYR E 329 -7.38 -7.45 -49.16
CA TYR E 329 -8.54 -6.76 -48.59
C TYR E 329 -8.16 -5.91 -47.39
N ASP E 330 -8.95 -4.88 -47.12
CA ASP E 330 -8.85 -4.14 -45.88
C ASP E 330 -9.72 -4.82 -44.84
N VAL E 331 -9.24 -4.90 -43.60
CA VAL E 331 -9.97 -5.59 -42.55
C VAL E 331 -10.06 -4.74 -41.29
N ALA E 332 -11.27 -4.66 -40.73
CA ALA E 332 -11.49 -3.93 -39.49
C ALA E 332 -11.85 -4.90 -38.38
N ILE E 333 -10.91 -5.16 -37.48
CA ILE E 333 -11.13 -6.08 -36.37
C ILE E 333 -11.54 -5.34 -35.10
N MET E 334 -12.75 -5.59 -34.64
CA MET E 334 -13.25 -4.98 -33.41
C MET E 334 -13.17 -5.96 -32.25
N ALA E 335 -12.50 -5.53 -31.18
CA ALA E 335 -12.35 -6.37 -30.00
C ALA E 335 -13.09 -5.76 -28.81
N ASP E 336 -14.16 -6.42 -28.38
CA ASP E 336 -14.95 -5.95 -27.26
C ASP E 336 -15.35 -7.12 -26.35
N SER E 337 -14.88 -7.08 -25.11
CA SER E 337 -14.05 -6.00 -24.63
C SER E 337 -12.62 -6.48 -24.39
N THR E 338 -11.65 -5.68 -24.83
CA THR E 338 -10.24 -6.05 -24.70
C THR E 338 -9.80 -6.11 -23.24
N SER E 339 -10.57 -5.46 -22.36
CA SER E 339 -10.30 -5.50 -20.94
C SER E 339 -10.65 -6.86 -20.35
N ARG E 340 -11.70 -7.48 -20.88
CA ARG E 340 -12.07 -8.84 -20.50
C ARG E 340 -10.93 -9.79 -20.83
N TRP E 341 -10.28 -9.55 -21.97
CA TRP E 341 -9.13 -10.33 -22.39
C TRP E 341 -7.98 -10.17 -21.41
N ALA E 342 -7.78 -8.93 -20.95
CA ALA E 342 -6.74 -8.64 -19.98
C ALA E 342 -6.99 -9.38 -18.67
N GLU E 343 -8.24 -9.33 -18.20
CA GLU E 343 -8.64 -10.04 -17.00
C GLU E 343 -8.42 -11.54 -17.18
N ALA E 344 -8.65 -12.02 -18.40
CA ALA E 344 -8.44 -13.43 -18.71
C ALA E 344 -6.96 -13.78 -18.65
N LEU E 345 -6.12 -12.88 -19.12
CA LEU E 345 -4.67 -13.07 -19.09
C LEU E 345 -4.16 -13.04 -17.65
N ARG E 346 -4.77 -12.18 -16.85
CA ARG E 346 -4.41 -12.06 -15.44
C ARG E 346 -4.78 -13.33 -14.68
N GLU E 347 -5.94 -13.89 -15.00
CA GLU E 347 -6.40 -15.14 -14.41
C GLU E 347 -5.44 -16.28 -14.75
N MET E 348 -5.04 -16.34 -16.01
CA MET E 348 -4.08 -17.34 -16.48
C MET E 348 -2.75 -17.22 -15.77
N SER E 349 -2.25 -15.99 -15.68
CA SER E 349 -0.97 -15.71 -15.04
C SER E 349 -0.95 -16.19 -13.59
N GLY E 350 -2.09 -16.04 -12.92
CA GLY E 350 -2.22 -16.49 -11.55
C GLY E 350 -2.19 -18.01 -11.45
N ARG E 351 -2.83 -18.67 -12.41
CA ARG E 351 -2.86 -20.13 -12.45
C ARG E 351 -1.45 -20.70 -12.63
N LEU E 352 -0.61 -19.98 -13.36
CA LEU E 352 0.75 -20.42 -13.63
C LEU E 352 1.71 -20.05 -12.51
N GLU E 353 1.20 -19.34 -11.51
CA GLU E 353 2.02 -18.89 -10.37
C GLU E 353 3.17 -17.99 -10.82
N GLU E 354 2.84 -16.97 -11.62
CA GLU E 354 3.86 -16.04 -12.11
C GLU E 354 3.93 -14.78 -11.26
N MET E 355 5.09 -14.14 -11.28
CA MET E 355 5.29 -12.89 -10.55
C MET E 355 4.36 -11.81 -11.08
N PRO E 356 3.59 -11.17 -10.18
CA PRO E 356 2.58 -10.18 -10.55
C PRO E 356 3.16 -8.91 -11.17
N GLY E 357 2.31 -8.13 -11.81
CA GLY E 357 2.68 -6.82 -12.32
C GLY E 357 1.83 -5.75 -11.65
N ASP E 358 1.55 -4.68 -12.39
CA ASP E 358 0.75 -3.59 -11.85
C ASP E 358 -0.71 -4.00 -11.68
N GLU E 359 -1.17 -4.02 -10.43
CA GLU E 359 -2.54 -4.37 -10.09
C GLU E 359 -2.90 -5.80 -10.47
N GLY E 360 -1.99 -6.73 -10.20
CA GLY E 360 -2.27 -8.14 -10.38
C GLY E 360 -1.96 -8.67 -11.77
N TYR E 361 -2.09 -7.83 -12.79
CA TYR E 361 -1.82 -8.23 -14.16
C TYR E 361 -0.39 -8.74 -14.32
N PRO E 362 -0.16 -9.63 -15.29
CA PRO E 362 1.17 -10.19 -15.55
C PRO E 362 2.16 -9.14 -16.03
N ALA E 363 3.45 -9.38 -15.78
CA ALA E 363 4.49 -8.42 -16.14
C ALA E 363 4.56 -8.20 -17.65
N TYR E 364 4.23 -9.24 -18.41
CA TYR E 364 4.30 -9.16 -19.87
C TYR E 364 2.98 -8.67 -20.48
N LEU E 365 2.17 -8.01 -19.67
CA LEU E 365 0.90 -7.47 -20.14
C LEU E 365 1.13 -6.44 -21.25
N GLY E 366 2.19 -5.66 -21.12
CA GLY E 366 2.53 -4.66 -22.12
C GLY E 366 3.07 -5.28 -23.40
N SER E 367 3.86 -6.33 -23.25
CA SER E 367 4.44 -7.04 -24.39
C SER E 367 3.37 -7.70 -25.25
N ARG E 368 2.43 -8.39 -24.58
CA ARG E 368 1.35 -9.07 -25.29
C ARG E 368 0.47 -8.09 -26.05
N LEU E 369 0.17 -6.96 -25.41
CA LEU E 369 -0.62 -5.92 -26.05
C LEU E 369 0.10 -5.38 -27.29
N ALA E 370 1.41 -5.22 -27.16
CA ALA E 370 2.24 -4.75 -28.27
C ALA E 370 2.17 -5.72 -29.45
N GLU E 371 2.35 -7.00 -29.16
CA GLU E 371 2.32 -8.03 -30.19
C GLU E 371 1.00 -8.06 -30.95
N TYR E 372 -0.09 -7.78 -30.24
CA TYR E 372 -1.42 -7.81 -30.84
C TYR E 372 -1.62 -6.67 -31.83
N TYR E 373 -1.43 -5.44 -31.36
CA TYR E 373 -1.68 -4.27 -32.19
C TYR E 373 -0.62 -4.09 -33.27
N GLU E 374 0.56 -4.65 -33.05
CA GLU E 374 1.64 -4.56 -34.02
C GLU E 374 1.37 -5.48 -35.20
N ARG E 375 0.51 -6.48 -34.99
CA ARG E 375 0.12 -7.39 -36.05
C ARG E 375 -0.91 -6.75 -36.97
N SER E 376 -1.40 -5.58 -36.57
CA SER E 376 -2.34 -4.83 -37.39
C SER E 376 -1.61 -3.76 -38.18
N GLY E 377 -2.35 -3.04 -39.02
CA GLY E 377 -1.78 -1.94 -39.77
C GLY E 377 -1.69 -2.18 -41.26
N ARG E 378 -1.47 -1.11 -42.01
CA ARG E 378 -1.32 -1.18 -43.46
C ARG E 378 0.01 -1.85 -43.82
N VAL E 379 -0.05 -2.79 -44.76
CA VAL E 379 1.14 -3.55 -45.14
C VAL E 379 1.15 -3.91 -46.62
N ILE E 380 2.31 -4.34 -47.09
CA ILE E 380 2.43 -4.91 -48.42
C ILE E 380 2.50 -6.43 -48.29
N ALA E 381 1.46 -7.11 -48.75
CA ALA E 381 1.35 -8.55 -48.59
C ALA E 381 2.38 -9.30 -49.43
N LEU E 382 2.57 -10.58 -49.12
CA LEU E 382 3.44 -11.43 -49.91
C LEU E 382 2.82 -11.68 -51.28
N GLY E 383 3.67 -11.95 -52.27
CA GLY E 383 3.20 -12.18 -53.62
C GLY E 383 3.96 -11.32 -54.62
N SER E 384 4.00 -11.77 -55.87
CA SER E 384 4.74 -11.08 -56.91
C SER E 384 4.07 -9.75 -57.30
N ASP E 385 2.75 -9.69 -57.16
CA ASP E 385 2.02 -8.49 -57.53
C ASP E 385 2.13 -7.40 -56.47
N GLN E 386 2.66 -7.77 -55.31
CA GLN E 386 2.87 -6.83 -54.20
C GLN E 386 1.60 -6.06 -53.84
N ARG E 387 0.52 -6.80 -53.57
CA ARG E 387 -0.75 -6.17 -53.21
C ARG E 387 -0.67 -5.56 -51.81
N GLU E 388 -1.57 -4.63 -51.54
CA GLU E 388 -1.64 -4.00 -50.22
C GLU E 388 -2.83 -4.53 -49.41
N GLY E 389 -2.66 -4.55 -48.09
CA GLY E 389 -3.72 -4.96 -47.19
C GLY E 389 -3.57 -4.23 -45.87
N SER E 390 -4.70 -3.88 -45.27
CA SER E 390 -4.68 -3.14 -44.02
C SER E 390 -5.61 -3.77 -42.99
N ILE E 391 -5.15 -3.82 -41.74
CA ILE E 391 -5.96 -4.27 -40.63
C ILE E 391 -6.19 -3.13 -39.65
N THR E 392 -7.34 -2.48 -39.74
CA THR E 392 -7.70 -1.41 -38.83
C THR E 392 -8.27 -2.00 -37.54
N ALA E 393 -7.67 -1.64 -36.41
CA ALA E 393 -8.07 -2.21 -35.13
C ALA E 393 -8.89 -1.23 -34.29
N ILE E 394 -10.08 -1.65 -33.89
CA ILE E 394 -10.90 -0.88 -32.98
C ILE E 394 -11.22 -1.71 -31.75
N SER E 395 -10.69 -1.31 -30.60
CA SER E 395 -10.86 -2.07 -29.37
C SER E 395 -11.61 -1.28 -28.30
N ALA E 396 -12.49 -1.95 -27.58
CA ALA E 396 -13.22 -1.34 -26.48
C ALA E 396 -12.52 -1.60 -25.16
N VAL E 397 -12.37 -0.55 -24.35
CA VAL E 397 -11.66 -0.66 -23.08
C VAL E 397 -12.63 -0.60 -21.90
N SER E 398 -12.82 -1.73 -21.22
CA SER E 398 -13.65 -1.79 -20.03
C SER E 398 -12.80 -1.60 -18.78
N PRO E 399 -12.66 -0.34 -18.33
CA PRO E 399 -11.73 0.03 -17.26
C PRO E 399 -12.30 -0.26 -15.87
N SER E 400 -11.43 -0.61 -14.93
CA SER E 400 -11.86 -0.87 -13.55
C SER E 400 -12.16 0.44 -12.84
N GLY E 401 -13.43 0.62 -12.46
CA GLY E 401 -13.86 1.82 -11.78
C GLY E 401 -14.23 2.93 -12.75
N GLY E 402 -14.14 2.62 -14.04
CA GLY E 402 -14.46 3.58 -15.09
C GLY E 402 -13.29 4.47 -15.44
N ASP E 403 -12.36 4.62 -14.52
CA ASP E 403 -11.18 5.46 -14.72
C ASP E 403 -10.19 4.78 -15.68
N ILE E 404 -9.39 5.59 -16.36
CA ILE E 404 -8.44 5.05 -17.33
C ILE E 404 -7.06 4.84 -16.71
N SER E 405 -6.99 4.95 -15.38
CA SER E 405 -5.74 4.77 -14.67
C SER E 405 -5.29 3.30 -14.66
N GLU E 406 -6.17 2.43 -15.14
CA GLU E 406 -5.88 1.00 -15.20
C GLU E 406 -4.70 0.73 -16.14
N PRO E 407 -3.81 -0.18 -15.72
CA PRO E 407 -2.63 -0.59 -16.50
C PRO E 407 -2.99 -1.10 -17.89
N VAL E 408 -4.12 -1.79 -17.98
CA VAL E 408 -4.57 -2.36 -19.26
C VAL E 408 -4.84 -1.26 -20.29
N THR E 409 -5.46 -0.18 -19.85
CA THR E 409 -5.81 0.93 -20.73
C THR E 409 -4.59 1.79 -21.03
N GLN E 410 -3.72 1.92 -20.05
CA GLN E 410 -2.51 2.74 -20.19
C GLN E 410 -1.55 2.10 -21.18
N ASN E 411 -1.34 0.80 -21.05
CA ASN E 411 -0.49 0.07 -21.98
C ASN E 411 -1.07 0.05 -23.39
N THR E 412 -2.39 0.23 -23.47
CA THR E 412 -3.08 0.28 -24.75
C THR E 412 -2.78 1.59 -25.47
N LEU E 413 -2.87 2.70 -24.74
CA LEU E 413 -2.62 4.01 -25.31
C LEU E 413 -1.14 4.24 -25.57
N ARG E 414 -0.31 3.27 -25.17
CA ARG E 414 1.12 3.31 -25.43
C ARG E 414 1.41 2.92 -26.87
N VAL E 415 0.46 2.24 -27.51
CA VAL E 415 0.66 1.73 -28.87
C VAL E 415 -0.39 2.22 -29.85
N VAL E 416 -1.47 2.78 -29.35
CA VAL E 416 -2.53 3.30 -30.22
C VAL E 416 -2.45 4.83 -30.30
N LYS E 417 -2.79 5.36 -31.47
CA LYS E 417 -2.68 6.80 -31.72
C LYS E 417 -4.04 7.49 -31.69
N VAL E 418 -5.11 6.70 -31.66
CA VAL E 418 -6.46 7.26 -31.64
C VAL E 418 -7.25 6.78 -30.42
N PHE E 419 -7.84 7.72 -29.70
CA PHE E 419 -8.71 7.40 -28.58
C PHE E 419 -10.03 8.13 -28.66
N TRP E 420 -11.10 7.37 -28.90
CA TRP E 420 -12.45 7.92 -28.83
C TRP E 420 -12.98 7.71 -27.44
N GLY E 421 -13.19 8.80 -26.71
CA GLY E 421 -13.66 8.70 -25.33
C GLY E 421 -15.14 8.92 -25.19
N LEU E 422 -15.90 7.84 -25.14
CA LEU E 422 -17.34 7.93 -24.91
C LEU E 422 -17.61 8.40 -23.48
N ASP E 423 -18.51 9.35 -23.35
CA ASP E 423 -18.81 9.93 -22.04
C ASP E 423 -20.27 9.71 -21.66
N SER E 424 -20.48 9.05 -20.53
CA SER E 424 -21.83 8.78 -20.03
C SER E 424 -22.52 10.09 -19.66
N SER E 425 -21.73 11.12 -19.41
CA SER E 425 -22.26 12.44 -19.07
C SER E 425 -22.96 13.07 -20.28
N LEU E 426 -22.32 12.98 -21.43
CA LEU E 426 -22.90 13.51 -22.67
C LEU E 426 -24.12 12.70 -23.07
N ALA E 427 -24.13 11.42 -22.72
CA ALA E 427 -25.27 10.55 -23.00
C ALA E 427 -26.46 10.95 -22.15
N GLN E 428 -26.19 11.61 -21.03
CA GLN E 428 -27.25 12.08 -20.14
C GLN E 428 -27.79 13.43 -20.62
N LYS E 429 -26.95 14.17 -21.33
CA LYS E 429 -27.34 15.48 -21.87
C LYS E 429 -27.93 15.34 -23.26
N ARG E 430 -28.26 14.11 -23.65
CA ARG E 430 -28.85 13.84 -24.96
C ARG E 430 -27.90 14.20 -26.10
N HIS E 431 -26.61 13.97 -25.89
CA HIS E 431 -25.61 14.29 -26.89
C HIS E 431 -25.01 13.02 -27.50
N PHE E 432 -25.52 12.63 -28.67
CA PHE E 432 -25.03 11.44 -29.36
C PHE E 432 -24.58 11.76 -30.77
N PRO E 433 -23.46 11.16 -31.22
CA PRO E 433 -22.64 10.23 -30.43
C PRO E 433 -22.02 10.88 -29.20
N SER E 434 -22.00 10.16 -28.08
CA SER E 434 -21.48 10.70 -26.83
C SER E 434 -19.97 10.64 -26.77
N ILE E 435 -19.30 11.55 -27.47
CA ILE E 435 -17.85 11.59 -27.51
C ILE E 435 -17.31 12.93 -27.02
N ASN E 436 -16.64 12.93 -25.88
CA ASN E 436 -16.04 14.14 -25.34
C ASN E 436 -14.98 14.70 -26.28
N TRP E 437 -15.21 15.92 -26.75
CA TRP E 437 -14.33 16.54 -27.73
C TRP E 437 -13.06 17.11 -27.12
N ILE E 438 -12.91 16.95 -25.81
CA ILE E 438 -11.73 17.47 -25.11
C ILE E 438 -10.74 16.35 -24.78
N GLN E 439 -11.25 15.26 -24.21
CA GLN E 439 -10.40 14.15 -23.81
C GLN E 439 -10.01 13.28 -25.00
N SER E 440 -10.89 13.22 -26.00
CA SER E 440 -10.62 12.43 -27.20
C SER E 440 -9.47 13.05 -27.99
N TYR E 441 -8.67 12.19 -28.63
CA TYR E 441 -7.54 12.67 -29.43
C TYR E 441 -7.20 11.69 -30.55
N SER E 442 -6.53 12.21 -31.58
CA SER E 442 -6.09 11.40 -32.70
C SER E 442 -4.74 11.88 -33.23
N LEU E 443 -3.76 11.01 -33.22
CA LEU E 443 -2.42 11.36 -33.67
C LEU E 443 -2.28 11.25 -35.18
N TYR E 444 -3.36 10.87 -35.84
CA TYR E 444 -3.40 10.80 -37.30
C TYR E 444 -3.95 12.10 -37.89
N SER E 445 -4.44 12.97 -37.00
CA SER E 445 -5.08 14.22 -37.42
C SER E 445 -4.19 15.04 -38.33
N THR E 446 -2.90 15.08 -38.04
CA THR E 446 -1.95 15.83 -38.84
C THR E 446 -1.81 15.23 -40.24
N GLU E 447 -1.68 13.90 -40.29
CA GLU E 447 -1.55 13.21 -41.57
C GLU E 447 -2.87 13.17 -42.32
N VAL E 448 -3.96 12.97 -41.60
CA VAL E 448 -5.29 12.97 -42.20
C VAL E 448 -5.60 14.33 -42.80
N GLY E 449 -5.11 15.38 -42.15
CA GLY E 449 -5.27 16.73 -42.65
C GLY E 449 -4.54 16.92 -43.97
N ARG E 450 -3.38 16.30 -44.09
CA ARG E 450 -2.62 16.36 -45.34
C ARG E 450 -3.37 15.68 -46.47
N TYR E 451 -3.85 14.47 -46.22
CA TYR E 451 -4.56 13.68 -47.22
C TYR E 451 -5.88 14.35 -47.61
N MET E 452 -6.53 14.97 -46.63
CA MET E 452 -7.82 15.62 -46.87
C MET E 452 -7.67 16.88 -47.73
N ASP E 453 -6.64 17.67 -47.47
CA ASP E 453 -6.42 18.90 -48.22
C ASP E 453 -6.09 18.60 -49.68
N GLN E 454 -5.28 17.58 -49.91
CA GLN E 454 -4.88 17.19 -51.26
C GLN E 454 -6.05 16.62 -52.04
N ILE E 455 -7.04 16.07 -51.34
CA ILE E 455 -8.18 15.44 -51.98
C ILE E 455 -9.40 16.37 -52.02
N LEU E 456 -9.46 17.30 -51.07
CA LEU E 456 -10.56 18.27 -51.04
C LEU E 456 -10.20 19.54 -51.80
N GLN E 457 -8.90 19.78 -51.94
CA GLN E 457 -8.41 20.97 -52.61
C GLN E 457 -8.87 22.23 -51.89
N GLN E 458 -8.99 22.12 -50.57
CA GLN E 458 -9.42 23.24 -49.73
C GLN E 458 -8.58 23.30 -48.46
N ASP E 459 -8.89 24.27 -47.60
CA ASP E 459 -8.18 24.44 -46.34
C ASP E 459 -8.89 23.68 -45.22
N TRP E 460 -8.95 22.35 -45.37
CA TRP E 460 -9.63 21.49 -44.41
C TRP E 460 -8.86 21.35 -43.11
N SER E 461 -7.52 21.33 -43.21
CA SER E 461 -6.67 21.13 -42.04
C SER E 461 -6.80 22.28 -41.04
N ASP E 462 -6.91 23.50 -41.54
CA ASP E 462 -7.04 24.67 -40.68
C ASP E 462 -8.47 24.83 -40.16
N MET E 463 -9.44 24.35 -40.94
CA MET E 463 -10.84 24.41 -40.54
C MET E 463 -11.09 23.55 -39.31
N VAL E 464 -10.59 22.32 -39.33
CA VAL E 464 -10.70 21.43 -38.19
C VAL E 464 -9.86 21.95 -37.03
N THR E 465 -8.81 22.69 -37.37
CA THR E 465 -7.95 23.30 -36.36
C THR E 465 -8.70 24.41 -35.62
N GLU E 466 -9.35 25.29 -36.39
CA GLU E 466 -10.13 26.36 -35.80
C GLU E 466 -11.39 25.83 -35.14
N GLY E 467 -11.89 24.71 -35.67
CA GLY E 467 -13.05 24.05 -35.10
C GLY E 467 -12.76 23.51 -33.72
N MET E 468 -11.56 22.96 -33.55
CA MET E 468 -11.13 22.43 -32.26
C MET E 468 -10.67 23.56 -31.34
N ARG E 469 -10.22 24.66 -31.94
CA ARG E 469 -9.74 25.80 -31.18
C ARG E 469 -10.88 26.49 -30.44
N ILE E 470 -12.02 26.64 -31.11
CA ILE E 470 -13.17 27.29 -30.52
C ILE E 470 -13.95 26.35 -29.60
N LEU E 471 -13.67 25.05 -29.72
CA LEU E 471 -14.23 24.06 -28.81
C LEU E 471 -13.45 24.08 -27.51
N GLN E 472 -12.16 24.34 -27.61
CA GLN E 472 -11.30 24.49 -26.43
C GLN E 472 -11.59 25.83 -25.77
N GLU E 473 -11.94 26.83 -26.57
CA GLU E 473 -12.32 28.13 -26.07
C GLU E 473 -13.66 28.06 -25.34
N GLU E 474 -14.50 27.12 -25.77
CA GLU E 474 -15.78 26.89 -25.12
C GLU E 474 -15.56 26.21 -23.77
N GLU E 475 -14.41 25.56 -23.62
CA GLU E 475 -14.06 24.89 -22.38
C GLU E 475 -13.53 25.90 -21.35
N GLN E 476 -12.75 26.86 -21.83
CA GLN E 476 -12.19 27.89 -20.96
C GLN E 476 -13.24 28.94 -20.63
N LEU E 477 -14.04 29.32 -21.62
CA LEU E 477 -15.11 30.30 -21.42
C LEU E 477 -16.31 29.67 -20.74
N ASN E 478 -16.17 28.41 -20.33
CA ASN E 478 -17.24 27.70 -19.63
C ASN E 478 -17.09 27.82 -18.12
N GLU E 479 -15.83 27.82 -17.67
CA GLU E 479 -15.54 27.93 -16.24
C GLU E 479 -15.57 29.38 -15.78
N ILE E 480 -15.75 30.29 -16.74
CA ILE E 480 -15.80 31.71 -16.45
C ILE E 480 -17.24 32.18 -16.25
N VAL E 481 -18.15 31.64 -17.06
CA VAL E 481 -19.56 32.01 -16.98
C VAL E 481 -20.17 31.57 -15.66
N ARG E 482 -19.71 30.45 -15.13
CA ARG E 482 -20.23 29.92 -13.88
C ARG E 482 -19.60 30.61 -12.67
N LEU E 483 -18.60 31.45 -12.93
CA LEU E 483 -17.87 32.11 -11.85
C LEU E 483 -18.23 33.59 -11.77
N VAL E 484 -18.47 34.22 -12.92
CA VAL E 484 -18.80 35.64 -12.96
C VAL E 484 -20.13 35.89 -13.67
N GLY E 485 -20.94 34.85 -13.80
CA GLY E 485 -22.24 34.98 -14.43
C GLY E 485 -22.15 35.07 -15.95
N ILE E 486 -23.24 35.51 -16.57
CA ILE E 486 -23.30 35.62 -18.02
C ILE E 486 -23.40 37.09 -18.44
N ASP E 487 -23.17 37.99 -17.50
CA ASP E 487 -23.27 39.42 -17.77
C ASP E 487 -21.90 40.04 -18.03
N SER E 488 -20.90 39.63 -17.27
CA SER E 488 -19.57 40.22 -17.35
C SER E 488 -18.76 39.67 -18.53
N LEU E 489 -19.29 38.66 -19.20
CA LEU E 489 -18.59 38.07 -20.33
C LEU E 489 -18.53 39.04 -21.49
N SER E 490 -17.42 39.02 -22.23
CA SER E 490 -17.23 39.93 -23.35
C SER E 490 -18.25 39.67 -24.45
N ASP E 491 -18.60 40.72 -25.20
CA ASP E 491 -19.56 40.60 -26.29
C ASP E 491 -18.97 39.81 -27.44
N ASN E 492 -17.65 39.77 -27.52
CA ASN E 492 -16.96 38.97 -28.52
C ASN E 492 -16.89 37.51 -28.10
N ASP E 493 -16.80 37.28 -26.79
CA ASP E 493 -16.78 35.93 -26.25
C ASP E 493 -18.15 35.29 -26.33
N ARG E 494 -19.17 36.12 -26.59
CA ARG E 494 -20.54 35.64 -26.72
C ARG E 494 -20.73 34.86 -28.02
N LEU E 495 -20.14 35.37 -29.10
CA LEU E 495 -20.24 34.71 -30.40
C LEU E 495 -19.48 33.40 -30.41
N THR E 496 -18.46 33.30 -29.57
CA THR E 496 -17.64 32.10 -29.49
C THR E 496 -18.45 30.93 -28.94
N LEU E 497 -19.22 31.18 -27.89
CA LEU E 497 -20.06 30.16 -27.29
C LEU E 497 -21.22 29.78 -28.22
N GLU E 498 -21.66 30.74 -29.03
CA GLU E 498 -22.76 30.52 -29.95
C GLU E 498 -22.31 29.71 -31.17
N VAL E 499 -21.14 30.05 -31.71
CA VAL E 499 -20.60 29.30 -32.83
C VAL E 499 -20.11 27.94 -32.37
N ALA E 500 -19.75 27.84 -31.10
CA ALA E 500 -19.36 26.56 -30.51
C ALA E 500 -20.60 25.71 -30.27
N LYS E 501 -21.68 26.34 -29.81
CA LYS E 501 -22.96 25.67 -29.66
C LYS E 501 -23.43 25.12 -30.99
N SER E 502 -23.19 25.88 -32.04
CA SER E 502 -23.59 25.49 -33.39
C SER E 502 -22.79 24.27 -33.86
N ILE E 503 -21.55 24.16 -33.40
CA ILE E 503 -20.69 23.05 -33.79
C ILE E 503 -21.12 21.74 -33.14
N ARG E 504 -21.36 21.78 -31.83
CA ARG E 504 -21.75 20.58 -31.09
C ARG E 504 -23.15 20.13 -31.48
N GLU E 505 -24.05 21.09 -31.65
CA GLU E 505 -25.46 20.81 -31.84
C GLU E 505 -25.82 20.52 -33.30
N ASP E 506 -25.15 21.20 -34.22
CA ASP E 506 -25.47 21.05 -35.64
C ASP E 506 -24.48 20.15 -36.38
N TYR E 507 -23.30 19.96 -35.82
CA TYR E 507 -22.28 19.13 -36.48
C TYR E 507 -21.92 17.89 -35.67
N LEU E 508 -21.57 18.09 -34.40
CA LEU E 508 -21.15 16.98 -33.53
C LEU E 508 -22.29 16.01 -33.28
N GLN E 509 -23.48 16.53 -33.02
CA GLN E 509 -24.65 15.68 -32.81
C GLN E 509 -25.08 15.02 -34.11
N GLN E 510 -25.17 13.70 -34.10
CA GLN E 510 -25.51 12.94 -35.30
C GLN E 510 -26.39 11.75 -34.98
N ASN E 511 -27.61 11.75 -35.50
CA ASN E 511 -28.55 10.67 -35.25
C ASN E 511 -28.31 9.48 -36.17
N ALA E 512 -27.78 8.39 -35.60
CA ALA E 512 -27.42 7.22 -36.37
C ALA E 512 -28.64 6.46 -36.89
N PHE E 513 -29.82 6.82 -36.40
CA PHE E 513 -31.06 6.16 -36.79
C PHE E 513 -31.82 6.95 -37.84
N ASP E 514 -31.19 8.02 -38.34
CA ASP E 514 -31.80 8.84 -39.39
C ASP E 514 -31.28 8.40 -40.76
N ASP E 515 -32.20 8.20 -41.70
CA ASP E 515 -31.85 7.68 -43.02
C ASP E 515 -30.86 8.58 -43.78
N VAL E 516 -30.75 9.83 -43.35
CA VAL E 516 -29.85 10.78 -44.01
C VAL E 516 -28.69 11.18 -43.11
N ASP E 517 -28.97 11.34 -41.82
CA ASP E 517 -27.97 11.81 -40.87
C ASP E 517 -27.08 10.66 -40.37
N THR E 518 -27.48 9.42 -40.63
CA THR E 518 -26.74 8.26 -40.17
C THR E 518 -25.37 8.18 -40.83
N PHE E 519 -25.24 8.83 -41.98
CA PHE E 519 -23.96 8.85 -42.70
C PHE E 519 -23.76 10.19 -43.41
N THR E 520 -22.67 10.86 -43.08
CA THR E 520 -22.34 12.13 -43.72
C THR E 520 -21.16 11.95 -44.67
N SER E 521 -21.36 12.35 -45.93
CA SER E 521 -20.33 12.23 -46.94
C SER E 521 -19.08 13.02 -46.57
N ARG E 522 -17.93 12.57 -47.07
CA ARG E 522 -16.66 13.25 -46.81
C ARG E 522 -16.71 14.70 -47.30
N GLU E 523 -17.44 14.92 -48.38
CA GLU E 523 -17.57 16.25 -48.97
C GLU E 523 -18.68 17.04 -48.30
N LYS E 524 -19.63 16.32 -47.68
CA LYS E 524 -20.75 16.96 -47.02
C LYS E 524 -20.34 17.48 -45.64
N GLN E 525 -19.41 16.78 -45.00
CA GLN E 525 -18.86 17.20 -43.72
C GLN E 525 -18.12 18.53 -43.88
N PHE E 526 -17.50 18.70 -45.03
CA PHE E 526 -16.75 19.91 -45.33
C PHE E 526 -17.66 21.13 -45.47
N ASN E 527 -18.79 20.93 -46.14
CA ASN E 527 -19.76 22.00 -46.33
C ASN E 527 -20.46 22.37 -45.03
N MET E 528 -20.71 21.37 -44.19
CA MET E 528 -21.39 21.59 -42.92
C MET E 528 -20.51 22.35 -41.93
N LEU E 529 -19.22 22.06 -41.96
CA LEU E 529 -18.27 22.72 -41.06
C LEU E 529 -17.92 24.12 -41.57
N LYS E 530 -17.88 24.28 -42.88
CA LYS E 530 -17.57 25.57 -43.48
C LYS E 530 -18.68 26.58 -43.23
N VAL E 531 -19.93 26.13 -43.35
CA VAL E 531 -21.10 26.99 -43.12
C VAL E 531 -21.12 27.51 -41.69
N ILE E 532 -20.69 26.68 -40.75
CA ILE E 532 -20.65 27.05 -39.35
C ILE E 532 -19.50 28.02 -39.07
N LEU E 533 -18.37 27.81 -39.76
CA LEU E 533 -17.20 28.63 -39.56
C LEU E 533 -17.32 30.00 -40.25
N THR E 534 -17.98 30.02 -41.40
CA THR E 534 -18.21 31.27 -42.12
C THR E 534 -19.13 32.18 -41.32
N PHE E 535 -20.08 31.57 -40.61
CA PHE E 535 -21.01 32.31 -39.76
C PHE E 535 -20.25 33.00 -38.62
N GLY E 536 -19.35 32.26 -37.99
CA GLY E 536 -18.57 32.80 -36.89
C GLY E 536 -17.61 33.89 -37.34
N LYS E 537 -17.08 33.73 -38.54
CA LYS E 537 -16.14 34.71 -39.09
C LYS E 537 -16.87 35.94 -39.60
N GLU E 538 -17.97 35.74 -40.30
CA GLU E 538 -18.75 36.85 -40.84
C GLU E 538 -19.39 37.67 -39.74
N ALA E 539 -19.88 36.99 -38.70
CA ALA E 539 -20.52 37.66 -37.57
C ALA E 539 -19.52 38.52 -36.81
N ARG E 540 -18.37 37.94 -36.50
CA ARG E 540 -17.32 38.68 -35.81
C ARG E 540 -16.78 39.82 -36.66
N LYS E 541 -16.84 39.63 -37.98
CA LYS E 541 -16.43 40.67 -38.92
C LYS E 541 -17.32 41.90 -38.78
N ALA E 542 -18.62 41.66 -38.66
CA ALA E 542 -19.58 42.74 -38.41
C ALA E 542 -19.48 43.19 -36.96
N LEU E 543 -19.35 42.23 -36.05
CA LEU E 543 -19.15 42.51 -34.64
C LEU E 543 -17.86 43.30 -34.43
N SER E 544 -16.94 43.17 -35.39
CA SER E 544 -15.66 43.86 -35.31
C SER E 544 -15.85 45.37 -35.39
N LEU E 545 -16.93 45.81 -36.04
CA LEU E 545 -17.21 47.23 -36.15
C LEU E 545 -18.67 47.55 -35.78
N GLY E 546 -18.83 48.18 -34.62
CA GLY E 546 -20.12 48.68 -34.17
C GLY E 546 -21.30 47.74 -34.32
N ALA E 547 -21.22 46.56 -33.70
CA ALA E 547 -22.31 45.60 -33.76
C ALA E 547 -22.43 44.85 -32.44
N TYR E 548 -23.66 44.51 -32.06
CA TYR E 548 -23.91 43.80 -30.81
C TYR E 548 -24.78 42.56 -31.05
N PHE E 549 -24.88 41.71 -30.03
CA PHE E 549 -25.57 40.44 -30.13
C PHE E 549 -27.07 40.58 -30.37
N ASN E 550 -27.66 41.64 -29.81
CA ASN E 550 -29.11 41.82 -29.87
C ASN E 550 -29.65 42.09 -31.28
N GLU E 551 -28.76 42.49 -32.19
CA GLU E 551 -29.18 42.87 -33.53
C GLU E 551 -28.79 41.85 -34.60
N ILE E 552 -27.71 41.11 -34.33
CA ILE E 552 -27.24 40.10 -35.29
C ILE E 552 -27.82 38.73 -34.99
N MET E 553 -27.97 38.42 -33.70
CA MET E 553 -28.49 37.11 -33.29
C MET E 553 -29.98 37.00 -33.57
N GLU E 554 -30.72 38.06 -33.25
CA GLU E 554 -32.16 38.09 -33.46
C GLU E 554 -32.50 38.39 -34.93
N GLY E 555 -31.48 38.71 -35.70
CA GLY E 555 -31.67 39.04 -37.11
C GLY E 555 -31.33 37.89 -38.04
N THR E 556 -30.45 37.01 -37.58
CA THR E 556 -30.01 35.87 -38.40
C THR E 556 -30.61 34.56 -37.91
N VAL E 557 -31.81 34.64 -37.34
CA VAL E 557 -32.50 33.46 -36.85
C VAL E 557 -32.99 32.59 -38.00
N ALA E 558 -33.33 33.24 -39.12
CA ALA E 558 -33.81 32.54 -40.29
C ALA E 558 -32.68 31.76 -40.97
N VAL E 559 -31.45 32.22 -40.77
CA VAL E 559 -30.29 31.58 -41.35
C VAL E 559 -29.75 30.49 -40.44
N ARG E 560 -29.73 30.77 -39.14
CA ARG E 560 -29.23 29.82 -38.16
C ARG E 560 -30.13 28.59 -38.04
N GLU E 561 -31.43 28.79 -38.22
CA GLU E 561 -32.39 27.68 -38.19
C GLU E 561 -32.19 26.75 -39.38
N ARG E 562 -31.69 27.32 -40.48
CA ARG E 562 -31.42 26.53 -41.67
C ARG E 562 -30.11 25.76 -41.53
N ILE E 563 -29.16 26.36 -40.83
CA ILE E 563 -27.88 25.72 -40.57
C ILE E 563 -28.08 24.43 -39.77
N SER E 564 -29.03 24.47 -38.83
CA SER E 564 -29.35 23.31 -38.03
C SER E 564 -29.95 22.20 -38.88
N ARG E 565 -30.55 22.58 -40.01
CA ARG E 565 -31.20 21.62 -40.89
C ARG E 565 -30.23 21.10 -41.95
N SER E 566 -28.98 21.56 -41.84
CA SER E 566 -27.92 21.24 -42.81
C SER E 566 -27.13 19.98 -42.42
N LYS E 567 -27.82 19.09 -41.74
CA LYS E 567 -27.35 17.74 -41.45
C LYS E 567 -28.22 16.73 -42.20
N TYR E 568 -29.46 17.12 -42.47
CA TYR E 568 -30.44 16.20 -43.04
C TYR E 568 -30.63 16.36 -44.54
N ILE E 569 -29.93 17.30 -45.19
CA ILE E 569 -29.99 17.33 -46.64
C ILE E 569 -29.48 16.01 -47.25
N PRO E 570 -30.09 15.56 -48.36
CA PRO E 570 -29.59 14.41 -49.11
C PRO E 570 -28.29 14.79 -49.78
N GLU E 571 -27.45 13.80 -50.12
CA GLU E 571 -26.19 14.06 -50.79
C GLU E 571 -26.41 14.75 -52.14
N GLU E 572 -27.54 14.43 -52.78
CA GLU E 572 -27.85 14.96 -54.10
C GLU E 572 -27.92 16.49 -54.11
N GLU E 573 -28.42 17.06 -53.02
CA GLU E 573 -28.63 18.51 -52.94
C GLU E 573 -27.66 19.17 -51.96
N LEU E 574 -26.39 18.76 -52.01
CA LEU E 574 -25.37 19.33 -51.15
C LEU E 574 -25.17 20.82 -51.40
N ALA E 575 -25.57 21.27 -52.59
CA ALA E 575 -25.44 22.67 -52.98
C ALA E 575 -26.21 23.60 -52.05
N LYS E 576 -27.31 23.09 -51.49
CA LYS E 576 -28.14 23.85 -50.56
C LYS E 576 -27.34 24.39 -49.37
N ILE E 577 -26.48 23.53 -48.82
CA ILE E 577 -25.58 23.91 -47.75
C ILE E 577 -24.58 24.96 -48.22
N SER E 578 -24.04 24.76 -49.42
CA SER E 578 -23.11 25.72 -50.01
C SER E 578 -23.79 27.06 -50.23
N SER E 579 -25.11 27.03 -50.43
CA SER E 579 -25.89 28.24 -50.65
C SER E 579 -25.95 29.12 -49.42
N ILE E 580 -25.84 28.51 -48.24
CA ILE E 580 -25.95 29.23 -46.98
C ILE E 580 -24.87 30.30 -46.81
N ASN E 581 -23.64 29.94 -47.18
CA ASN E 581 -22.50 30.85 -47.06
C ASN E 581 -22.75 32.20 -47.74
N GLU E 582 -23.29 32.15 -48.95
CA GLU E 582 -23.64 33.36 -49.68
C GLU E 582 -24.73 34.13 -48.94
N GLU E 583 -25.61 33.38 -48.26
CA GLU E 583 -26.72 33.98 -47.53
C GLU E 583 -26.26 34.60 -46.21
N ILE E 584 -25.37 33.92 -45.52
CA ILE E 584 -24.85 34.39 -44.23
C ILE E 584 -24.12 35.72 -44.37
N LYS E 585 -23.43 35.89 -45.49
CA LYS E 585 -22.66 37.10 -45.74
C LYS E 585 -23.55 38.26 -46.18
N GLU E 586 -24.68 37.92 -46.80
CA GLU E 586 -25.61 38.94 -47.29
C GLU E 586 -26.52 39.45 -46.18
N THR E 587 -27.17 38.52 -45.47
CA THR E 587 -28.11 38.87 -44.42
C THR E 587 -27.43 39.56 -43.25
N ILE E 588 -26.11 39.38 -43.14
CA ILE E 588 -25.35 39.95 -42.04
C ILE E 588 -24.70 41.27 -42.44
N GLN E 589 -24.50 41.45 -43.75
CA GLN E 589 -23.92 42.68 -44.28
C GLN E 589 -24.96 43.78 -44.36
N LEU E 590 -26.24 43.40 -44.28
CA LEU E 590 -27.34 44.35 -44.33
C LEU E 590 -27.46 45.10 -43.02
N ILE E 591 -26.75 44.62 -42.00
CA ILE E 591 -26.80 45.24 -40.67
C ILE E 591 -25.56 46.11 -40.43
N GLU F 11 -12.45 -47.73 2.33
CA GLU F 11 -11.63 -48.25 1.24
C GLU F 11 -10.14 -48.13 1.55
N TYR F 12 -9.70 -46.94 1.91
CA TYR F 12 -8.28 -46.70 2.18
C TYR F 12 -8.01 -46.31 3.63
N ARG F 13 -7.22 -47.12 4.32
CA ARG F 13 -6.77 -46.82 5.68
C ARG F 13 -5.35 -46.29 5.65
N THR F 14 -5.02 -45.59 4.57
CA THR F 14 -3.63 -45.26 4.28
C THR F 14 -3.39 -43.75 4.23
N ILE F 15 -4.17 -42.99 4.98
CA ILE F 15 -3.98 -41.54 5.05
C ILE F 15 -2.60 -41.25 5.65
N LYS F 16 -1.84 -40.39 4.98
CA LYS F 16 -0.45 -40.16 5.35
C LYS F 16 -0.26 -38.98 6.29
N GLU F 17 -1.06 -37.94 6.11
CA GLU F 17 -0.94 -36.76 6.96
C GLU F 17 -2.16 -35.85 6.91
N VAL F 18 -2.38 -35.13 8.01
CA VAL F 18 -3.46 -34.16 8.10
C VAL F 18 -2.92 -32.79 8.50
N VAL F 19 -2.99 -31.85 7.57
CA VAL F 19 -2.49 -30.50 7.82
C VAL F 19 -3.62 -29.49 7.69
N GLY F 20 -4.11 -29.00 8.83
CA GLY F 20 -5.24 -28.10 8.85
C GLY F 20 -6.49 -28.80 8.35
N PRO F 21 -7.20 -28.17 7.40
CA PRO F 21 -8.41 -28.74 6.81
C PRO F 21 -8.09 -29.74 5.71
N LEU F 22 -6.83 -29.79 5.31
CA LEU F 22 -6.42 -30.67 4.22
C LEU F 22 -5.91 -32.02 4.73
N MET F 23 -5.96 -33.02 3.86
CA MET F 23 -5.58 -34.38 4.22
C MET F 23 -4.92 -35.07 3.03
N ALA F 24 -3.85 -35.82 3.29
CA ALA F 24 -3.12 -36.49 2.22
C ALA F 24 -3.29 -38.00 2.29
N VAL F 25 -3.79 -38.58 1.20
CA VAL F 25 -3.97 -40.03 1.12
C VAL F 25 -3.15 -40.60 -0.04
N GLU F 26 -2.35 -41.61 0.24
CA GLU F 26 -1.48 -42.21 -0.77
C GLU F 26 -1.83 -43.67 -1.03
N LYS F 27 -1.08 -44.32 -1.91
CA LYS F 27 -1.31 -45.71 -2.26
C LYS F 27 -2.70 -45.94 -2.85
N VAL F 28 -3.31 -44.88 -3.37
CA VAL F 28 -4.65 -44.98 -3.96
C VAL F 28 -4.56 -45.17 -5.47
N SER F 29 -5.70 -45.38 -6.12
CA SER F 29 -5.72 -45.59 -7.56
C SER F 29 -7.10 -45.29 -8.14
N GLY F 30 -7.12 -44.70 -9.34
CA GLY F 30 -8.36 -44.38 -10.01
C GLY F 30 -9.10 -43.21 -9.40
N VAL F 31 -8.38 -42.42 -8.61
CA VAL F 31 -8.96 -41.24 -7.97
C VAL F 31 -8.94 -40.04 -8.93
N LYS F 32 -10.03 -39.30 -8.96
CA LYS F 32 -10.18 -38.19 -9.90
C LYS F 32 -10.23 -36.83 -9.21
N TYR F 33 -9.94 -35.79 -9.96
CA TYR F 33 -9.97 -34.42 -9.46
C TYR F 33 -11.42 -33.98 -9.20
N GLU F 34 -11.62 -33.19 -8.14
CA GLU F 34 -12.94 -32.70 -7.76
C GLU F 34 -13.85 -33.85 -7.31
N GLU F 35 -13.25 -34.98 -6.95
CA GLU F 35 -14.01 -36.14 -6.54
C GLU F 35 -14.43 -36.06 -5.08
N LEU F 36 -15.71 -36.29 -4.82
CA LEU F 36 -16.24 -36.26 -3.47
C LEU F 36 -15.73 -37.47 -2.68
N ILE F 37 -15.20 -37.22 -1.49
CA ILE F 37 -14.69 -38.30 -0.65
C ILE F 37 -15.43 -38.37 0.68
N GLU F 38 -15.14 -39.41 1.45
CA GLU F 38 -15.81 -39.64 2.73
C GLU F 38 -14.85 -40.20 3.75
N VAL F 39 -14.67 -39.48 4.86
CA VAL F 39 -13.72 -39.89 5.89
C VAL F 39 -14.43 -40.61 7.04
N ARG F 40 -14.09 -41.88 7.23
CA ARG F 40 -14.61 -42.65 8.35
C ARG F 40 -13.64 -42.57 9.53
N MET F 41 -13.98 -41.75 10.51
CA MET F 41 -13.13 -41.54 11.68
C MET F 41 -13.15 -42.74 12.62
N GLN F 42 -12.21 -42.75 13.56
CA GLN F 42 -12.08 -43.84 14.51
C GLN F 42 -13.28 -43.93 15.46
N ASN F 43 -13.91 -42.78 15.71
CA ASN F 43 -15.03 -42.72 16.64
C ASN F 43 -16.37 -43.02 15.97
N GLY F 44 -16.32 -43.48 14.73
CA GLY F 44 -17.52 -43.83 14.00
C GLY F 44 -18.11 -42.65 13.25
N GLU F 45 -17.69 -41.45 13.61
CA GLU F 45 -18.17 -40.23 12.96
C GLU F 45 -17.72 -40.22 11.49
N ILE F 46 -18.57 -39.69 10.62
CA ILE F 46 -18.28 -39.66 9.20
C ILE F 46 -18.36 -38.24 8.63
N ARG F 47 -17.29 -37.83 7.95
CA ARG F 47 -17.25 -36.49 7.34
C ARG F 47 -16.97 -36.59 5.85
N ARG F 48 -17.49 -35.64 5.09
CA ARG F 48 -17.26 -35.61 3.65
C ARG F 48 -16.20 -34.60 3.25
N GLY F 49 -15.69 -34.75 2.04
CA GLY F 49 -14.69 -33.84 1.51
C GLY F 49 -14.57 -34.00 0.01
N GLN F 50 -13.67 -33.25 -0.60
CA GLN F 50 -13.45 -33.34 -2.04
C GLN F 50 -11.96 -33.38 -2.37
N VAL F 51 -11.63 -34.00 -3.50
CA VAL F 51 -10.25 -34.08 -3.95
C VAL F 51 -9.81 -32.75 -4.58
N LEU F 52 -8.87 -32.09 -3.91
CA LEU F 52 -8.32 -30.83 -4.43
C LEU F 52 -7.25 -31.10 -5.47
N GLU F 53 -6.44 -32.12 -5.22
CA GLU F 53 -5.31 -32.43 -6.07
C GLU F 53 -4.98 -33.91 -6.01
N VAL F 54 -4.75 -34.51 -7.18
CA VAL F 54 -4.36 -35.91 -7.23
C VAL F 54 -3.10 -36.06 -8.09
N GLN F 55 -2.11 -36.74 -7.52
CA GLN F 55 -0.81 -36.89 -8.17
C GLN F 55 -0.26 -38.29 -7.95
N GLU F 56 -0.16 -39.05 -9.03
CA GLU F 56 0.27 -40.45 -8.94
C GLU F 56 -0.67 -41.23 -8.03
N ASP F 57 -0.11 -41.91 -7.03
CA ASP F 57 -0.91 -42.74 -6.13
C ASP F 57 -1.36 -41.95 -4.90
N LYS F 58 -1.19 -40.64 -4.94
CA LYS F 58 -1.54 -39.80 -3.79
C LYS F 58 -2.72 -38.88 -4.09
N ALA F 59 -3.51 -38.60 -3.05
CA ALA F 59 -4.67 -37.73 -3.19
C ALA F 59 -4.71 -36.68 -2.09
N MET F 60 -4.89 -35.43 -2.47
CA MET F 60 -4.99 -34.33 -1.51
C MET F 60 -6.44 -33.87 -1.39
N VAL F 61 -7.04 -34.12 -0.22
CA VAL F 61 -8.44 -33.82 -0.01
C VAL F 61 -8.66 -32.80 1.11
N GLN F 62 -9.75 -32.05 1.00
CA GLN F 62 -10.12 -31.10 2.04
C GLN F 62 -11.43 -31.51 2.70
N ILE F 63 -11.43 -31.60 4.02
CA ILE F 63 -12.62 -32.02 4.75
C ILE F 63 -13.53 -30.82 5.03
N PHE F 64 -14.81 -30.97 4.71
CA PHE F 64 -15.77 -29.90 4.88
C PHE F 64 -15.92 -29.49 6.35
N GLU F 65 -15.96 -30.48 7.23
CA GLU F 65 -16.19 -30.23 8.65
C GLU F 65 -14.89 -29.99 9.41
N GLY F 66 -13.77 -30.00 8.69
CA GLY F 66 -12.48 -29.83 9.32
C GLY F 66 -11.84 -31.16 9.67
N THR F 67 -10.74 -31.12 10.41
CA THR F 67 -9.98 -32.32 10.72
C THR F 67 -9.76 -32.52 12.22
N SER F 68 -10.54 -31.81 13.04
CA SER F 68 -10.40 -31.93 14.49
C SER F 68 -10.87 -33.29 14.99
N GLY F 69 -10.09 -33.87 15.90
CA GLY F 69 -10.45 -35.15 16.51
C GLY F 69 -10.22 -36.34 15.61
N ILE F 70 -9.52 -36.11 14.49
CA ILE F 70 -9.25 -37.18 13.54
C ILE F 70 -7.93 -37.89 13.85
N CYS F 71 -7.98 -39.22 13.93
CA CYS F 71 -6.79 -40.04 14.09
C CYS F 71 -6.39 -40.63 12.74
N LEU F 72 -5.12 -40.49 12.38
CA LEU F 72 -4.65 -40.96 11.07
C LEU F 72 -4.68 -42.48 10.96
N LYS F 73 -4.08 -43.15 11.93
CA LYS F 73 -3.90 -44.60 11.86
C LYS F 73 -5.20 -45.38 11.98
N ASN F 74 -6.15 -44.84 12.74
CA ASN F 74 -7.42 -45.54 12.96
C ASN F 74 -8.60 -44.89 12.25
N SER F 75 -8.34 -44.33 11.07
CA SER F 75 -9.39 -43.76 10.24
C SER F 75 -9.21 -44.18 8.79
N SER F 76 -10.29 -44.13 8.02
CA SER F 76 -10.22 -44.52 6.62
C SER F 76 -10.81 -43.44 5.71
N VAL F 77 -10.50 -43.52 4.43
CA VAL F 77 -11.04 -42.60 3.43
C VAL F 77 -11.68 -43.38 2.30
N ARG F 78 -12.95 -43.07 2.03
CA ARG F 78 -13.66 -43.75 0.95
C ARG F 78 -13.97 -42.78 -0.19
N PHE F 79 -13.48 -43.11 -1.39
CA PHE F 79 -13.73 -42.29 -2.56
C PHE F 79 -15.05 -42.70 -3.20
N LEU F 80 -15.96 -41.74 -3.31
CA LEU F 80 -17.33 -42.01 -3.74
C LEU F 80 -17.47 -42.22 -5.24
N GLY F 81 -16.44 -41.83 -5.99
CA GLY F 81 -16.45 -42.00 -7.43
C GLY F 81 -17.36 -41.03 -8.15
N HIS F 82 -17.61 -39.88 -7.53
CA HIS F 82 -18.43 -38.84 -8.13
C HIS F 82 -18.24 -37.51 -7.42
N PRO F 83 -18.36 -36.40 -8.17
CA PRO F 83 -18.31 -35.06 -7.58
C PRO F 83 -19.59 -34.78 -6.82
N LEU F 84 -19.61 -33.72 -6.01
CA LEU F 84 -20.83 -33.37 -5.30
C LEU F 84 -21.89 -32.93 -6.31
N GLN F 85 -23.03 -33.61 -6.28
CA GLN F 85 -24.09 -33.34 -7.23
C GLN F 85 -25.45 -33.24 -6.53
N LEU F 86 -26.43 -32.70 -7.25
CA LEU F 86 -27.76 -32.53 -6.69
C LEU F 86 -28.74 -33.54 -7.28
N GLY F 87 -29.43 -34.27 -6.40
CA GLY F 87 -30.49 -35.17 -6.82
C GLY F 87 -31.75 -34.37 -7.11
N VAL F 88 -32.11 -34.28 -8.38
CA VAL F 88 -33.22 -33.42 -8.78
C VAL F 88 -34.50 -34.19 -9.06
N SER F 89 -35.62 -33.62 -8.63
CA SER F 89 -36.93 -34.18 -8.90
C SER F 89 -37.95 -33.06 -9.01
N GLU F 90 -39.12 -33.37 -9.57
CA GLU F 90 -40.18 -32.38 -9.67
C GLU F 90 -40.77 -32.09 -8.28
N ASP F 91 -40.46 -32.97 -7.33
CA ASP F 91 -41.00 -32.87 -5.98
C ASP F 91 -40.10 -32.04 -5.06
N MET F 92 -39.12 -31.35 -5.63
CA MET F 92 -38.22 -30.53 -4.82
C MET F 92 -38.94 -29.29 -4.29
N ILE F 93 -40.03 -28.91 -4.97
CA ILE F 93 -40.81 -27.74 -4.56
C ILE F 93 -41.50 -27.97 -3.21
N GLY F 94 -41.47 -26.94 -2.37
CA GLY F 94 -42.10 -27.00 -1.06
C GLY F 94 -41.23 -27.68 -0.03
N ARG F 95 -40.00 -28.02 -0.41
CA ARG F 95 -39.07 -28.69 0.49
C ARG F 95 -37.86 -27.80 0.79
N VAL F 96 -37.42 -27.81 2.05
CA VAL F 96 -36.28 -27.02 2.46
C VAL F 96 -35.02 -27.89 2.55
N PHE F 97 -33.90 -27.34 2.09
CA PHE F 97 -32.63 -28.07 2.11
C PHE F 97 -31.51 -27.21 2.67
N ASP F 98 -30.39 -27.86 3.02
CA ASP F 98 -29.21 -27.11 3.44
C ASP F 98 -28.38 -26.73 2.22
N GLY F 99 -27.17 -26.23 2.47
CA GLY F 99 -26.30 -25.81 1.38
C GLY F 99 -25.81 -26.96 0.52
N LEU F 100 -26.01 -28.18 1.00
CA LEU F 100 -25.53 -29.37 0.29
C LEU F 100 -26.67 -30.15 -0.35
N GLY F 101 -27.90 -29.67 -0.20
CA GLY F 101 -29.05 -30.31 -0.81
C GLY F 101 -29.73 -31.31 0.10
N ARG F 102 -29.21 -31.45 1.31
CA ARG F 102 -29.82 -32.31 2.32
C ARG F 102 -31.02 -31.61 2.93
N PRO F 103 -32.13 -32.35 3.13
CA PRO F 103 -33.38 -31.75 3.62
C PRO F 103 -33.27 -31.21 5.04
N LYS F 104 -33.28 -29.89 5.19
CA LYS F 104 -33.16 -29.25 6.49
C LYS F 104 -34.46 -29.35 7.28
N ASP F 105 -35.58 -29.16 6.59
CA ASP F 105 -36.89 -29.34 7.20
C ASP F 105 -37.34 -30.78 7.06
N ASN F 106 -37.69 -31.41 8.18
CA ASN F 106 -38.12 -32.79 8.19
C ASN F 106 -39.27 -33.02 7.22
N GLY F 107 -39.11 -34.02 6.35
CA GLY F 107 -40.12 -34.33 5.36
C GLY F 107 -39.89 -35.68 4.72
N PRO F 108 -40.75 -36.05 3.76
CA PRO F 108 -40.63 -37.33 3.06
C PRO F 108 -39.34 -37.43 2.26
N GLU F 109 -38.73 -38.61 2.26
CA GLU F 109 -37.50 -38.84 1.51
C GLU F 109 -37.72 -38.59 0.03
N ILE F 110 -37.02 -37.58 -0.50
CA ILE F 110 -37.18 -37.18 -1.89
C ILE F 110 -36.29 -38.01 -2.81
N LEU F 111 -36.84 -39.09 -3.37
CA LEU F 111 -36.10 -39.92 -4.30
C LEU F 111 -35.89 -39.19 -5.62
N PRO F 112 -34.62 -38.87 -5.93
CA PRO F 112 -34.24 -38.09 -7.12
C PRO F 112 -34.58 -38.79 -8.43
N GLU F 113 -34.74 -38.01 -9.48
CA GLU F 113 -34.91 -38.53 -10.83
C GLU F 113 -33.55 -38.83 -11.44
N LYS F 114 -32.59 -37.97 -11.15
CA LYS F 114 -31.23 -38.12 -11.66
C LYS F 114 -30.31 -37.12 -10.97
N TYR F 115 -29.05 -37.50 -10.79
CA TYR F 115 -28.09 -36.62 -10.13
C TYR F 115 -27.30 -35.78 -11.14
N LEU F 116 -27.22 -34.49 -10.87
CA LEU F 116 -26.57 -33.55 -11.78
C LEU F 116 -25.39 -32.82 -11.12
N ASP F 117 -24.29 -32.71 -11.84
CA ASP F 117 -23.15 -31.93 -11.38
C ASP F 117 -23.56 -30.48 -11.17
N ILE F 118 -23.35 -29.97 -9.97
CA ILE F 118 -23.84 -28.64 -9.60
C ILE F 118 -23.07 -27.52 -10.29
N ASN F 119 -21.99 -27.87 -10.98
CA ASN F 119 -21.26 -26.88 -11.77
C ASN F 119 -22.03 -26.48 -13.01
N GLY F 120 -22.72 -27.45 -13.61
CA GLY F 120 -23.55 -27.20 -14.78
C GLY F 120 -22.75 -27.07 -16.05
N GLU F 121 -23.44 -26.73 -17.14
CA GLU F 121 -22.80 -26.55 -18.43
C GLU F 121 -22.77 -25.08 -18.82
N VAL F 122 -21.97 -24.75 -19.83
CA VAL F 122 -21.94 -23.39 -20.37
C VAL F 122 -22.85 -23.30 -21.59
N ILE F 123 -23.83 -22.41 -21.53
CA ILE F 123 -24.78 -22.25 -22.63
C ILE F 123 -24.10 -21.79 -23.91
N ASN F 124 -24.46 -22.44 -25.03
CA ASN F 124 -23.96 -22.03 -26.33
C ASN F 124 -24.51 -20.66 -26.69
N PRO F 125 -23.61 -19.70 -26.96
CA PRO F 125 -23.97 -18.31 -27.28
C PRO F 125 -24.95 -18.22 -28.45
N ILE F 126 -24.93 -19.22 -29.33
CA ILE F 126 -25.89 -19.28 -30.43
C ILE F 126 -27.22 -19.80 -29.94
N ALA F 127 -27.19 -20.69 -28.95
CA ALA F 127 -28.39 -21.29 -28.41
C ALA F 127 -29.10 -20.39 -27.40
N ARG F 128 -28.38 -19.38 -26.92
CA ARG F 128 -28.95 -18.45 -25.94
C ARG F 128 -29.98 -17.54 -26.57
N ASP F 129 -31.02 -17.21 -25.80
CA ASP F 129 -32.08 -16.32 -26.28
C ASP F 129 -32.18 -15.10 -25.38
N TYR F 130 -32.23 -13.91 -25.98
CA TYR F 130 -32.37 -12.68 -25.22
C TYR F 130 -33.69 -12.66 -24.48
N PRO F 131 -33.71 -12.06 -23.28
CA PRO F 131 -34.93 -11.98 -22.46
C PRO F 131 -35.86 -10.85 -22.89
N ASP F 132 -37.03 -11.20 -23.40
CA ASP F 132 -38.00 -10.23 -23.88
C ASP F 132 -39.13 -9.98 -22.88
N GLU F 133 -39.58 -11.04 -22.22
CA GLU F 133 -40.79 -10.99 -21.39
C GLU F 133 -40.64 -10.19 -20.09
N PHE F 134 -41.79 -9.90 -19.48
CA PHE F 134 -41.86 -9.06 -18.29
C PHE F 134 -42.26 -9.87 -17.05
N ILE F 135 -41.53 -9.66 -15.95
CA ILE F 135 -41.81 -10.35 -14.71
C ILE F 135 -42.63 -9.50 -13.76
N GLN F 136 -43.75 -10.05 -13.29
CA GLN F 136 -44.61 -9.32 -12.38
C GLN F 136 -44.07 -9.36 -10.95
N THR F 137 -43.08 -8.50 -10.69
CA THR F 137 -42.52 -8.36 -9.35
C THR F 137 -43.61 -8.16 -8.30
N GLY F 138 -44.54 -7.24 -8.54
CA GLY F 138 -45.55 -6.95 -7.53
C GLY F 138 -45.12 -5.76 -6.70
N ILE F 139 -43.81 -5.54 -6.62
CA ILE F 139 -43.31 -4.30 -6.08
C ILE F 139 -43.70 -3.22 -7.08
N SER F 140 -43.70 -1.96 -6.66
CA SER F 140 -44.15 -0.89 -7.55
C SER F 140 -43.01 0.00 -8.02
N ALA F 141 -42.21 0.46 -7.06
CA ALA F 141 -41.08 1.33 -7.34
C ALA F 141 -40.08 0.70 -8.31
N ILE F 142 -39.77 -0.59 -8.12
CA ILE F 142 -38.85 -1.28 -9.03
C ILE F 142 -39.30 -1.19 -10.49
N ASP F 143 -40.55 -1.56 -10.76
CA ASP F 143 -40.99 -1.82 -12.14
C ASP F 143 -40.87 -0.63 -13.03
N HIS F 144 -41.21 0.53 -12.50
CA HIS F 144 -41.01 1.72 -13.29
C HIS F 144 -39.53 2.07 -13.30
N LEU F 145 -38.89 1.97 -12.14
CA LEU F 145 -37.44 2.13 -12.07
C LEU F 145 -36.71 1.04 -12.86
N ASN F 146 -37.21 -0.20 -12.76
CA ASN F 146 -36.59 -1.38 -13.35
C ASN F 146 -37.60 -2.42 -13.82
N THR F 147 -37.55 -2.78 -15.10
CA THR F 147 -38.36 -3.90 -15.58
C THR F 147 -37.64 -5.22 -15.33
N LEU F 148 -38.26 -6.11 -14.56
CA LEU F 148 -37.68 -7.44 -14.36
C LEU F 148 -38.01 -8.32 -15.54
N VAL F 149 -36.98 -8.68 -16.30
CA VAL F 149 -37.16 -9.46 -17.52
C VAL F 149 -36.77 -10.91 -17.28
N ARG F 150 -37.48 -11.82 -17.94
CA ARG F 150 -37.27 -13.25 -17.76
C ARG F 150 -35.92 -13.71 -18.29
N GLY F 151 -35.03 -14.11 -17.39
CA GLY F 151 -33.70 -14.54 -17.78
C GLY F 151 -32.69 -13.44 -17.53
N GLN F 152 -33.17 -12.33 -16.96
CA GLN F 152 -32.29 -11.23 -16.61
C GLN F 152 -31.64 -11.48 -15.25
N LYS F 153 -30.53 -10.79 -15.00
CA LYS F 153 -29.92 -10.77 -13.68
C LYS F 153 -29.95 -9.34 -13.16
N LEU F 154 -30.77 -9.11 -12.14
CA LEU F 154 -30.90 -7.79 -11.56
C LEU F 154 -30.63 -7.84 -10.06
N PRO F 155 -29.37 -7.61 -9.68
CA PRO F 155 -28.91 -7.71 -8.28
C PRO F 155 -29.39 -6.56 -7.41
N VAL F 156 -29.44 -6.78 -6.10
CA VAL F 156 -29.86 -5.77 -5.16
C VAL F 156 -28.73 -5.38 -4.21
N PHE F 157 -28.37 -4.10 -4.20
CA PHE F 157 -27.36 -3.60 -3.27
C PHE F 157 -28.02 -3.05 -2.02
N SER F 158 -27.84 -3.72 -0.90
CA SER F 158 -28.54 -3.35 0.33
C SER F 158 -27.67 -3.32 1.58
N GLY F 159 -26.36 -3.50 1.41
CA GLY F 159 -25.45 -3.44 2.53
C GLY F 159 -25.46 -2.06 3.16
N SER F 160 -25.68 -1.99 4.47
CA SER F 160 -25.91 -3.17 5.30
C SER F 160 -26.87 -2.86 6.44
N GLY F 161 -27.57 -3.88 6.94
CA GLY F 161 -28.50 -3.68 8.04
C GLY F 161 -29.89 -3.32 7.55
N LEU F 162 -30.01 -3.13 6.24
CA LEU F 162 -31.29 -2.87 5.58
C LEU F 162 -32.16 -4.11 5.66
N PRO F 163 -33.50 -3.94 5.64
CA PRO F 163 -34.39 -5.10 5.61
C PRO F 163 -34.42 -5.76 4.23
N HIS F 164 -33.26 -6.03 3.66
CA HIS F 164 -33.18 -6.66 2.35
C HIS F 164 -33.78 -8.05 2.38
N LYS F 165 -33.77 -8.66 3.56
CA LYS F 165 -34.42 -9.94 3.78
C LYS F 165 -35.93 -9.81 3.52
N GLU F 166 -36.52 -8.73 4.04
CA GLU F 166 -37.94 -8.48 3.82
C GLU F 166 -38.22 -8.18 2.35
N LEU F 167 -37.32 -7.44 1.71
CA LEU F 167 -37.46 -7.13 0.29
C LEU F 167 -37.36 -8.38 -0.55
N ALA F 168 -36.40 -9.24 -0.20
CA ALA F 168 -36.21 -10.50 -0.92
C ALA F 168 -37.39 -11.43 -0.71
N ALA F 169 -37.82 -11.57 0.55
CA ALA F 169 -38.95 -12.42 0.88
C ALA F 169 -40.23 -11.88 0.26
N GLN F 170 -40.26 -10.57 0.04
CA GLN F 170 -41.42 -9.91 -0.56
C GLN F 170 -41.49 -10.19 -2.06
N ILE F 171 -40.34 -10.11 -2.73
CA ILE F 171 -40.26 -10.35 -4.16
C ILE F 171 -40.58 -11.79 -4.51
N ALA F 172 -40.04 -12.72 -3.72
CA ALA F 172 -40.29 -14.14 -3.94
C ALA F 172 -41.74 -14.49 -3.62
N ARG F 173 -42.47 -13.52 -3.08
CA ARG F 173 -43.83 -13.73 -2.63
C ARG F 173 -44.83 -13.09 -3.59
N GLN F 174 -44.45 -11.97 -4.17
CA GLN F 174 -45.33 -11.23 -5.07
C GLN F 174 -44.99 -11.46 -6.53
N ALA F 175 -43.83 -12.06 -6.80
CA ALA F 175 -43.39 -12.30 -8.16
C ALA F 175 -44.26 -13.35 -8.85
N THR F 176 -44.71 -13.03 -10.06
CA THR F 176 -45.55 -13.96 -10.82
C THR F 176 -45.51 -13.68 -12.33
N VAL F 177 -46.13 -14.56 -13.11
CA VAL F 177 -46.20 -14.41 -14.56
C VAL F 177 -47.62 -14.01 -14.98
N LEU F 178 -47.71 -13.28 -16.10
CA LEU F 178 -49.00 -12.78 -16.59
C LEU F 178 -49.96 -13.92 -16.94
N ASP F 179 -49.49 -14.86 -17.76
CA ASP F 179 -50.20 -16.12 -17.97
C ASP F 179 -49.81 -17.11 -16.88
N SER F 180 -50.73 -17.38 -15.95
CA SER F 180 -50.49 -18.36 -14.90
C SER F 180 -51.13 -19.71 -15.22
N SER F 181 -50.29 -20.64 -15.66
CA SER F 181 -50.69 -22.02 -15.93
C SER F 181 -49.87 -22.95 -15.05
N ASP F 182 -49.57 -22.50 -13.84
CA ASP F 182 -48.67 -23.20 -12.93
C ASP F 182 -47.27 -23.26 -13.55
N ASP F 183 -46.90 -22.17 -14.21
CA ASP F 183 -45.65 -22.10 -14.95
C ASP F 183 -44.52 -21.43 -14.18
N PHE F 184 -44.82 -20.89 -12.99
CA PHE F 184 -43.82 -20.13 -12.24
C PHE F 184 -43.32 -20.89 -11.02
N ALA F 185 -42.03 -20.73 -10.74
CA ALA F 185 -41.41 -21.34 -9.56
C ALA F 185 -40.30 -20.44 -9.02
N VAL F 186 -39.98 -20.60 -7.73
CA VAL F 186 -38.95 -19.79 -7.11
C VAL F 186 -37.86 -20.65 -6.46
N VAL F 187 -36.62 -20.19 -6.57
CA VAL F 187 -35.50 -20.87 -5.92
C VAL F 187 -34.78 -19.91 -5.00
N PHE F 188 -34.96 -20.11 -3.69
CA PHE F 188 -34.34 -19.22 -2.70
C PHE F 188 -33.06 -19.83 -2.15
N ALA F 189 -31.98 -19.05 -2.15
CA ALA F 189 -30.69 -19.51 -1.68
C ALA F 189 -30.16 -18.63 -0.55
N ALA F 190 -30.12 -19.18 0.66
CA ALA F 190 -29.57 -18.48 1.81
C ALA F 190 -28.11 -18.85 1.99
N ILE F 191 -27.25 -17.85 2.13
CA ILE F 191 -25.81 -18.08 2.20
C ILE F 191 -25.16 -17.35 3.37
N GLY F 192 -24.75 -18.11 4.39
CA GLY F 192 -24.01 -17.57 5.52
C GLY F 192 -24.77 -16.56 6.36
N ILE F 193 -26.10 -16.65 6.35
CA ILE F 193 -26.92 -15.76 7.14
C ILE F 193 -27.20 -16.34 8.53
N THR F 194 -27.47 -15.47 9.50
CA THR F 194 -27.72 -15.89 10.87
C THR F 194 -28.98 -16.72 10.98
N PHE F 195 -29.10 -17.48 12.07
CA PHE F 195 -30.26 -18.34 12.31
C PHE F 195 -31.55 -17.54 12.35
N GLU F 196 -31.51 -16.36 12.96
CA GLU F 196 -32.69 -15.52 13.06
C GLU F 196 -33.14 -15.01 11.69
N GLU F 197 -32.18 -14.73 10.82
CA GLU F 197 -32.50 -14.33 9.46
C GLU F 197 -33.08 -15.52 8.69
N ALA F 198 -32.46 -16.68 8.85
CA ALA F 198 -32.96 -17.90 8.23
C ALA F 198 -34.36 -18.22 8.74
N GLU F 199 -34.53 -18.12 10.06
CA GLU F 199 -35.83 -18.41 10.66
C GLU F 199 -36.90 -17.46 10.16
N PHE F 200 -36.52 -16.19 9.99
CA PHE F 200 -37.39 -15.19 9.38
C PHE F 200 -37.94 -15.64 8.04
N PHE F 201 -37.08 -16.19 7.20
CA PHE F 201 -37.42 -16.55 5.82
C PHE F 201 -38.30 -17.80 5.75
N MET F 202 -38.11 -18.71 6.69
CA MET F 202 -38.82 -19.98 6.73
C MET F 202 -40.32 -19.80 7.00
N GLU F 203 -40.62 -19.24 8.17
CA GLU F 203 -42.00 -19.00 8.60
C GLU F 203 -42.74 -18.07 7.65
N ASP F 204 -42.08 -16.99 7.24
CA ASP F 204 -42.63 -16.02 6.29
C ASP F 204 -43.07 -16.71 5.00
N PHE F 205 -42.35 -17.77 4.63
CA PHE F 205 -42.65 -18.54 3.43
C PHE F 205 -43.74 -19.57 3.70
N ARG F 206 -43.97 -19.86 4.99
CA ARG F 206 -44.96 -20.83 5.39
C ARG F 206 -46.31 -20.20 5.74
N GLN F 207 -46.27 -19.13 6.53
CA GLN F 207 -47.49 -18.44 6.93
C GLN F 207 -48.00 -17.55 5.79
N THR F 208 -47.35 -17.63 4.65
CA THR F 208 -47.78 -16.91 3.46
C THR F 208 -48.22 -17.88 2.36
N GLY F 209 -47.67 -19.10 2.40
CA GLY F 209 -48.02 -20.12 1.42
C GLY F 209 -47.11 -20.11 0.22
N ALA F 210 -46.17 -19.17 0.18
CA ALA F 210 -45.25 -19.04 -0.94
C ALA F 210 -44.17 -20.12 -0.93
N ILE F 211 -44.20 -20.97 0.09
CA ILE F 211 -43.20 -22.03 0.23
C ILE F 211 -43.53 -23.21 -0.68
N ASP F 212 -44.81 -23.38 -0.99
CA ASP F 212 -45.25 -24.48 -1.84
C ASP F 212 -45.20 -24.10 -3.32
N ARG F 213 -44.46 -23.05 -3.64
CA ARG F 213 -44.26 -22.63 -5.01
C ARG F 213 -42.78 -22.39 -5.27
N SER F 214 -41.95 -22.81 -4.33
CA SER F 214 -40.52 -22.53 -4.39
C SER F 214 -39.66 -23.60 -3.72
N VAL F 215 -38.37 -23.59 -4.06
CA VAL F 215 -37.41 -24.48 -3.43
C VAL F 215 -36.29 -23.65 -2.81
N MET F 216 -36.07 -23.81 -1.51
CA MET F 216 -35.10 -22.97 -0.82
C MET F 216 -33.96 -23.77 -0.21
N PHE F 217 -32.74 -23.27 -0.40
CA PHE F 217 -31.54 -23.87 0.17
C PHE F 217 -31.01 -23.00 1.30
N MET F 218 -31.02 -23.54 2.52
CA MET F 218 -30.64 -22.76 3.69
C MET F 218 -29.22 -23.06 4.16
N ASN F 219 -28.36 -22.05 4.11
CA ASN F 219 -26.98 -22.18 4.59
C ASN F 219 -26.68 -21.13 5.65
N LEU F 220 -26.50 -21.58 6.88
CA LEU F 220 -26.29 -20.67 8.01
C LEU F 220 -24.86 -20.13 8.04
N ALA F 221 -24.64 -19.12 8.87
CA ALA F 221 -23.34 -18.47 8.97
C ALA F 221 -22.33 -19.35 9.70
N ASN F 222 -22.83 -20.26 10.53
CA ASN F 222 -21.96 -21.14 11.30
C ASN F 222 -21.66 -22.45 10.56
N ASP F 223 -22.25 -22.62 9.39
CA ASP F 223 -22.00 -23.78 8.55
C ASP F 223 -20.61 -23.70 7.93
N PRO F 224 -20.11 -24.83 7.42
CA PRO F 224 -18.81 -24.88 6.75
C PRO F 224 -18.72 -23.90 5.58
N ALA F 225 -17.63 -23.14 5.52
CA ALA F 225 -17.44 -22.17 4.44
C ALA F 225 -17.50 -22.84 3.08
N ILE F 226 -17.10 -24.11 3.03
CA ILE F 226 -17.14 -24.88 1.79
C ILE F 226 -18.57 -25.09 1.33
N GLU F 227 -19.50 -25.14 2.28
CA GLU F 227 -20.91 -25.34 1.97
C GLU F 227 -21.56 -24.04 1.49
N ARG F 228 -20.95 -22.91 1.85
CA ARG F 228 -21.44 -21.61 1.39
C ARG F 228 -21.14 -21.43 -0.09
N ILE F 229 -20.03 -22.00 -0.54
CA ILE F 229 -19.61 -21.91 -1.93
C ILE F 229 -20.47 -22.79 -2.83
N ALA F 230 -20.97 -23.88 -2.26
CA ALA F 230 -21.74 -24.86 -3.04
C ALA F 230 -23.23 -24.53 -3.06
N THR F 231 -23.66 -23.67 -2.13
CA THR F 231 -25.08 -23.33 -1.99
C THR F 231 -25.69 -22.74 -3.26
N PRO F 232 -25.06 -21.70 -3.82
CA PRO F 232 -25.57 -21.08 -5.06
C PRO F 232 -25.62 -22.08 -6.21
N ARG F 233 -24.61 -22.93 -6.33
CA ARG F 233 -24.54 -23.91 -7.40
C ARG F 233 -25.58 -25.01 -7.20
N MET F 234 -25.87 -25.33 -5.94
CA MET F 234 -26.94 -26.27 -5.61
C MET F 234 -28.28 -25.72 -6.07
N ALA F 235 -28.47 -24.42 -5.89
CA ALA F 235 -29.73 -23.76 -6.24
C ALA F 235 -29.88 -23.59 -7.75
N LEU F 236 -28.85 -23.03 -8.38
CA LEU F 236 -28.89 -22.79 -9.83
C LEU F 236 -29.01 -24.09 -10.61
N THR F 237 -28.54 -25.18 -10.02
CA THR F 237 -28.63 -26.50 -10.65
C THR F 237 -30.08 -26.99 -10.63
N ALA F 238 -30.77 -26.75 -9.52
CA ALA F 238 -32.18 -27.08 -9.40
C ALA F 238 -33.02 -26.11 -10.22
N ALA F 239 -32.52 -24.89 -10.36
CA ALA F 239 -33.21 -23.86 -11.14
C ALA F 239 -33.23 -24.24 -12.63
N GLU F 240 -32.06 -24.63 -13.15
CA GLU F 240 -31.93 -25.01 -14.55
C GLU F 240 -32.73 -26.27 -14.85
N TYR F 241 -32.85 -27.14 -13.85
CA TYR F 241 -33.61 -28.38 -13.99
C TYR F 241 -35.10 -28.10 -14.21
N LEU F 242 -35.67 -27.26 -13.35
CA LEU F 242 -37.08 -26.93 -13.44
C LEU F 242 -37.41 -26.09 -14.65
N ALA F 243 -36.41 -25.35 -15.14
CA ALA F 243 -36.63 -24.42 -16.25
C ALA F 243 -36.50 -25.10 -17.61
N TYR F 244 -35.36 -25.75 -17.84
CA TYR F 244 -35.03 -26.27 -19.16
C TYR F 244 -35.43 -27.73 -19.36
N GLU F 245 -35.80 -28.40 -18.27
CA GLU F 245 -36.21 -29.80 -18.37
C GLU F 245 -37.68 -30.00 -18.01
N LYS F 246 -38.24 -29.08 -17.23
CA LYS F 246 -39.64 -29.16 -16.84
C LYS F 246 -40.42 -27.95 -17.34
N GLY F 247 -39.71 -27.03 -17.99
CA GLY F 247 -40.34 -25.86 -18.58
C GLY F 247 -41.01 -24.97 -17.56
N MET F 248 -40.22 -24.42 -16.66
CA MET F 248 -40.74 -23.49 -15.66
C MET F 248 -40.00 -22.16 -15.72
N HIS F 249 -40.64 -21.11 -15.23
CA HIS F 249 -40.05 -19.79 -15.20
C HIS F 249 -39.52 -19.51 -13.80
N VAL F 250 -38.29 -19.93 -13.56
CA VAL F 250 -37.70 -19.94 -12.22
C VAL F 250 -37.08 -18.59 -11.84
N LEU F 251 -37.43 -18.12 -10.65
CA LEU F 251 -36.83 -16.91 -10.10
C LEU F 251 -35.88 -17.28 -8.98
N VAL F 252 -34.62 -16.84 -9.10
CA VAL F 252 -33.60 -17.22 -8.14
C VAL F 252 -33.17 -16.04 -7.27
N ILE F 253 -33.39 -16.16 -5.98
CA ILE F 253 -32.95 -15.15 -5.01
C ILE F 253 -31.78 -15.71 -4.20
N MET F 254 -30.74 -14.89 -4.02
CA MET F 254 -29.54 -15.34 -3.32
C MET F 254 -29.03 -14.32 -2.32
N THR F 255 -28.90 -14.75 -1.06
CA THR F 255 -28.38 -13.92 0.00
C THR F 255 -27.65 -14.79 1.01
N ASP F 256 -26.48 -14.35 1.49
CA ASP F 256 -25.88 -13.09 1.06
C ASP F 256 -24.65 -13.36 0.21
N MET F 257 -24.54 -12.65 -0.92
CA MET F 257 -23.44 -12.89 -1.84
C MET F 257 -22.10 -12.40 -1.30
N THR F 258 -22.15 -11.52 -0.30
CA THR F 258 -20.93 -11.06 0.35
C THR F 258 -20.38 -12.16 1.24
N ASN F 259 -21.28 -12.94 1.84
CA ASN F 259 -20.88 -14.10 2.63
C ASN F 259 -20.24 -15.14 1.74
N TYR F 260 -20.66 -15.17 0.47
CA TYR F 260 -20.08 -16.07 -0.51
C TYR F 260 -18.63 -15.69 -0.80
N ALA F 261 -18.41 -14.41 -1.11
CA ALA F 261 -17.09 -13.90 -1.41
C ALA F 261 -16.17 -14.04 -0.21
N GLU F 262 -16.70 -13.77 0.98
CA GLU F 262 -15.93 -13.89 2.20
C GLU F 262 -15.57 -15.35 2.44
N ALA F 263 -16.48 -16.25 2.07
CA ALA F 263 -16.23 -17.68 2.15
C ALA F 263 -15.18 -18.08 1.12
N LEU F 264 -15.26 -17.46 -0.06
CA LEU F 264 -14.31 -17.72 -1.13
C LEU F 264 -12.91 -17.31 -0.71
N ARG F 265 -12.80 -16.15 -0.08
CA ARG F 265 -11.53 -15.64 0.42
C ARG F 265 -11.00 -16.54 1.54
N GLU F 266 -11.91 -17.05 2.36
CA GLU F 266 -11.54 -17.90 3.48
C GLU F 266 -11.00 -19.26 3.01
N ILE F 267 -11.58 -19.76 1.91
CA ILE F 267 -11.12 -21.02 1.32
C ILE F 267 -9.78 -20.83 0.62
N SER F 268 -9.66 -19.74 -0.12
CA SER F 268 -8.44 -19.44 -0.86
C SER F 268 -7.24 -19.27 0.07
N ALA F 269 -7.46 -18.61 1.20
CA ALA F 269 -6.39 -18.39 2.17
C ALA F 269 -5.98 -19.69 2.85
N ALA F 270 -6.97 -20.54 3.14
CA ALA F 270 -6.70 -21.82 3.75
C ALA F 270 -6.10 -22.80 2.74
N ARG F 271 -6.29 -22.48 1.46
CA ARG F 271 -5.82 -23.34 0.39
C ARG F 271 -4.49 -22.85 -0.17
N ARG F 272 -3.82 -21.98 0.59
CA ARG F 272 -2.46 -21.54 0.30
C ARG F 272 -2.37 -20.56 -0.88
N GLU F 273 -3.51 -20.11 -1.38
CA GLU F 273 -3.51 -19.22 -2.54
C GLU F 273 -3.09 -17.79 -2.16
N VAL F 274 -2.64 -17.05 -3.17
CA VAL F 274 -2.10 -15.70 -2.99
C VAL F 274 -3.18 -14.66 -3.29
N PRO F 275 -3.08 -13.46 -2.67
CA PRO F 275 -4.18 -12.49 -2.74
C PRO F 275 -4.42 -11.88 -4.13
N GLY F 276 -5.53 -11.17 -4.26
CA GLY F 276 -6.01 -10.68 -5.55
C GLY F 276 -5.66 -9.26 -5.98
N ARG F 277 -5.81 -8.26 -5.12
CA ARG F 277 -6.24 -8.41 -3.73
C ARG F 277 -7.38 -7.41 -3.46
N ARG F 278 -7.84 -7.24 -2.21
CA ARG F 278 -7.27 -7.87 -1.02
C ARG F 278 -8.37 -8.22 -0.01
N GLY F 279 -8.27 -9.42 0.57
CA GLY F 279 -7.25 -10.38 0.20
C GLY F 279 -7.90 -11.41 -0.69
N TYR F 280 -8.84 -10.96 -1.50
CA TYR F 280 -9.65 -11.84 -2.34
C TYR F 280 -8.81 -12.50 -3.41
N PRO F 281 -9.14 -13.75 -3.74
CA PRO F 281 -8.44 -14.46 -4.81
C PRO F 281 -8.75 -13.79 -6.13
N GLY F 282 -7.79 -13.74 -7.04
CA GLY F 282 -8.00 -13.14 -8.33
C GLY F 282 -9.14 -13.77 -9.13
N TYR F 283 -9.46 -15.03 -8.84
CA TYR F 283 -10.47 -15.75 -9.60
C TYR F 283 -11.90 -15.48 -9.10
N LEU F 284 -12.04 -14.41 -8.31
CA LEU F 284 -13.36 -13.98 -7.83
C LEU F 284 -14.29 -13.64 -8.99
N TYR F 285 -13.79 -12.83 -9.93
CA TYR F 285 -14.54 -12.43 -11.11
C TYR F 285 -15.02 -13.64 -11.91
N THR F 286 -14.09 -14.51 -12.26
CA THR F 286 -14.41 -15.73 -13.01
C THR F 286 -15.38 -16.60 -12.23
N ASN F 287 -15.19 -16.66 -10.93
CA ASN F 287 -16.03 -17.49 -10.05
C ASN F 287 -17.47 -16.99 -10.02
N LEU F 288 -17.63 -15.67 -9.87
CA LEU F 288 -18.95 -15.07 -9.86
C LEU F 288 -19.63 -15.19 -11.22
N ALA F 289 -18.84 -15.14 -12.28
CA ALA F 289 -19.35 -15.26 -13.63
C ALA F 289 -19.99 -16.63 -13.87
N THR F 290 -19.40 -17.66 -13.28
CA THR F 290 -19.90 -19.02 -13.43
C THR F 290 -21.24 -19.20 -12.73
N LEU F 291 -21.61 -18.22 -11.91
CA LEU F 291 -22.89 -18.25 -11.20
C LEU F 291 -23.94 -17.40 -11.90
N PHE F 292 -23.58 -16.16 -12.22
CA PHE F 292 -24.52 -15.20 -12.79
C PHE F 292 -24.82 -15.49 -14.27
N GLU F 293 -23.99 -16.31 -14.89
CA GLU F 293 -24.20 -16.67 -16.29
C GLU F 293 -25.18 -17.84 -16.43
N ARG F 294 -25.56 -18.42 -15.29
CA ARG F 294 -26.51 -19.54 -15.28
C ARG F 294 -27.90 -19.08 -15.70
N ALA F 295 -28.19 -17.80 -15.48
CA ALA F 295 -29.51 -17.26 -15.78
C ALA F 295 -29.68 -16.95 -17.26
N GLY F 296 -30.93 -16.86 -17.70
CA GLY F 296 -31.23 -16.52 -19.08
C GLY F 296 -32.26 -17.44 -19.72
N ARG F 297 -32.44 -17.27 -21.03
CA ARG F 297 -33.36 -18.10 -21.80
C ARG F 297 -32.62 -18.93 -22.85
N ILE F 298 -33.22 -20.03 -23.26
CA ILE F 298 -32.65 -20.87 -24.31
C ILE F 298 -33.50 -20.80 -25.58
N ARG F 299 -32.83 -20.63 -26.71
CA ARG F 299 -33.51 -20.49 -27.99
C ARG F 299 -34.32 -21.73 -28.33
N GLY F 300 -35.65 -21.57 -28.37
CA GLY F 300 -36.54 -22.67 -28.71
C GLY F 300 -36.83 -23.58 -27.53
N LEU F 301 -36.91 -23.01 -26.35
CA LEU F 301 -37.18 -23.79 -25.14
C LEU F 301 -38.04 -23.01 -24.15
N LYS F 302 -39.17 -23.59 -23.75
CA LYS F 302 -40.05 -22.97 -22.78
C LYS F 302 -39.39 -22.93 -21.40
N GLY F 303 -39.59 -21.83 -20.68
CA GLY F 303 -39.00 -21.67 -19.36
C GLY F 303 -37.88 -20.65 -19.35
N SER F 304 -37.51 -20.21 -18.15
CA SER F 304 -36.47 -19.20 -18.00
C SER F 304 -35.88 -19.20 -16.61
N VAL F 305 -34.65 -18.67 -16.49
CA VAL F 305 -33.99 -18.53 -15.21
C VAL F 305 -33.61 -17.09 -14.95
N THR F 306 -34.23 -16.48 -13.95
CA THR F 306 -33.96 -15.09 -13.60
C THR F 306 -33.24 -15.01 -12.25
N GLN F 307 -32.17 -14.23 -12.19
CA GLN F 307 -31.39 -14.10 -10.96
C GLN F 307 -31.56 -12.75 -10.28
N ILE F 308 -31.73 -12.78 -8.97
CA ILE F 308 -31.74 -11.57 -8.16
C ILE F 308 -30.77 -11.72 -6.99
N PRO F 309 -29.46 -11.61 -7.28
CA PRO F 309 -28.43 -11.71 -6.25
C PRO F 309 -28.49 -10.55 -5.26
N ILE F 310 -28.54 -10.86 -3.97
CA ILE F 310 -28.52 -9.83 -2.94
C ILE F 310 -27.16 -9.80 -2.24
N LEU F 311 -26.35 -8.81 -2.57
CA LEU F 311 -25.03 -8.67 -1.96
C LEU F 311 -24.99 -7.47 -1.02
N THR F 312 -24.05 -7.49 -0.08
CA THR F 312 -23.90 -6.39 0.86
C THR F 312 -22.57 -5.67 0.67
N MET F 313 -22.64 -4.38 0.37
CA MET F 313 -21.45 -3.57 0.11
C MET F 313 -20.77 -3.13 1.40
N PRO F 314 -19.48 -3.46 1.53
CA PRO F 314 -18.67 -3.09 2.71
C PRO F 314 -18.50 -1.58 2.84
N GLU F 315 -18.87 -1.03 3.99
CA GLU F 315 -18.76 0.40 4.27
C GLU F 315 -19.55 1.24 3.28
N ASP F 316 -20.57 0.62 2.66
CA ASP F 316 -21.46 1.32 1.74
C ASP F 316 -20.70 1.90 0.55
N ASP F 317 -19.69 1.17 0.07
CA ASP F 317 -18.89 1.61 -1.06
C ASP F 317 -18.97 0.63 -2.22
N LYS F 318 -19.29 1.12 -3.41
CA LYS F 318 -19.39 0.27 -4.59
C LYS F 318 -18.03 0.06 -5.24
N THR F 319 -17.04 0.82 -4.76
CA THR F 319 -15.67 0.68 -5.25
C THR F 319 -15.06 -0.63 -4.78
N HIS F 320 -15.71 -1.27 -3.81
CA HIS F 320 -15.28 -2.57 -3.31
C HIS F 320 -15.32 -3.59 -4.44
N PRO F 321 -14.44 -4.60 -4.38
CA PRO F 321 -14.41 -5.65 -5.40
C PRO F 321 -15.72 -6.41 -5.54
N ILE F 322 -16.42 -6.68 -4.44
CA ILE F 322 -17.67 -7.44 -4.50
C ILE F 322 -18.70 -6.77 -5.41
N PRO F 323 -19.08 -5.53 -5.09
CA PRO F 323 -20.09 -4.81 -5.88
C PRO F 323 -19.62 -4.56 -7.32
N ASP F 324 -18.39 -4.09 -7.46
CA ASP F 324 -17.82 -3.79 -8.77
C ASP F 324 -17.79 -5.02 -9.67
N LEU F 325 -17.33 -6.14 -9.11
CA LEU F 325 -17.21 -7.38 -9.87
C LEU F 325 -18.57 -7.89 -10.33
N THR F 326 -19.54 -7.95 -9.42
CA THR F 326 -20.90 -8.33 -9.80
C THR F 326 -21.42 -7.34 -10.83
N GLY F 327 -21.17 -6.06 -10.58
CA GLY F 327 -21.58 -5.00 -11.49
C GLY F 327 -21.07 -5.21 -12.90
N TYR F 328 -19.87 -5.79 -13.01
CA TYR F 328 -19.28 -6.07 -14.32
C TYR F 328 -20.02 -7.18 -15.06
N ILE F 329 -20.68 -8.06 -14.32
CA ILE F 329 -21.34 -9.21 -14.93
C ILE F 329 -22.88 -9.13 -14.82
N THR F 330 -23.38 -8.38 -13.84
CA THR F 330 -24.82 -8.21 -13.67
C THR F 330 -25.36 -7.10 -14.57
N GLU F 331 -26.63 -7.21 -14.95
CA GLU F 331 -27.26 -6.24 -15.83
C GLU F 331 -28.01 -5.15 -15.06
N GLY F 332 -27.28 -4.32 -14.34
CA GLY F 332 -27.88 -3.25 -13.56
C GLY F 332 -27.86 -3.56 -12.07
N GLN F 333 -28.59 -2.75 -11.31
CA GLN F 333 -28.63 -2.95 -9.86
C GLN F 333 -29.77 -2.17 -9.20
N ILE F 334 -30.27 -2.71 -8.09
CA ILE F 334 -31.27 -2.03 -7.27
C ILE F 334 -30.61 -1.55 -5.98
N ILE F 335 -30.64 -0.24 -5.74
CA ILE F 335 -29.97 0.33 -4.58
C ILE F 335 -30.92 0.56 -3.41
N LEU F 336 -30.44 0.23 -2.22
CA LEU F 336 -31.18 0.48 -0.99
C LEU F 336 -30.39 1.42 -0.08
N THR F 337 -30.68 2.70 -0.19
CA THR F 337 -29.95 3.72 0.57
C THR F 337 -30.42 3.77 2.02
N ARG F 338 -29.46 3.96 2.93
CA ARG F 338 -29.76 4.05 4.35
C ARG F 338 -30.42 5.38 4.69
N GLU F 339 -30.39 6.31 3.74
CA GLU F 339 -31.02 7.61 3.91
C GLU F 339 -32.53 7.48 3.86
N LEU F 340 -33.01 6.68 2.92
CA LEU F 340 -34.45 6.39 2.80
C LEU F 340 -34.92 5.58 3.99
N TYR F 341 -34.01 4.82 4.59
CA TYR F 341 -34.31 4.11 5.83
C TYR F 341 -34.07 5.09 6.98
N LYS F 342 -34.52 4.71 8.18
CA LYS F 342 -34.61 5.66 9.29
C LYS F 342 -35.60 6.75 8.93
N SER F 343 -36.37 6.48 7.89
CA SER F 343 -37.42 7.38 7.42
C SER F 343 -38.71 6.58 7.28
N GLY F 344 -39.79 7.25 6.89
CA GLY F 344 -41.09 6.61 6.80
C GLY F 344 -41.19 5.56 5.70
N ILE F 345 -40.64 5.87 4.53
CA ILE F 345 -40.84 5.04 3.34
C ILE F 345 -40.17 3.66 3.43
N GLN F 346 -40.86 2.66 2.92
CA GLN F 346 -40.34 1.29 2.84
C GLN F 346 -41.25 0.44 1.95
N PRO F 347 -40.66 -0.40 1.09
CA PRO F 347 -39.21 -0.65 0.99
C PRO F 347 -38.46 0.57 0.49
N PRO F 348 -37.34 0.88 1.15
CA PRO F 348 -36.55 2.08 0.82
C PRO F 348 -35.71 1.90 -0.44
N ILE F 349 -36.30 2.09 -1.60
CA ILE F 349 -35.55 2.03 -2.85
C ILE F 349 -35.41 3.41 -3.48
N ASP F 350 -34.21 3.97 -3.42
CA ASP F 350 -33.92 5.19 -4.16
C ASP F 350 -33.73 4.82 -5.62
N VAL F 351 -34.52 5.44 -6.49
CA VAL F 351 -34.51 5.08 -7.91
C VAL F 351 -33.45 5.84 -8.69
N LEU F 352 -33.02 6.98 -8.14
CA LEU F 352 -32.01 7.82 -8.78
C LEU F 352 -30.74 7.05 -9.15
N PRO F 353 -30.23 6.21 -8.22
CA PRO F 353 -29.01 5.45 -8.48
C PRO F 353 -29.29 4.02 -8.97
N SER F 354 -30.55 3.61 -8.91
CA SER F 354 -30.93 2.26 -9.31
C SER F 354 -31.52 2.24 -10.72
N LEU F 355 -30.85 1.55 -11.62
CA LEU F 355 -31.30 1.46 -13.01
C LEU F 355 -31.28 0.03 -13.52
N SER F 356 -31.87 -0.18 -14.68
CA SER F 356 -31.86 -1.48 -15.34
C SER F 356 -31.26 -1.34 -16.74
N ARG F 357 -30.28 -2.17 -17.06
CA ARG F 357 -29.63 -2.12 -18.37
C ARG F 357 -30.61 -2.44 -19.49
N LEU F 358 -31.43 -3.47 -19.28
CA LEU F 358 -32.44 -3.84 -20.27
C LEU F 358 -33.85 -3.83 -19.66
N LYS F 359 -34.60 -2.80 -19.98
CA LYS F 359 -35.94 -2.61 -19.45
C LYS F 359 -36.96 -2.49 -20.57
N ASP F 360 -36.50 -1.99 -21.73
CA ASP F 360 -37.38 -1.77 -22.88
C ASP F 360 -37.93 -3.09 -23.42
N LYS F 361 -37.13 -4.15 -23.31
CA LYS F 361 -37.54 -5.47 -23.78
C LYS F 361 -38.82 -5.93 -23.06
N GLY F 362 -38.78 -5.89 -21.73
CA GLY F 362 -39.91 -6.34 -20.93
C GLY F 362 -41.11 -5.41 -20.99
N THR F 363 -40.86 -4.13 -21.24
CA THR F 363 -41.93 -3.14 -21.26
C THR F 363 -42.42 -2.86 -22.68
N GLY F 364 -43.52 -3.49 -23.05
CA GLY F 364 -44.10 -3.31 -24.37
C GLY F 364 -45.58 -3.61 -24.42
N ALA F 365 -46.27 -3.05 -25.41
CA ALA F 365 -47.71 -3.25 -25.55
C ALA F 365 -48.06 -4.72 -25.75
N GLY F 366 -49.12 -5.17 -25.11
CA GLY F 366 -49.53 -6.56 -25.17
C GLY F 366 -49.07 -7.32 -23.94
N LYS F 367 -47.80 -7.18 -23.60
CA LYS F 367 -47.25 -7.80 -22.40
C LYS F 367 -47.30 -6.82 -21.23
N THR F 368 -47.23 -5.53 -21.56
CA THR F 368 -47.36 -4.48 -20.56
C THR F 368 -48.18 -3.32 -21.14
N ARG F 369 -48.66 -2.45 -20.27
CA ARG F 369 -49.45 -1.30 -20.71
C ARG F 369 -48.58 -0.31 -21.48
N GLU F 370 -49.12 0.23 -22.56
CA GLU F 370 -48.40 1.20 -23.38
C GLU F 370 -48.21 2.51 -22.60
N ASP F 371 -48.97 2.67 -21.54
CA ASP F 371 -48.92 3.87 -20.72
C ASP F 371 -47.63 3.97 -19.91
N HIS F 372 -47.10 2.83 -19.48
CA HIS F 372 -46.06 2.81 -18.46
C HIS F 372 -44.65 3.08 -18.99
N ALA F 373 -44.42 2.83 -20.27
CA ALA F 373 -43.13 3.16 -20.86
C ALA F 373 -42.92 4.66 -20.79
N ALA F 374 -43.98 5.40 -21.12
CA ALA F 374 -43.93 6.85 -21.19
C ALA F 374 -43.84 7.50 -19.80
N THR F 375 -44.56 6.96 -18.84
CA THR F 375 -44.65 7.59 -17.53
C THR F 375 -43.37 7.46 -16.68
N MET F 376 -42.40 6.67 -17.15
CA MET F 376 -41.11 6.58 -16.46
C MET F 376 -40.17 7.76 -16.83
N ASN F 377 -39.94 7.98 -18.12
CA ASN F 377 -39.33 9.19 -18.65
C ASN F 377 -39.81 10.46 -17.93
N GLN F 378 -41.13 10.55 -17.74
CA GLN F 378 -41.73 11.67 -17.05
C GLN F 378 -41.52 11.66 -15.54
N LEU F 379 -42.01 10.62 -14.87
CA LEU F 379 -42.01 10.56 -13.41
C LEU F 379 -40.60 10.61 -12.84
N PHE F 380 -39.71 9.81 -13.40
CA PHE F 380 -38.31 9.84 -12.98
C PHE F 380 -37.73 11.23 -13.16
N ALA F 381 -38.05 11.85 -14.29
CA ALA F 381 -37.65 13.22 -14.55
C ALA F 381 -38.28 14.15 -13.52
N ALA F 382 -39.51 13.83 -13.12
CA ALA F 382 -40.22 14.61 -12.13
C ALA F 382 -39.46 14.65 -10.81
N TYR F 383 -38.93 13.50 -10.40
CA TYR F 383 -38.15 13.43 -9.17
C TYR F 383 -36.83 14.16 -9.32
N ALA F 384 -36.23 14.06 -10.50
CA ALA F 384 -35.01 14.80 -10.80
C ALA F 384 -35.26 16.29 -10.62
N GLN F 385 -36.47 16.72 -10.95
CA GLN F 385 -36.87 18.12 -10.77
C GLN F 385 -37.36 18.36 -9.35
N GLY F 386 -37.83 17.30 -8.70
CA GLY F 386 -38.31 17.39 -7.33
C GLY F 386 -37.16 17.19 -6.34
N LYS F 387 -36.17 16.41 -6.74
CA LYS F 387 -35.00 16.16 -5.90
C LYS F 387 -34.06 17.36 -5.91
N GLN F 388 -33.78 17.88 -7.11
CA GLN F 388 -32.93 19.05 -7.25
C GLN F 388 -33.59 20.26 -6.60
N ALA F 389 -34.92 20.28 -6.62
CA ALA F 389 -35.69 21.32 -5.94
C ALA F 389 -35.50 21.21 -4.43
N LYS F 390 -35.12 20.02 -3.99
CA LYS F 390 -34.82 19.77 -2.58
C LYS F 390 -33.32 19.68 -2.36
N GLU F 391 -32.55 20.09 -3.36
CA GLU F 391 -31.10 20.02 -3.30
C GLU F 391 -30.49 21.41 -3.06
N LEU F 392 -31.32 22.37 -2.69
CA LEU F 392 -30.87 23.74 -2.46
C LEU F 392 -30.10 23.87 -1.14
N ALA F 393 -30.38 22.97 -0.21
CA ALA F 393 -29.75 22.98 1.10
C ALA F 393 -30.14 24.22 1.91
N VAL F 394 -31.20 24.89 1.46
CA VAL F 394 -31.78 26.04 2.17
C VAL F 394 -30.96 27.32 1.99
N VAL F 395 -29.87 27.25 1.22
CA VAL F 395 -29.08 28.43 0.91
C VAL F 395 -29.94 29.46 0.19
N LEU F 396 -30.80 28.98 -0.70
CA LEU F 396 -31.75 29.84 -1.39
C LEU F 396 -33.15 29.27 -1.33
N GLY F 397 -33.78 29.41 -0.16
CA GLY F 397 -35.14 28.94 0.02
C GLY F 397 -36.11 29.67 -0.88
N GLU F 398 -37.30 29.11 -1.04
CA GLU F 398 -38.34 29.74 -1.84
C GLU F 398 -38.90 30.98 -1.16
N SER F 399 -38.12 32.05 -1.17
CA SER F 399 -38.53 33.27 -0.47
C SER F 399 -38.82 34.41 -1.45
N ALA F 400 -38.64 34.11 -2.74
CA ALA F 400 -38.89 35.07 -3.81
C ALA F 400 -40.31 35.64 -3.80
N LEU F 401 -41.32 34.78 -3.70
CA LEU F 401 -41.14 33.33 -3.70
C LEU F 401 -41.70 32.71 -4.97
N SER F 402 -40.86 32.02 -5.72
CA SER F 402 -41.31 31.28 -6.89
C SER F 402 -42.11 30.06 -6.46
N ASP F 403 -43.43 30.19 -6.39
CA ASP F 403 -44.29 29.04 -6.18
C ASP F 403 -43.86 27.95 -7.18
N ILE F 404 -43.72 28.32 -8.45
CA ILE F 404 -43.22 27.40 -9.48
C ILE F 404 -41.92 26.71 -9.04
N ASP F 405 -40.98 27.49 -8.52
CA ASP F 405 -39.81 26.92 -7.85
C ASP F 405 -40.27 26.20 -6.57
N LYS F 406 -41.17 26.84 -5.82
CA LYS F 406 -41.59 26.32 -4.52
C LYS F 406 -42.58 25.16 -4.62
N ILE F 407 -43.36 25.12 -5.70
CA ILE F 407 -44.37 24.09 -5.87
C ILE F 407 -43.76 22.71 -6.01
N TYR F 408 -42.60 22.65 -6.66
CA TYR F 408 -42.12 21.40 -7.23
C TYR F 408 -41.51 20.46 -6.20
N ALA F 409 -40.96 21.03 -5.12
CA ALA F 409 -40.25 20.22 -4.13
C ALA F 409 -41.22 19.54 -3.15
N LYS F 410 -42.50 19.83 -3.29
CA LYS F 410 -43.51 19.27 -2.38
C LYS F 410 -43.88 17.83 -2.75
N PHE F 411 -43.82 17.52 -4.04
CA PHE F 411 -44.25 16.22 -4.54
C PHE F 411 -43.15 15.17 -4.41
N ALA F 412 -41.91 15.63 -4.34
CA ALA F 412 -40.77 14.73 -4.12
C ALA F 412 -40.90 14.06 -2.77
N GLU F 413 -41.46 14.80 -1.80
CA GLU F 413 -41.70 14.27 -0.47
C GLU F 413 -42.92 13.36 -0.47
N ARG F 414 -43.85 13.63 -1.38
CA ARG F 414 -45.10 12.89 -1.46
C ARG F 414 -44.93 11.52 -2.11
N PHE F 415 -44.27 11.50 -3.27
CA PHE F 415 -44.16 10.28 -4.07
C PHE F 415 -43.42 9.16 -3.35
N GLU F 416 -42.31 9.49 -2.68
CA GLU F 416 -41.60 8.52 -1.85
C GLU F 416 -42.53 7.93 -0.81
N ASN F 417 -43.44 8.76 -0.32
CA ASN F 417 -44.44 8.35 0.66
C ASN F 417 -45.66 7.76 -0.03
N GLU F 418 -45.94 8.26 -1.23
CA GLU F 418 -47.15 7.90 -1.95
C GLU F 418 -47.17 6.47 -2.48
N TYR F 419 -46.18 6.13 -3.31
CA TYR F 419 -46.21 4.85 -4.04
C TYR F 419 -45.12 3.88 -3.61
N VAL F 420 -44.12 4.35 -2.89
CA VAL F 420 -42.96 3.53 -2.56
C VAL F 420 -43.28 2.47 -1.52
N ASN F 421 -44.07 2.86 -0.53
CA ASN F 421 -44.41 1.97 0.58
C ASN F 421 -45.49 0.98 0.20
N GLN F 422 -45.10 -0.12 -0.43
CA GLN F 422 -46.06 -1.13 -0.84
C GLN F 422 -46.84 -1.72 0.32
N GLY F 423 -46.15 -2.17 1.38
CA GLY F 423 -44.71 -2.04 1.51
C GLY F 423 -43.96 -3.35 1.45
N PHE F 424 -44.28 -4.25 2.37
CA PHE F 424 -43.60 -5.53 2.48
C PHE F 424 -44.55 -6.72 2.30
N TYR F 425 -45.80 -6.57 2.73
CA TYR F 425 -46.78 -7.66 2.62
C TYR F 425 -47.98 -7.31 1.75
N THR F 426 -47.90 -6.19 1.05
CA THR F 426 -48.99 -5.80 0.16
C THR F 426 -48.49 -5.75 -1.27
N ASN F 427 -49.04 -6.63 -2.09
CA ASN F 427 -48.68 -6.71 -3.49
C ASN F 427 -49.53 -5.77 -4.35
N ARG F 428 -48.87 -5.08 -5.28
CA ARG F 428 -49.55 -4.15 -6.16
C ARG F 428 -49.50 -4.61 -7.61
N THR F 429 -50.67 -4.80 -8.22
CA THR F 429 -50.76 -5.23 -9.60
C THR F 429 -50.19 -4.17 -10.53
N ILE F 430 -49.67 -4.61 -11.67
CA ILE F 430 -49.07 -3.71 -12.65
C ILE F 430 -50.10 -2.72 -13.17
N THR F 431 -51.29 -3.21 -13.49
CA THR F 431 -52.38 -2.35 -13.96
C THR F 431 -52.78 -1.37 -12.86
N GLU F 432 -52.76 -1.84 -11.62
CA GLU F 432 -53.03 -0.98 -10.47
C GLU F 432 -51.82 -0.10 -10.17
N THR F 433 -50.63 -0.63 -10.45
CA THR F 433 -49.40 0.12 -10.29
C THR F 433 -49.33 1.24 -11.31
N LEU F 434 -49.89 1.00 -12.49
CA LEU F 434 -49.95 2.00 -13.54
C LEU F 434 -51.00 3.05 -13.20
N ASP F 435 -52.15 2.59 -12.70
CA ASP F 435 -53.24 3.50 -12.32
C ASP F 435 -52.85 4.36 -11.14
N LEU F 436 -52.26 3.74 -10.13
CA LEU F 436 -51.67 4.49 -9.03
C LEU F 436 -50.48 5.28 -9.54
N GLY F 437 -49.88 4.82 -10.64
CA GLY F 437 -48.94 5.64 -11.35
C GLY F 437 -49.66 6.96 -11.65
N TRP F 438 -50.91 6.91 -12.13
CA TRP F 438 -51.56 8.13 -12.57
C TRP F 438 -52.28 8.98 -11.49
N GLU F 439 -52.41 8.44 -10.30
CA GLU F 439 -52.82 9.26 -9.16
C GLU F 439 -51.59 10.05 -8.77
N LEU F 440 -50.46 9.39 -8.93
CA LEU F 440 -49.17 9.98 -8.66
C LEU F 440 -48.77 11.16 -9.55
N LEU F 441 -48.97 11.14 -10.87
CA LEU F 441 -48.73 12.40 -11.58
C LEU F 441 -49.86 13.36 -11.22
N ALA F 442 -49.85 13.79 -9.96
CA ALA F 442 -50.81 14.71 -9.39
C ALA F 442 -50.44 16.12 -9.81
N MET F 443 -51.38 17.04 -9.65
CA MET F 443 -51.23 18.43 -10.06
C MET F 443 -50.64 18.46 -11.46
N LEU F 444 -51.37 17.87 -12.40
CA LEU F 444 -50.85 17.61 -13.74
C LEU F 444 -51.14 18.75 -14.72
N PRO F 445 -50.18 19.69 -14.88
CA PRO F 445 -50.26 20.63 -15.99
C PRO F 445 -49.47 20.05 -17.15
N ARG F 446 -50.10 19.93 -18.32
CA ARG F 446 -49.46 19.29 -19.45
C ARG F 446 -48.14 19.96 -19.84
N THR F 447 -47.96 21.20 -19.39
CA THR F 447 -46.74 21.95 -19.62
C THR F 447 -45.50 21.22 -19.11
N GLU F 448 -45.58 20.70 -17.89
CA GLU F 448 -44.50 19.93 -17.30
C GLU F 448 -44.29 18.62 -18.04
N LEU F 449 -45.38 18.05 -18.56
CA LEU F 449 -45.30 16.76 -19.21
C LEU F 449 -45.19 16.89 -20.73
N LYS F 450 -44.70 18.05 -21.18
CA LYS F 450 -44.62 18.34 -22.62
C LYS F 450 -43.63 17.46 -23.36
N ARG F 451 -42.56 17.08 -22.67
CA ARG F 451 -41.54 16.19 -23.24
C ARG F 451 -42.15 14.83 -23.59
N ILE F 452 -42.99 14.32 -22.69
CA ILE F 452 -43.83 13.17 -22.99
C ILE F 452 -44.73 13.52 -24.15
N LYS F 453 -45.11 12.51 -24.94
CA LYS F 453 -46.05 12.72 -26.03
C LYS F 453 -47.30 13.44 -25.53
N ASP F 454 -47.80 12.98 -24.39
CA ASP F 454 -48.99 13.55 -23.75
C ASP F 454 -50.24 13.36 -24.61
N ASP F 455 -50.06 12.79 -25.79
CA ASP F 455 -51.19 12.32 -26.59
C ASP F 455 -52.00 11.32 -25.78
N LEU F 456 -51.30 10.42 -25.08
CA LEU F 456 -51.93 9.46 -24.20
C LEU F 456 -52.31 10.07 -22.85
N LEU F 457 -51.73 11.23 -22.55
CA LEU F 457 -52.07 11.98 -21.34
C LEU F 457 -53.57 12.27 -21.35
N ASP F 458 -54.10 12.55 -22.54
CA ASP F 458 -55.52 12.71 -22.73
C ASP F 458 -56.22 11.36 -22.63
N LYS F 459 -55.48 10.29 -22.92
CA LYS F 459 -56.06 8.95 -22.99
C LYS F 459 -56.32 8.32 -21.63
N TYR F 460 -55.38 8.47 -20.70
CA TYR F 460 -55.52 7.87 -19.38
C TYR F 460 -55.67 8.93 -18.28
C1 GOL G . 54.11 12.31 18.82
O1 GOL G . 53.40 12.23 20.05
C2 GOL G . 55.59 12.01 19.06
O2 GOL G . 55.71 11.08 20.10
C3 GOL G . 56.21 11.44 17.79
O3 GOL G . 57.53 11.01 18.06
H11 GOL G . 53.69 11.59 18.11
H12 GOL G . 54.00 13.31 18.39
HO1 GOL G . 52.47 12.49 19.91
H2 GOL G . 56.09 12.93 19.31
HO2 GOL G . 55.27 10.24 19.86
H31 GOL G . 55.63 10.59 17.43
H32 GOL G . 56.22 12.19 17.01
HO3 GOL G . 57.51 10.31 18.74
C1 GOL H . 56.71 5.92 22.79
O1 GOL H . 55.34 6.23 22.68
C2 GOL H . 56.98 5.30 24.15
O2 GOL H . 58.18 5.84 24.69
C3 GOL H . 57.12 3.79 24.02
O3 GOL H . 57.13 3.19 25.30
H11 GOL H . 56.99 5.22 22.00
H12 GOL H . 57.31 6.83 22.66
HO1 GOL H . 55.18 6.68 21.83
H2 GOL H . 56.15 5.52 24.81
HO2 GOL H . 58.35 5.44 25.57
H31 GOL H . 56.29 3.39 23.44
H32 GOL H . 58.04 3.55 23.50
HO3 GOL H . 57.89 3.53 25.81
C1 GOL I . 44.83 -8.61 -1.04
O1 GOL I . 45.09 -9.59 -0.05
C2 GOL I . 43.51 -7.92 -0.78
O2 GOL I . 42.52 -8.43 -1.65
C3 GOL I . 43.07 -8.11 0.66
O3 GOL I . 41.97 -7.27 0.96
H11 GOL I . 45.64 -7.88 -1.04
H12 GOL I . 44.81 -9.08 -2.03
HO1 GOL I . 45.91 -10.07 -0.27
H2 GOL I . 43.64 -6.85 -0.96
HO2 GOL I . 42.39 -9.39 -1.46
H31 GOL I . 42.78 -9.15 0.83
H32 GOL I . 43.90 -7.87 1.34
HO3 GOL I . 41.24 -7.45 0.33
C1 GOL J . 30.11 11.76 17.34
O1 GOL J . 30.74 12.34 16.22
C2 GOL J . 28.79 12.46 17.62
O2 GOL J . 28.22 12.90 16.41
C3 GOL J . 27.83 11.52 18.33
O3 GOL J . 28.41 11.01 19.50
H11 GOL J . 29.93 10.70 17.14
H12 GOL J . 30.77 11.83 18.21
HO1 GOL J . 31.62 11.92 16.08
H2 GOL J . 28.99 13.32 18.27
HO2 GOL J . 28.02 12.13 15.84
H31 GOL J . 26.91 12.05 18.59
H32 GOL J . 27.56 10.70 17.66
HO3 GOL J . 27.78 10.43 19.97
C1 GOL K . 40.91 38.31 -4.34
O1 GOL K . 40.50 39.46 -5.02
C2 GOL K . 41.98 37.57 -5.13
O2 GOL K . 42.79 36.80 -4.28
C3 GOL K . 41.32 36.65 -6.17
O3 GOL K . 42.30 35.83 -6.77
H11 GOL K . 41.30 38.57 -3.36
H12 GOL K . 40.05 37.65 -4.18
HO1 GOL K . 39.77 39.89 -4.53
H2 GOL K . 42.58 38.31 -5.67
HO2 GOL K . 42.23 36.12 -3.82
H31 GOL K . 40.57 36.03 -5.68
H32 GOL K . 40.82 37.25 -6.93
HO3 GOL K . 42.51 35.09 -6.18
C1 GOL L . 41.54 17.96 20.46
O1 GOL L . 40.60 17.90 21.50
C2 GOL L . 42.60 16.87 20.67
O2 GOL L . 42.36 15.79 19.80
C3 GOL L . 43.99 17.43 20.44
O3 GOL L . 44.87 16.39 20.07
H11 GOL L . 41.06 17.81 19.50
H12 GOL L . 42.03 18.94 20.45
HO1 GOL L . 39.96 18.65 21.40
H2 GOL L . 42.53 16.53 21.70
HO2 GOL L . 42.45 16.09 18.88
H31 GOL L . 43.96 18.18 19.66
H32 GOL L . 44.35 17.91 21.35
HO3 GOL L . 45.77 16.57 20.42
#